data_6WL7
#
_entry.id   6WL7
#
_cell.length_a   1.00
_cell.length_b   1.00
_cell.length_c   1.00
_cell.angle_alpha   90.00
_cell.angle_beta   90.00
_cell.angle_gamma   90.00
#
_symmetry.space_group_name_H-M   'P 1'
#
_entity_poly.entity_id   1
_entity_poly.type   'polypeptide(L)'
_entity_poly.pdbx_seq_one_letter_code
;QAEILEADARILRAYAEILKAHAEILKAQ
;
_entity_poly.pdbx_strand_id   A,Z,a,b,c,d,B,e,f,g,h,i,C,j,k,l,m,n,D,o,p,q,r,s,E,t,u,v,w,x,F,y,z,0,1,2,G,3,4,5,6,7,H,8,9,AA,BA,CA,I,DA,EA,FA,GA,HA,J,IA,JA,KA,LA,MA,K,NA,OA,PA,QA,RA,L,SA,TA,UA,VA,WA,M,XA,YA,ZA,aA,bA,N,cA,dA,eA,fA,gA,O,hA,iA,jA,kA,lA,P,mA,nA,oA,pA,qA,Q,rA,sA,tA,uA,vA,R,wA,xA,yA,zA,0A,S,1A,2A,3A,4A,5A,T,6A,7A,8A,9A,AB,U,BB,CB,DB,EB,FB,V,GB,HB,IB,JB,KB,W,LB,MB,NB,OB,PB,X,QB,RB,SB,TB,UB,Y,VB,WB,XB,YB,ZB
#
# COMPACT_ATOMS: atom_id res chain seq x y z
N GLN A 1 6.13 -39.24 3.54
CA GLN A 1 4.94 -39.43 4.36
C GLN A 1 4.35 -38.09 4.79
N ALA A 2 5.20 -37.08 4.87
CA ALA A 2 4.75 -35.77 5.33
C ALA A 2 3.55 -35.28 4.53
N GLU A 3 3.53 -35.59 3.23
CA GLU A 3 2.40 -35.24 2.39
C GLU A 3 1.10 -35.83 2.93
N ILE A 4 1.14 -37.07 3.40
CA ILE A 4 -0.07 -37.73 3.89
C ILE A 4 -0.58 -37.00 5.11
N LEU A 5 0.32 -36.66 6.02
CA LEU A 5 -0.07 -35.99 7.24
C LEU A 5 -0.62 -34.60 6.92
N GLU A 6 -0.02 -33.92 5.95
CA GLU A 6 -0.57 -32.64 5.50
C GLU A 6 -1.99 -32.81 4.98
N ALA A 7 -2.23 -33.89 4.22
CA ALA A 7 -3.57 -34.14 3.73
C ALA A 7 -4.55 -34.33 4.87
N ASP A 8 -4.14 -35.09 5.89
CA ASP A 8 -5.00 -35.25 7.07
C ASP A 8 -5.31 -33.90 7.70
N ALA A 9 -4.29 -33.06 7.85
CA ALA A 9 -4.51 -31.73 8.38
C ALA A 9 -5.55 -30.98 7.57
N ARG A 10 -5.48 -31.10 6.24
CA ARG A 10 -6.46 -30.43 5.40
C ARG A 10 -7.85 -30.95 5.66
N ILE A 11 -7.99 -32.27 5.81
CA ILE A 11 -9.29 -32.84 6.14
C ILE A 11 -9.85 -32.19 7.40
N LEU A 12 -9.01 -32.11 8.44
CA LEU A 12 -9.50 -31.59 9.70
C LEU A 12 -9.86 -30.12 9.58
N ARG A 13 -9.06 -29.34 8.87
CA ARG A 13 -9.40 -27.93 8.67
C ARG A 13 -10.73 -27.80 7.94
N ALA A 14 -10.99 -28.67 6.97
CA ALA A 14 -12.26 -28.62 6.27
C ALA A 14 -13.42 -28.90 7.22
N TYR A 15 -13.25 -29.90 8.09
CA TYR A 15 -14.30 -30.16 9.08
C TYR A 15 -14.52 -28.93 9.94
N ALA A 16 -13.44 -28.26 10.33
CA ALA A 16 -13.57 -27.04 11.11
C ALA A 16 -14.36 -25.99 10.34
N GLU A 17 -14.12 -25.89 9.05
CA GLU A 17 -14.86 -24.94 8.24
C GLU A 17 -16.35 -25.24 8.27
N ILE A 18 -16.70 -26.52 8.11
CA ILE A 18 -18.09 -26.93 8.23
C ILE A 18 -18.68 -26.44 9.54
N LEU A 19 -17.98 -26.74 10.62
CA LEU A 19 -18.53 -26.48 11.95
C LEU A 19 -18.70 -25.00 12.17
N LYS A 20 -17.72 -24.21 11.73
CA LYS A 20 -17.80 -22.76 11.89
C LYS A 20 -18.94 -22.18 11.08
N ALA A 21 -19.15 -22.67 9.86
CA ALA A 21 -20.27 -22.19 9.08
C ALA A 21 -21.58 -22.51 9.77
N HIS A 22 -21.67 -23.70 10.37
CA HIS A 22 -22.88 -24.03 11.11
C HIS A 22 -23.10 -23.06 12.27
N ALA A 23 -22.00 -22.68 12.92
CA ALA A 23 -22.09 -21.68 13.97
C ALA A 23 -22.66 -20.38 13.44
N GLU A 24 -22.17 -19.95 12.27
CA GLU A 24 -22.62 -18.69 11.72
C GLU A 24 -24.10 -18.76 11.38
N ILE A 25 -24.54 -19.90 10.84
CA ILE A 25 -25.97 -20.12 10.66
C ILE A 25 -26.71 -19.87 11.96
N LEU A 26 -26.36 -20.64 12.98
CA LEU A 26 -27.11 -20.59 14.23
C LEU A 26 -27.15 -19.18 14.80
N LYS A 27 -26.06 -18.44 14.66
CA LYS A 27 -26.06 -17.05 15.10
C LYS A 27 -27.06 -16.23 14.28
N ALA A 28 -27.09 -16.47 12.97
CA ALA A 28 -27.93 -15.63 12.12
C ALA A 28 -29.40 -15.77 12.43
N GLN A 29 -29.84 -16.95 12.88
CA GLN A 29 -31.26 -17.18 13.14
C GLN A 29 -31.80 -16.20 14.15
N GLN B 1 -1.88 -45.62 9.90
CA GLN B 1 -2.62 -44.38 9.71
C GLN B 1 -4.10 -44.65 9.52
N ALA B 2 -4.43 -45.90 9.19
CA ALA B 2 -5.82 -46.27 8.99
C ALA B 2 -6.66 -45.96 10.22
N GLU B 3 -6.05 -45.99 11.40
CA GLU B 3 -6.75 -45.61 12.62
C GLU B 3 -7.22 -44.16 12.54
N ILE B 4 -6.39 -43.28 11.97
CA ILE B 4 -6.80 -41.89 11.82
C ILE B 4 -8.02 -41.80 10.91
N LEU B 5 -8.02 -42.58 9.84
CA LEU B 5 -9.14 -42.54 8.91
C LEU B 5 -10.41 -43.06 9.56
N GLU B 6 -10.28 -44.12 10.38
CA GLU B 6 -11.42 -44.61 11.12
C GLU B 6 -11.94 -43.56 12.08
N ALA B 7 -11.03 -42.83 12.72
CA ALA B 7 -11.45 -41.77 13.62
C ALA B 7 -12.23 -40.70 12.87
N ASP B 8 -11.74 -40.34 11.68
CA ASP B 8 -12.47 -39.37 10.86
C ASP B 8 -13.85 -39.88 10.51
N ALA B 9 -13.94 -41.15 10.15
CA ALA B 9 -15.24 -41.75 9.86
C ALA B 9 -16.17 -41.61 11.06
N ARG B 10 -15.64 -41.89 12.25
CA ARG B 10 -16.44 -41.77 13.47
C ARG B 10 -16.92 -40.34 13.65
N ILE B 11 -16.02 -39.37 13.48
CA ILE B 11 -16.38 -37.97 13.66
C ILE B 11 -17.51 -37.59 12.71
N LEU B 12 -17.39 -37.99 11.45
CA LEU B 12 -18.41 -37.62 10.48
C LEU B 12 -19.72 -38.31 10.77
N ARG B 13 -19.68 -39.57 11.22
CA ARG B 13 -20.92 -40.24 11.60
C ARG B 13 -21.60 -39.49 12.74
N ALA B 14 -20.82 -39.08 13.74
CA ALA B 14 -21.39 -38.36 14.86
C ALA B 14 -22.01 -37.04 14.42
N TYR B 15 -21.31 -36.32 13.54
CA TYR B 15 -21.86 -35.07 13.06
C TYR B 15 -23.15 -35.30 12.28
N ALA B 16 -23.18 -36.34 11.46
CA ALA B 16 -24.39 -36.68 10.75
C ALA B 16 -25.52 -36.99 11.72
N GLU B 17 -25.20 -37.66 12.82
CA GLU B 17 -26.23 -37.96 13.81
C GLU B 17 -26.77 -36.70 14.44
N ILE B 18 -25.89 -35.77 14.79
CA ILE B 18 -26.33 -34.48 15.33
C ILE B 18 -27.27 -33.81 14.33
N LEU B 19 -26.88 -33.78 13.07
CA LEU B 19 -27.70 -33.13 12.06
C LEU B 19 -29.05 -33.82 11.91
N LYS B 20 -29.06 -35.15 11.98
CA LYS B 20 -30.30 -35.88 11.84
C LYS B 20 -31.23 -35.59 13.01
N ALA B 21 -30.69 -35.54 14.23
CA ALA B 21 -31.51 -35.21 15.38
C ALA B 21 -32.06 -33.79 15.26
N HIS B 22 -31.22 -32.85 14.82
CA HIS B 22 -31.68 -31.48 14.64
C HIS B 22 -32.77 -31.40 13.60
N ALA B 23 -32.65 -32.18 12.53
CA ALA B 23 -33.67 -32.22 11.50
C ALA B 23 -34.97 -32.77 12.05
N GLU B 24 -34.88 -33.86 12.82
CA GLU B 24 -36.07 -34.46 13.39
C GLU B 24 -36.78 -33.48 14.32
N ILE B 25 -36.02 -32.78 15.18
CA ILE B 25 -36.68 -31.89 16.12
C ILE B 25 -37.23 -30.66 15.40
N LEU B 26 -36.54 -30.19 14.36
CA LEU B 26 -37.08 -29.08 13.57
C LEU B 26 -38.33 -29.50 12.82
N LYS B 27 -38.44 -30.77 12.44
CA LYS B 27 -39.71 -31.29 11.94
C LYS B 27 -40.77 -31.30 13.02
N ALA B 28 -40.38 -31.68 14.25
CA ALA B 28 -41.30 -31.61 15.37
C ALA B 28 -41.73 -30.17 15.64
N GLN B 29 -40.84 -29.22 15.38
CA GLN B 29 -41.17 -27.81 15.50
C GLN B 29 -42.20 -27.41 14.46
N GLN C 1 31.49 18.29 -16.27
CA GLN C 1 32.35 17.93 -15.16
C GLN C 1 31.58 17.31 -14.01
N ALA C 2 30.30 17.71 -13.89
CA ALA C 2 29.50 17.31 -12.76
C ALA C 2 29.56 15.80 -12.53
N GLU C 3 29.58 15.03 -13.61
CA GLU C 3 29.66 13.58 -13.51
C GLU C 3 30.91 13.14 -12.74
N ILE C 4 32.01 13.85 -12.92
CA ILE C 4 33.25 13.46 -12.26
C ILE C 4 33.10 13.61 -10.75
N LEU C 5 32.57 14.75 -10.31
CA LEU C 5 32.37 14.95 -8.89
C LEU C 5 31.34 13.97 -8.34
N GLU C 6 30.34 13.62 -9.14
CA GLU C 6 29.40 12.60 -8.74
C GLU C 6 30.12 11.27 -8.48
N ALA C 7 31.04 10.91 -9.38
CA ALA C 7 31.80 9.68 -9.19
C ALA C 7 32.63 9.75 -7.91
N ASP C 8 33.23 10.90 -7.64
CA ASP C 8 33.97 11.06 -6.39
C ASP C 8 33.06 10.82 -5.20
N ALA C 9 31.87 11.42 -5.22
CA ALA C 9 30.91 11.19 -4.15
C ALA C 9 30.61 9.71 -3.98
N ARG C 10 30.50 8.99 -5.10
CA ARG C 10 30.24 7.56 -5.00
C ARG C 10 31.39 6.85 -4.32
N ILE C 11 32.62 7.23 -4.66
CA ILE C 11 33.78 6.64 -4.00
C ILE C 11 33.68 6.83 -2.49
N LEU C 12 33.37 8.05 -2.08
CA LEU C 12 33.35 8.33 -0.65
C LEU C 12 32.23 7.57 0.04
N ARG C 13 31.06 7.48 -0.60
CA ARG C 13 29.98 6.69 -0.01
C ARG C 13 30.39 5.24 0.14
N ALA C 14 31.14 4.71 -0.84
CA ALA C 14 31.61 3.34 -0.72
C ALA C 14 32.53 3.17 0.47
N TYR C 15 33.44 4.11 0.67
CA TYR C 15 34.31 4.04 1.84
C TYR C 15 33.48 4.08 3.12
N ALA C 16 32.43 4.90 3.13
CA ALA C 16 31.54 4.93 4.28
C ALA C 16 30.90 3.58 4.52
N GLU C 17 30.51 2.90 3.45
CA GLU C 17 29.95 1.57 3.60
C GLU C 17 30.96 0.63 4.24
N ILE C 18 32.21 0.72 3.81
CA ILE C 18 33.26 -0.09 4.42
C ILE C 18 33.29 0.13 5.92
N LEU C 19 33.38 1.40 6.33
CA LEU C 19 33.52 1.70 7.75
C LEU C 19 32.29 1.23 8.52
N LYS C 20 31.10 1.43 7.97
CA LYS C 20 29.90 1.04 8.67
C LYS C 20 29.83 -0.47 8.85
N ALA C 21 30.18 -1.22 7.81
CA ALA C 21 30.21 -2.67 7.96
C ALA C 21 31.22 -3.09 9.01
N HIS C 22 32.38 -2.44 9.03
CA HIS C 22 33.37 -2.79 10.04
C HIS C 22 32.84 -2.54 11.44
N ALA C 23 32.10 -1.44 11.61
CA ALA C 23 31.48 -1.17 12.90
C ALA C 23 30.50 -2.26 13.27
N GLU C 24 29.70 -2.70 12.30
CA GLU C 24 28.74 -3.75 12.58
C GLU C 24 29.47 -5.03 13.00
N ILE C 25 30.58 -5.34 12.34
CA ILE C 25 31.43 -6.46 12.77
C ILE C 25 31.76 -6.30 14.24
N LEU C 26 32.42 -5.18 14.57
CA LEU C 26 32.93 -5.00 15.92
C LEU C 26 31.81 -5.10 16.95
N LYS C 27 30.63 -4.61 16.62
CA LYS C 27 29.50 -4.74 17.54
C LYS C 27 29.12 -6.21 17.71
N ALA C 28 29.13 -6.97 16.61
CA ALA C 28 28.68 -8.35 16.70
C ALA C 28 29.57 -9.19 17.61
N GLN C 29 30.85 -8.87 17.69
CA GLN C 29 31.78 -9.67 18.48
C GLN C 29 31.36 -9.74 19.94
N GLN D 1 41.88 18.15 -9.97
CA GLN D 1 41.14 17.14 -9.24
C GLN D 1 42.06 16.03 -8.76
N ALA D 2 43.25 15.97 -9.35
CA ALA D 2 44.21 14.93 -8.97
C ALA D 2 44.52 14.99 -7.49
N GLU D 3 44.42 16.18 -6.88
CA GLU D 3 44.60 16.30 -5.44
C GLU D 3 43.57 15.48 -4.69
N ILE D 4 42.33 15.47 -5.19
CA ILE D 4 41.30 14.67 -4.55
C ILE D 4 41.66 13.20 -4.60
N LEU D 5 42.18 12.75 -5.74
CA LEU D 5 42.54 11.35 -5.88
C LEU D 5 43.71 11.00 -4.98
N GLU D 6 44.67 11.92 -4.84
CA GLU D 6 45.75 11.70 -3.90
C GLU D 6 45.23 11.60 -2.49
N ALA D 7 44.26 12.44 -2.13
CA ALA D 7 43.67 12.37 -0.81
C ALA D 7 43.00 11.01 -0.59
N ASP D 8 42.31 10.52 -1.61
CA ASP D 8 41.69 9.20 -1.51
C ASP D 8 42.74 8.12 -1.30
N ALA D 9 43.85 8.21 -2.04
CA ALA D 9 44.93 7.26 -1.85
C ALA D 9 45.43 7.29 -0.42
N ARG D 10 45.59 8.49 0.13
CA ARG D 10 46.05 8.62 1.50
C ARG D 10 45.07 7.97 2.47
N ILE D 11 43.78 8.24 2.28
CA ILE D 11 42.76 7.67 3.17
C ILE D 11 42.84 6.15 3.15
N LEU D 12 42.93 5.59 1.95
CA LEU D 12 42.94 4.13 1.86
C LEU D 12 44.22 3.55 2.44
N ARG D 13 45.36 4.22 2.25
CA ARG D 13 46.59 3.76 2.89
C ARG D 13 46.44 3.74 4.40
N ALA D 14 45.85 4.80 4.95
CA ALA D 14 45.67 4.86 6.40
C ALA D 14 44.76 3.76 6.89
N TYR D 15 43.66 3.50 6.16
CA TYR D 15 42.77 2.43 6.56
C TYR D 15 43.47 1.09 6.51
N ALA D 16 44.28 0.87 5.46
CA ALA D 16 45.03 -0.36 5.36
C ALA D 16 45.99 -0.50 6.53
N GLU D 17 46.57 0.62 6.97
CA GLU D 17 47.48 0.56 8.11
C GLU D 17 46.74 0.19 9.38
N ILE D 18 45.57 0.78 9.60
CA ILE D 18 44.74 0.40 10.74
C ILE D 18 44.47 -1.09 10.71
N LEU D 19 44.07 -1.59 9.54
CA LEU D 19 43.73 -3.01 9.44
C LEU D 19 44.94 -3.88 9.69
N LYS D 20 46.11 -3.47 9.21
CA LYS D 20 47.32 -4.25 9.43
C LYS D 20 47.69 -4.30 10.90
N ALA D 21 47.57 -3.17 11.59
CA ALA D 21 47.84 -3.15 13.02
C ALA D 21 46.87 -4.04 13.77
N HIS D 22 45.59 -3.97 13.41
CA HIS D 22 44.60 -4.81 14.06
C HIS D 22 44.89 -6.28 13.80
N ALA D 23 45.33 -6.60 12.59
CA ALA D 23 45.68 -7.98 12.25
C ALA D 23 46.86 -8.46 13.09
N GLU D 24 47.90 -7.63 13.19
CA GLU D 24 49.07 -8.02 13.96
C GLU D 24 48.73 -8.22 15.43
N ILE D 25 47.92 -7.33 15.99
CA ILE D 25 47.60 -7.45 17.41
C ILE D 25 46.69 -8.65 17.65
N LEU D 26 45.78 -8.93 16.71
CA LEU D 26 44.96 -10.13 16.83
C LEU D 26 45.77 -11.40 16.69
N LYS D 27 46.85 -11.35 15.91
CA LYS D 27 47.79 -12.46 15.88
C LYS D 27 48.51 -12.59 17.21
N ALA D 28 48.88 -11.45 17.81
CA ALA D 28 49.46 -11.48 19.15
C ALA D 28 48.48 -12.04 20.17
N GLN D 29 47.19 -11.79 19.94
CA GLN D 29 46.15 -12.35 20.81
C GLN D 29 46.11 -13.86 20.68
N GLN E 1 -33.30 7.62 -20.52
CA GLN E 1 -33.25 9.05 -20.21
C GLN E 1 -32.22 9.35 -19.15
N ALA E 2 -31.89 8.34 -18.34
CA ALA E 2 -30.94 8.53 -17.25
C ALA E 2 -29.64 9.12 -17.76
N GLU E 3 -29.23 8.73 -18.96
CA GLU E 3 -28.01 9.27 -19.57
C GLU E 3 -28.09 10.78 -19.72
N ILE E 4 -29.25 11.30 -20.11
CA ILE E 4 -29.39 12.74 -20.32
C ILE E 4 -29.21 13.47 -19.00
N LEU E 5 -29.85 12.96 -17.96
CA LEU E 5 -29.75 13.59 -16.66
C LEU E 5 -28.32 13.53 -16.14
N GLU E 6 -27.64 12.40 -16.39
CA GLU E 6 -26.23 12.31 -16.04
C GLU E 6 -25.43 13.39 -16.75
N ALA E 7 -25.71 13.63 -18.03
CA ALA E 7 -25.01 14.67 -18.75
C ALA E 7 -25.25 16.04 -18.14
N ASP E 8 -26.51 16.31 -17.75
CA ASP E 8 -26.80 17.57 -17.09
C ASP E 8 -25.98 17.71 -15.80
N ALA E 9 -25.92 16.63 -15.03
CA ALA E 9 -25.11 16.64 -13.82
C ALA E 9 -23.67 16.99 -14.13
N ARG E 10 -23.15 16.44 -15.22
CA ARG E 10 -21.76 16.74 -15.58
C ARG E 10 -21.60 18.21 -15.92
N ILE E 11 -22.56 18.78 -16.64
CA ILE E 11 -22.51 20.21 -16.94
C ILE E 11 -22.40 21.00 -15.64
N LEU E 12 -23.26 20.67 -14.68
CA LEU E 12 -23.28 21.45 -13.45
C LEU E 12 -21.98 21.29 -12.67
N ARG E 13 -21.45 20.06 -12.63
CA ARG E 13 -20.17 19.86 -11.97
C ARG E 13 -19.08 20.69 -12.62
N ALA E 14 -19.11 20.79 -13.95
CA ALA E 14 -18.12 21.59 -14.64
C ALA E 14 -18.23 23.05 -14.23
N TYR E 15 -19.45 23.57 -14.17
CA TYR E 15 -19.61 24.96 -13.74
C TYR E 15 -19.08 25.15 -12.32
N ALA E 16 -19.35 24.18 -11.45
CA ALA E 16 -18.81 24.26 -10.09
C ALA E 16 -17.30 24.30 -10.12
N GLU E 17 -16.69 23.51 -10.99
CA GLU E 17 -15.24 23.53 -11.11
C GLU E 17 -14.76 24.91 -11.51
N ILE E 18 -15.48 25.55 -12.43
CA ILE E 18 -15.13 26.92 -12.83
C ILE E 18 -15.10 27.82 -11.61
N LEU E 19 -16.18 27.79 -10.83
CA LEU E 19 -16.26 28.69 -9.68
C LEU E 19 -15.15 28.39 -8.68
N LYS E 20 -14.85 27.11 -8.47
CA LYS E 20 -13.81 26.76 -7.51
C LYS E 20 -12.45 27.27 -7.96
N ALA E 21 -12.15 27.13 -9.25
CA ALA E 21 -10.88 27.67 -9.74
C ALA E 21 -10.84 29.17 -9.62
N HIS E 22 -11.98 29.83 -9.83
CA HIS E 22 -12.01 31.28 -9.67
C HIS E 22 -11.71 31.66 -8.23
N ALA E 23 -12.23 30.89 -7.29
CA ALA E 23 -11.91 31.12 -5.89
C ALA E 23 -10.41 30.95 -5.64
N GLU E 24 -9.84 29.92 -6.24
CA GLU E 24 -8.39 29.73 -6.15
C GLU E 24 -7.65 30.97 -6.60
N ILE E 25 -8.01 31.48 -7.79
CA ILE E 25 -7.41 32.71 -8.30
C ILE E 25 -7.50 33.81 -7.27
N LEU E 26 -8.72 34.09 -6.82
CA LEU E 26 -8.95 35.25 -5.96
C LEU E 26 -8.18 35.14 -4.66
N LYS E 27 -8.12 33.94 -4.09
CA LYS E 27 -7.32 33.75 -2.88
C LYS E 27 -5.85 34.00 -3.17
N ALA E 28 -5.37 33.56 -4.33
CA ALA E 28 -3.94 33.70 -4.62
C ALA E 28 -3.50 35.15 -4.67
N GLN E 29 -4.38 36.06 -5.04
CA GLN E 29 -4.02 37.46 -5.18
C GLN E 29 -3.48 38.02 -3.88
N GLN F 1 -37.17 19.01 -20.83
CA GLN F 1 -35.84 19.22 -20.29
C GLN F 1 -35.25 20.53 -20.79
N ALA F 2 -35.82 21.04 -21.88
CA ALA F 2 -35.33 22.29 -22.45
C ALA F 2 -35.35 23.42 -21.44
N GLU F 3 -36.25 23.34 -20.46
CA GLU F 3 -36.25 24.32 -19.38
C GLU F 3 -34.93 24.31 -18.63
N ILE F 4 -34.38 23.13 -18.37
CA ILE F 4 -33.08 23.05 -17.71
C ILE F 4 -32.02 23.73 -18.56
N LEU F 5 -32.11 23.56 -19.87
CA LEU F 5 -31.12 24.14 -20.76
C LEU F 5 -31.22 25.66 -20.73
N GLU F 6 -32.44 26.20 -20.78
CA GLU F 6 -32.61 27.63 -20.66
C GLU F 6 -32.08 28.13 -19.32
N ALA F 7 -32.29 27.35 -18.26
CA ALA F 7 -31.82 27.75 -16.94
C ALA F 7 -30.31 27.88 -16.92
N ASP F 8 -29.61 26.84 -17.38
CA ASP F 8 -28.15 26.92 -17.35
C ASP F 8 -27.63 27.97 -18.33
N ALA F 9 -28.36 28.21 -19.41
CA ALA F 9 -27.99 29.32 -20.29
C ALA F 9 -28.03 30.64 -19.52
N ARG F 10 -29.10 30.84 -18.74
CA ARG F 10 -29.18 32.02 -17.89
C ARG F 10 -28.01 32.08 -16.93
N ILE F 11 -27.68 30.94 -16.33
CA ILE F 11 -26.58 30.90 -15.37
C ILE F 11 -25.30 31.39 -16.03
N LEU F 12 -25.00 30.87 -17.21
CA LEU F 12 -23.77 31.24 -17.90
C LEU F 12 -23.80 32.71 -18.30
N ARG F 13 -24.95 33.21 -18.76
CA ARG F 13 -25.05 34.63 -19.07
C ARG F 13 -24.72 35.47 -17.86
N ALA F 14 -25.28 35.11 -16.70
CA ALA F 14 -25.04 35.87 -15.49
C ALA F 14 -23.57 35.82 -15.11
N TYR F 15 -22.94 34.65 -15.23
CA TYR F 15 -21.53 34.54 -14.90
C TYR F 15 -20.70 35.41 -15.82
N ALA F 16 -21.04 35.41 -17.12
CA ALA F 16 -20.35 36.28 -18.06
C ALA F 16 -20.51 37.73 -17.68
N GLU F 17 -21.70 38.10 -17.19
CA GLU F 17 -21.92 39.48 -16.79
C GLU F 17 -21.04 39.84 -15.59
N ILE F 18 -20.97 38.96 -14.60
CA ILE F 18 -20.07 39.18 -13.46
C ILE F 18 -18.66 39.40 -13.95
N LEU F 19 -18.21 38.53 -14.86
CA LEU F 19 -16.84 38.62 -15.34
C LEU F 19 -16.61 39.93 -16.08
N LYS F 20 -17.58 40.36 -16.88
CA LYS F 20 -17.44 41.62 -17.61
C LYS F 20 -17.38 42.79 -16.66
N ALA F 21 -18.17 42.77 -15.59
CA ALA F 21 -18.14 43.84 -14.62
C ALA F 21 -16.79 43.89 -13.93
N HIS F 22 -16.29 42.73 -13.48
CA HIS F 22 -14.98 42.68 -12.85
C HIS F 22 -13.90 43.15 -13.81
N ALA F 23 -14.06 42.86 -15.10
CA ALA F 23 -13.10 43.28 -16.10
C ALA F 23 -13.09 44.79 -16.24
N GLU F 24 -14.27 45.39 -16.38
CA GLU F 24 -14.35 46.84 -16.47
C GLU F 24 -13.78 47.50 -15.22
N ILE F 25 -14.01 46.90 -14.06
CA ILE F 25 -13.47 47.44 -12.82
C ILE F 25 -11.94 47.42 -12.86
N LEU F 26 -11.37 46.24 -13.15
CA LEU F 26 -9.92 46.13 -13.21
C LEU F 26 -9.33 47.04 -14.28
N LYS F 27 -10.11 47.35 -15.31
CA LYS F 27 -9.68 48.34 -16.29
C LYS F 27 -9.67 49.73 -15.67
N ALA F 28 -10.70 50.05 -14.89
CA ALA F 28 -10.73 51.34 -14.19
C ALA F 28 -9.61 51.41 -13.17
N GLN F 29 -9.26 50.28 -12.57
CA GLN F 29 -8.15 50.22 -11.63
C GLN F 29 -6.83 50.52 -12.33
N GLN G 1 13.75 -34.89 8.93
CA GLN G 1 12.69 -35.29 9.86
C GLN G 1 11.87 -34.10 10.31
N ALA G 2 12.50 -32.92 10.30
CA ALA G 2 11.83 -31.71 10.77
C ALA G 2 10.49 -31.52 10.07
N GLU G 3 10.43 -31.87 8.79
CA GLU G 3 9.19 -31.79 8.04
C GLU G 3 8.08 -32.62 8.70
N ILE G 4 8.43 -33.81 9.18
CA ILE G 4 7.42 -34.67 9.79
C ILE G 4 6.86 -34.03 11.04
N LEU G 5 7.75 -33.48 11.86
CA LEU G 5 7.32 -32.85 13.09
C LEU G 5 6.46 -31.62 12.80
N GLU G 6 6.83 -30.87 11.77
CA GLU G 6 6.00 -29.75 11.34
C GLU G 6 4.61 -30.23 10.94
N ALA G 7 4.54 -31.35 10.23
CA ALA G 7 3.24 -31.89 9.86
C ALA G 7 2.42 -32.25 11.09
N ASP G 8 3.06 -32.86 12.08
CA ASP G 8 2.36 -33.15 13.34
C ASP G 8 1.82 -31.89 13.96
N ALA G 9 2.65 -30.84 14.00
CA ALA G 9 2.20 -29.56 14.53
C ALA G 9 0.96 -29.07 13.79
N ARG G 10 0.95 -29.23 12.47
CA ARG G 10 -0.21 -28.79 11.71
C ARG G 10 -1.45 -29.59 12.10
N ILE G 11 -1.29 -30.90 12.28
CA ILE G 11 -2.41 -31.72 12.74
C ILE G 11 -2.99 -31.16 14.02
N LEU G 12 -2.11 -30.86 14.97
CA LEU G 12 -2.58 -30.41 16.27
C LEU G 12 -3.26 -29.05 16.17
N ARG G 13 -2.69 -28.14 15.37
CA ARG G 13 -3.34 -26.85 15.16
C ARG G 13 -4.71 -27.01 14.56
N ALA G 14 -4.87 -27.96 13.63
CA ALA G 14 -6.17 -28.20 13.04
C ALA G 14 -7.17 -28.68 14.09
N TYR G 15 -6.73 -29.59 14.96
CA TYR G 15 -7.61 -30.02 16.03
C TYR G 15 -8.02 -28.83 16.89
N ALA G 16 -7.07 -27.94 17.18
CA ALA G 16 -7.39 -26.75 17.94
C ALA G 16 -8.44 -25.91 17.22
N GLU G 17 -8.33 -25.80 15.90
CA GLU G 17 -9.32 -25.06 15.14
C GLU G 17 -10.70 -25.66 15.31
N ILE G 18 -10.79 -26.99 15.21
CA ILE G 18 -12.06 -27.67 15.45
C ILE G 18 -12.62 -27.27 16.80
N LEU G 19 -11.79 -27.38 17.83
CA LEU G 19 -12.27 -27.19 19.19
C LEU G 19 -12.74 -25.76 19.41
N LYS G 20 -11.98 -24.80 18.86
CA LYS G 20 -12.34 -23.40 19.00
C LYS G 20 -13.64 -23.09 18.28
N ALA G 21 -13.83 -23.66 17.09
CA ALA G 21 -15.10 -23.44 16.40
C ALA G 21 -16.25 -24.01 17.20
N HIS G 22 -16.05 -25.17 17.84
CA HIS G 22 -17.11 -25.71 18.68
C HIS G 22 -17.42 -24.77 19.83
N ALA G 23 -16.38 -24.15 20.38
CA ALA G 23 -16.58 -23.15 21.42
C ALA G 23 -17.45 -22.02 20.90
N GLU G 24 -17.15 -21.55 19.70
CA GLU G 24 -17.90 -20.42 19.16
C GLU G 24 -19.36 -20.80 18.96
N ILE G 25 -19.59 -22.02 18.48
CA ILE G 25 -20.95 -22.56 18.42
C ILE G 25 -21.62 -22.40 19.78
N LEU G 26 -21.04 -23.05 20.79
CA LEU G 26 -21.69 -23.11 22.09
C LEU G 26 -21.97 -21.72 22.63
N LYS G 27 -21.07 -20.77 22.39
CA LYS G 27 -21.33 -19.40 22.79
C LYS G 27 -22.53 -18.84 22.06
N ALA G 28 -22.63 -19.12 20.75
CA ALA G 28 -23.68 -18.50 19.95
C ALA G 28 -25.07 -18.94 20.40
N GLN G 29 -25.21 -20.15 20.91
CA GLN G 29 -26.52 -20.67 21.29
C GLN G 29 -27.18 -19.79 22.32
N GLN H 1 7.77 -42.54 16.09
CA GLN H 1 6.78 -41.50 15.93
C GLN H 1 5.38 -42.07 15.87
N ALA H 2 5.29 -43.37 15.60
CA ALA H 2 4.00 -44.03 15.53
C ALA H 2 3.21 -43.85 16.83
N GLU H 3 3.91 -43.71 17.95
CA GLU H 3 3.24 -43.44 19.21
C GLU H 3 2.48 -42.13 19.15
N ILE H 4 3.05 -41.12 18.50
CA ILE H 4 2.36 -39.85 18.35
C ILE H 4 1.08 -40.04 17.55
N LEU H 5 1.15 -40.84 16.49
CA LEU H 5 -0.02 -41.06 15.66
C LEU H 5 -1.10 -41.82 16.45
N GLU H 6 -0.69 -42.79 17.25
CA GLU H 6 -1.64 -43.48 18.10
C GLU H 6 -2.29 -42.53 19.08
N ALA H 7 -1.50 -41.61 19.63
CA ALA H 7 -2.06 -40.61 20.55
C ALA H 7 -3.09 -39.76 19.84
N ASP H 8 -2.79 -39.34 18.60
CA ASP H 8 -3.77 -38.58 17.84
C ASP H 8 -5.04 -39.38 17.61
N ALA H 9 -4.90 -40.66 17.29
CA ALA H 9 -6.06 -41.51 17.12
C ALA H 9 -6.89 -41.52 18.39
N ARG H 10 -6.22 -41.64 19.54
CA ARG H 10 -6.93 -41.64 20.82
C ARG H 10 -7.69 -40.34 21.02
N ILE H 11 -7.02 -39.22 20.75
CA ILE H 11 -7.66 -37.92 20.93
C ILE H 11 -8.90 -37.82 20.08
N LEU H 12 -8.80 -38.22 18.82
CA LEU H 12 -9.95 -38.10 17.93
C LEU H 12 -11.06 -39.05 18.35
N ARG H 13 -10.73 -40.25 18.81
CA ARG H 13 -11.76 -41.14 19.32
C ARG H 13 -12.49 -40.52 20.49
N ALA H 14 -11.74 -39.91 21.41
CA ALA H 14 -12.36 -39.29 22.57
C ALA H 14 -13.27 -38.13 22.15
N TYR H 15 -12.81 -37.32 21.21
CA TYR H 15 -13.65 -36.22 20.74
C TYR H 15 -14.92 -36.75 20.09
N ALA H 16 -14.79 -37.81 19.30
CA ALA H 16 -15.96 -38.41 18.70
C ALA H 16 -16.92 -38.92 19.76
N GLU H 17 -16.38 -39.45 20.85
CA GLU H 17 -17.24 -39.93 21.92
C GLU H 17 -17.99 -38.78 22.58
N ILE H 18 -17.28 -37.68 22.83
CA ILE H 18 -17.94 -36.49 23.37
C ILE H 18 -19.08 -36.07 22.46
N LEU H 19 -18.81 -36.00 21.16
CA LEU H 19 -19.82 -35.57 20.22
C LEU H 19 -21.00 -36.53 20.20
N LYS H 20 -20.73 -37.83 20.29
CA LYS H 20 -21.81 -38.80 20.28
C LYS H 20 -22.68 -38.67 21.52
N ALA H 21 -22.07 -38.47 22.68
CA ALA H 21 -22.84 -38.26 23.89
C ALA H 21 -23.68 -37.00 23.80
N HIS H 22 -23.09 -35.93 23.27
CA HIS H 22 -23.83 -34.69 23.10
C HIS H 22 -25.00 -34.87 22.15
N ALA H 23 -24.80 -35.65 21.09
CA ALA H 23 -25.88 -35.93 20.15
C ALA H 23 -26.98 -36.72 20.82
N GLU H 24 -26.60 -37.74 21.61
CA GLU H 24 -27.60 -38.55 22.30
C GLU H 24 -28.41 -37.70 23.25
N ILE H 25 -27.76 -36.83 24.03
CA ILE H 25 -28.50 -36.06 25.01
C ILE H 25 -29.35 -34.99 24.32
N LEU H 26 -28.86 -34.43 23.21
CA LEU H 26 -29.68 -33.50 22.45
C LEU H 26 -30.88 -34.18 21.82
N LYS H 27 -30.76 -35.46 21.48
CA LYS H 27 -31.91 -36.25 21.09
C LYS H 27 -32.86 -36.44 22.26
N ALA H 28 -32.31 -36.68 23.46
CA ALA H 28 -33.13 -36.77 24.65
C ALA H 28 -33.82 -35.44 24.93
N GLN H 29 -33.17 -34.33 24.58
CA GLN H 29 -33.78 -33.02 24.71
C GLN H 29 -34.95 -32.89 23.74
N GLN I 1 24.89 25.87 -14.08
CA GLN I 1 25.90 25.73 -13.04
C GLN I 1 25.36 25.00 -11.82
N ALA I 2 24.06 25.14 -11.60
CA ALA I 2 23.44 24.61 -10.39
C ALA I 2 23.83 23.16 -10.13
N GLU I 3 23.92 22.38 -11.21
CA GLU I 3 24.31 20.98 -11.08
C GLU I 3 25.68 20.84 -10.42
N ILE I 4 26.60 21.76 -10.71
CA ILE I 4 27.94 21.65 -10.14
C ILE I 4 27.89 21.82 -8.63
N LEU I 5 27.16 22.84 -8.17
CA LEU I 5 27.04 23.04 -6.74
C LEU I 5 26.29 21.90 -6.08
N GLU I 6 25.32 21.32 -6.79
CA GLU I 6 24.65 20.14 -6.29
C GLU I 6 25.65 19.00 -6.08
N ALA I 7 26.54 18.80 -7.04
CA ALA I 7 27.56 17.77 -6.89
C ALA I 7 28.45 18.05 -5.69
N ASP I 8 28.82 19.31 -5.49
CA ASP I 8 29.60 19.67 -4.31
C ASP I 8 28.87 19.29 -3.04
N ALA I 9 27.59 19.62 -2.97
CA ALA I 9 26.78 19.24 -1.82
C ALA I 9 26.81 17.74 -1.60
N ARG I 10 26.76 16.98 -2.69
CA ARG I 10 26.81 15.52 -2.54
C ARG I 10 28.15 15.09 -1.94
N ILE I 11 29.24 15.70 -2.41
CA ILE I 11 30.54 15.39 -1.83
C ILE I 11 30.52 15.61 -0.33
N LEU I 12 30.00 16.76 0.09
CA LEU I 12 30.03 17.09 1.51
C LEU I 12 29.15 16.13 2.31
N ARG I 13 27.99 15.77 1.78
CA ARG I 13 27.15 14.80 2.46
C ARG I 13 27.86 13.47 2.60
N ALA I 14 28.61 13.07 1.58
CA ALA I 14 29.36 11.83 1.68
C ALA I 14 30.40 11.90 2.80
N TYR I 15 31.11 13.02 2.90
CA TYR I 15 32.05 13.17 3.99
C TYR I 15 31.35 13.08 5.34
N ALA I 16 30.16 13.67 5.42
CA ALA I 16 29.37 13.57 6.64
C ALA I 16 29.06 12.12 6.95
N GLU I 17 28.72 11.34 5.94
CA GLU I 17 28.47 9.92 6.16
C GLU I 17 29.69 9.23 6.73
N ILE I 18 30.87 9.57 6.20
CA ILE I 18 32.10 9.01 6.73
C ILE I 18 32.21 9.29 8.22
N LEU I 19 32.06 10.56 8.59
CA LEU I 19 32.25 10.94 9.98
C LEU I 19 31.22 10.26 10.88
N LYS I 20 29.97 10.19 10.42
CA LYS I 20 28.93 9.58 11.23
C LYS I 20 29.20 8.11 11.44
N ALA I 21 29.61 7.41 10.40
CA ALA I 21 29.95 5.99 10.57
C ALA I 21 31.10 5.82 11.53
N HIS I 22 32.11 6.70 11.44
CA HIS I 22 33.22 6.60 12.37
C HIS I 22 32.77 6.79 13.81
N ALA I 23 31.84 7.71 14.02
CA ALA I 23 31.27 7.90 15.35
C ALA I 23 30.58 6.64 15.82
N GLU I 24 29.82 6.02 14.94
CA GLU I 24 29.12 4.79 15.32
C GLU I 24 30.12 3.71 15.71
N ILE I 25 31.23 3.62 14.95
CA ILE I 25 32.32 2.72 15.33
C ILE I 25 32.73 2.99 16.76
N LEU I 26 33.16 4.23 17.02
CA LEU I 26 33.73 4.56 18.31
C LEU I 26 32.74 4.28 19.44
N LYS I 27 31.46 4.50 19.19
CA LYS I 27 30.47 4.17 20.20
C LYS I 27 30.40 2.67 20.44
N ALA I 28 30.49 1.89 19.36
CA ALA I 28 30.35 0.44 19.51
C ALA I 28 31.45 -0.16 20.36
N GLN I 29 32.65 0.42 20.33
CA GLN I 29 33.78 -0.15 21.05
C GLN I 29 33.51 -0.24 22.53
N GLN J 1 35.56 28.10 -8.70
CA GLN J 1 35.10 26.98 -7.88
C GLN J 1 36.26 26.10 -7.46
N ALA J 2 37.39 26.26 -8.16
CA ALA J 2 38.57 25.48 -7.84
C ALA J 2 38.98 25.65 -6.39
N GLU J 3 38.70 26.81 -5.81
CA GLU J 3 38.96 27.02 -4.39
C GLU J 3 38.18 26.03 -3.54
N ILE J 4 36.93 25.75 -3.92
CA ILE J 4 36.14 24.77 -3.17
C ILE J 4 36.80 23.40 -3.24
N LEU J 5 37.31 23.03 -4.40
CA LEU J 5 37.94 21.73 -4.55
C LEU J 5 39.22 21.66 -3.74
N GLU J 6 39.98 22.76 -3.71
CA GLU J 6 41.17 22.81 -2.87
C GLU J 6 40.79 22.65 -1.40
N ALA J 7 39.70 23.29 -0.99
CA ALA J 7 39.24 23.14 0.39
C ALA J 7 38.89 21.70 0.69
N ASP J 8 38.24 21.03 -0.26
CA ASP J 8 37.92 19.62 -0.08
C ASP J 8 39.18 18.79 0.06
N ALA J 9 40.18 19.06 -0.78
CA ALA J 9 41.45 18.36 -0.66
C ALA J 9 42.05 18.55 0.72
N ARG J 10 42.00 19.78 1.23
CA ARG J 10 42.52 20.05 2.56
C ARG J 10 41.78 19.26 3.62
N ILE J 11 40.45 19.24 3.54
CA ILE J 11 39.65 18.51 4.51
C ILE J 11 40.04 17.05 4.52
N LEU J 12 40.15 16.45 3.32
CA LEU J 12 40.46 15.04 3.26
C LEU J 12 41.87 14.75 3.75
N ARG J 13 42.83 15.64 3.44
CA ARG J 13 44.17 15.46 3.99
C ARG J 13 44.14 15.47 5.50
N ALA J 14 43.40 16.41 6.09
CA ALA J 14 43.32 16.49 7.53
C ALA J 14 42.70 15.23 8.12
N TYR J 15 41.65 14.74 7.49
CA TYR J 15 41.02 13.52 7.99
C TYR J 15 41.98 12.34 7.90
N ALA J 16 42.72 12.26 6.81
CA ALA J 16 43.71 11.21 6.67
C ALA J 16 44.76 11.31 7.76
N GLU J 17 45.14 12.54 8.11
CA GLU J 17 46.13 12.71 9.17
C GLU J 17 45.58 12.24 10.51
N ILE J 18 44.34 12.59 10.81
CA ILE J 18 43.71 12.09 12.03
C ILE J 18 43.75 10.57 12.04
N LEU J 19 43.36 9.96 10.94
CA LEU J 19 43.32 8.50 10.88
C LEU J 19 44.70 7.90 11.05
N LYS J 20 45.72 8.53 10.47
CA LYS J 20 47.08 8.02 10.59
C LYS J 20 47.56 8.11 12.02
N ALA J 21 47.27 9.21 12.70
CA ALA J 21 47.65 9.34 14.10
C ALA J 21 46.95 8.30 14.95
N HIS J 22 45.65 8.09 14.70
CA HIS J 22 44.91 7.08 15.44
C HIS J 22 45.49 5.69 15.20
N ALA J 23 45.89 5.43 13.95
CA ALA J 23 46.50 4.14 13.62
C ALA J 23 47.80 3.95 14.36
N GLU J 24 48.65 4.97 14.35
CA GLU J 24 49.94 4.86 15.02
C GLU J 24 49.76 4.65 16.52
N ILE J 25 48.83 5.39 17.13
CA ILE J 25 48.66 5.25 18.57
C ILE J 25 48.03 3.90 18.91
N LEU J 26 47.14 3.39 18.07
CA LEU J 26 46.59 2.07 18.28
C LEU J 26 47.64 0.98 18.09
N LYS J 27 48.62 1.22 17.22
CA LYS J 27 49.77 0.32 17.13
C LYS J 27 50.61 0.40 18.39
N ALA J 28 50.77 1.61 18.94
CA ALA J 28 51.45 1.76 20.22
C ALA J 28 50.69 1.05 21.33
N GLN J 29 49.37 1.00 21.23
CA GLN J 29 48.53 0.29 22.17
C GLN J 29 48.80 -1.21 22.08
N GLN K 1 -36.38 1.93 -12.55
CA GLN K 1 -36.61 3.34 -12.27
C GLN K 1 -35.57 3.89 -11.31
N ALA K 2 -34.98 3.00 -10.51
CA ALA K 2 -34.01 3.43 -9.51
C ALA K 2 -32.89 4.25 -10.14
N GLU K 3 -32.51 3.90 -11.36
CA GLU K 3 -31.49 4.66 -12.08
C GLU K 3 -31.90 6.13 -12.24
N ILE K 4 -33.17 6.38 -12.55
CA ILE K 4 -33.62 7.74 -12.77
C ILE K 4 -33.49 8.55 -11.49
N LEU K 5 -33.92 7.95 -10.39
CA LEU K 5 -33.84 8.63 -9.11
C LEU K 5 -32.40 8.88 -8.71
N GLU K 6 -31.53 7.92 -9.00
CA GLU K 6 -30.10 8.13 -8.78
C GLU K 6 -29.60 9.33 -9.57
N ALA K 7 -30.04 9.45 -10.83
CA ALA K 7 -29.62 10.59 -11.63
C ALA K 7 -30.09 11.90 -11.02
N ASP K 8 -31.34 11.93 -10.54
CA ASP K 8 -31.84 13.12 -9.87
C ASP K 8 -30.96 13.47 -8.67
N ALA K 9 -30.62 12.46 -7.88
CA ALA K 9 -29.74 12.69 -6.73
C ALA K 9 -28.43 13.31 -7.19
N ARG K 10 -27.89 12.83 -8.31
CA ARG K 10 -26.63 13.40 -8.79
C ARG K 10 -26.81 14.86 -9.17
N ILE K 11 -27.92 15.19 -9.81
CA ILE K 11 -28.20 16.59 -10.14
C ILE K 11 -28.15 17.44 -8.88
N LEU K 12 -28.85 16.97 -7.84
CA LEU K 12 -28.93 17.77 -6.63
C LEU K 12 -27.56 17.92 -5.96
N ARG K 13 -26.79 16.83 -5.93
CA ARG K 13 -25.44 16.92 -5.38
C ARG K 13 -24.61 17.92 -6.15
N ALA K 14 -24.77 17.96 -7.47
CA ALA K 14 -24.01 18.93 -8.26
C ALA K 14 -24.39 20.35 -7.87
N TYR K 15 -25.69 20.61 -7.71
CA TYR K 15 -26.10 21.94 -7.29
C TYR K 15 -25.51 22.30 -5.93
N ALA K 16 -25.50 21.32 -5.02
CA ALA K 16 -24.89 21.56 -3.72
C ALA K 16 -23.43 21.92 -3.86
N GLU K 17 -22.74 21.24 -4.78
CA GLU K 17 -21.34 21.55 -5.03
C GLU K 17 -21.18 22.98 -5.49
N ILE K 18 -22.10 23.43 -6.36
CA ILE K 18 -22.08 24.82 -6.81
C ILE K 18 -22.14 25.75 -5.62
N LEU K 19 -23.12 25.54 -4.75
CA LEU K 19 -23.29 26.43 -3.61
C LEU K 19 -22.07 26.42 -2.70
N LYS K 20 -21.50 25.23 -2.50
CA LYS K 20 -20.33 25.14 -1.62
C LYS K 20 -19.15 25.90 -2.20
N ALA K 21 -18.92 25.78 -3.51
CA ALA K 21 -17.84 26.53 -4.11
C ALA K 21 -18.11 28.03 -4.03
N HIS K 22 -19.37 28.43 -4.16
CA HIS K 22 -19.69 29.84 -4.02
C HIS K 22 -19.36 30.33 -2.62
N ALA K 23 -19.63 29.50 -1.62
CA ALA K 23 -19.25 29.85 -0.25
C ALA K 23 -17.74 30.01 -0.13
N GLU K 24 -17.00 29.09 -0.76
CA GLU K 24 -15.55 29.21 -0.79
C GLU K 24 -15.12 30.56 -1.33
N ILE K 25 -15.68 30.94 -2.49
CA ILE K 25 -15.39 32.24 -3.08
C ILE K 25 -15.63 33.34 -2.05
N LEU K 26 -16.84 33.38 -1.51
CA LEU K 26 -17.23 34.49 -0.66
C LEU K 26 -16.36 34.59 0.57
N LYS K 27 -16.00 33.45 1.16
CA LYS K 27 -15.08 33.47 2.29
C LYS K 27 -13.72 34.02 1.88
N ALA K 28 -13.26 33.64 0.68
CA ALA K 28 -11.92 34.05 0.27
C ALA K 28 -11.79 35.57 0.17
N GLN K 29 -12.87 36.26 -0.16
CA GLN K 29 -12.82 37.70 -0.36
C GLN K 29 -12.31 38.41 0.89
N GLN L 1 -42.56 12.25 -12.74
CA GLN L 1 -41.26 12.76 -12.32
C GLN L 1 -41.00 14.13 -12.89
N ALA L 2 -41.74 14.49 -13.94
CA ALA L 2 -41.56 15.79 -14.58
C ALA L 2 -41.74 16.92 -13.58
N GLU L 3 -42.52 16.69 -12.53
CA GLU L 3 -42.65 17.69 -11.47
C GLU L 3 -41.30 17.98 -10.83
N ILE L 4 -40.49 16.95 -10.61
CA ILE L 4 -39.15 17.16 -10.05
C ILE L 4 -38.33 18.00 -11.00
N LEU L 5 -38.49 17.77 -12.30
CA LEU L 5 -37.72 18.52 -13.28
C LEU L 5 -38.13 19.99 -13.28
N GLU L 6 -39.43 20.25 -13.24
CA GLU L 6 -39.89 21.63 -13.12
C GLU L 6 -39.36 22.27 -11.85
N ALA L 7 -39.32 21.51 -10.76
CA ALA L 7 -38.84 22.04 -9.49
C ALA L 7 -37.39 22.48 -9.60
N ASP L 8 -36.53 21.59 -10.10
CA ASP L 8 -35.13 21.98 -10.20
C ASP L 8 -34.92 23.07 -11.23
N ALA L 9 -35.76 23.12 -12.27
CA ALA L 9 -35.71 24.25 -13.19
C ALA L 9 -35.96 25.55 -12.44
N ARG L 10 -36.98 25.56 -11.58
CA ARG L 10 -37.24 26.73 -10.75
C ARG L 10 -36.04 27.06 -9.89
N ILE L 11 -35.42 26.04 -9.29
CA ILE L 11 -34.26 26.26 -8.44
C ILE L 11 -33.17 26.98 -9.22
N LEU L 12 -32.87 26.49 -10.41
CA LEU L 12 -31.80 27.09 -11.20
C LEU L 12 -32.17 28.50 -11.64
N ARG L 13 -33.43 28.73 -12.00
CA ARG L 13 -33.84 30.09 -12.33
C ARG L 13 -33.61 31.03 -11.15
N ALA L 14 -33.98 30.59 -9.95
CA ALA L 14 -33.80 31.45 -8.78
C ALA L 14 -32.33 31.71 -8.53
N TYR L 15 -31.49 30.68 -8.68
CA TYR L 15 -30.06 30.89 -8.48
C TYR L 15 -29.51 31.87 -9.48
N ALA L 16 -29.95 31.75 -10.73
CA ALA L 16 -29.52 32.71 -11.75
C ALA L 16 -29.96 34.11 -11.39
N GLU L 17 -31.15 34.24 -10.81
CA GLU L 17 -31.61 35.56 -10.41
C GLU L 17 -30.75 36.14 -9.30
N ILE L 18 -30.40 35.32 -8.31
CA ILE L 18 -29.49 35.77 -7.26
C ILE L 18 -28.20 36.25 -7.87
N LEU L 19 -27.65 35.46 -8.79
CA LEU L 19 -26.37 35.82 -9.40
C LEU L 19 -26.49 37.13 -10.17
N LYS L 20 -27.59 37.31 -10.90
CA LYS L 20 -27.77 38.53 -11.66
C LYS L 20 -27.88 39.74 -10.74
N ALA L 21 -28.57 39.59 -9.61
CA ALA L 21 -28.67 40.69 -8.66
C ALA L 21 -27.31 41.04 -8.09
N HIS L 22 -26.55 40.03 -7.67
CA HIS L 22 -25.21 40.27 -7.16
C HIS L 22 -24.33 40.92 -8.21
N ALA L 23 -24.54 40.54 -9.47
CA ALA L 23 -23.76 41.12 -10.56
C ALA L 23 -24.07 42.60 -10.73
N GLU L 24 -25.37 42.94 -10.78
CA GLU L 24 -25.76 44.34 -10.90
C GLU L 24 -25.24 45.13 -9.72
N ILE L 25 -25.25 44.55 -8.52
CA ILE L 25 -24.72 45.24 -7.34
C ILE L 25 -23.25 45.52 -7.51
N LEU L 26 -22.46 44.49 -7.83
CA LEU L 26 -21.03 44.66 -8.01
C LEU L 26 -20.73 45.63 -9.14
N LYS L 27 -21.64 45.74 -10.11
CA LYS L 27 -21.50 46.77 -11.14
C LYS L 27 -21.74 48.16 -10.56
N ALA L 28 -22.74 48.28 -9.70
CA ALA L 28 -22.97 49.55 -9.02
C ALA L 28 -21.82 49.90 -8.09
N GLN L 29 -21.19 48.88 -7.52
CA GLN L 29 -20.02 49.10 -6.66
C GLN L 29 -18.86 49.62 -7.48
N GLN M 1 -1.63 -41.81 -2.59
CA GLN M 1 -2.90 -41.76 -1.87
C GLN M 1 -3.24 -40.35 -1.45
N ALA M 2 -2.21 -39.53 -1.25
CA ALA M 2 -2.41 -38.16 -0.79
C ALA M 2 -3.42 -37.43 -1.66
N GLU M 3 -3.39 -37.69 -2.96
CA GLU M 3 -4.36 -37.11 -3.88
C GLU M 3 -5.79 -37.43 -3.47
N ILE M 4 -6.04 -38.67 -3.04
CA ILE M 4 -7.39 -39.07 -2.68
C ILE M 4 -7.85 -38.27 -1.46
N LEU M 5 -6.98 -38.15 -0.47
CA LEU M 5 -7.33 -37.41 0.72
C LEU M 5 -7.56 -35.95 0.42
N GLU M 6 -6.75 -35.38 -0.48
CA GLU M 6 -6.99 -34.02 -0.92
C GLU M 6 -8.36 -33.88 -1.56
N ALA M 7 -8.74 -34.85 -2.37
CA ALA M 7 -10.07 -34.82 -2.98
C ALA M 7 -11.16 -34.83 -1.92
N ASP M 8 -11.00 -35.67 -0.90
CA ASP M 8 -11.96 -35.69 0.20
C ASP M 8 -12.06 -34.31 0.85
N ALA M 9 -10.90 -33.70 1.10
CA ALA M 9 -10.89 -32.36 1.67
C ALA M 9 -11.67 -31.39 0.80
N ARG M 10 -11.53 -31.51 -0.52
CA ARG M 10 -12.27 -30.63 -1.40
C ARG M 10 -13.76 -30.86 -1.28
N ILE M 11 -14.17 -32.13 -1.18
CA ILE M 11 -15.59 -32.42 -0.98
C ILE M 11 -16.10 -31.70 0.25
N LEU M 12 -15.36 -31.81 1.35
CA LEU M 12 -15.83 -31.22 2.59
C LEU M 12 -15.89 -29.71 2.51
N ARG M 13 -14.88 -29.10 1.88
CA ARG M 13 -14.90 -27.65 1.70
C ARG M 13 -16.11 -27.23 0.88
N ALA M 14 -16.46 -28.01 -0.13
CA ALA M 14 -17.64 -27.68 -0.93
C ALA M 14 -18.90 -27.74 -0.09
N TYR M 15 -19.01 -28.77 0.76
CA TYR M 15 -20.17 -28.82 1.65
C TYR M 15 -20.21 -27.58 2.53
N ALA M 16 -19.05 -27.17 3.03
CA ALA M 16 -19.00 -25.96 3.84
C ALA M 16 -19.49 -24.76 3.05
N GLU M 17 -19.12 -24.69 1.78
CA GLU M 17 -19.59 -23.58 0.95
C GLU M 17 -21.10 -23.58 0.86
N ILE M 18 -21.69 -24.75 0.63
CA ILE M 18 -23.15 -24.86 0.61
C ILE M 18 -23.72 -24.29 1.89
N LEU M 19 -23.19 -24.75 3.03
CA LEU M 19 -23.80 -24.41 4.30
C LEU M 19 -23.67 -22.92 4.57
N LYS M 20 -22.52 -22.34 4.24
CA LYS M 20 -22.32 -20.92 4.44
C LYS M 20 -23.25 -20.09 3.56
N ALA M 21 -23.44 -20.51 2.32
CA ALA M 21 -24.37 -19.79 1.46
C ALA M 21 -25.77 -19.85 2.04
N HIS M 22 -26.16 -21.00 2.58
CA HIS M 22 -27.47 -21.09 3.21
C HIS M 22 -27.58 -20.13 4.38
N ALA M 23 -26.49 -19.99 5.14
CA ALA M 23 -26.46 -19.02 6.21
C ALA M 23 -26.70 -17.62 5.67
N GLU M 24 -26.04 -17.28 4.57
CA GLU M 24 -26.17 -15.93 4.04
C GLU M 24 -27.60 -15.69 3.57
N ILE M 25 -28.22 -16.71 2.97
CA ILE M 25 -29.65 -16.64 2.66
C ILE M 25 -30.42 -16.26 3.90
N LEU M 26 -30.32 -17.10 4.93
CA LEU M 26 -31.16 -16.91 6.11
C LEU M 26 -30.96 -15.55 6.73
N LYS M 27 -29.73 -15.04 6.70
CA LYS M 27 -29.50 -13.69 7.19
C LYS M 27 -30.22 -12.68 6.32
N ALA M 28 -30.20 -12.86 5.01
CA ALA M 28 -30.77 -11.86 4.12
C ALA M 28 -32.26 -11.69 4.31
N GLN M 29 -32.96 -12.76 4.69
CA GLN M 29 -34.41 -12.70 4.81
C GLN M 29 -34.84 -11.66 5.82
N GLN N 1 -11.28 -46.53 2.89
CA GLN N 1 -11.73 -45.15 2.68
C GLN N 1 -13.21 -45.11 2.36
N ALA N 2 -13.76 -46.27 1.97
CA ALA N 2 -15.18 -46.33 1.65
C ALA N 2 -16.04 -45.88 2.82
N GLU N 3 -15.56 -46.06 4.04
CA GLU N 3 -16.26 -45.57 5.21
C GLU N 3 -16.42 -44.05 5.15
N ILE N 4 -15.38 -43.35 4.68
CA ILE N 4 -15.49 -41.90 4.54
C ILE N 4 -16.58 -41.54 3.55
N LEU N 5 -16.65 -42.28 2.45
CA LEU N 5 -17.65 -41.99 1.44
C LEU N 5 -19.05 -42.26 1.98
N GLU N 6 -19.21 -43.33 2.75
CA GLU N 6 -20.49 -43.60 3.38
C GLU N 6 -20.86 -42.48 4.35
N ALA N 7 -19.87 -41.97 5.08
CA ALA N 7 -20.14 -40.86 5.98
C ALA N 7 -20.61 -39.63 5.20
N ASP N 8 -19.98 -39.35 4.06
CA ASP N 8 -20.41 -38.24 3.23
C ASP N 8 -21.84 -38.45 2.75
N ALA N 9 -22.16 -39.68 2.34
CA ALA N 9 -23.52 -39.98 1.94
C ALA N 9 -24.49 -39.68 3.06
N ARG N 10 -24.13 -40.08 4.28
CA ARG N 10 -24.99 -39.81 5.43
C ARG N 10 -25.19 -38.32 5.63
N ILE N 11 -24.10 -37.56 5.56
CA ILE N 11 -24.19 -36.12 5.77
C ILE N 11 -25.12 -35.50 4.74
N LEU N 12 -24.98 -35.89 3.49
CA LEU N 12 -25.82 -35.31 2.45
C LEU N 12 -27.27 -35.72 2.61
N ARG N 13 -27.53 -36.97 3.01
CA ARG N 13 -28.90 -37.37 3.28
C ARG N 13 -29.50 -36.52 4.38
N ALA N 14 -28.74 -36.30 5.45
CA ALA N 14 -29.25 -35.49 6.55
C ALA N 14 -29.55 -34.07 6.11
N TYR N 15 -28.64 -33.48 5.32
CA TYR N 15 -28.89 -32.13 4.83
C TYR N 15 -30.12 -32.09 3.95
N ALA N 16 -30.30 -33.10 3.10
CA ALA N 16 -31.49 -33.16 2.27
C ALA N 16 -32.73 -33.25 3.14
N GLU N 17 -32.65 -33.98 4.25
CA GLU N 17 -33.80 -34.09 5.13
C GLU N 17 -34.13 -32.75 5.77
N ILE N 18 -33.09 -32.03 6.22
CA ILE N 18 -33.31 -30.69 6.76
C ILE N 18 -34.02 -29.83 5.73
N LEU N 19 -33.52 -29.86 4.50
CA LEU N 19 -34.10 -29.02 3.45
C LEU N 19 -35.54 -29.43 3.17
N LYS N 20 -35.82 -30.72 3.19
CA LYS N 20 -37.19 -31.18 2.93
C LYS N 20 -38.13 -30.72 4.04
N ALA N 21 -37.69 -30.81 5.28
CA ALA N 21 -38.53 -30.34 6.38
C ALA N 21 -38.76 -28.83 6.28
N HIS N 22 -37.72 -28.08 5.94
CA HIS N 22 -37.87 -26.64 5.77
C HIS N 22 -38.83 -26.32 4.65
N ALA N 23 -38.77 -27.08 3.56
CA ALA N 23 -39.70 -26.89 2.45
C ALA N 23 -41.12 -27.18 2.87
N GLU N 24 -41.31 -28.27 3.61
CA GLU N 24 -42.65 -28.62 4.08
C GLU N 24 -43.21 -27.54 4.97
N ILE N 25 -42.42 -27.03 5.91
CA ILE N 25 -42.95 -26.04 6.83
C ILE N 25 -43.17 -24.71 6.12
N LEU N 26 -42.32 -24.37 5.15
CA LEU N 26 -42.55 -23.17 4.36
C LEU N 26 -43.79 -23.30 3.50
N LYS N 27 -44.13 -24.51 3.07
CA LYS N 27 -45.42 -24.74 2.44
C LYS N 27 -46.56 -24.56 3.45
N ALA N 28 -46.35 -25.03 4.67
CA ALA N 28 -47.34 -24.80 5.73
C ALA N 28 -47.48 -23.31 6.01
N GLN N 29 -46.40 -22.56 5.85
CA GLN N 29 -46.45 -21.10 6.01
C GLN N 29 -47.28 -20.48 4.89
N GLN O 1 36.51 9.63 -18.24
CA GLN O 1 37.19 9.07 -17.08
C GLN O 1 36.21 8.61 -16.02
N ALA O 2 35.04 9.26 -15.98
CA ALA O 2 34.06 9.01 -14.93
C ALA O 2 33.80 7.52 -14.75
N GLU O 3 33.75 6.79 -15.87
CA GLU O 3 33.52 5.34 -15.79
C GLU O 3 34.59 4.65 -14.96
N ILE O 4 35.83 5.11 -15.02
CA ILE O 4 36.90 4.47 -14.28
C ILE O 4 36.65 4.61 -12.78
N LEU O 5 36.33 5.83 -12.35
CA LEU O 5 36.06 6.03 -10.93
C LEU O 5 34.82 5.28 -10.50
N GLU O 6 33.84 5.16 -11.40
CA GLU O 6 32.68 4.34 -11.10
C GLU O 6 33.08 2.89 -10.85
N ALA O 7 33.97 2.36 -11.68
CA ALA O 7 34.45 1.01 -11.47
C ALA O 7 35.17 0.87 -10.13
N ASP O 8 35.97 1.88 -9.77
CA ASP O 8 36.61 1.86 -8.46
C ASP O 8 35.58 1.78 -7.35
N ALA O 9 34.54 2.60 -7.45
CA ALA O 9 33.47 2.57 -6.46
C ALA O 9 32.86 1.18 -6.38
N ARG O 10 32.70 0.53 -7.52
CA ARG O 10 32.14 -0.83 -7.50
C ARG O 10 33.07 -1.77 -6.75
N ILE O 11 34.38 -1.65 -6.99
CA ILE O 11 35.34 -2.48 -6.26
C ILE O 11 35.14 -2.30 -4.76
N LEU O 12 35.05 -1.05 -4.33
CA LEU O 12 34.96 -0.79 -2.89
C LEU O 12 33.66 -1.32 -2.32
N ARG O 13 32.56 -1.17 -3.05
CA ARG O 13 31.30 -1.72 -2.58
C ARG O 13 31.38 -3.23 -2.46
N ALA O 14 32.09 -3.88 -3.39
CA ALA O 14 32.25 -5.32 -3.28
C ALA O 14 33.01 -5.70 -2.02
N TYR O 15 34.09 -4.97 -1.73
CA TYR O 15 34.81 -5.25 -0.49
C TYR O 15 33.91 -5.06 0.72
N ALA O 16 33.06 -4.04 0.67
CA ALA O 16 32.10 -3.83 1.76
C ALA O 16 31.18 -5.04 1.89
N GLU O 17 30.75 -5.60 0.77
CA GLU O 17 29.91 -6.80 0.82
C GLU O 17 30.65 -7.94 1.51
N ILE O 18 31.93 -8.09 1.19
CA ILE O 18 32.74 -9.11 1.85
C ILE O 18 32.69 -8.93 3.35
N LEU O 19 33.00 -7.72 3.81
CA LEU O 19 33.06 -7.49 5.24
C LEU O 19 31.72 -7.70 5.91
N LYS O 20 30.65 -7.26 5.27
CA LYS O 20 29.33 -7.40 5.85
C LYS O 20 28.93 -8.86 5.98
N ALA O 21 29.22 -9.65 4.94
CA ALA O 21 28.93 -11.07 5.04
C ALA O 21 29.74 -11.72 6.15
N HIS O 22 31.00 -11.33 6.29
CA HIS O 22 31.82 -11.89 7.36
C HIS O 22 31.22 -11.56 8.72
N ALA O 23 30.73 -10.34 8.87
CA ALA O 23 30.06 -9.97 10.11
C ALA O 23 28.85 -10.85 10.37
N GLU O 24 28.07 -11.09 9.32
CA GLU O 24 26.88 -11.93 9.49
C GLU O 24 27.30 -13.33 9.93
N ILE O 25 28.38 -13.86 9.34
CA ILE O 25 28.95 -15.12 9.79
C ILE O 25 29.18 -15.07 11.29
N LEU O 26 30.01 -14.12 11.71
CA LEU O 26 30.43 -14.07 13.11
C LEU O 26 29.24 -13.96 14.04
N LYS O 27 28.21 -13.22 13.63
CA LYS O 27 27.01 -13.14 14.45
C LYS O 27 26.32 -14.49 14.53
N ALA O 28 26.28 -15.23 13.42
CA ALA O 28 25.55 -16.49 13.42
C ALA O 28 26.16 -17.51 14.37
N GLN O 29 27.47 -17.46 14.57
CA GLN O 29 28.15 -18.45 15.39
C GLN O 29 27.60 -18.46 16.80
N GLN P 1 46.08 7.23 -11.14
CA GLN P 1 45.08 6.38 -10.51
C GLN P 1 45.71 5.10 -10.00
N ALA P 2 46.92 4.80 -10.51
CA ALA P 2 47.61 3.59 -10.09
C ALA P 2 47.80 3.55 -8.57
N GLU P 3 47.90 4.72 -7.94
CA GLU P 3 47.98 4.78 -6.49
C GLU P 3 46.73 4.17 -5.86
N ILE P 4 45.56 4.42 -6.45
CA ILE P 4 44.34 3.84 -5.92
C ILE P 4 44.41 2.32 -6.00
N LEU P 5 44.91 1.81 -7.12
CA LEU P 5 44.99 0.36 -7.27
C LEU P 5 45.98 -0.24 -6.28
N GLU P 6 47.09 0.46 -6.04
CA GLU P 6 48.03 0.01 -5.03
C GLU P 6 47.38 -0.02 -3.66
N ALA P 7 46.58 1.00 -3.35
CA ALA P 7 45.87 1.02 -2.09
C ALA P 7 44.93 -0.16 -1.97
N ASP P 8 44.24 -0.49 -3.06
CA ASP P 8 43.36 -1.65 -3.06
C ASP P 8 44.14 -2.92 -2.80
N ALA P 9 45.30 -3.06 -3.45
CA ALA P 9 46.15 -4.22 -3.21
C ALA P 9 46.52 -4.31 -1.74
N ARG P 10 46.87 -3.18 -1.14
CA ARG P 10 47.23 -3.17 0.27
C ARG P 10 46.06 -3.63 1.13
N ILE P 11 44.87 -3.10 0.85
CA ILE P 11 43.70 -3.46 1.63
C ILE P 11 43.46 -4.96 1.56
N LEU P 12 43.53 -5.51 0.35
CA LEU P 12 43.26 -6.94 0.21
C LEU P 12 44.33 -7.77 0.88
N ARG P 13 45.59 -7.34 0.80
CA ARG P 13 46.65 -8.07 1.51
C ARG P 13 46.36 -8.08 3.00
N ALA P 14 45.97 -6.93 3.55
CA ALA P 14 45.69 -6.86 4.97
C ALA P 14 44.52 -7.77 5.35
N TYR P 15 43.48 -7.77 4.54
CA TYR P 15 42.34 -8.65 4.82
C TYR P 15 42.76 -10.11 4.77
N ALA P 16 43.58 -10.45 3.79
CA ALA P 16 44.08 -11.82 3.71
C ALA P 16 44.88 -12.17 4.95
N GLU P 17 45.65 -11.22 5.47
CA GLU P 17 46.43 -11.48 6.67
C GLU P 17 45.51 -11.71 7.87
N ILE P 18 44.48 -10.89 8.01
CA ILE P 18 43.50 -11.12 9.07
C ILE P 18 42.93 -12.52 8.96
N LEU P 19 42.53 -12.91 7.75
CA LEU P 19 41.93 -14.22 7.57
C LEU P 19 42.91 -15.33 7.89
N LYS P 20 44.18 -15.16 7.51
CA LYS P 20 45.17 -16.18 7.80
C LYS P 20 45.40 -16.33 9.29
N ALA P 21 45.45 -15.21 10.01
CA ALA P 21 45.60 -15.28 11.46
C ALA P 21 44.41 -15.96 12.09
N HIS P 22 43.21 -15.63 11.64
CA HIS P 22 42.01 -16.26 12.17
C HIS P 22 42.02 -17.75 11.89
N ALA P 23 42.49 -18.14 10.71
CA ALA P 23 42.58 -19.55 10.35
C ALA P 23 43.56 -20.27 11.26
N GLU P 24 44.74 -19.68 11.47
CA GLU P 24 45.73 -20.32 12.31
C GLU P 24 45.24 -20.47 13.75
N ILE P 25 44.58 -19.43 14.27
CA ILE P 25 44.13 -19.52 15.66
C ILE P 25 42.97 -20.50 15.78
N LEU P 26 42.11 -20.59 14.76
CA LEU P 26 41.05 -21.58 14.77
C LEU P 26 41.60 -22.99 14.65
N LYS P 27 42.72 -23.16 13.95
CA LYS P 27 43.42 -24.44 13.96
C LYS P 27 43.98 -24.73 15.34
N ALA P 28 44.51 -23.71 16.01
CA ALA P 28 44.97 -23.88 17.39
C ALA P 28 43.82 -24.24 18.30
N GLN P 29 42.62 -23.73 17.99
CA GLN P 29 41.42 -24.08 18.74
C GLN P 29 41.08 -25.55 18.57
N GLN Q 1 -28.50 12.63 -27.98
CA GLN Q 1 -28.19 14.00 -27.61
C GLN Q 1 -27.20 14.06 -26.47
N ALA Q 2 -27.16 12.99 -25.67
CA ALA Q 2 -26.29 12.97 -24.50
C ALA Q 2 -24.85 13.29 -24.89
N GLU Q 3 -24.43 12.83 -26.06
CA GLU Q 3 -23.09 13.13 -26.56
C GLU Q 3 -22.84 14.62 -26.65
N ILE Q 4 -23.84 15.38 -27.11
CA ILE Q 4 -23.66 16.82 -27.28
C ILE Q 4 -23.46 17.47 -25.93
N LEU Q 5 -24.26 17.08 -24.96
CA LEU Q 5 -24.14 17.65 -23.63
C LEU Q 5 -22.81 17.28 -23.00
N GLU Q 6 -22.35 16.05 -23.24
CA GLU Q 6 -21.02 15.67 -22.79
C GLU Q 6 -19.96 16.58 -23.39
N ALA Q 7 -20.09 16.88 -24.67
CA ALA Q 7 -19.13 17.78 -25.31
C ALA Q 7 -19.14 19.16 -24.67
N ASP Q 8 -20.33 19.67 -24.37
CA ASP Q 8 -20.43 20.95 -23.68
C ASP Q 8 -19.71 20.89 -22.33
N ALA Q 9 -19.93 19.82 -21.60
CA ALA Q 9 -19.25 19.63 -20.32
C ALA Q 9 -17.74 19.68 -20.51
N ARG Q 10 -17.25 19.06 -21.57
CA ARG Q 10 -15.81 19.07 -21.81
C ARG Q 10 -15.32 20.48 -22.09
N ILE Q 11 -16.08 21.25 -22.86
CA ILE Q 11 -15.72 22.65 -23.10
C ILE Q 11 -15.56 23.37 -21.77
N LEU Q 12 -16.54 23.21 -20.90
CA LEU Q 12 -16.50 23.95 -19.64
C LEU Q 12 -15.34 23.51 -18.78
N ARG Q 13 -15.08 22.21 -18.73
CA ARG Q 13 -13.92 21.73 -17.97
C ARG Q 13 -12.63 22.32 -18.51
N ALA Q 14 -12.53 22.45 -19.84
CA ALA Q 14 -11.34 23.06 -20.41
C ALA Q 14 -11.18 24.49 -19.96
N TYR Q 15 -12.27 25.25 -19.98
CA TYR Q 15 -12.19 26.63 -19.51
C TYR Q 15 -11.76 26.68 -18.05
N ALA Q 16 -12.29 25.78 -17.24
CA ALA Q 16 -11.86 25.72 -15.84
C ALA Q 16 -10.37 25.45 -15.74
N GLU Q 17 -9.87 24.56 -16.60
CA GLU Q 17 -8.44 24.28 -16.60
C GLU Q 17 -7.65 25.54 -16.92
N ILE Q 18 -8.15 26.33 -17.87
CA ILE Q 18 -7.50 27.61 -18.18
C ILE Q 18 -7.40 28.47 -16.93
N LEU Q 19 -8.52 28.65 -16.24
CA LEU Q 19 -8.51 29.51 -15.07
C LEU Q 19 -7.57 28.97 -14.00
N LYS Q 20 -7.56 27.66 -13.81
CA LYS Q 20 -6.70 27.08 -12.78
C LYS Q 20 -5.23 27.32 -13.11
N ALA Q 21 -4.85 27.13 -14.37
CA ALA Q 21 -3.46 27.40 -14.74
C ALA Q 21 -3.13 28.87 -14.56
N HIS Q 22 -4.09 29.76 -14.85
CA HIS Q 22 -3.84 31.18 -14.63
C HIS Q 22 -3.58 31.45 -13.16
N ALA Q 23 -4.32 30.79 -12.29
CA ALA Q 23 -4.09 30.92 -10.85
C ALA Q 23 -2.69 30.45 -10.50
N GLU Q 24 -2.27 29.33 -11.09
CA GLU Q 24 -0.92 28.85 -10.89
C GLU Q 24 0.10 29.92 -11.24
N ILE Q 25 -0.05 30.51 -12.43
CA ILE Q 25 0.83 31.60 -12.86
C ILE Q 25 0.87 32.68 -11.78
N LEU Q 26 -0.29 33.19 -11.43
CA LEU Q 26 -0.35 34.35 -10.55
C LEU Q 26 0.27 34.06 -9.20
N LYS Q 27 0.04 32.87 -8.66
CA LYS Q 27 0.68 32.49 -7.41
C LYS Q 27 2.18 32.45 -7.58
N ALA Q 28 2.67 31.94 -8.71
CA ALA Q 28 4.10 31.77 -8.88
C ALA Q 28 4.84 33.10 -8.83
N GLN Q 29 4.20 34.19 -9.25
CA GLN Q 29 4.84 35.49 -9.30
C GLN Q 29 5.36 35.90 -7.95
N GLN R 1 -29.93 24.57 -28.19
CA GLN R 1 -28.64 24.50 -27.54
C GLN R 1 -27.77 25.66 -27.93
N ALA R 2 -28.11 26.29 -29.05
CA ALA R 2 -27.32 27.42 -29.54
C ALA R 2 -27.21 28.52 -28.48
N GLU R 3 -28.18 28.60 -27.58
CA GLU R 3 -28.09 29.54 -26.47
C GLU R 3 -26.85 29.26 -25.62
N ILE R 4 -26.57 27.98 -25.36
CA ILE R 4 -25.38 27.61 -24.60
C ILE R 4 -24.14 28.08 -25.34
N LEU R 5 -24.15 27.95 -26.66
CA LEU R 5 -22.99 28.35 -27.44
C LEU R 5 -22.77 29.85 -27.38
N GLU R 6 -23.86 30.62 -27.50
CA GLU R 6 -23.73 32.06 -27.33
C GLU R 6 -23.23 32.41 -25.94
N ALA R 7 -23.68 31.67 -24.93
CA ALA R 7 -23.26 31.94 -23.57
C ALA R 7 -21.76 31.75 -23.43
N ASP R 8 -21.25 30.60 -23.86
CA ASP R 8 -19.82 30.38 -23.72
C ASP R 8 -19.01 31.32 -24.60
N ALA R 9 -19.58 31.73 -25.75
CA ALA R 9 -18.93 32.76 -26.54
C ALA R 9 -18.76 34.03 -25.73
N ARG R 10 -19.82 34.43 -25.03
CA ARG R 10 -19.73 35.59 -24.16
C ARG R 10 -18.67 35.40 -23.10
N ILE R 11 -18.63 34.20 -22.51
CA ILE R 11 -17.63 33.91 -21.48
C ILE R 11 -16.23 34.14 -22.02
N LEU R 12 -15.95 33.60 -23.19
CA LEU R 12 -14.62 33.72 -23.75
C LEU R 12 -14.30 35.17 -24.12
N ARG R 13 -15.29 35.90 -24.63
CA ARG R 13 -15.07 37.32 -24.91
C ARG R 13 -14.69 38.05 -23.64
N ALA R 14 -15.40 37.79 -22.55
CA ALA R 14 -15.11 38.46 -21.29
C ALA R 14 -13.72 38.10 -20.79
N TYR R 15 -13.34 36.83 -20.91
CA TYR R 15 -12.01 36.43 -20.48
C TYR R 15 -10.95 37.13 -21.30
N ALA R 16 -11.17 37.22 -22.61
CA ALA R 16 -10.23 37.94 -23.47
C ALA R 16 -10.14 39.40 -23.04
N GLU R 17 -11.25 39.98 -22.64
CA GLU R 17 -11.22 41.37 -22.20
C GLU R 17 -10.40 41.53 -20.94
N ILE R 18 -10.59 40.62 -19.98
CA ILE R 18 -9.77 40.63 -18.77
C ILE R 18 -8.30 40.56 -19.13
N LEU R 19 -7.96 39.64 -20.02
CA LEU R 19 -6.56 39.46 -20.40
C LEU R 19 -6.01 40.71 -21.07
N LYS R 20 -6.81 41.34 -21.93
CA LYS R 20 -6.36 42.56 -22.60
C LYS R 20 -6.13 43.67 -21.60
N ALA R 21 -7.01 43.79 -20.60
CA ALA R 21 -6.83 44.82 -19.58
C ALA R 21 -5.56 44.58 -18.78
N HIS R 22 -5.35 43.34 -18.36
CA HIS R 22 -4.14 43.00 -17.63
C HIS R 22 -2.90 43.26 -18.48
N ALA R 23 -3.02 43.03 -19.78
CA ALA R 23 -1.91 43.26 -20.69
C ALA R 23 -1.58 44.74 -20.78
N GLU R 24 -2.58 45.57 -20.99
CA GLU R 24 -2.37 47.01 -21.04
C GLU R 24 -1.78 47.51 -19.72
N ILE R 25 -2.24 46.95 -18.60
CA ILE R 25 -1.69 47.35 -17.30
C ILE R 25 -0.21 47.01 -17.22
N LEU R 26 0.13 45.75 -17.50
CA LEU R 26 1.53 45.34 -17.46
C LEU R 26 2.38 46.12 -18.44
N LYS R 27 1.77 46.61 -19.52
CA LYS R 27 2.47 47.52 -20.42
C LYS R 27 2.71 48.86 -19.76
N ALA R 28 1.71 49.37 -19.05
CA ALA R 28 1.88 50.62 -18.31
C ALA R 28 2.90 50.45 -17.20
N GLN R 29 2.97 49.25 -16.61
CA GLN R 29 3.96 48.95 -15.59
C GLN R 29 5.37 48.97 -16.18
N GLN S 1 20.60 -28.94 13.55
CA GLN S 1 19.73 -29.50 14.58
C GLN S 1 18.72 -28.49 15.07
N ALA S 2 19.08 -27.21 14.99
CA ALA S 2 18.23 -26.16 15.48
C ALA S 2 16.83 -26.26 14.90
N GLU S 3 16.73 -26.66 13.63
CA GLU S 3 15.44 -26.86 13.00
C GLU S 3 14.60 -27.87 13.76
N ILE S 4 15.21 -28.96 14.24
CA ILE S 4 14.45 -29.99 14.94
C ILE S 4 13.88 -29.42 16.23
N LEU S 5 14.70 -28.67 16.96
CA LEU S 5 14.24 -28.10 18.21
C LEU S 5 13.14 -27.08 17.96
N GLU S 6 13.26 -26.31 16.88
CA GLU S 6 12.18 -25.40 16.52
C GLU S 6 10.89 -26.15 16.25
N ALA S 7 11.00 -27.30 15.57
CA ALA S 7 9.82 -28.11 15.32
C ALA S 7 9.18 -28.57 16.62
N ASP S 8 10.01 -29.00 17.57
CA ASP S 8 9.49 -29.40 18.88
C ASP S 8 8.75 -28.24 19.53
N ALA S 9 9.35 -27.05 19.48
CA ALA S 9 8.69 -25.88 20.02
C ALA S 9 7.33 -25.66 19.38
N ARG S 10 7.24 -25.87 18.07
CA ARG S 10 5.96 -25.71 17.39
C ARG S 10 4.95 -26.72 17.90
N ILE S 11 5.38 -27.96 18.10
CA ILE S 11 4.50 -28.97 18.66
C ILE S 11 3.92 -28.50 19.98
N LEU S 12 4.79 -28.00 20.85
CA LEU S 12 4.34 -27.61 22.18
C LEU S 12 3.39 -26.42 22.10
N ARG S 13 3.70 -25.44 21.24
CA ARG S 13 2.79 -24.32 21.07
C ARG S 13 1.42 -24.78 20.59
N ALA S 14 1.41 -25.77 19.69
CA ALA S 14 0.12 -26.29 19.23
C ALA S 14 -0.66 -26.92 20.37
N TYR S 15 0.03 -27.69 21.20
CA TYR S 15 -0.67 -28.25 22.37
C TYR S 15 -1.23 -27.14 23.24
N ALA S 16 -0.47 -26.07 23.42
CA ALA S 16 -0.97 -24.93 24.19
C ALA S 16 -2.22 -24.36 23.55
N GLU S 17 -2.24 -24.29 22.22
CA GLU S 17 -3.42 -23.78 21.53
C GLU S 17 -4.63 -24.64 21.83
N ILE S 18 -4.45 -25.96 21.76
CA ILE S 18 -5.54 -26.88 22.13
C ILE S 18 -6.06 -26.55 23.51
N LEU S 19 -5.13 -26.45 24.46
CA LEU S 19 -5.54 -26.32 25.86
C LEU S 19 -6.27 -25.01 26.08
N LYS S 20 -5.77 -23.94 25.46
CA LYS S 20 -6.40 -22.63 25.60
C LYS S 20 -7.79 -22.62 24.99
N ALA S 21 -7.96 -23.26 23.83
CA ALA S 21 -9.28 -23.33 23.24
C ALA S 21 -10.23 -24.09 24.16
N HIS S 22 -9.75 -25.15 24.79
CA HIS S 22 -10.59 -25.88 25.73
C HIS S 22 -11.00 -24.98 26.88
N ALA S 23 -10.07 -24.14 27.34
CA ALA S 23 -10.39 -23.16 28.37
C ALA S 23 -11.51 -22.25 27.91
N GLU S 24 -11.42 -21.77 26.67
CA GLU S 24 -12.42 -20.84 26.18
C GLU S 24 -13.78 -21.52 26.11
N ILE S 25 -13.80 -22.78 25.68
CA ILE S 25 -15.02 -23.57 25.75
C ILE S 25 -15.60 -23.52 27.15
N LEU S 26 -14.81 -23.98 28.11
CA LEU S 26 -15.32 -24.13 29.48
C LEU S 26 -15.84 -22.82 30.02
N LYS S 27 -15.18 -21.71 29.67
CA LYS S 27 -15.69 -20.41 30.07
C LYS S 27 -17.03 -20.13 29.43
N ALA S 28 -17.18 -20.47 28.15
CA ALA S 28 -18.39 -20.11 27.43
C ALA S 28 -19.63 -20.80 28.00
N GLN S 29 -19.46 -22.00 28.55
CA GLN S 29 -20.61 -22.76 29.04
C GLN S 29 -21.35 -21.99 30.12
N GLN T 1 16.92 -37.38 21.34
CA GLN T 1 15.72 -36.57 21.24
C GLN T 1 14.47 -37.41 21.32
N ALA T 2 14.64 -38.71 21.08
CA ALA T 2 13.50 -39.62 21.14
C ALA T 2 12.80 -39.56 22.49
N GLU T 3 13.54 -39.25 23.54
CA GLU T 3 12.93 -39.08 24.85
C GLU T 3 11.91 -37.94 24.83
N ILE T 4 12.22 -36.86 24.11
CA ILE T 4 11.26 -35.76 24.00
C ILE T 4 10.00 -36.24 23.32
N LEU T 5 10.14 -37.05 22.27
CA LEU T 5 8.97 -37.53 21.56
C LEU T 5 8.15 -38.46 22.44
N GLU T 6 8.81 -39.30 23.22
CA GLU T 6 8.09 -40.15 24.16
C GLU T 6 7.34 -39.31 25.19
N ALA T 7 7.97 -38.22 25.65
CA ALA T 7 7.30 -37.33 26.58
C ALA T 7 6.05 -36.73 25.94
N ASP T 8 6.16 -36.31 24.68
CA ASP T 8 4.99 -35.78 23.99
C ASP T 8 3.90 -36.83 23.89
N ALA T 9 4.28 -38.07 23.58
CA ALA T 9 3.31 -39.15 23.54
C ALA T 9 2.60 -39.28 24.88
N ARG T 10 3.36 -39.22 25.96
CA ARG T 10 2.77 -39.32 27.29
C ARG T 10 1.78 -38.19 27.53
N ILE T 11 2.18 -36.96 27.18
CA ILE T 11 1.31 -35.81 27.39
C ILE T 11 0.00 -36.00 26.65
N LEU T 12 0.09 -36.43 25.39
CA LEU T 12 -1.13 -36.57 24.60
C LEU T 12 -1.99 -37.71 25.14
N ARG T 13 -1.38 -38.81 25.59
CA ARG T 13 -2.16 -39.87 26.21
C ARG T 13 -2.90 -39.36 27.42
N ALA T 14 -2.23 -38.57 28.26
CA ALA T 14 -2.87 -38.05 29.45
C ALA T 14 -4.02 -37.13 29.09
N TYR T 15 -3.82 -36.27 28.10
CA TYR T 15 -4.90 -35.38 27.69
C TYR T 15 -6.08 -36.17 27.15
N ALA T 16 -5.80 -37.21 26.38
CA ALA T 16 -6.87 -38.07 25.89
C ALA T 16 -7.62 -38.71 27.04
N GLU T 17 -6.90 -39.09 28.09
CA GLU T 17 -7.55 -39.70 29.25
C GLU T 17 -8.45 -38.70 29.94
N ILE T 18 -7.97 -37.47 30.12
CA ILE T 18 -8.82 -36.42 30.68
C ILE T 18 -10.09 -36.28 29.87
N LEU T 19 -9.93 -36.21 28.54
CA LEU T 19 -11.10 -36.02 27.69
C LEU T 19 -12.05 -37.19 27.78
N LYS T 20 -11.51 -38.40 27.87
CA LYS T 20 -12.36 -39.58 27.98
C LYS T 20 -13.14 -39.58 29.28
N ALA T 21 -12.49 -39.21 30.38
CA ALA T 21 -13.19 -39.14 31.65
C ALA T 21 -14.28 -38.07 31.61
N HIS T 22 -13.97 -36.92 31.01
CA HIS T 22 -14.97 -35.87 30.89
C HIS T 22 -16.14 -36.32 30.05
N ALA T 23 -15.87 -37.08 28.98
CA ALA T 23 -16.94 -37.60 28.15
C ALA T 23 -17.80 -38.58 28.92
N GLU T 24 -17.16 -39.46 29.69
CA GLU T 24 -17.90 -40.43 30.48
C GLU T 24 -18.81 -39.73 31.48
N ILE T 25 -18.28 -38.73 32.19
CA ILE T 25 -19.08 -38.08 33.21
C ILE T 25 -20.18 -37.24 32.58
N LEU T 26 -19.91 -36.64 31.42
CA LEU T 26 -20.96 -35.91 30.71
C LEU T 26 -22.04 -36.85 30.20
N LYS T 27 -21.68 -38.09 29.87
CA LYS T 27 -22.69 -39.11 29.60
C LYS T 27 -23.47 -39.44 30.85
N ALA T 28 -22.79 -39.52 32.00
CA ALA T 28 -23.48 -39.74 33.26
C ALA T 28 -24.41 -38.56 33.58
N GLN T 29 -24.03 -37.36 33.15
CA GLN T 29 -24.88 -36.19 33.30
C GLN T 29 -26.13 -36.33 32.43
N GLN U 1 17.15 31.95 -11.47
CA GLN U 1 18.25 32.06 -10.52
C GLN U 1 17.96 31.28 -9.25
N ALA U 2 16.68 31.16 -8.91
CA ALA U 2 16.28 30.56 -7.65
C ALA U 2 16.98 29.23 -7.40
N GLU U 3 17.15 28.43 -8.46
CA GLU U 3 17.83 27.16 -8.34
C GLU U 3 19.24 27.31 -7.80
N ILE U 4 19.93 28.39 -8.18
CA ILE U 4 21.31 28.58 -7.73
C ILE U 4 21.33 28.79 -6.22
N LEU U 5 20.46 29.66 -5.72
CA LEU U 5 20.41 29.89 -4.29
C LEU U 5 19.97 28.64 -3.55
N GLU U 6 19.09 27.86 -4.17
CA GLU U 6 18.71 26.57 -3.58
C GLU U 6 19.93 25.67 -3.43
N ALA U 7 20.77 25.62 -4.47
CA ALA U 7 21.99 24.83 -4.39
C ALA U 7 22.90 25.33 -3.27
N ASP U 8 23.02 26.64 -3.13
CA ASP U 8 23.80 27.19 -2.03
C ASP U 8 23.26 26.72 -0.69
N ALA U 9 21.95 26.78 -0.52
CA ALA U 9 21.33 26.29 0.70
C ALA U 9 21.69 24.84 0.94
N ARG U 10 21.71 24.04 -0.11
CA ARG U 10 22.07 22.64 0.06
C ARG U 10 23.50 22.51 0.54
N ILE U 11 24.41 23.30 -0.02
CA ILE U 11 25.79 23.29 0.44
C ILE U 11 25.85 23.55 1.94
N LEU U 12 25.14 24.59 2.37
CA LEU U 12 25.21 24.96 3.78
C LEU U 12 24.62 23.88 4.67
N ARG U 13 23.51 23.27 4.25
CA ARG U 13 22.94 22.17 5.03
C ARG U 13 23.93 21.02 5.12
N ALA U 14 24.67 20.76 4.06
CA ALA U 14 25.66 19.69 4.12
C ALA U 14 26.74 20.01 5.13
N TYR U 15 27.21 21.25 5.15
CA TYR U 15 28.19 21.63 6.15
C TYR U 15 27.62 21.46 7.55
N ALA U 16 26.35 21.79 7.73
CA ALA U 16 25.70 21.57 9.01
C ALA U 16 25.72 20.10 9.39
N GLU U 17 25.47 19.23 8.42
CA GLU U 17 25.53 17.80 8.69
C GLU U 17 26.92 17.40 9.16
N ILE U 18 27.95 17.94 8.52
CA ILE U 18 29.31 17.67 8.96
C ILE U 18 29.47 18.02 10.43
N LEU U 19 29.11 19.25 10.78
CA LEU U 19 29.32 19.70 12.15
C LEU U 19 28.52 18.86 13.14
N LYS U 20 27.29 18.51 12.79
CA LYS U 20 26.46 17.74 13.70
C LYS U 20 27.04 16.36 13.92
N ALA U 21 27.50 15.72 12.86
CA ALA U 21 28.14 14.41 13.02
C ALA U 21 29.38 14.52 13.88
N HIS U 22 30.17 15.57 13.70
CA HIS U 22 31.36 15.74 14.52
C HIS U 22 30.98 15.88 15.99
N ALA U 23 29.90 16.61 16.26
CA ALA U 23 29.42 16.73 17.64
C ALA U 23 29.04 15.37 18.19
N GLU U 24 28.35 14.57 17.39
CA GLU U 24 27.95 13.24 17.85
C GLU U 24 29.18 12.40 18.16
N ILE U 25 30.22 12.50 17.33
CA ILE U 25 31.50 11.86 17.62
C ILE U 25 31.96 12.26 19.01
N LEU U 26 32.15 13.56 19.21
CA LEU U 26 32.73 14.06 20.44
C LEU U 26 31.93 13.62 21.65
N LYS U 27 30.61 13.58 21.52
CA LYS U 27 29.78 13.09 22.61
C LYS U 27 30.05 11.62 22.87
N ALA U 28 30.21 10.82 21.81
CA ALA U 28 30.38 9.39 22.00
C ALA U 28 31.65 9.05 22.76
N GLN U 29 32.69 9.86 22.62
CA GLN U 29 33.98 9.57 23.24
C GLN U 29 33.84 9.46 24.75
N GLN V 1 27.52 36.50 -7.06
CA GLN V 1 27.38 35.34 -6.19
C GLN V 1 28.72 34.73 -5.86
N ALA V 2 29.74 35.09 -6.66
CA ALA V 2 31.08 34.57 -6.42
C ALA V 2 31.56 34.87 -5.01
N GLU V 3 31.09 35.97 -4.43
CA GLU V 3 31.41 36.28 -3.05
C GLU V 3 30.92 35.19 -2.11
N ILE V 4 29.73 34.64 -2.38
CA ILE V 4 29.22 33.55 -1.55
C ILE V 4 30.14 32.35 -1.64
N LEU V 5 30.62 32.05 -2.85
CA LEU V 5 31.49 30.89 -3.02
C LEU V 5 32.81 31.12 -2.32
N GLU V 6 33.34 32.35 -2.38
CA GLU V 6 34.55 32.67 -1.63
C GLU V 6 34.33 32.49 -0.14
N ALA V 7 33.17 32.90 0.35
CA ALA V 7 32.86 32.71 1.77
C ALA V 7 32.85 31.24 2.12
N ASP V 8 32.26 30.42 1.24
CA ASP V 8 32.25 28.98 1.47
C ASP V 8 33.67 28.44 1.53
N ALA V 9 34.52 28.88 0.61
CA ALA V 9 35.91 28.46 0.61
C ALA V 9 36.56 28.81 1.94
N ARG V 10 36.31 30.03 2.42
CA ARG V 10 36.87 30.44 3.70
C ARG V 10 36.40 29.54 4.83
N ILE V 11 35.10 29.26 4.87
CA ILE V 11 34.55 28.42 5.93
C ILE V 11 35.22 27.06 5.92
N LEU V 12 35.36 26.47 4.74
CA LEU V 12 35.94 25.14 4.67
C LEU V 12 37.42 25.16 5.04
N ARG V 13 38.14 26.22 4.64
CA ARG V 13 39.54 26.33 5.07
C ARG V 13 39.63 26.39 6.59
N ALA V 14 38.75 27.18 7.21
CA ALA V 14 38.79 27.29 8.65
C ALA V 14 38.49 25.95 9.32
N TYR V 15 37.50 25.24 8.80
CA TYR V 15 37.18 23.94 9.37
C TYR V 15 38.36 22.98 9.22
N ALA V 16 39.01 23.01 8.06
CA ALA V 16 40.19 22.17 7.86
C ALA V 16 41.27 22.53 8.85
N GLU V 17 41.41 23.82 9.15
CA GLU V 17 42.43 24.23 10.12
C GLU V 17 42.10 23.70 11.51
N ILE V 18 40.83 23.81 11.91
CA ILE V 18 40.41 23.23 13.19
C ILE V 18 40.77 21.76 13.23
N LEU V 19 40.44 21.03 12.16
CA LEU V 19 40.69 19.60 12.14
C LEU V 19 42.18 19.30 12.20
N LYS V 20 42.99 20.10 11.52
CA LYS V 20 44.43 19.88 11.54
C LYS V 20 45.00 20.11 12.92
N ALA V 21 44.54 21.16 13.60
CA ALA V 21 45.00 21.42 14.96
C ALA V 21 44.60 20.28 15.89
N HIS V 22 43.36 19.80 15.75
CA HIS V 22 42.89 18.69 16.58
C HIS V 22 43.72 17.45 16.30
N ALA V 23 44.07 17.23 15.04
CA ALA V 23 44.89 16.07 14.67
C ALA V 23 46.27 16.18 15.30
N GLU V 24 46.89 17.35 15.21
CA GLU V 24 48.22 17.53 15.77
C GLU V 24 48.21 17.35 17.27
N ILE V 25 47.21 17.90 17.96
CA ILE V 25 47.18 17.78 19.41
C ILE V 25 46.88 16.35 19.82
N LEU V 26 46.04 15.63 19.07
CA LEU V 26 45.79 14.23 19.35
C LEU V 26 47.03 13.38 19.09
N LYS V 27 47.86 13.78 18.13
CA LYS V 27 49.16 13.14 17.96
C LYS V 27 50.06 13.42 19.15
N ALA V 28 50.02 14.65 19.66
CA ALA V 28 50.76 14.98 20.88
C ALA V 28 50.25 14.17 22.06
N GLN V 29 48.95 13.86 22.06
CA GLN V 29 48.37 13.02 23.10
C GLN V 29 48.92 11.61 23.01
N GLN W 1 -37.58 -3.87 -4.24
CA GLN W 1 -38.07 -2.53 -3.97
C GLN W 1 -37.09 -1.74 -3.11
N ALA W 2 -36.27 -2.46 -2.35
CA ALA W 2 -35.33 -1.82 -1.45
C ALA W 2 -34.47 -0.80 -2.18
N GLU W 3 -34.11 -1.10 -3.43
CA GLU W 3 -33.33 -0.18 -4.24
C GLU W 3 -34.04 1.16 -4.40
N ILE W 4 -35.36 1.13 -4.61
CA ILE W 4 -36.09 2.37 -4.81
C ILE W 4 -36.04 3.23 -3.57
N LEU W 5 -36.24 2.60 -2.42
CA LEU W 5 -36.21 3.34 -1.16
C LEU W 5 -34.81 3.89 -0.90
N GLU W 6 -33.79 3.11 -1.24
CA GLU W 6 -32.43 3.62 -1.15
C GLU W 6 -32.25 4.86 -1.99
N ALA W 7 -32.79 4.85 -3.21
CA ALA W 7 -32.69 6.02 -4.07
C ALA W 7 -33.38 7.22 -3.45
N ASP W 8 -34.55 7.01 -2.86
CA ASP W 8 -35.24 8.10 -2.17
C ASP W 8 -34.36 8.66 -1.06
N ALA W 9 -33.75 7.78 -0.28
CA ALA W 9 -32.84 8.21 0.77
C ALA W 9 -31.73 9.07 0.20
N ARG W 10 -31.20 8.69 -0.95
CA ARG W 10 -30.13 9.47 -1.55
C ARG W 10 -30.62 10.85 -1.94
N ILE W 11 -31.83 10.92 -2.50
CA ILE W 11 -32.42 12.23 -2.82
C ILE W 11 -32.45 13.11 -1.58
N LEU W 12 -32.94 12.56 -0.48
CA LEU W 12 -33.09 13.36 0.72
C LEU W 12 -31.72 13.80 1.26
N ARG W 13 -30.75 12.90 1.24
CA ARG W 13 -29.41 13.28 1.68
C ARG W 13 -28.86 14.41 0.82
N ALA W 14 -29.13 14.36 -0.48
CA ALA W 14 -28.66 15.45 -1.35
C ALA W 14 -29.29 16.76 -0.96
N TYR W 15 -30.59 16.76 -0.70
CA TYR W 15 -31.24 18.00 -0.27
C TYR W 15 -30.64 18.51 1.04
N ALA W 16 -30.35 17.59 1.95
CA ALA W 16 -29.70 18.00 3.19
C ALA W 16 -28.35 18.63 2.92
N GLU W 17 -27.61 18.08 1.96
CA GLU W 17 -26.33 18.66 1.59
C GLU W 17 -26.51 20.08 1.08
N ILE W 18 -27.56 20.30 0.29
CA ILE W 18 -27.87 21.64 -0.18
C ILE W 18 -28.02 22.59 0.99
N LEU W 19 -28.88 22.20 1.94
CA LEU W 19 -29.13 23.09 3.07
C LEU W 19 -27.86 23.35 3.88
N LYS W 20 -27.04 22.32 4.05
CA LYS W 20 -25.81 22.49 4.83
C LYS W 20 -24.87 23.46 4.14
N ALA W 21 -24.72 23.34 2.82
CA ALA W 21 -23.87 24.28 2.10
C ALA W 21 -24.43 25.69 2.18
N HIS W 22 -25.76 25.82 2.16
CA HIS W 22 -26.35 27.14 2.30
C HIS W 22 -26.01 27.74 3.65
N ALA W 23 -26.02 26.91 4.70
CA ALA W 23 -25.62 27.37 6.01
C ALA W 23 -24.17 27.83 5.99
N GLU W 24 -23.32 27.07 5.33
CA GLU W 24 -21.92 27.48 5.17
C GLU W 24 -21.83 28.87 4.56
N ILE W 25 -22.54 29.08 3.46
CA ILE W 25 -22.58 30.40 2.81
C ILE W 25 -22.95 31.46 3.84
N LEU W 26 -24.09 31.27 4.48
CA LEU W 26 -24.64 32.31 5.34
C LEU W 26 -23.71 32.63 6.49
N LYS W 27 -23.07 31.61 7.07
CA LYS W 27 -22.09 31.85 8.11
C LYS W 27 -20.91 32.65 7.58
N ALA W 28 -20.47 32.34 6.36
CA ALA W 28 -19.29 32.99 5.82
C ALA W 28 -19.48 34.50 5.68
N GLN W 29 -20.71 34.94 5.44
CA GLN W 29 -20.97 36.36 5.21
C GLN W 29 -20.52 37.19 6.39
N GLN X 1 -45.74 4.97 -4.10
CA GLN X 1 -44.54 5.75 -3.81
C GLN X 1 -44.62 7.12 -4.41
N ALA X 2 -45.50 7.28 -5.41
CA ALA X 2 -45.64 8.56 -6.08
C ALA X 2 -45.96 9.67 -5.10
N GLU X 3 -46.60 9.33 -3.98
CA GLU X 3 -46.85 10.32 -2.93
C GLU X 3 -45.53 10.91 -2.42
N ILE X 4 -44.51 10.06 -2.24
CA ILE X 4 -43.21 10.56 -1.81
C ILE X 4 -42.66 11.52 -2.84
N LEU X 5 -42.87 11.22 -4.12
CA LEU X 5 -42.35 12.08 -5.17
C LEU X 5 -43.06 13.42 -5.17
N GLU X 6 -44.37 13.41 -5.01
CA GLU X 6 -45.10 14.68 -4.88
C GLU X 6 -44.61 15.46 -3.67
N ALA X 7 -44.33 14.76 -2.57
CA ALA X 7 -43.87 15.43 -1.37
C ALA X 7 -42.55 16.15 -1.61
N ASP X 8 -41.56 15.44 -2.16
CA ASP X 8 -40.29 16.08 -2.38
C ASP X 8 -40.39 17.16 -3.45
N ALA X 9 -41.30 17.01 -4.41
CA ALA X 9 -41.55 18.08 -5.36
C ALA X 9 -42.01 19.34 -4.62
N ARG X 10 -42.94 19.17 -3.67
CA ARG X 10 -43.36 20.29 -2.85
C ARG X 10 -42.19 20.89 -2.10
N ILE X 11 -41.33 20.04 -1.54
CA ILE X 11 -40.18 20.53 -0.79
C ILE X 11 -39.33 21.42 -1.67
N LEU X 12 -39.03 20.96 -2.88
CA LEU X 12 -38.17 21.73 -3.77
C LEU X 12 -38.85 23.02 -4.19
N ARG X 13 -40.15 22.98 -4.45
CA ARG X 13 -40.87 24.21 -4.78
C ARG X 13 -40.74 25.22 -3.65
N ALA X 14 -40.92 24.76 -2.41
CA ALA X 14 -40.82 25.67 -1.27
C ALA X 14 -39.42 26.23 -1.14
N TYR X 15 -38.40 25.40 -1.34
CA TYR X 15 -37.04 25.90 -1.27
C TYR X 15 -36.78 26.93 -2.35
N ALA X 16 -37.28 26.69 -3.55
CA ALA X 16 -37.15 27.67 -4.61
C ALA X 16 -37.83 28.97 -4.24
N GLU X 17 -38.97 28.88 -3.57
CA GLU X 17 -39.67 30.09 -3.15
C GLU X 17 -38.85 30.87 -2.14
N ILE X 18 -38.27 30.17 -1.16
CA ILE X 18 -37.39 30.83 -0.20
C ILE X 18 -36.27 31.55 -0.93
N LEU X 19 -35.65 30.86 -1.88
CA LEU X 19 -34.53 31.44 -2.60
C LEU X 19 -34.97 32.67 -3.38
N LYS X 20 -36.14 32.60 -4.02
CA LYS X 20 -36.63 33.74 -4.78
C LYS X 20 -36.90 34.92 -3.88
N ALA X 21 -37.45 34.67 -2.69
CA ALA X 21 -37.71 35.76 -1.76
C ALA X 21 -36.41 36.40 -1.32
N HIS X 22 -35.42 35.58 -0.94
CA HIS X 22 -34.13 36.12 -0.55
C HIS X 22 -33.49 36.89 -1.69
N ALA X 23 -33.71 36.43 -2.92
CA ALA X 23 -33.16 37.12 -4.09
C ALA X 23 -33.79 38.49 -4.26
N GLU X 24 -35.11 38.56 -4.21
CA GLU X 24 -35.79 39.84 -4.30
C GLU X 24 -35.35 40.78 -3.19
N ILE X 25 -35.14 40.24 -1.99
CA ILE X 25 -34.69 41.07 -0.87
C ILE X 25 -33.31 41.63 -1.18
N LEU X 26 -32.36 40.77 -1.54
CA LEU X 26 -31.02 41.23 -1.84
C LEU X 26 -31.01 42.20 -3.01
N LYS X 27 -31.99 42.08 -3.91
CA LYS X 27 -32.17 43.08 -4.96
C LYS X 27 -32.63 44.41 -4.39
N ALA X 28 -33.57 44.36 -3.44
CA ALA X 28 -34.00 45.58 -2.77
C ALA X 28 -32.88 46.19 -1.96
N GLN X 29 -32.00 45.35 -1.41
CA GLN X 29 -30.84 45.82 -0.68
C GLN X 29 -29.88 46.55 -1.60
N GLN Y 1 -9.25 -42.59 -9.38
CA GLN Y 1 -10.53 -42.30 -8.77
C GLN Y 1 -10.62 -40.84 -8.33
N ALA Y 2 -9.46 -40.26 -8.02
CA ALA Y 2 -9.42 -38.89 -7.53
C ALA Y 2 -10.18 -37.95 -8.45
N GLU Y 3 -10.10 -38.20 -9.75
CA GLU Y 3 -10.84 -37.40 -10.73
C GLU Y 3 -12.33 -37.43 -10.45
N ILE Y 4 -12.86 -38.59 -10.08
CA ILE Y 4 -14.30 -38.71 -9.85
C ILE Y 4 -14.69 -37.86 -8.64
N LEU Y 5 -13.89 -37.93 -7.58
CA LEU Y 5 -14.19 -37.17 -6.39
C LEU Y 5 -14.09 -35.68 -6.67
N GLU Y 6 -13.11 -35.28 -7.48
CA GLU Y 6 -13.02 -33.89 -7.88
C GLU Y 6 -14.27 -33.46 -8.63
N ALA Y 7 -14.78 -34.32 -9.50
CA ALA Y 7 -16.01 -34.01 -10.22
C ALA Y 7 -17.17 -33.80 -9.25
N ASP Y 8 -17.27 -34.68 -8.24
CA ASP Y 8 -18.31 -34.51 -7.23
C ASP Y 8 -18.18 -33.16 -6.54
N ALA Y 9 -16.95 -32.80 -6.18
CA ALA Y 9 -16.71 -31.51 -5.56
C ALA Y 9 -17.20 -30.38 -6.46
N ARG Y 10 -16.97 -30.50 -7.76
CA ARG Y 10 -17.43 -29.47 -8.67
C ARG Y 10 -18.94 -29.39 -8.67
N ILE Y 11 -19.61 -30.53 -8.66
CA ILE Y 11 -21.07 -30.54 -8.58
C ILE Y 11 -21.53 -29.75 -7.37
N LEU Y 12 -20.92 -30.03 -6.22
CA LEU Y 12 -21.38 -29.38 -5.00
C LEU Y 12 -21.11 -27.89 -5.04
N ARG Y 13 -19.95 -27.48 -5.55
CA ARG Y 13 -19.67 -26.07 -5.69
C ARG Y 13 -20.68 -25.39 -6.58
N ALA Y 14 -21.09 -26.06 -7.66
CA ALA Y 14 -22.10 -25.49 -8.53
C ALA Y 14 -23.42 -25.30 -7.80
N TYR Y 15 -23.81 -26.29 -7.00
CA TYR Y 15 -25.02 -26.12 -6.21
C TYR Y 15 -24.90 -24.92 -5.28
N ALA Y 16 -23.72 -24.75 -4.68
CA ALA Y 16 -23.49 -23.60 -3.82
C ALA Y 16 -23.65 -22.31 -4.60
N GLU Y 17 -23.17 -22.30 -5.84
CA GLU Y 17 -23.33 -21.10 -6.67
C GLU Y 17 -24.79 -20.78 -6.89
N ILE Y 18 -25.58 -21.80 -7.20
CA ILE Y 18 -27.03 -21.61 -7.34
C ILE Y 18 -27.59 -20.96 -6.09
N LEU Y 19 -27.26 -21.54 -4.93
CA LEU Y 19 -27.89 -21.10 -3.70
C LEU Y 19 -27.50 -19.68 -3.37
N LYS Y 20 -26.23 -19.34 -3.58
CA LYS Y 20 -25.75 -17.99 -3.31
C LYS Y 20 -26.41 -16.98 -4.23
N ALA Y 21 -26.57 -17.33 -5.50
CA ALA Y 21 -27.26 -16.41 -6.41
C ALA Y 21 -28.69 -16.19 -5.96
N HIS Y 22 -29.34 -17.25 -5.48
CA HIS Y 22 -30.69 -17.08 -4.97
C HIS Y 22 -30.70 -16.13 -3.78
N ALA Y 23 -29.69 -16.24 -2.92
CA ALA Y 23 -29.54 -15.31 -1.81
C ALA Y 23 -29.45 -13.88 -2.32
N GLU Y 24 -28.64 -13.67 -3.35
CA GLU Y 24 -28.44 -12.32 -3.86
C GLU Y 24 -29.75 -11.77 -4.41
N ILE Y 25 -30.51 -12.63 -5.10
CA ILE Y 25 -31.85 -12.25 -5.53
C ILE Y 25 -32.64 -11.74 -4.34
N LEU Y 26 -32.81 -12.61 -3.33
CA LEU Y 26 -33.69 -12.28 -2.22
C LEU Y 26 -33.26 -10.99 -1.54
N LYS Y 27 -31.96 -10.75 -1.46
CA LYS Y 27 -31.49 -9.49 -0.90
C LYS Y 27 -31.91 -8.33 -1.79
N ALA Y 28 -31.82 -8.49 -3.10
CA ALA Y 28 -32.09 -7.38 -4.00
C ALA Y 28 -33.54 -6.91 -3.92
N GLN Y 29 -34.47 -7.81 -3.64
CA GLN Y 29 -35.88 -7.46 -3.63
C GLN Y 29 -36.17 -6.37 -2.63
N GLN Z 1 -20.10 -45.29 -4.88
CA GLN Z 1 -20.24 -43.86 -5.07
C GLN Z 1 -21.64 -43.51 -5.51
N ALA Z 2 -22.38 -44.51 -5.98
CA ALA Z 2 -23.75 -44.28 -6.42
C ALA Z 2 -24.60 -43.68 -5.31
N GLU Z 3 -24.27 -43.98 -4.06
CA GLU Z 3 -24.95 -43.37 -2.93
C GLU Z 3 -24.80 -41.85 -2.95
N ILE Z 4 -23.61 -41.37 -3.32
CA ILE Z 4 -23.39 -39.94 -3.41
C ILE Z 4 -24.29 -39.34 -4.48
N LEU Z 5 -24.43 -40.03 -5.59
CA LEU Z 5 -25.26 -39.52 -6.67
C LEU Z 5 -26.72 -39.51 -6.26
N GLU Z 6 -27.16 -40.54 -5.55
CA GLU Z 6 -28.53 -40.54 -5.03
C GLU Z 6 -28.74 -39.38 -4.06
N ALA Z 7 -27.74 -39.10 -3.22
CA ALA Z 7 -27.85 -37.98 -2.31
C ALA Z 7 -27.99 -36.67 -3.09
N ASP Z 8 -27.21 -36.50 -4.15
CA ASP Z 8 -27.33 -35.31 -4.98
C ASP Z 8 -28.72 -35.22 -5.58
N ALA Z 9 -29.25 -36.34 -6.06
CA ALA Z 9 -30.61 -36.35 -6.58
C ALA Z 9 -31.60 -35.87 -5.54
N ARG Z 10 -31.43 -36.36 -4.30
CA ARG Z 10 -32.31 -35.94 -3.21
C ARG Z 10 -32.22 -34.45 -2.98
N ILE Z 11 -30.99 -33.92 -2.94
CA ILE Z 11 -30.80 -32.50 -2.69
C ILE Z 11 -31.51 -31.69 -3.76
N LEU Z 12 -31.32 -32.07 -5.02
CA LEU Z 12 -31.93 -31.30 -6.09
C LEU Z 12 -33.45 -31.41 -6.06
N ARG Z 13 -33.99 -32.59 -5.73
CA ARG Z 13 -35.43 -32.71 -5.59
C ARG Z 13 -35.94 -31.76 -4.51
N ALA Z 14 -35.25 -31.72 -3.38
CA ALA Z 14 -35.67 -30.85 -2.29
C ALA Z 14 -35.62 -29.39 -2.71
N TYR Z 15 -34.56 -28.99 -3.40
CA TYR Z 15 -34.48 -27.62 -3.86
C TYR Z 15 -35.60 -27.30 -4.83
N ALA Z 16 -35.90 -28.22 -5.73
CA ALA Z 16 -37.01 -28.03 -6.64
C ALA Z 16 -38.32 -27.87 -5.89
N GLU Z 17 -38.48 -28.63 -4.81
CA GLU Z 17 -39.70 -28.51 -4.02
C GLU Z 17 -39.80 -27.14 -3.36
N ILE Z 18 -38.69 -26.66 -2.81
CA ILE Z 18 -38.67 -25.32 -2.24
C ILE Z 18 -39.09 -24.30 -3.29
N LEU Z 19 -38.51 -24.41 -4.48
CA LEU Z 19 -38.81 -23.46 -5.54
C LEU Z 19 -40.27 -23.55 -5.95
N LYS Z 20 -40.82 -24.76 -6.00
CA LYS Z 20 -42.21 -24.91 -6.38
C LYS Z 20 -43.14 -24.30 -5.35
N ALA Z 21 -42.83 -24.50 -4.07
CA ALA Z 21 -43.64 -23.88 -3.02
C ALA Z 21 -43.56 -22.36 -3.09
N HIS Z 22 -42.35 -21.83 -3.33
CA HIS Z 22 -42.20 -20.39 -3.44
C HIS Z 22 -42.97 -19.86 -4.64
N ALA Z 23 -42.98 -20.61 -5.74
CA ALA Z 23 -43.74 -20.20 -6.92
C ALA Z 23 -45.23 -20.19 -6.61
N GLU Z 24 -45.70 -21.24 -5.93
CA GLU Z 24 -47.12 -21.31 -5.60
C GLU Z 24 -47.52 -20.14 -4.71
N ILE Z 25 -46.72 -19.84 -3.69
CA ILE Z 25 -47.11 -18.77 -2.78
C ILE Z 25 -47.00 -17.41 -3.47
N LEU Z 26 -46.02 -17.24 -4.35
CA LEU Z 26 -45.93 -16.00 -5.11
C LEU Z 26 -47.09 -15.84 -6.08
N LYS Z 27 -47.63 -16.96 -6.57
CA LYS Z 27 -48.89 -16.91 -7.31
C LYS Z 27 -50.03 -16.51 -6.40
N ALA Z 28 -50.05 -17.04 -5.17
CA ALA Z 28 -51.05 -16.63 -4.20
C ALA Z 28 -50.91 -15.15 -3.86
N GLN Z 29 -49.69 -14.63 -3.91
CA GLN Z 29 -49.44 -13.21 -3.71
C GLN Z 29 -50.03 -12.41 -4.86
N GLN AA 1 39.83 0.10 -20.07
CA GLN AA 1 40.28 -0.60 -18.88
C GLN AA 1 39.13 -0.87 -17.92
N ALA AA 2 38.12 0.00 -17.95
CA ALA AA 2 37.03 -0.07 -16.99
C ALA AA 2 36.46 -1.47 -16.89
N GLU AA 3 36.36 -2.16 -18.02
CA GLU AA 3 35.83 -3.52 -18.02
C GLU AA 3 36.65 -4.44 -17.13
N ILE AA 4 37.96 -4.24 -17.08
CA ILE AA 4 38.81 -5.11 -16.27
C ILE AA 4 38.47 -4.95 -14.80
N LEU AA 5 38.37 -3.70 -14.35
CA LEU AA 5 38.02 -3.46 -12.96
C LEU AA 5 36.62 -3.94 -12.65
N GLU AA 6 35.72 -3.84 -13.63
CA GLU AA 6 34.39 -4.41 -13.47
C GLU AA 6 34.47 -5.91 -13.22
N ALA AA 7 35.30 -6.60 -14.00
CA ALA AA 7 35.47 -8.03 -13.80
C ALA AA 7 36.03 -8.33 -12.41
N ASP AA 8 36.98 -7.53 -11.96
CA ASP AA 8 37.50 -7.70 -10.60
C ASP AA 8 36.37 -7.58 -9.57
N ALA AA 9 35.54 -6.56 -9.73
CA ALA AA 9 34.41 -6.39 -8.84
C ALA AA 9 33.52 -7.62 -8.85
N ARG AA 10 33.32 -8.21 -10.03
CA ARG AA 10 32.51 -9.42 -10.09
C ARG AA 10 33.15 -10.55 -9.31
N ILE AA 11 34.47 -10.70 -9.43
CA ILE AA 11 35.17 -11.72 -8.65
C ILE AA 11 34.89 -11.53 -7.17
N LEU AA 12 35.02 -10.30 -6.70
CA LEU AA 12 34.86 -10.05 -5.28
C LEU AA 12 33.43 -10.32 -4.83
N ARG AA 13 32.45 -9.92 -5.64
CA ARG AA 13 31.06 -10.21 -5.30
C ARG AA 13 30.84 -11.70 -5.21
N ALA AA 14 31.47 -12.47 -6.10
CA ALA AA 14 31.32 -13.91 -6.04
C ALA AA 14 31.87 -14.46 -4.74
N TYR AA 15 33.05 -13.97 -4.33
CA TYR AA 15 33.59 -14.42 -3.05
C TYR AA 15 32.65 -14.06 -1.92
N ALA AA 16 32.02 -12.90 -1.99
CA ALA AA 16 31.04 -12.52 -0.99
C ALA AA 16 29.89 -13.50 -0.97
N GLU AA 17 29.45 -13.95 -2.14
CA GLU AA 17 28.38 -14.95 -2.19
C GLU AA 17 28.81 -16.22 -1.49
N ILE AA 18 30.05 -16.63 -1.71
CA ILE AA 18 30.57 -17.81 -1.03
C ILE AA 18 30.43 -17.65 0.47
N LEU AA 19 30.94 -16.54 0.99
CA LEU AA 19 30.94 -16.35 2.44
C LEU AA 19 29.52 -16.30 2.99
N LYS AA 20 28.63 -15.62 2.27
CA LYS AA 20 27.25 -15.50 2.75
C LYS AA 20 26.57 -16.85 2.79
N ALA AA 21 26.76 -17.67 1.75
CA ALA AA 21 26.18 -18.99 1.77
C ALA AA 21 26.74 -19.82 2.92
N HIS AA 22 28.05 -19.70 3.17
CA HIS AA 22 28.64 -20.44 4.29
C HIS AA 22 28.01 -20.02 5.60
N ALA AA 23 27.75 -18.73 5.76
CA ALA AA 23 27.08 -18.24 6.95
C ALA AA 23 25.70 -18.86 7.08
N GLU AA 24 24.97 -18.92 5.97
CA GLU AA 24 23.64 -19.50 6.02
C GLU AA 24 23.70 -20.96 6.43
N ILE AA 25 24.71 -21.68 5.91
CA ILE AA 25 24.96 -23.05 6.36
C ILE AA 25 25.06 -23.08 7.87
N LEU AA 26 26.04 -22.33 8.40
CA LEU AA 26 26.33 -22.39 9.82
C LEU AA 26 25.12 -22.05 10.66
N LYS AA 27 24.31 -21.11 10.20
CA LYS AA 27 23.08 -20.80 10.92
C LYS AA 27 22.12 -21.98 10.90
N ALA AA 28 22.02 -22.66 9.76
CA ALA AA 28 21.05 -23.75 9.65
C ALA AA 28 21.36 -24.88 10.61
N GLN AA 29 22.63 -25.12 10.91
CA GLN AA 29 23.02 -26.24 11.75
C GLN AA 29 22.36 -26.16 13.12
N GLN BA 1 48.05 -4.35 -12.31
CA GLN BA 1 46.86 -5.00 -11.79
C GLN BA 1 47.17 -6.39 -11.28
N ALA BA 2 48.32 -6.92 -11.70
CA ALA BA 2 48.70 -8.26 -11.26
C ALA BA 2 48.76 -8.36 -9.74
N GLU BA 3 49.04 -7.26 -9.06
CA GLU BA 3 49.00 -7.24 -7.61
C GLU BA 3 47.61 -7.58 -7.10
N ILE BA 4 46.57 -7.09 -7.78
CA ILE BA 4 45.21 -7.41 -7.37
C ILE BA 4 44.97 -8.90 -7.50
N LEU BA 5 45.45 -9.50 -8.58
CA LEU BA 5 45.25 -10.92 -8.79
C LEU BA 5 46.01 -11.73 -7.74
N GLU BA 6 47.21 -11.29 -7.39
CA GLU BA 6 47.95 -11.94 -6.32
C GLU BA 6 47.19 -11.86 -5.01
N ALA BA 7 46.59 -10.70 -4.73
CA ALA BA 7 45.80 -10.56 -3.53
C ALA BA 7 44.63 -11.52 -3.53
N ASP BA 8 43.98 -11.67 -4.69
CA ASP BA 8 42.88 -12.63 -4.80
C ASP BA 8 43.36 -14.04 -4.51
N ALA BA 9 44.52 -14.39 -5.08
CA ALA BA 9 45.09 -15.71 -4.82
C ALA BA 9 45.30 -15.91 -3.33
N ARG BA 10 45.84 -14.89 -2.66
CA ARG BA 10 46.05 -14.98 -1.22
C ARG BA 10 44.75 -15.20 -0.47
N ILE BA 11 43.72 -14.42 -0.83
CA ILE BA 11 42.43 -14.55 -0.15
C ILE BA 11 41.90 -15.96 -0.31
N LEU BA 12 41.96 -16.50 -1.51
CA LEU BA 12 41.42 -17.83 -1.74
C LEU BA 12 42.24 -18.89 -1.01
N ARG BA 13 43.56 -18.74 -0.98
CA ARG BA 13 44.38 -19.67 -0.20
C ARG BA 13 43.97 -19.65 1.26
N ALA BA 14 43.77 -18.45 1.81
CA ALA BA 14 43.39 -18.35 3.21
C ALA BA 14 42.04 -19.01 3.46
N TYR BA 15 41.08 -18.78 2.55
CA TYR BA 15 39.77 -19.40 2.72
C TYR BA 15 39.89 -20.92 2.66
N ALA BA 16 40.70 -21.41 1.73
CA ALA BA 16 40.92 -22.85 1.64
C ALA BA 16 41.53 -23.38 2.94
N GLU BA 17 42.42 -22.61 3.55
CA GLU BA 17 43.01 -23.05 4.79
C GLU BA 17 41.98 -23.12 5.91
N ILE BA 18 41.13 -22.10 5.99
CA ILE BA 18 40.04 -22.14 6.96
C ILE BA 18 39.21 -23.39 6.76
N LEU BA 19 38.84 -23.67 5.51
CA LEU BA 19 38.00 -24.82 5.23
C LEU BA 19 38.69 -26.11 5.59
N LYS BA 20 40.00 -26.20 5.32
CA LYS BA 20 40.73 -27.41 5.65
C LYS BA 20 40.80 -27.63 7.15
N ALA BA 21 41.02 -26.56 7.91
CA ALA BA 21 41.03 -26.69 9.36
C ALA BA 21 39.67 -27.13 9.88
N HIS BA 22 38.61 -26.53 9.34
CA HIS BA 22 37.26 -26.91 9.75
C HIS BA 22 36.99 -28.37 9.42
N ALA BA 23 37.47 -28.82 8.26
CA ALA BA 23 37.31 -30.21 7.86
C ALA BA 23 38.03 -31.14 8.82
N GLU BA 24 39.28 -30.81 9.15
CA GLU BA 24 40.05 -31.66 10.05
C GLU BA 24 39.40 -31.73 11.42
N ILE BA 25 38.93 -30.59 11.94
CA ILE BA 25 38.35 -30.60 13.27
C ILE BA 25 37.01 -31.32 13.27
N LEU BA 26 36.24 -31.21 12.19
CA LEU BA 26 35.00 -31.97 12.07
C LEU BA 26 35.27 -33.45 11.95
N LYS BA 27 36.38 -33.84 11.34
CA LYS BA 27 36.80 -35.23 11.36
C LYS BA 27 37.17 -35.67 12.77
N ALA BA 28 37.84 -34.78 13.51
CA ALA BA 28 38.13 -35.07 14.91
C ALA BA 28 36.85 -35.20 15.72
N GLN BA 29 35.82 -34.45 15.33
CA GLN BA 29 34.52 -34.55 15.97
C GLN BA 29 33.90 -35.93 15.72
N GLN CA 1 -22.09 16.68 -34.92
CA GLN CA 1 -21.54 17.95 -34.48
C GLN CA 1 -20.67 17.79 -33.26
N ALA CA 2 -20.92 16.72 -32.50
CA ALA CA 2 -20.16 16.49 -31.27
C ALA CA 2 -18.67 16.51 -31.52
N GLU CA 3 -18.25 16.00 -32.68
CA GLU CA 3 -16.84 16.02 -33.04
C GLU CA 3 -16.29 17.44 -33.06
N ILE CA 4 -17.06 18.38 -33.58
CA ILE CA 4 -16.57 19.76 -33.68
C ILE CA 4 -16.35 20.34 -32.30
N LEU CA 5 -17.31 20.10 -31.41
CA LEU CA 5 -17.19 20.61 -30.06
C LEU CA 5 -16.02 19.96 -29.34
N GLU CA 6 -15.81 18.68 -29.58
CA GLU CA 6 -14.63 18.02 -29.04
C GLU CA 6 -13.35 18.69 -29.51
N ALA CA 7 -13.30 19.04 -30.80
CA ALA CA 7 -12.13 19.73 -31.32
C ALA CA 7 -11.91 21.06 -30.63
N ASP CA 8 -13.00 21.81 -30.42
CA ASP CA 8 -12.88 23.07 -29.68
C ASP CA 8 -12.31 22.84 -28.30
N ALA CA 9 -12.81 21.82 -27.61
CA ALA CA 9 -12.29 21.49 -26.29
C ALA CA 9 -10.80 21.22 -26.36
N ARG CA 10 -10.36 20.52 -27.41
CA ARG CA 10 -8.93 20.24 -27.53
C ARG CA 10 -8.14 21.53 -27.70
N ILE CA 11 -8.66 22.44 -28.51
CA ILE CA 11 -8.00 23.74 -28.66
C ILE CA 11 -7.80 24.40 -27.31
N LEU CA 12 -8.88 24.43 -26.53
CA LEU CA 12 -8.80 25.12 -25.24
C LEU CA 12 -7.82 24.42 -24.30
N ARG CA 13 -7.83 23.10 -24.28
CA ARG CA 13 -6.88 22.38 -23.45
C ARG CA 13 -5.46 22.71 -23.86
N ALA CA 14 -5.21 22.83 -25.17
CA ALA CA 14 -3.88 23.18 -25.62
C ALA CA 14 -3.47 24.55 -25.11
N TYR CA 15 -4.38 25.52 -25.19
CA TYR CA 15 -4.05 26.85 -24.66
C TYR CA 15 -3.74 26.78 -23.17
N ALA CA 16 -4.51 25.98 -22.44
CA ALA CA 16 -4.24 25.82 -21.03
C ALA CA 16 -2.85 25.24 -20.81
N GLU CA 17 -2.46 24.28 -21.65
CA GLU CA 17 -1.13 23.73 -21.56
C GLU CA 17 -0.07 24.79 -21.76
N ILE CA 18 -0.32 25.69 -22.72
CA ILE CA 18 0.60 26.80 -22.93
C ILE CA 18 0.78 27.60 -21.64
N LEU CA 19 -0.34 28.00 -21.04
CA LEU CA 19 -0.26 28.82 -19.84
C LEU CA 19 0.46 28.08 -18.72
N LYS CA 20 0.18 26.79 -18.58
CA LYS CA 20 0.81 26.02 -17.51
C LYS CA 20 2.32 25.96 -17.71
N ALA CA 21 2.77 25.72 -18.93
CA ALA CA 21 4.19 25.71 -19.19
C ALA CA 21 4.82 27.07 -18.93
N HIS CA 22 4.08 28.13 -19.26
CA HIS CA 22 4.59 29.47 -18.97
C HIS CA 22 4.78 29.67 -17.48
N ALA CA 23 3.83 29.15 -16.69
CA ALA CA 23 3.98 29.21 -15.24
C ALA CA 23 5.21 28.44 -14.79
N GLU CA 24 5.44 27.28 -15.38
CA GLU CA 24 6.65 26.52 -15.09
C GLU CA 24 7.89 27.36 -15.33
N ILE CA 25 7.97 28.00 -16.50
CA ILE CA 25 9.09 28.89 -16.81
C ILE CA 25 9.25 29.91 -15.71
N LEU CA 26 8.18 30.65 -15.42
CA LEU CA 26 8.30 31.79 -14.51
C LEU CA 26 8.72 31.35 -13.13
N LYS CA 27 8.21 30.21 -12.65
CA LYS CA 27 8.65 29.69 -11.37
C LYS CA 27 10.12 29.34 -11.41
N ALA CA 28 10.58 28.76 -12.51
CA ALA CA 28 11.96 28.31 -12.58
C ALA CA 28 12.95 29.45 -12.43
N GLN CA 29 12.58 30.66 -12.86
CA GLN CA 29 13.49 31.79 -12.82
C GLN CA 29 13.96 32.06 -11.41
N GLN DA 1 -21.02 28.66 -34.82
CA GLN DA 1 -19.83 28.31 -34.06
C GLN DA 1 -18.70 29.27 -34.35
N ALA DA 2 -18.82 29.99 -35.47
CA ALA DA 2 -17.78 30.93 -35.84
C ALA DA 2 -17.52 31.96 -34.75
N GLU DA 3 -18.54 32.24 -33.93
CA GLU DA 3 -18.35 33.11 -32.79
C GLU DA 3 -17.29 32.56 -31.85
N ILE DA 4 -17.30 31.24 -31.61
CA ILE DA 4 -16.27 30.63 -30.77
C ILE DA 4 -14.90 30.84 -31.38
N LEU DA 5 -14.82 30.74 -32.71
CA LEU DA 5 -13.55 30.90 -33.38
C LEU DA 5 -13.04 32.33 -33.24
N GLU DA 6 -13.92 33.31 -33.43
CA GLU DA 6 -13.52 34.69 -33.21
C GLU DA 6 -13.08 34.90 -31.76
N ALA DA 7 -13.76 34.25 -30.82
CA ALA DA 7 -13.41 34.40 -29.42
C ALA DA 7 -11.99 33.91 -29.16
N ASP DA 8 -11.69 32.68 -29.59
CA ASP DA 8 -10.36 32.16 -29.35
C ASP DA 8 -9.31 32.93 -30.13
N ALA DA 9 -9.67 33.47 -31.29
CA ALA DA 9 -8.76 34.35 -32.00
C ALA DA 9 -8.40 35.56 -31.14
N ARG DA 10 -9.42 36.16 -30.52
CA ARG DA 10 -9.16 37.26 -29.59
C ARG DA 10 -8.26 36.83 -28.46
N ILE DA 11 -8.51 35.64 -27.90
CA ILE DA 11 -7.69 35.13 -26.81
C ILE DA 11 -6.24 35.08 -27.23
N LEU DA 12 -5.98 34.50 -28.39
CA LEU DA 12 -4.60 34.37 -28.84
C LEU DA 12 -3.97 35.72 -29.13
N ARG DA 13 -4.73 36.64 -29.70
CA ARG DA 13 -4.20 37.99 -29.90
C ARG DA 13 -3.78 38.61 -28.57
N ALA DA 14 -4.63 38.48 -27.56
CA ALA DA 14 -4.32 39.05 -26.26
C ALA DA 14 -3.07 38.40 -25.66
N TYR DA 15 -2.97 37.08 -25.79
CA TYR DA 15 -1.79 36.41 -25.27
C TYR DA 15 -0.53 36.89 -25.98
N ALA DA 16 -0.61 37.04 -27.29
CA ALA DA 16 0.51 37.57 -28.04
C ALA DA 16 0.88 38.96 -27.56
N GLU DA 17 -0.13 39.77 -27.24
CA GLU DA 17 0.15 41.11 -26.74
C GLU DA 17 0.88 41.06 -25.41
N ILE DA 18 0.42 40.20 -24.51
CA ILE DA 18 1.12 40.02 -23.23
C ILE DA 18 2.57 39.66 -23.48
N LEU DA 19 2.79 38.70 -24.38
CA LEU DA 19 4.14 38.25 -24.65
C LEU DA 19 4.99 39.37 -25.22
N LYS DA 20 4.42 40.17 -26.11
CA LYS DA 20 5.17 41.27 -26.71
C LYS DA 20 5.53 42.30 -25.65
N ALA DA 21 4.62 42.57 -24.73
CA ALA DA 21 4.90 43.53 -23.66
C ALA DA 21 6.03 43.01 -22.78
N HIS DA 22 5.94 41.74 -22.37
CA HIS DA 22 6.99 41.16 -21.56
C HIS DA 22 8.32 41.17 -22.30
N ALA DA 23 8.28 40.98 -23.61
CA ALA DA 23 9.49 41.00 -24.43
C ALA DA 23 10.12 42.38 -24.43
N GLU DA 24 9.32 43.41 -24.69
CA GLU DA 24 9.84 44.77 -24.67
C GLU DA 24 10.39 45.12 -23.30
N ILE DA 25 9.74 44.64 -22.23
CA ILE DA 25 10.24 44.89 -20.89
C ILE DA 25 11.61 44.25 -20.70
N LEU DA 26 11.70 42.95 -21.00
CA LEU DA 26 12.98 42.26 -20.85
C LEU DA 26 14.06 42.87 -21.73
N LYS DA 27 13.66 43.49 -22.85
CA LYS DA 27 14.60 44.24 -23.65
C LYS DA 27 15.06 45.50 -22.93
N ALA DA 28 14.13 46.20 -22.28
CA ALA DA 28 14.48 47.37 -21.49
C ALA DA 28 15.35 46.97 -20.30
N GLN DA 29 15.12 45.78 -19.76
CA GLN DA 29 15.93 45.25 -18.67
C GLN DA 29 17.36 45.00 -19.14
N GLN EA 1 26.50 -21.49 17.44
CA GLN EA 1 25.85 -22.19 18.54
C GLN EA 1 24.69 -21.39 19.10
N ALA EA 2 24.79 -20.07 18.96
CA ALA EA 2 23.76 -19.19 19.52
C ALA EA 2 22.37 -19.60 19.05
N GLU EA 3 22.26 -20.05 17.81
CA GLU EA 3 20.99 -20.54 17.28
C GLU EA 3 20.44 -21.67 18.14
N ILE EA 4 21.30 -22.59 18.58
CA ILE EA 4 20.84 -23.72 19.37
C ILE EA 4 20.27 -23.25 20.69
N LEU EA 5 20.97 -22.32 21.33
CA LEU EA 5 20.50 -21.81 22.60
C LEU EA 5 19.19 -21.06 22.44
N GLU EA 6 19.06 -20.30 21.34
CA GLU EA 6 17.80 -19.66 21.05
C GLU EA 6 16.68 -20.67 20.91
N ALA EA 7 16.96 -21.79 20.25
CA ALA EA 7 15.96 -22.84 20.11
C ALA EA 7 15.54 -23.38 21.48
N ASP EA 8 16.52 -23.59 22.36
CA ASP EA 8 16.19 -24.03 23.71
C ASP EA 8 15.28 -23.03 24.40
N ALA EA 9 15.61 -21.74 24.28
CA ALA EA 9 14.77 -20.71 24.86
C ALA EA 9 13.35 -20.81 24.33
N ARG EA 10 13.20 -21.08 23.04
CA ARG EA 10 11.87 -21.20 22.46
C ARG EA 10 11.14 -22.39 23.07
N ILE EA 11 11.83 -23.50 23.27
CA ILE EA 11 11.22 -24.66 23.92
C ILE EA 11 10.67 -24.26 25.27
N LEU EA 12 11.48 -23.56 26.06
CA LEU EA 12 11.07 -23.22 27.41
C LEU EA 12 9.89 -22.26 27.39
N ARG EA 13 9.91 -21.28 26.49
CA ARG EA 13 8.79 -20.37 26.38
C ARG EA 13 7.51 -21.12 26.02
N ALA EA 14 7.62 -22.11 25.16
CA ALA EA 14 6.44 -22.91 24.81
C ALA EA 14 5.91 -23.65 26.02
N TYR EA 15 6.80 -24.23 26.81
CA TYR EA 15 6.33 -24.87 28.04
C TYR EA 15 5.62 -23.88 28.94
N ALA EA 16 6.16 -22.66 29.03
CA ALA EA 16 5.50 -21.63 29.82
C ALA EA 16 4.11 -21.35 29.28
N GLU EA 17 3.96 -21.32 27.96
CA GLU EA 17 2.65 -21.10 27.36
C GLU EA 17 1.68 -22.18 27.78
N ILE EA 18 2.12 -23.44 27.72
CA ILE EA 18 1.29 -24.55 28.20
C ILE EA 18 0.82 -24.27 29.61
N LEU EA 19 1.77 -23.96 30.48
CA LEU EA 19 1.46 -23.87 31.90
C LEU EA 19 0.50 -22.72 32.16
N LYS EA 20 0.71 -21.60 31.48
CA LYS EA 20 -0.16 -20.45 31.65
C LYS EA 20 -1.57 -20.74 31.16
N ALA EA 21 -1.69 -21.44 30.04
CA ALA EA 21 -3.02 -21.80 29.57
C ALA EA 21 -3.71 -22.71 30.57
N HIS EA 22 -2.96 -23.63 31.18
CA HIS EA 22 -3.56 -24.47 32.20
C HIS EA 22 -4.05 -23.63 33.38
N ALA EA 23 -3.27 -22.61 33.73
CA ALA EA 23 -3.72 -21.68 34.77
C ALA EA 23 -5.04 -21.03 34.39
N GLU EA 24 -5.14 -20.59 33.14
CA GLU EA 24 -6.36 -19.90 32.72
C GLU EA 24 -7.55 -20.86 32.77
N ILE EA 25 -7.33 -22.11 32.37
CA ILE EA 25 -8.35 -23.13 32.56
C ILE EA 25 -8.82 -23.14 34.00
N LEU EA 26 -7.88 -23.41 34.91
CA LEU EA 26 -8.23 -23.61 36.31
C LEU EA 26 -8.97 -22.41 36.87
N LYS EA 27 -8.59 -21.21 36.45
CA LYS EA 27 -9.32 -20.02 36.87
C LYS EA 27 -10.74 -20.05 36.34
N ALA EA 28 -10.90 -20.46 35.09
CA ALA EA 28 -12.22 -20.38 34.47
C ALA EA 28 -13.24 -21.28 35.15
N GLN EA 29 -12.79 -22.40 35.71
CA GLN EA 29 -13.71 -23.36 36.31
C GLN EA 29 -14.51 -22.73 37.44
N GLN FA 1 25.30 -30.23 25.66
CA GLN FA 1 23.95 -29.68 25.66
C GLN FA 1 22.91 -30.77 25.86
N ALA FA 2 23.33 -32.00 25.63
CA ALA FA 2 22.41 -33.13 25.80
C ALA FA 2 21.83 -33.17 27.20
N GLU FA 3 22.57 -32.67 28.18
CA GLU FA 3 22.05 -32.57 29.54
C GLU FA 3 20.81 -31.68 29.59
N ILE FA 4 20.83 -30.59 28.82
CA ILE FA 4 19.66 -29.72 28.77
C ILE FA 4 18.47 -30.46 28.21
N LEU FA 5 18.69 -31.26 27.18
CA LEU FA 5 17.60 -32.00 26.57
C LEU FA 5 17.06 -33.05 27.53
N GLU FA 6 17.94 -33.71 28.27
CA GLU FA 6 17.49 -34.65 29.29
C GLU FA 6 16.67 -33.94 30.36
N ALA FA 7 17.09 -32.74 30.74
CA ALA FA 7 16.32 -31.98 31.72
C ALA FA 7 14.94 -31.66 31.19
N ASP FA 8 14.85 -31.27 29.91
CA ASP FA 8 13.55 -31.02 29.31
C ASP FA 8 12.69 -32.28 29.31
N ALA FA 9 13.29 -33.42 29.00
CA ALA FA 9 12.57 -34.67 29.06
C ALA FA 9 12.02 -34.91 30.46
N ARG FA 10 12.83 -34.65 31.47
CA ARG FA 10 12.38 -34.82 32.85
C ARG FA 10 11.21 -33.91 33.15
N ILE FA 11 11.31 -32.64 32.75
CA ILE FA 11 10.24 -31.69 33.02
C ILE FA 11 8.94 -32.17 32.39
N LEU FA 12 9.02 -32.60 31.14
CA LEU FA 12 7.79 -33.03 30.47
C LEU FA 12 7.23 -34.30 31.09
N ARG FA 13 8.10 -35.23 31.51
CA ARG FA 13 7.60 -36.41 32.20
C ARG FA 13 6.87 -36.01 33.48
N ALA FA 14 7.44 -35.08 34.23
CA ALA FA 14 6.80 -34.66 35.46
C ALA FA 14 5.45 -34.01 35.20
N TYR FA 15 5.39 -33.17 34.17
CA TYR FA 15 4.12 -32.53 33.84
C TYR FA 15 3.09 -33.57 33.42
N ALA FA 16 3.52 -34.56 32.64
CA ALA FA 16 2.62 -35.63 32.26
C ALA FA 16 2.11 -36.37 33.49
N GLU FA 17 2.98 -36.55 34.48
CA GLU FA 17 2.56 -37.24 35.69
C GLU FA 17 1.53 -36.42 36.45
N ILE FA 18 1.75 -35.12 36.55
CA ILE FA 18 0.76 -34.25 37.18
C ILE FA 18 -0.58 -34.39 36.47
N LEU FA 19 -0.55 -34.34 35.14
CA LEU FA 19 -1.79 -34.42 34.38
C LEU FA 19 -2.47 -35.77 34.58
N LYS FA 20 -1.67 -36.84 34.65
CA LYS FA 20 -2.25 -38.17 34.85
C LYS FA 20 -2.91 -38.28 36.21
N ALA FA 21 -2.26 -37.74 37.24
CA ALA FA 21 -2.87 -37.76 38.57
C ALA FA 21 -4.15 -36.95 38.60
N HIS FA 22 -4.13 -35.78 37.95
CA HIS FA 22 -5.33 -34.95 37.91
C HIS FA 22 -6.46 -35.67 37.17
N ALA FA 23 -6.11 -36.39 36.10
CA ALA FA 23 -7.11 -37.16 35.38
C ALA FA 23 -7.69 -38.26 36.24
N GLU FA 24 -6.82 -38.97 36.96
CA GLU FA 24 -7.28 -40.05 37.83
C GLU FA 24 -8.21 -39.51 38.90
N ILE FA 25 -7.85 -38.39 39.53
CA ILE FA 25 -8.70 -37.89 40.62
C ILE FA 25 -10.00 -37.32 40.06
N LEU FA 26 -9.96 -36.71 38.88
CA LEU FA 26 -11.18 -36.25 38.25
C LEU FA 26 -12.09 -37.40 37.84
N LYS FA 27 -11.50 -38.55 37.51
CA LYS FA 27 -12.29 -39.76 37.34
C LYS FA 27 -12.89 -40.21 38.67
N ALA FA 28 -12.11 -40.11 39.75
CA ALA FA 28 -12.64 -40.41 41.08
C ALA FA 28 -13.75 -39.44 41.44
N GLN FA 29 -13.67 -38.20 40.96
CA GLN FA 29 -14.73 -37.23 41.17
C GLN FA 29 -16.00 -37.66 40.41
N GLN GA 1 8.46 36.45 -8.31
CA GLN GA 1 9.59 36.81 -7.46
C GLN GA 1 9.58 36.04 -6.15
N ALA GA 2 8.38 35.67 -5.71
CA ALA GA 2 8.21 35.05 -4.39
C ALA GA 2 9.19 33.90 -4.19
N GLU GA 3 9.43 33.13 -5.24
CA GLU GA 3 10.36 32.02 -5.15
C GLU GA 3 11.76 32.48 -4.74
N ILE GA 4 12.17 33.66 -5.20
CA ILE GA 4 13.51 34.14 -4.87
C ILE GA 4 13.62 34.40 -3.38
N LEU GA 5 12.63 35.10 -2.82
CA LEU GA 5 12.65 35.36 -1.40
C LEU GA 5 12.54 34.08 -0.60
N GLU GA 6 11.79 33.10 -1.12
CA GLU GA 6 11.74 31.80 -0.48
C GLU GA 6 13.12 31.18 -0.42
N ALA GA 7 13.88 31.26 -1.53
CA ALA GA 7 15.23 30.73 -1.53
C ALA GA 7 16.10 31.44 -0.51
N ASP GA 8 15.95 32.77 -0.40
CA ASP GA 8 16.70 33.50 0.62
C ASP GA 8 16.38 32.98 2.00
N ALA GA 9 15.10 32.78 2.28
CA ALA GA 9 14.69 32.21 3.56
C ALA GA 9 15.36 30.87 3.80
N ARG GA 10 15.46 30.05 2.76
CA ARG GA 10 16.12 28.77 2.92
C ARG GA 10 17.59 28.95 3.29
N ILE GA 11 18.26 29.90 2.63
CA ILE GA 11 19.65 30.18 2.97
C ILE GA 11 19.77 30.50 4.46
N LEU GA 12 18.89 31.38 4.93
CA LEU GA 12 19.01 31.82 6.33
C LEU GA 12 18.72 30.67 7.27
N ARG GA 13 17.73 29.83 6.97
CA ARG GA 13 17.48 28.67 7.80
C ARG GA 13 18.68 27.75 7.84
N ALA GA 14 19.37 27.60 6.71
CA ALA GA 14 20.56 26.76 6.71
C ALA GA 14 21.63 27.34 7.63
N TYR GA 15 21.83 28.65 7.57
CA TYR GA 15 22.79 29.25 8.49
C TYR GA 15 22.38 29.03 9.94
N ALA GA 16 21.09 29.09 10.21
CA ALA GA 16 20.61 28.79 11.55
C ALA GA 16 20.96 27.37 11.95
N GLU GA 17 20.82 26.43 11.01
CA GLU GA 17 21.20 25.05 11.30
C GLU GA 17 22.67 24.96 11.67
N ILE GA 18 23.51 25.69 10.93
CA ILE GA 18 24.93 25.72 11.26
C ILE GA 18 25.14 26.15 12.70
N LEU GA 19 24.54 27.28 13.07
CA LEU GA 19 24.77 27.82 14.40
C LEU GA 19 24.26 26.87 15.47
N LYS GA 20 23.10 26.27 15.23
CA LYS GA 20 22.52 25.37 16.22
C LYS GA 20 23.39 24.15 16.42
N ALA GA 21 23.89 23.57 15.33
CA ALA GA 21 24.79 22.44 15.46
C ALA GA 21 26.05 22.83 16.21
N HIS GA 22 26.59 24.02 15.95
CA HIS GA 22 27.78 24.45 16.66
C HIS GA 22 27.50 24.56 18.15
N ALA GA 23 26.32 25.06 18.50
CA ALA GA 23 25.94 25.12 19.91
C ALA GA 23 25.89 23.74 20.52
N GLU GA 24 25.32 22.79 19.79
CA GLU GA 24 25.25 21.43 20.31
C GLU GA 24 26.65 20.87 20.53
N ILE GA 25 27.56 21.16 19.60
CA ILE GA 25 28.97 20.80 19.80
C ILE GA 25 29.45 21.33 21.13
N LEU GA 26 29.38 22.66 21.29
CA LEU GA 26 29.95 23.30 22.47
C LEU GA 26 29.34 22.75 23.75
N LYS GA 27 28.06 22.43 23.72
CA LYS GA 27 27.45 21.81 24.90
C LYS GA 27 28.05 20.45 25.17
N ALA GA 28 28.27 19.67 24.11
CA ALA GA 28 28.74 18.30 24.31
C ALA GA 28 30.13 18.26 24.96
N GLN GA 29 30.96 19.26 24.71
CA GLN GA 29 32.32 19.26 25.23
C GLN GA 29 32.33 19.19 26.74
N GLN HA 1 17.98 43.18 -4.89
CA GLN HA 1 18.15 42.05 -3.99
C GLN HA 1 19.62 41.75 -3.77
N ALA HA 2 20.47 42.28 -4.65
CA ALA HA 2 21.90 42.05 -4.52
C ALA HA 2 22.42 42.50 -3.17
N GLU HA 3 21.78 43.49 -2.57
CA GLU HA 3 22.14 43.92 -1.22
C GLU HA 3 21.97 42.78 -0.23
N ILE HA 4 20.90 42.00 -0.39
CA ILE HA 4 20.69 40.86 0.50
C ILE HA 4 21.83 39.87 0.35
N LEU HA 5 22.26 39.62 -0.88
CA LEU HA 5 23.34 38.67 -1.10
C LEU HA 5 24.65 39.19 -0.53
N GLU HA 6 24.89 40.49 -0.66
CA GLU HA 6 26.06 41.08 -0.02
C GLU HA 6 26.01 40.91 1.49
N ALA HA 7 24.84 41.10 2.07
CA ALA HA 7 24.69 40.90 3.51
C ALA HA 7 25.00 39.47 3.89
N ASP HA 8 24.54 38.52 3.08
CA ASP HA 8 24.85 37.12 3.34
C ASP HA 8 26.34 36.88 3.27
N ALA HA 9 27.01 37.45 2.27
CA ALA HA 9 28.45 37.32 2.18
C ALA HA 9 29.13 37.85 3.43
N ARG HA 10 28.66 39.01 3.92
CA ARG HA 10 29.22 39.58 5.13
C ARG HA 10 29.04 38.64 6.31
N ILE HA 11 27.83 38.09 6.47
CA ILE HA 11 27.56 37.20 7.59
C ILE HA 11 28.50 36.00 7.55
N LEU HA 12 28.66 35.41 6.37
CA LEU HA 12 29.50 34.23 6.28
C LEU HA 12 30.96 34.58 6.52
N ARG HA 13 31.42 35.73 6.04
CA ARG HA 13 32.79 36.15 6.33
C ARG HA 13 32.99 36.28 7.84
N ALA HA 14 32.02 36.89 8.52
CA ALA HA 14 32.14 37.06 9.96
C ALA HA 14 32.18 35.72 10.67
N TYR HA 15 31.32 34.79 10.25
CA TYR HA 15 31.34 33.48 10.87
C TYR HA 15 32.66 32.78 10.64
N ALA HA 16 33.20 32.90 9.42
CA ALA HA 16 34.50 32.32 9.13
C ALA HA 16 35.57 32.92 10.02
N GLU HA 17 35.47 34.22 10.29
CA GLU HA 17 36.44 34.87 11.16
C GLU HA 17 36.35 34.34 12.58
N ILE HA 18 35.13 34.19 13.09
CA ILE HA 18 34.95 33.59 14.41
C ILE HA 18 35.60 32.22 14.45
N LEU HA 19 35.34 31.41 13.43
CA LEU HA 19 35.88 30.06 13.41
C LEU HA 19 37.40 30.07 13.35
N LYS HA 20 37.96 31.00 12.58
CA LYS HA 20 39.42 31.08 12.48
C LYS HA 20 40.04 31.48 13.80
N ALA HA 21 39.43 32.43 14.50
CA ALA HA 21 39.94 32.82 15.81
C ALA HA 21 39.85 31.66 16.79
N HIS HA 22 38.73 30.94 16.77
CA HIS HA 22 38.58 29.78 17.66
C HIS HA 22 39.62 28.72 17.34
N ALA HA 23 39.91 28.53 16.05
CA ALA HA 23 40.92 27.56 15.64
C ALA HA 23 42.29 27.97 16.14
N GLU HA 24 42.65 29.24 15.97
CA GLU HA 24 43.95 29.71 16.41
C GLU HA 24 44.09 29.58 17.92
N ILE HA 25 43.05 29.93 18.67
CA ILE HA 25 43.17 29.87 20.12
C ILE HA 25 43.21 28.42 20.59
N LEU HA 26 42.47 27.53 19.92
CA LEU HA 26 42.55 26.11 20.25
C LEU HA 26 43.91 25.53 19.91
N LYS HA 27 44.56 26.05 18.87
CA LYS HA 27 45.95 25.68 18.59
C LYS HA 27 46.87 26.20 19.70
N ALA HA 28 46.60 27.41 20.19
CA ALA HA 28 47.36 27.93 21.32
C ALA HA 28 47.13 27.07 22.56
N GLN HA 29 45.94 26.50 22.68
CA GLN HA 29 45.62 25.60 23.78
C GLN HA 29 46.45 24.32 23.67
N GLN IA 1 -36.86 -9.57 4.28
CA GLN IA 1 -37.59 -8.35 4.57
C GLN IA 1 -36.74 -7.35 5.32
N ALA IA 2 -35.73 -7.86 6.02
CA ALA IA 2 -34.87 -7.00 6.83
C ALA IA 2 -34.30 -5.86 6.00
N GLU IA 3 -33.99 -6.12 4.74
CA GLU IA 3 -33.49 -5.09 3.84
C GLU IA 3 -34.47 -3.93 3.72
N ILE IA 4 -35.76 -4.24 3.64
CA ILE IA 4 -36.76 -3.18 3.47
C ILE IA 4 -36.78 -2.29 4.69
N LEU IA 5 -36.75 -2.90 5.87
CA LEU IA 5 -36.77 -2.14 7.10
C LEU IA 5 -35.51 -1.30 7.23
N GLU IA 6 -34.38 -1.86 6.82
CA GLU IA 6 -33.15 -1.08 6.78
C GLU IA 6 -33.30 0.14 5.89
N ALA IA 7 -33.93 -0.03 4.74
CA ALA IA 7 -34.14 1.10 3.84
C ALA IA 7 -35.01 2.17 4.50
N ASP IA 8 -36.06 1.75 5.19
CA ASP IA 8 -36.89 2.70 5.92
C ASP IA 8 -36.07 3.46 6.94
N ALA IA 9 -35.23 2.74 7.69
CA ALA IA 9 -34.35 3.40 8.64
C ALA IA 9 -33.49 4.45 7.97
N ARG IA 10 -32.98 4.13 6.78
CA ARG IA 10 -32.16 5.10 6.07
C ARG IA 10 -32.96 6.34 5.70
N ILE IA 11 -34.19 6.14 5.25
CA ILE IA 11 -35.06 7.28 4.96
C ILE IA 11 -35.17 8.19 6.17
N LEU IA 12 -35.45 7.58 7.33
CA LEU IA 12 -35.66 8.39 8.52
C LEU IA 12 -34.39 9.11 8.93
N ARG IA 13 -33.24 8.43 8.84
CA ARG IA 13 -31.99 9.09 9.15
C ARG IA 13 -31.76 10.28 8.23
N ALA IA 14 -32.11 10.13 6.96
CA ALA IA 14 -31.95 11.25 6.04
C ALA IA 14 -32.81 12.43 6.45
N TYR IA 15 -34.06 12.17 6.84
CA TYR IA 15 -34.91 13.26 7.29
C TYR IA 15 -34.32 13.93 8.53
N ALA IA 16 -33.77 13.13 9.43
CA ALA IA 16 -33.12 13.70 10.60
C ALA IA 16 -31.97 14.59 10.20
N GLU IA 17 -31.20 14.16 9.20
CA GLU IA 17 -30.10 14.98 8.71
C GLU IA 17 -30.62 16.31 8.19
N ILE IA 18 -31.75 16.28 7.49
CA ILE IA 18 -32.37 17.52 7.02
C ILE IA 18 -32.62 18.45 8.18
N LEU IA 19 -33.29 17.94 9.21
CA LEU IA 19 -33.64 18.80 10.35
C LEU IA 19 -32.39 19.34 11.03
N LYS IA 20 -31.36 18.51 11.15
CA LYS IA 20 -30.14 18.96 11.82
C LYS IA 20 -29.47 20.07 11.03
N ALA IA 21 -29.41 19.93 9.71
CA ALA IA 21 -28.84 21.00 8.90
C ALA IA 21 -29.67 22.26 9.00
N HIS IA 22 -30.99 22.13 9.09
CA HIS IA 22 -31.83 23.30 9.26
C HIS IA 22 -31.52 24.00 10.57
N ALA IA 23 -31.27 23.23 11.62
CA ALA IA 23 -30.86 23.81 12.89
C ALA IA 23 -29.55 24.56 12.74
N GLU IA 24 -28.61 23.96 12.01
CA GLU IA 24 -27.36 24.65 11.73
C GLU IA 24 -27.60 26.00 11.09
N ILE IA 25 -28.42 26.02 10.05
CA ILE IA 25 -28.79 27.28 9.39
C ILE IA 25 -29.29 28.28 10.41
N LEU IA 26 -30.31 27.87 11.17
CA LEU IA 26 -30.99 28.81 12.05
C LEU IA 26 -30.06 29.36 13.10
N LYS IA 27 -29.18 28.51 13.65
CA LYS IA 27 -28.19 29.00 14.60
C LYS IA 27 -27.26 30.00 13.94
N ALA IA 28 -26.86 29.74 12.70
CA ALA IA 28 -25.89 30.60 12.05
C ALA IA 28 -26.39 32.03 11.89
N GLN IA 29 -27.70 32.19 11.75
CA GLN IA 29 -28.26 33.53 11.52
C GLN IA 29 -27.91 34.48 12.64
N GLN JA 1 -46.64 -2.59 4.96
CA GLN JA 1 -45.61 -1.58 5.14
C GLN JA 1 -46.02 -0.27 4.51
N ALA JA 2 -46.99 -0.34 3.60
CA ALA JA 2 -47.45 0.86 2.92
C ALA JA 2 -47.92 1.92 3.90
N GLU JA 3 -48.38 1.50 5.08
CA GLU JA 3 -48.73 2.44 6.12
C GLU JA 3 -47.54 3.31 6.51
N ILE JA 4 -46.35 2.70 6.62
CA ILE JA 4 -45.16 3.47 6.92
C ILE JA 4 -44.89 4.49 5.83
N LEU JA 5 -45.14 4.10 4.59
CA LEU JA 5 -44.90 5.01 3.47
C LEU JA 5 -45.87 6.19 3.52
N GLU JA 6 -47.14 5.91 3.79
CA GLU JA 6 -48.10 7.00 3.95
C GLU JA 6 -47.69 7.91 5.11
N ALA JA 7 -47.17 7.31 6.18
CA ALA JA 7 -46.77 8.11 7.33
C ALA JA 7 -45.66 9.08 6.97
N ASP JA 8 -44.59 8.56 6.35
CA ASP JA 8 -43.50 9.45 6.00
C ASP JA 8 -43.91 10.45 4.92
N ALA JA 9 -44.84 10.07 4.05
CA ALA JA 9 -45.40 11.05 3.11
C ALA JA 9 -46.04 12.20 3.87
N ARG JA 10 -46.82 11.88 4.89
CA ARG JA 10 -47.41 12.92 5.72
C ARG JA 10 -46.33 13.78 6.37
N ILE JA 11 -45.27 13.14 6.86
CA ILE JA 11 -44.19 13.87 7.49
C ILE JA 11 -43.61 14.89 6.53
N LEU JA 12 -43.32 14.46 5.31
CA LEU JA 12 -42.73 15.36 4.34
C LEU JA 12 -43.69 16.47 3.94
N ARG JA 13 -44.98 16.15 3.80
CA ARG JA 13 -45.95 17.19 3.52
C ARG JA 13 -45.94 18.25 4.62
N ALA JA 14 -45.92 17.81 5.87
CA ALA JA 14 -45.92 18.76 6.98
C ALA JA 14 -44.66 19.61 6.98
N TYR JA 15 -43.52 18.99 6.69
CA TYR JA 15 -42.28 19.76 6.65
C TYR JA 15 -42.34 20.79 5.54
N ALA JA 16 -42.87 20.40 4.39
CA ALA JA 16 -43.03 21.35 3.29
C ALA JA 16 -43.93 22.50 3.70
N GLU JA 17 -44.98 22.19 4.47
CA GLU JA 17 -45.87 23.25 4.93
C GLU JA 17 -45.15 24.21 5.85
N ILE JA 18 -44.36 23.69 6.79
CA ILE JA 18 -43.56 24.55 7.65
C ILE JA 18 -42.68 25.45 6.82
N LEU JA 19 -42.00 24.87 5.83
CA LEU JA 19 -41.09 25.65 5.01
C LEU JA 19 -41.85 26.73 4.23
N LYS JA 20 -43.02 26.40 3.71
CA LYS JA 20 -43.79 27.38 2.97
C LYS JA 20 -44.24 28.52 3.87
N ALA JA 21 -44.62 28.20 5.11
CA ALA JA 21 -45.02 29.25 6.03
C ALA JA 21 -43.85 30.16 6.36
N HIS JA 22 -42.70 29.57 6.66
CA HIS JA 22 -41.51 30.37 6.93
C HIS JA 22 -41.13 31.22 5.72
N ALA JA 23 -41.36 30.68 4.52
CA ALA JA 23 -41.06 31.43 3.30
C ALA JA 23 -41.97 32.64 3.16
N GLU JA 24 -43.27 32.43 3.34
CA GLU JA 24 -44.21 33.54 3.26
C GLU JA 24 -43.88 34.59 4.32
N ILE JA 25 -43.48 34.15 5.51
CA ILE JA 25 -43.11 35.09 6.57
C ILE JA 25 -41.91 35.92 6.14
N LEU JA 26 -40.84 35.26 5.71
CA LEU JA 26 -39.64 35.97 5.28
C LEU JA 26 -39.94 36.87 4.10
N LYS JA 27 -40.94 36.53 3.30
CA LYS JA 27 -41.40 37.43 2.24
C LYS JA 27 -42.09 38.65 2.82
N ALA JA 28 -42.91 38.45 3.85
CA ALA JA 28 -43.54 39.57 4.53
C ALA JA 28 -42.49 40.44 5.23
N GLN JA 29 -41.43 39.81 5.71
CA GLN JA 29 -40.33 40.54 6.34
C GLN JA 29 -39.62 41.41 5.32
N GLN KA 1 -16.24 -41.67 -16.80
CA GLN KA 1 -17.48 -41.12 -16.28
C GLN KA 1 -17.31 -39.70 -15.79
N ALA KA 2 -16.08 -39.37 -15.37
CA ALA KA 2 -15.81 -38.04 -14.83
C ALA KA 2 -16.27 -36.95 -15.78
N GLU KA 3 -16.13 -37.18 -17.08
CA GLU KA 3 -16.60 -36.24 -18.07
C GLU KA 3 -18.09 -35.96 -17.91
N ILE KA 4 -18.89 -37.00 -17.64
CA ILE KA 4 -20.32 -36.82 -17.51
C ILE KA 4 -20.64 -35.92 -16.33
N LEU KA 5 -19.96 -36.18 -15.21
CA LEU KA 5 -20.20 -35.39 -14.01
C LEU KA 5 -19.77 -33.95 -14.22
N GLU KA 6 -18.67 -33.75 -14.94
CA GLU KA 6 -18.26 -32.40 -15.29
C GLU KA 6 -19.32 -31.70 -16.11
N ALA KA 7 -19.93 -32.43 -17.05
CA ALA KA 7 -21.00 -31.84 -17.85
C ALA KA 7 -22.18 -31.43 -16.97
N ASP KA 8 -22.54 -32.29 -16.01
CA ASP KA 8 -23.60 -31.93 -15.08
C ASP KA 8 -23.25 -30.65 -14.33
N ALA KA 9 -22.01 -30.55 -13.86
CA ALA KA 9 -21.57 -29.35 -13.18
C ALA KA 9 -21.75 -28.13 -14.07
N ARG KA 10 -21.42 -28.28 -15.36
CA ARG KA 10 -21.59 -27.15 -16.27
C ARG KA 10 -23.05 -26.76 -16.39
N ILE KA 11 -23.94 -27.75 -16.47
CA ILE KA 11 -25.37 -27.45 -16.51
C ILE KA 11 -25.76 -26.60 -15.30
N LEU KA 12 -25.32 -27.02 -14.12
CA LEU KA 12 -25.74 -26.32 -12.92
C LEU KA 12 -25.17 -24.92 -12.88
N ARG KA 13 -23.91 -24.76 -13.29
CA ARG KA 13 -23.33 -23.42 -13.34
C ARG KA 13 -24.11 -22.53 -14.29
N ALA KA 14 -24.56 -23.09 -15.42
CA ALA KA 14 -25.35 -22.29 -16.35
C ALA KA 14 -26.66 -21.85 -15.72
N TYR KA 15 -27.31 -22.75 -15.00
CA TYR KA 15 -28.52 -22.35 -14.30
C TYR KA 15 -28.22 -21.22 -13.32
N ALA KA 16 -27.11 -21.32 -12.61
CA ALA KA 16 -26.72 -20.25 -11.71
C ALA KA 16 -26.54 -18.94 -12.45
N GLU KA 17 -25.96 -19.00 -13.65
CA GLU KA 17 -25.81 -17.79 -14.44
C GLU KA 17 -27.16 -17.16 -14.76
N ILE KA 18 -28.11 -17.99 -15.17
CA ILE KA 18 -29.46 -17.50 -15.42
C ILE KA 18 -29.98 -16.77 -14.19
N LEU KA 19 -29.87 -17.43 -13.04
CA LEU KA 19 -30.51 -16.90 -11.85
C LEU KA 19 -29.85 -15.58 -11.43
N LYS KA 20 -28.53 -15.52 -11.53
CA LYS KA 20 -27.81 -14.30 -11.17
C LYS KA 20 -28.16 -13.16 -12.11
N ALA KA 21 -28.29 -13.45 -13.40
CA ALA KA 21 -28.70 -12.39 -14.32
C ALA KA 21 -30.09 -11.88 -13.98
N HIS KA 22 -30.98 -12.80 -13.59
CA HIS KA 22 -32.31 -12.36 -13.19
C HIS KA 22 -32.23 -11.45 -11.96
N ALA KA 23 -31.33 -11.79 -11.04
CA ALA KA 23 -31.09 -10.93 -9.89
C ALA KA 23 -30.67 -9.54 -10.33
N GLU KA 24 -29.75 -9.48 -11.29
CA GLU KA 24 -29.23 -8.19 -11.73
C GLU KA 24 -30.35 -7.37 -12.37
N ILE KA 25 -31.21 -8.03 -13.15
CA ILE KA 25 -32.41 -7.39 -13.67
C ILE KA 25 -33.18 -6.75 -12.53
N LEU KA 26 -33.60 -7.57 -11.57
CA LEU KA 26 -34.48 -7.09 -10.52
C LEU KA 26 -33.86 -5.94 -9.76
N LYS KA 27 -32.54 -5.97 -9.56
CA LYS KA 27 -31.89 -4.84 -8.93
C LYS KA 27 -31.98 -3.60 -9.80
N ALA KA 28 -31.81 -3.76 -11.11
CA ALA KA 28 -31.77 -2.60 -11.98
C ALA KA 28 -33.09 -1.84 -12.01
N GLN KA 29 -34.21 -2.54 -11.83
CA GLN KA 29 -35.51 -1.91 -11.92
C GLN KA 29 -35.66 -0.80 -10.91
N GLN LA 1 -27.76 -42.15 -13.26
CA GLN LA 1 -27.58 -40.72 -13.42
C GLN LA 1 -28.85 -40.07 -13.95
N ALA LA 2 -29.72 -40.89 -14.52
CA ALA LA 2 -30.98 -40.37 -15.06
C ALA LA 2 -31.77 -39.63 -13.99
N GLU LA 3 -31.62 -40.02 -12.73
CA GLU LA 3 -32.26 -39.30 -11.65
C GLU LA 3 -31.79 -37.85 -11.60
N ILE LA 4 -30.50 -37.62 -11.85
CA ILE LA 4 -29.99 -36.26 -11.87
C ILE LA 4 -30.66 -35.46 -12.98
N LEU LA 5 -30.83 -36.10 -14.14
CA LEU LA 5 -31.45 -35.40 -15.25
C LEU LA 5 -32.91 -35.09 -14.96
N GLU LA 6 -33.61 -36.02 -14.32
CA GLU LA 6 -34.98 -35.75 -13.92
C GLU LA 6 -35.04 -34.59 -12.93
N ALA LA 7 -34.08 -34.54 -12.01
CA ALA LA 7 -34.02 -33.43 -11.07
C ALA LA 7 -33.83 -32.11 -11.80
N ASP LA 8 -32.95 -32.10 -12.79
CA ASP LA 8 -32.76 -30.89 -13.58
C ASP LA 8 -34.04 -30.50 -14.29
N ALA LA 9 -34.75 -31.48 -14.85
CA ALA LA 9 -36.02 -31.19 -15.48
C ALA LA 9 -36.98 -30.55 -14.49
N ARG LA 10 -37.03 -31.07 -13.27
CA ARG LA 10 -37.90 -30.51 -12.25
C ARG LA 10 -37.52 -29.06 -11.95
N ILE LA 11 -36.22 -28.82 -11.79
CA ILE LA 11 -35.76 -27.47 -11.48
C ILE LA 11 -36.19 -26.50 -12.57
N LEU LA 12 -35.99 -26.89 -13.83
CA LEU LA 12 -36.33 -26.00 -14.92
C LEU LA 12 -37.83 -25.78 -15.01
N ARG LA 13 -38.62 -26.84 -14.77
CA ARG LA 13 -40.07 -26.65 -14.74
C ARG LA 13 -40.47 -25.65 -13.67
N ALA LA 14 -39.87 -25.77 -12.49
CA ALA LA 14 -40.21 -24.85 -11.41
C ALA LA 14 -39.83 -23.42 -11.77
N TYR LA 15 -38.66 -23.24 -12.36
CA TYR LA 15 -38.25 -21.90 -12.76
C TYR LA 15 -39.19 -21.34 -13.81
N ALA LA 16 -39.60 -22.17 -14.76
CA ALA LA 16 -40.56 -21.73 -15.75
C ALA LA 16 -41.86 -21.32 -15.10
N GLU LA 17 -42.27 -22.05 -14.06
CA GLU LA 17 -43.50 -21.70 -13.38
C GLU LA 17 -43.37 -20.35 -12.67
N ILE LA 18 -42.25 -20.12 -12.02
CA ILE LA 18 -42.00 -18.82 -11.40
C ILE LA 18 -42.12 -17.72 -12.45
N LEU LA 19 -41.46 -17.93 -13.59
CA LEU LA 19 -41.48 -16.91 -14.63
C LEU LA 19 -42.89 -16.69 -15.16
N LYS LA 20 -43.66 -17.76 -15.30
CA LYS LA 20 -45.02 -17.62 -15.79
C LYS LA 20 -45.89 -16.84 -14.82
N ALA LA 21 -45.74 -17.12 -13.53
CA ALA LA 21 -46.49 -16.37 -12.53
C ALA LA 21 -46.09 -14.90 -12.53
N HIS LA 22 -44.79 -14.64 -12.65
CA HIS LA 22 -44.33 -13.26 -12.70
C HIS LA 22 -44.88 -12.55 -13.93
N ALA LA 23 -44.94 -13.25 -15.07
CA ALA LA 23 -45.50 -12.67 -16.27
C ALA LA 23 -46.98 -12.37 -16.09
N GLU LA 24 -47.71 -13.30 -15.50
CA GLU LA 24 -49.14 -13.10 -15.27
C GLU LA 24 -49.37 -11.88 -14.38
N ILE LA 25 -48.61 -11.77 -13.29
CA ILE LA 25 -48.85 -10.66 -12.37
C ILE LA 25 -48.40 -9.34 -13.00
N LEU LA 26 -47.33 -9.35 -13.79
CA LEU LA 26 -46.93 -8.15 -14.50
C LEU LA 26 -47.96 -7.74 -15.55
N LYS LA 27 -48.66 -8.71 -16.13
CA LYS LA 27 -49.82 -8.39 -16.96
C LYS LA 27 -50.93 -7.78 -16.13
N ALA LA 28 -51.16 -8.31 -14.93
CA ALA LA 28 -52.13 -7.73 -14.02
C ALA LA 28 -51.72 -6.31 -13.63
N GLN LA 29 -50.42 -6.06 -13.55
CA GLN LA 29 -49.91 -4.72 -13.29
C GLN LA 29 -50.23 -3.80 -14.46
N GLN MA 1 41.26 -9.84 -22.00
CA GLN MA 1 41.45 -10.65 -20.80
C GLN MA 1 40.20 -10.70 -19.95
N ALA MA 2 39.40 -9.63 -20.03
CA ALA MA 2 38.24 -9.48 -19.16
C ALA MA 2 37.38 -10.73 -19.16
N GLU MA 3 37.24 -11.38 -20.32
CA GLU MA 3 36.44 -12.60 -20.41
C GLU MA 3 36.99 -13.68 -19.49
N ILE MA 4 38.31 -13.75 -19.33
CA ILE MA 4 38.88 -14.80 -18.49
C ILE MA 4 38.46 -14.60 -17.04
N LEU MA 5 38.57 -13.36 -16.55
CA LEU MA 5 38.17 -13.08 -15.19
C LEU MA 5 36.67 -13.28 -15.02
N GLU MA 6 35.90 -12.97 -16.06
CA GLU MA 6 34.47 -13.26 -16.01
C GLU MA 6 34.22 -14.75 -15.82
N ALA MA 7 34.96 -15.58 -16.55
CA ALA MA 7 34.82 -17.02 -16.39
C ALA MA 7 35.17 -17.45 -14.98
N ASP MA 8 36.23 -16.87 -14.42
CA ASP MA 8 36.58 -17.17 -13.03
C ASP MA 8 35.43 -16.84 -12.10
N ALA MA 9 34.84 -15.66 -12.28
CA ALA MA 9 33.69 -15.28 -11.48
C ALA MA 9 32.57 -16.30 -11.60
N ARG MA 10 32.35 -16.82 -12.81
CA ARG MA 10 31.32 -17.83 -12.99
C ARG MA 10 31.65 -19.09 -12.20
N ILE MA 11 32.92 -19.49 -12.22
CA ILE MA 11 33.33 -20.66 -11.42
C ILE MA 11 32.97 -20.44 -9.96
N LEU MA 12 33.30 -19.27 -9.44
CA LEU MA 12 33.08 -19.03 -8.03
C LEU MA 12 31.59 -18.99 -7.71
N ARG MA 13 30.79 -18.38 -8.57
CA ARG MA 13 29.35 -18.40 -8.35
C ARG MA 13 28.81 -19.82 -8.34
N ALA MA 14 29.35 -20.67 -9.21
CA ALA MA 14 28.91 -22.07 -9.21
C ALA MA 14 29.23 -22.73 -7.88
N TYR MA 15 30.43 -22.50 -7.37
CA TYR MA 15 30.76 -23.07 -6.07
C TYR MA 15 29.81 -22.55 -4.99
N ALA MA 16 29.45 -21.28 -5.08
CA ALA MA 16 28.48 -20.73 -4.14
C ALA MA 16 27.16 -21.47 -4.25
N GLU MA 17 26.74 -21.78 -5.47
CA GLU MA 17 25.50 -22.53 -5.65
C GLU MA 17 25.60 -23.87 -4.96
N ILE MA 18 26.74 -24.54 -5.10
CA ILE MA 18 26.95 -25.81 -4.41
C ILE MA 18 26.72 -25.64 -2.92
N LEU MA 19 27.40 -24.67 -2.32
CA LEU MA 19 27.31 -24.52 -0.87
C LEU MA 19 25.89 -24.18 -0.45
N LYS MA 20 25.21 -23.33 -1.20
CA LYS MA 20 23.87 -22.93 -0.84
C LYS MA 20 22.91 -24.11 -0.89
N ALA MA 21 23.03 -24.93 -1.93
CA ALA MA 21 22.19 -26.12 -2.01
C ALA MA 21 22.48 -27.06 -0.86
N HIS MA 22 23.74 -27.21 -0.50
CA HIS MA 22 24.07 -28.08 0.63
C HIS MA 22 23.44 -27.56 1.92
N ALA MA 23 23.43 -26.25 2.09
CA ALA MA 23 22.77 -25.65 3.25
C ALA MA 23 21.29 -25.98 3.24
N GLU MA 24 20.66 -25.86 2.08
CA GLU MA 24 19.24 -26.15 1.99
C GLU MA 24 18.98 -27.61 2.35
N ILE MA 25 19.84 -28.51 1.90
CA ILE MA 25 19.77 -29.91 2.32
C ILE MA 25 19.75 -29.99 3.83
N LEU MA 26 20.80 -29.46 4.46
CA LEU MA 26 20.96 -29.61 5.90
C LEU MA 26 19.77 -29.05 6.64
N LYS MA 27 19.21 -27.95 6.15
CA LYS MA 27 18.01 -27.40 6.78
C LYS MA 27 16.85 -28.36 6.65
N ALA MA 28 16.70 -28.98 5.48
CA ALA MA 28 15.55 -29.85 5.25
C ALA MA 28 15.52 -31.05 6.19
N GLN MA 29 16.70 -31.54 6.60
CA GLN MA 29 16.76 -32.73 7.42
C GLN MA 29 16.03 -32.54 8.73
N GLN NA 1 47.71 -16.05 -13.78
CA GLN NA 1 46.37 -16.44 -13.38
C GLN NA 1 46.35 -17.88 -12.90
N ALA NA 2 47.39 -18.63 -13.23
CA ALA NA 2 47.46 -20.03 -12.82
C ALA NA 2 47.35 -20.16 -11.31
N GLU NA 3 47.81 -19.15 -10.57
CA GLU NA 3 47.64 -19.15 -9.12
C GLU NA 3 46.18 -19.21 -8.74
N ILE NA 4 45.32 -18.50 -9.48
CA ILE NA 4 43.89 -18.54 -9.19
C ILE NA 4 43.36 -19.95 -9.39
N LEU NA 5 43.80 -20.61 -10.46
CA LEU NA 5 43.33 -21.96 -10.72
C LEU NA 5 43.82 -22.92 -9.65
N GLU NA 6 45.05 -22.74 -9.19
CA GLU NA 6 45.54 -23.56 -8.09
C GLU NA 6 44.71 -23.35 -6.84
N ALA NA 7 44.34 -22.09 -6.57
CA ALA NA 7 43.50 -21.81 -5.43
C ALA NA 7 42.15 -22.51 -5.57
N ASP NA 8 41.59 -22.50 -6.76
CA ASP NA 8 40.34 -23.21 -7.00
C ASP NA 8 40.49 -24.69 -6.73
N ALA NA 9 41.60 -25.28 -7.21
CA ALA NA 9 41.85 -26.69 -6.95
C ALA NA 9 41.90 -26.95 -5.46
N ARG NA 10 42.57 -26.07 -4.72
CA ARG NA 10 42.65 -26.23 -3.26
C ARG NA 10 41.26 -26.19 -2.64
N ILE NA 11 40.45 -25.22 -3.04
CA ILE NA 11 39.11 -25.08 -2.49
C ILE NA 11 38.32 -26.36 -2.72
N LEU NA 12 38.37 -26.87 -3.94
CA LEU NA 12 37.59 -28.06 -4.25
C LEU NA 12 38.11 -29.28 -3.51
N ARG NA 13 39.42 -29.40 -3.36
CA ARG NA 13 39.96 -30.50 -2.55
C ARG NA 13 39.45 -30.42 -1.13
N ALA NA 14 39.44 -29.22 -0.55
CA ALA NA 14 38.98 -29.06 0.81
C ALA NA 14 37.51 -29.43 0.93
N TYR NA 15 36.70 -29.00 -0.04
CA TYR NA 15 35.28 -29.33 0.00
C TYR NA 15 35.09 -30.84 -0.11
N ALA NA 16 35.86 -31.48 -0.98
CA ALA NA 16 35.78 -32.93 -1.11
C ALA NA 16 36.15 -33.59 0.21
N GLU NA 17 37.13 -33.04 0.92
CA GLU NA 17 37.52 -33.62 2.19
C GLU NA 17 36.40 -33.49 3.22
N ILE NA 18 35.77 -32.32 3.27
CA ILE NA 18 34.61 -32.14 4.14
C ILE NA 18 33.56 -33.19 3.83
N LEU NA 19 33.26 -33.37 2.55
CA LEU NA 19 32.23 -34.32 2.16
C LEU NA 19 32.61 -35.74 2.53
N LYS NA 20 33.89 -36.08 2.37
CA LYS NA 20 34.33 -37.42 2.70
C LYS NA 20 34.22 -37.68 4.19
N ALA NA 21 34.59 -36.69 5.02
CA ALA NA 21 34.45 -36.85 6.45
C ALA NA 21 32.99 -37.00 6.84
N HIS NA 22 32.12 -36.19 6.25
CA HIS NA 22 30.69 -36.30 6.54
C HIS NA 22 30.16 -37.67 6.12
N ALA NA 23 30.64 -38.18 5.00
CA ALA NA 23 30.23 -39.50 4.54
C ALA NA 23 30.65 -40.57 5.52
N GLU NA 24 31.91 -40.52 5.95
CA GLU NA 24 32.41 -41.52 6.88
C GLU NA 24 31.65 -41.48 8.19
N ILE NA 25 31.38 -40.28 8.72
CA ILE NA 25 30.70 -40.20 10.00
C ILE NA 25 29.24 -40.63 9.86
N LEU NA 26 28.62 -40.33 8.72
CA LEU NA 26 27.26 -40.81 8.48
C LEU NA 26 27.22 -42.33 8.33
N LYS NA 27 28.29 -42.91 7.79
CA LYS NA 27 28.41 -44.37 7.80
C LYS NA 27 28.57 -44.90 9.22
N ALA NA 28 29.33 -44.19 10.04
CA ALA NA 28 29.44 -44.55 11.45
C ALA NA 28 28.09 -44.43 12.15
N GLN NA 29 27.27 -43.49 11.71
CA GLN NA 29 25.92 -43.32 12.24
C GLN NA 29 25.07 -44.52 11.88
N GLN OA 1 -14.47 19.45 -41.13
CA GLN OA 1 -13.71 20.57 -40.60
C GLN OA 1 -12.99 20.21 -39.32
N ALA OA 2 -13.51 19.20 -38.62
CA ALA OA 2 -12.94 18.80 -37.35
C ALA OA 2 -11.45 18.51 -37.48
N GLU OA 3 -11.04 17.95 -38.61
CA GLU OA 3 -9.64 17.68 -38.87
C GLU OA 3 -8.80 18.96 -38.79
N ILE OA 4 -9.32 20.06 -39.33
CA ILE OA 4 -8.56 21.30 -39.36
C ILE OA 4 -8.35 21.79 -37.93
N LEU OA 5 -9.40 21.75 -37.13
CA LEU OA 5 -9.30 22.20 -35.75
C LEU OA 5 -8.35 21.30 -34.96
N GLU OA 6 -8.39 20.01 -35.24
CA GLU OA 6 -7.42 19.11 -34.63
C GLU OA 6 -5.99 19.51 -34.98
N ALA OA 7 -5.77 19.87 -36.24
CA ALA OA 7 -4.43 20.29 -36.64
C ALA OA 7 -4.01 21.55 -35.89
N ASP OA 8 -4.93 22.50 -35.73
CA ASP OA 8 -4.63 23.70 -34.95
C ASP OA 8 -4.23 23.32 -33.53
N ALA OA 9 -5.00 22.42 -32.92
CA ALA OA 9 -4.67 21.96 -31.59
C ALA OA 9 -3.26 21.39 -31.54
N ARG OA 10 -2.88 20.64 -32.57
CA ARG OA 10 -1.53 20.07 -32.58
C ARG OA 10 -0.49 21.17 -32.66
N ILE OA 11 -0.74 22.20 -33.48
CA ILE OA 11 0.18 23.33 -33.53
C ILE OA 11 0.39 23.91 -32.14
N LEU OA 12 -0.71 24.14 -31.43
CA LEU OA 12 -0.61 24.78 -30.13
C LEU OA 12 0.13 23.88 -29.14
N ARG OA 13 -0.16 22.58 -29.17
CA ARG OA 13 0.56 21.67 -28.29
C ARG OA 13 2.04 21.70 -28.57
N ALA OA 14 2.41 21.80 -29.85
CA ALA OA 14 3.83 21.87 -30.19
C ALA OA 14 4.47 23.12 -29.60
N TYR OA 15 3.78 24.26 -29.71
CA TYR OA 15 4.33 25.47 -29.12
C TYR OA 15 4.49 25.32 -27.61
N ALA OA 16 3.51 24.69 -26.97
CA ALA OA 16 3.62 24.44 -25.54
C ALA OA 16 4.84 23.59 -25.24
N GLU OA 17 5.09 22.59 -26.07
CA GLU OA 17 6.27 21.75 -25.89
C GLU OA 17 7.54 22.58 -25.97
N ILE OA 18 7.57 23.53 -26.92
CA ILE OA 18 8.71 24.44 -27.01
C ILE OA 18 8.94 25.15 -25.69
N LEU OA 19 7.87 25.77 -25.17
CA LEU OA 19 8.03 26.53 -23.93
C LEU OA 19 8.47 25.64 -22.79
N LYS OA 20 7.94 24.43 -22.71
CA LYS OA 20 8.30 23.54 -21.63
C LYS OA 20 9.76 23.16 -21.71
N ALA OA 21 10.26 22.86 -22.90
CA ALA OA 21 11.67 22.55 -23.04
C ALA OA 21 12.53 23.76 -22.69
N HIS OA 22 12.06 24.95 -23.04
CA HIS OA 22 12.81 26.15 -22.66
C HIS OA 22 12.91 26.28 -21.15
N ALA OA 23 11.82 25.95 -20.46
CA ALA OA 23 11.84 25.94 -19.00
C ALA OA 23 12.85 24.94 -18.48
N GLU OA 24 12.88 23.76 -19.10
CA GLU OA 24 13.88 22.76 -18.73
C GLU OA 24 15.28 23.34 -18.84
N ILE OA 25 15.59 23.96 -19.99
CA ILE OA 25 16.89 24.61 -20.17
C ILE OA 25 17.17 25.56 -19.02
N LEU OA 26 16.25 26.49 -18.80
CA LEU OA 26 16.51 27.56 -17.84
C LEU OA 26 16.73 27.02 -16.44
N LYS OA 27 15.95 26.01 -16.05
CA LYS OA 27 16.16 25.38 -14.76
C LYS OA 27 17.53 24.73 -14.68
N ALA OA 28 17.95 24.10 -15.77
CA ALA OA 28 19.22 23.37 -15.75
C ALA OA 28 20.40 24.28 -15.47
N GLN OA 29 20.32 25.54 -15.89
CA GLN OA 29 21.43 26.47 -15.73
C GLN OA 29 21.84 26.61 -14.28
N GLN PA 1 -10.99 30.94 -40.52
CA GLN PA 1 -9.96 30.34 -39.68
C GLN PA 1 -8.64 31.06 -39.84
N ALA PA 2 -8.51 31.80 -40.94
CA ALA PA 2 -7.26 32.52 -41.20
C ALA PA 2 -6.90 33.45 -40.05
N GLU PA 3 -7.90 33.92 -39.31
CA GLU PA 3 -7.63 34.71 -38.11
C GLU PA 3 -6.79 33.93 -37.11
N ILE PA 4 -7.10 32.65 -36.93
CA ILE PA 4 -6.30 31.82 -36.04
C ILE PA 4 -4.86 31.75 -36.53
N LEU PA 5 -4.69 31.66 -37.84
CA LEU PA 5 -3.36 31.57 -38.41
C LEU PA 5 -2.58 32.86 -38.18
N GLU PA 6 -3.23 34.00 -38.40
CA GLU PA 6 -2.58 35.27 -38.09
C GLU PA 6 -2.22 35.34 -36.62
N ALA PA 7 -3.09 34.84 -35.75
CA ALA PA 7 -2.84 34.89 -34.32
C ALA PA 7 -1.58 34.10 -33.97
N ASP PA 8 -1.51 32.85 -34.43
CA ASP PA 8 -0.33 32.07 -34.08
C ASP PA 8 0.91 32.62 -34.76
N ALA PA 9 0.77 33.24 -35.93
CA ALA PA 9 1.91 33.93 -36.52
C ALA PA 9 2.42 35.01 -35.59
N ARG PA 10 1.50 35.80 -35.03
CA ARG PA 10 1.89 36.81 -34.06
C ARG PA 10 2.59 36.18 -32.86
N ILE PA 11 2.06 35.06 -32.38
CA ILE PA 11 2.66 34.37 -31.25
C ILE PA 11 4.10 34.02 -31.54
N LEU PA 12 4.34 33.43 -32.71
CA LEU PA 12 5.69 33.01 -33.05
C LEU PA 12 6.60 34.22 -33.24
N ARG PA 13 6.10 35.30 -33.82
CA ARG PA 13 6.90 36.50 -33.94
C ARG PA 13 7.33 36.99 -32.56
N ALA PA 14 6.39 37.03 -31.63
CA ALA PA 14 6.71 37.49 -30.28
C ALA PA 14 7.73 36.60 -29.61
N TYR PA 15 7.58 35.28 -29.78
CA TYR PA 15 8.55 34.37 -29.20
C TYR PA 15 9.93 34.59 -29.78
N ALA PA 16 10.00 34.79 -31.09
CA ALA PA 16 11.27 35.08 -31.74
C ALA PA 16 11.86 36.37 -31.18
N GLU PA 17 11.01 37.36 -30.91
CA GLU PA 17 11.52 38.60 -30.34
C GLU PA 17 12.10 38.38 -28.96
N ILE PA 18 11.41 37.61 -28.12
CA ILE PA 18 11.94 37.27 -26.81
C ILE PA 18 13.30 36.61 -26.95
N LEU PA 19 13.39 35.65 -27.86
CA LEU PA 19 14.65 34.93 -28.03
C LEU PA 19 15.75 35.86 -28.49
N LYS PA 20 15.44 36.77 -29.41
CA LYS PA 20 16.44 37.71 -29.90
C LYS PA 20 16.92 38.62 -28.79
N ALA PA 21 16.00 39.07 -27.93
CA ALA PA 21 16.39 39.93 -26.81
C ALA PA 21 17.30 39.17 -25.85
N HIS PA 22 16.92 37.94 -25.50
CA HIS PA 22 17.76 37.14 -24.62
C HIS PA 22 19.12 36.88 -25.26
N ALA PA 23 19.16 36.74 -26.58
CA ALA PA 23 20.41 36.51 -27.29
C ALA PA 23 21.31 37.74 -27.20
N GLU PA 24 20.76 38.91 -27.48
CA GLU PA 24 21.54 40.14 -27.37
C GLU PA 24 22.03 40.33 -25.94
N ILE PA 25 21.21 39.98 -24.95
CA ILE PA 25 21.63 40.11 -23.57
C ILE PA 25 22.81 39.19 -23.29
N LEU PA 26 22.68 37.91 -23.63
CA LEU PA 26 23.76 36.95 -23.40
C LEU PA 26 25.02 37.35 -24.18
N LYS PA 27 24.84 38.07 -25.29
CA LYS PA 27 25.99 38.63 -26.00
C LYS PA 27 26.63 39.75 -25.19
N ALA PA 28 25.81 40.61 -24.59
CA ALA PA 28 26.33 41.66 -23.73
C ALA PA 28 26.98 41.07 -22.50
N GLN PA 29 26.47 39.94 -22.02
CA GLN PA 29 27.06 39.24 -20.89
C GLN PA 29 28.45 38.71 -21.25
N GLN QA 1 30.94 -12.98 20.71
CA GLN QA 1 30.53 -13.76 21.87
C GLN QA 1 29.29 -13.18 22.51
N ALA QA 2 29.09 -11.88 22.34
CA ALA QA 2 27.96 -11.20 22.96
C ALA QA 2 26.65 -11.90 22.63
N GLU QA 3 26.54 -12.41 21.40
CA GLU QA 3 25.36 -13.17 21.01
C GLU QA 3 25.11 -14.36 21.92
N ILE QA 4 26.18 -15.06 22.30
CA ILE QA 4 26.02 -16.25 23.15
C ILE QA 4 25.47 -15.85 24.50
N LEU QA 5 26.02 -14.77 25.06
CA LEU QA 5 25.56 -14.32 26.37
C LEU QA 5 24.11 -13.84 26.30
N GLU QA 6 23.74 -13.19 25.20
CA GLU QA 6 22.36 -12.81 25.02
C GLU QA 6 21.46 -14.04 24.98
N ALA QA 7 21.91 -15.10 24.32
CA ALA QA 7 21.13 -16.33 24.29
C ALA QA 7 20.95 -16.89 25.69
N ASP QA 8 22.01 -16.88 26.49
CA ASP QA 8 21.90 -17.33 27.87
C ASP QA 8 20.85 -16.50 28.62
N ALA QA 9 20.90 -15.19 28.44
CA ALA QA 9 19.92 -14.32 29.07
C ALA QA 9 18.51 -14.72 28.67
N ARG QA 10 18.32 -15.06 27.40
CA ARG QA 10 16.99 -15.48 26.95
C ARG QA 10 16.57 -16.77 27.65
N ILE QA 11 17.49 -17.70 27.79
CA ILE QA 11 17.18 -18.94 28.51
C ILE QA 11 16.67 -18.60 29.91
N LEU QA 12 17.39 -17.73 30.60
CA LEU QA 12 17.02 -17.44 31.98
C LEU QA 12 15.67 -16.73 32.04
N ARG QA 13 15.43 -15.80 31.12
CA ARG QA 13 14.12 -15.15 31.09
C ARG QA 13 13.01 -16.15 30.86
N ALA QA 14 13.26 -17.13 30.00
CA ALA QA 14 12.24 -18.15 29.77
C ALA QA 14 11.96 -18.94 31.04
N TYR QA 15 13.01 -19.30 31.77
CA TYR QA 15 12.80 -19.99 33.04
C TYR QA 15 11.96 -19.13 33.97
N ALA QA 16 12.24 -17.83 33.99
CA ALA QA 16 11.45 -16.92 34.82
C ALA QA 16 9.99 -16.94 34.39
N GLU QA 17 9.74 -17.00 33.09
CA GLU QA 17 8.37 -17.06 32.61
C GLU QA 17 7.68 -18.30 33.12
N ILE QA 18 8.36 -19.44 33.05
CA ILE QA 18 7.81 -20.68 33.61
C ILE QA 18 7.41 -20.46 35.06
N LEU QA 19 8.35 -19.93 35.84
CA LEU QA 19 8.13 -19.85 37.27
C LEU QA 19 6.98 -18.91 37.60
N LYS QA 20 6.91 -17.79 36.89
CA LYS QA 20 5.84 -16.84 37.11
C LYS QA 20 4.49 -17.43 36.75
N ALA QA 21 4.42 -18.18 35.65
CA ALA QA 21 3.16 -18.82 35.30
C ALA QA 21 2.75 -19.80 36.37
N HIS QA 22 3.71 -20.53 36.93
CA HIS QA 22 3.38 -21.45 38.02
C HIS QA 22 2.83 -20.69 39.21
N ALA QA 23 3.40 -19.51 39.48
CA ALA QA 23 2.86 -18.65 40.53
C ALA QA 23 1.42 -18.31 40.26
N GLU QA 24 1.12 -17.94 39.01
CA GLU QA 24 -0.24 -17.53 38.68
C GLU QA 24 -1.20 -18.68 38.85
N ILE QA 25 -0.76 -19.88 38.46
CA ILE QA 25 -1.54 -21.09 38.76
C ILE QA 25 -1.88 -21.14 40.23
N LEU QA 26 -0.83 -21.19 41.06
CA LEU QA 26 -1.03 -21.40 42.49
C LEU QA 26 -1.95 -20.35 43.09
N LYS QA 27 -1.85 -19.12 42.61
CA LYS QA 27 -2.77 -18.09 43.08
C LYS QA 27 -4.19 -18.41 42.66
N ALA QA 28 -4.38 -18.90 41.43
CA ALA QA 28 -5.73 -19.10 40.93
C ALA QA 28 -6.48 -20.18 41.71
N GLN QA 29 -5.77 -21.16 42.24
CA GLN QA 29 -6.42 -22.26 42.95
C GLN QA 29 -7.23 -21.77 44.12
N GLN RA 1 32.20 -21.49 29.16
CA GLN RA 1 30.77 -21.21 29.27
C GLN RA 1 30.00 -22.48 29.57
N ALA RA 2 30.64 -23.62 29.33
CA ALA RA 2 29.99 -24.90 29.59
C ALA RA 2 29.53 -25.01 31.04
N GLU RA 3 30.23 -24.33 31.95
CA GLU RA 3 29.81 -24.30 33.35
C GLU RA 3 28.43 -23.67 33.47
N ILE RA 4 28.16 -22.63 32.69
CA ILE RA 4 26.84 -22.01 32.74
C ILE RA 4 25.78 -23.00 32.29
N LEU RA 5 26.09 -23.77 31.25
CA LEU RA 5 25.12 -24.74 30.75
C LEU RA 5 24.88 -25.84 31.77
N GLU RA 6 25.94 -26.28 32.46
CA GLU RA 6 25.77 -27.25 33.52
C GLU RA 6 24.91 -26.69 34.64
N ALA RA 7 25.11 -25.41 34.96
CA ALA RA 7 24.27 -24.78 35.98
C ALA RA 7 22.82 -24.78 35.57
N ASP RA 8 22.55 -24.47 34.30
CA ASP RA 8 21.18 -24.51 33.81
C ASP RA 8 20.60 -25.90 33.91
N ALA RA 9 21.40 -26.91 33.57
CA ALA RA 9 20.95 -28.28 33.71
C ALA RA 9 20.57 -28.58 35.15
N ARG RA 10 21.40 -28.11 36.09
CA ARG RA 10 21.11 -28.33 37.50
C ARG RA 10 19.79 -27.67 37.89
N ILE RA 11 19.60 -26.42 37.45
CA ILE RA 11 18.38 -25.69 37.79
C ILE RA 11 17.17 -26.44 37.29
N LEU RA 12 17.23 -26.91 36.04
CA LEU RA 12 16.07 -27.59 35.48
C LEU RA 12 15.83 -28.92 36.18
N ARG RA 13 16.90 -29.64 36.53
CA ARG RA 13 16.71 -30.87 37.29
C ARG RA 13 16.01 -30.59 38.61
N ALA RA 14 16.44 -29.54 39.30
CA ALA RA 14 15.83 -29.20 40.58
C ALA RA 14 14.36 -28.85 40.41
N TYR RA 15 14.04 -28.07 39.38
CA TYR RA 15 12.66 -27.72 39.14
C TYR RA 15 11.83 -28.96 38.83
N ALA RA 16 12.38 -29.87 38.04
CA ALA RA 16 11.69 -31.12 37.76
C ALA RA 16 11.46 -31.90 39.03
N GLU RA 17 12.41 -31.87 39.95
CA GLU RA 17 12.24 -32.59 41.22
C GLU RA 17 11.12 -31.97 42.04
N ILE RA 18 11.08 -30.64 42.10
CA ILE RA 18 9.98 -29.97 42.78
C ILE RA 18 8.66 -30.40 42.20
N LEU RA 19 8.57 -30.39 40.87
CA LEU RA 19 7.32 -30.76 40.22
C LEU RA 19 6.95 -32.20 40.50
N LYS RA 20 7.94 -33.08 40.53
CA LYS RA 20 7.66 -34.49 40.79
C LYS RA 20 7.16 -34.68 42.21
N ALA RA 21 7.75 -34.00 43.18
CA ALA RA 21 7.28 -34.09 44.55
C ALA RA 21 5.87 -33.54 44.67
N HIS RA 22 5.59 -32.43 44.01
CA HIS RA 22 4.25 -31.86 44.03
C HIS RA 22 3.24 -32.81 43.42
N ALA RA 23 3.63 -33.49 42.34
CA ALA RA 23 2.76 -34.47 41.70
C ALA RA 23 2.49 -35.64 42.64
N GLU RA 24 3.54 -36.12 43.30
CA GLU RA 24 3.38 -37.23 44.23
C GLU RA 24 2.44 -36.86 45.36
N ILE RA 25 2.61 -35.68 45.94
CA ILE RA 25 1.78 -35.32 47.07
C ILE RA 25 0.35 -35.04 46.63
N LEU RA 26 0.17 -34.48 45.43
CA LEU RA 26 -1.18 -34.29 44.90
C LEU RA 26 -1.84 -35.62 44.60
N LYS RA 27 -1.07 -36.64 44.24
CA LYS RA 27 -1.61 -37.99 44.16
C LYS RA 27 -1.99 -38.50 45.54
N ALA RA 28 -1.17 -38.21 46.55
CA ALA RA 28 -1.52 -38.56 47.92
C ALA RA 28 -2.77 -37.83 48.36
N GLN RA 29 -2.98 -36.62 47.85
CA GLN RA 29 -4.20 -35.87 48.12
C GLN RA 29 -5.41 -36.57 47.49
N GLN SA 1 -0.54 39.17 -4.49
CA GLN SA 1 0.55 39.78 -3.74
C GLN SA 1 0.80 39.08 -2.42
N ALA SA 2 -0.26 38.49 -1.87
CA ALA SA 2 -0.18 37.90 -0.55
C ALA SA 2 1.02 36.98 -0.40
N GLU SA 3 1.34 36.23 -1.46
CA GLU SA 3 2.48 35.34 -1.43
C GLU SA 3 3.78 36.09 -1.14
N ILE SA 4 3.90 37.31 -1.66
CA ILE SA 4 5.13 38.06 -1.45
C ILE SA 4 5.30 38.39 0.03
N LEU SA 5 4.24 38.88 0.65
CA LEU SA 5 4.32 39.20 2.07
C LEU SA 5 4.53 37.94 2.90
N GLU SA 6 3.96 36.82 2.45
CA GLU SA 6 4.23 35.56 3.11
C GLU SA 6 5.71 35.23 3.07
N ALA SA 7 6.34 35.43 1.91
CA ALA SA 7 7.77 35.19 1.79
C ALA SA 7 8.56 36.10 2.73
N ASP SA 8 8.15 37.36 2.82
CA ASP SA 8 8.81 38.27 3.75
C ASP SA 8 8.72 37.73 5.17
N ALA SA 9 7.52 37.30 5.56
CA ALA SA 9 7.35 36.71 6.89
C ALA SA 9 8.30 35.54 7.10
N ARG SA 10 8.48 34.73 6.06
CA ARG SA 10 9.40 33.60 6.19
C ARG SA 10 10.82 34.08 6.42
N ILE SA 11 11.23 35.13 5.71
CA ILE SA 11 12.55 35.71 5.92
C ILE SA 11 12.72 36.10 7.38
N LEU SA 12 11.73 36.80 7.92
CA LEU SA 12 11.85 37.29 9.28
C LEU SA 12 11.89 36.14 10.28
N ARG SA 13 11.08 35.11 10.06
CA ARG SA 13 11.12 33.95 10.95
C ARG SA 13 12.49 33.29 10.90
N ALA SA 14 13.10 33.25 9.72
CA ALA SA 14 14.43 32.68 9.62
C ALA SA 14 15.44 33.48 10.44
N TYR SA 15 15.35 34.81 10.35
CA TYR SA 15 16.25 35.62 11.16
C TYR SA 15 16.01 35.36 12.65
N ALA SA 16 14.75 35.18 13.03
CA ALA SA 16 14.46 34.84 14.41
C ALA SA 16 15.11 33.53 14.81
N GLU SA 17 15.10 32.55 13.91
CA GLU SA 17 15.77 31.29 14.18
C GLU SA 17 17.25 31.51 14.43
N ILE SA 18 17.87 32.36 13.60
CA ILE SA 18 19.28 32.70 13.80
C ILE SA 18 19.50 33.20 15.22
N LEU SA 19 18.73 34.21 15.61
CA LEU SA 19 18.95 34.83 16.91
C LEU SA 19 18.72 33.83 18.03
N LYS SA 20 17.68 33.00 17.91
CA LYS SA 20 17.39 32.05 18.97
C LYS SA 20 18.51 31.02 19.11
N ALA SA 21 19.02 30.53 17.99
CA ALA SA 21 20.14 29.60 18.08
C ALA SA 21 21.35 30.27 18.71
N HIS SA 22 21.60 31.53 18.37
CA HIS SA 22 22.74 32.22 18.96
C HIS SA 22 22.56 32.32 20.47
N ALA SA 23 21.34 32.58 20.91
CA ALA SA 23 21.07 32.62 22.35
C ALA SA 23 21.35 31.28 22.99
N GLU SA 24 20.93 30.20 22.33
CA GLU SA 24 21.18 28.88 22.88
C GLU SA 24 22.68 28.62 22.99
N ILE SA 25 23.44 29.05 21.99
CA ILE SA 25 24.90 28.99 22.07
C ILE SA 25 25.36 29.66 23.35
N LEU SA 26 25.03 30.95 23.48
CA LEU SA 26 25.55 31.73 24.59
C LEU SA 26 25.18 31.12 25.93
N LYS SA 27 23.99 30.54 26.03
CA LYS SA 27 23.60 29.86 27.25
C LYS SA 27 24.48 28.65 27.50
N ALA SA 28 24.79 27.90 26.44
CA ALA SA 28 25.55 26.67 26.62
C ALA SA 28 26.95 26.93 27.16
N GLN SA 29 27.54 28.07 26.82
CA GLN SA 29 28.91 28.36 27.23
C GLN SA 29 29.06 28.35 28.72
N GLN TA 1 7.64 47.81 -2.01
CA GLN TA 1 8.12 46.77 -1.12
C GLN TA 1 9.63 46.78 -1.01
N ALA TA 2 10.27 47.44 -1.97
CA ALA TA 2 11.73 47.51 -1.97
C ALA TA 2 12.25 48.10 -0.66
N GLU TA 3 11.47 48.97 -0.03
CA GLU TA 3 11.85 49.50 1.28
C GLU TA 3 11.99 48.39 2.30
N ILE TA 4 11.10 47.40 2.24
CA ILE TA 4 11.20 46.27 3.16
C ILE TA 4 12.50 45.52 2.94
N LEU TA 5 12.88 45.33 1.68
CA LEU TA 5 14.10 44.61 1.38
C LEU TA 5 15.31 45.40 1.85
N GLU TA 6 15.27 46.73 1.68
CA GLU TA 6 16.35 47.56 2.19
C GLU TA 6 16.45 47.44 3.69
N ALA TA 7 15.31 47.41 4.38
CA ALA TA 7 15.32 47.24 5.82
C ALA TA 7 15.96 45.91 6.20
N ASP TA 8 15.63 44.85 5.46
CA ASP TA 8 16.24 43.55 5.71
C ASP TA 8 17.75 43.62 5.53
N ALA TA 9 18.19 44.27 4.47
CA ALA TA 9 19.62 44.44 4.25
C ALA TA 9 20.27 45.13 5.43
N ARG TA 10 19.62 46.19 5.93
CA ARG TA 10 20.15 46.90 7.08
C ARG TA 10 20.26 45.99 8.30
N ILE TA 11 19.20 45.22 8.57
CA ILE TA 11 19.21 44.33 9.71
C ILE TA 11 20.36 43.35 9.62
N LEU TA 12 20.54 42.75 8.45
CA LEU TA 12 21.60 41.77 8.30
C LEU TA 12 22.97 42.41 8.41
N ARG TA 13 23.15 43.62 7.87
CA ARG TA 13 24.42 44.31 8.05
C ARG TA 13 24.71 44.54 9.52
N ALA TA 14 23.70 44.97 10.27
CA ALA TA 14 23.90 45.21 11.69
C ALA TA 14 24.26 43.93 12.42
N TYR TA 15 23.58 42.83 12.09
CA TYR TA 15 23.91 41.56 12.73
C TYR TA 15 25.33 41.14 12.40
N ALA TA 16 25.74 41.33 11.15
CA ALA TA 16 27.10 41.01 10.76
C ALA TA 16 28.09 41.85 11.54
N GLU TA 17 27.74 43.11 11.79
CA GLU TA 17 28.64 43.97 12.56
C GLU TA 17 28.77 43.48 13.99
N ILE TA 18 27.64 43.11 14.61
CA ILE TA 18 27.68 42.53 15.95
C ILE TA 18 28.61 41.32 15.96
N LEU TA 19 28.44 40.44 14.98
CA LEU TA 19 29.25 39.23 14.94
C LEU TA 19 30.71 39.55 14.76
N LYS TA 20 31.02 40.54 13.92
CA LYS TA 20 32.41 40.91 13.70
C LYS TA 20 33.04 41.47 14.96
N ALA TA 21 32.30 42.30 15.69
CA ALA TA 21 32.83 42.83 16.94
C ALA TA 21 33.05 41.71 17.94
N HIS TA 22 32.11 40.78 18.03
CA HIS TA 22 32.27 39.66 18.95
C HIS TA 22 33.48 38.82 18.56
N ALA TA 23 33.69 38.64 17.26
CA ALA TA 23 34.85 37.88 16.78
C ALA TA 23 36.14 38.58 17.16
N GLU TA 24 36.21 39.88 16.94
CA GLU TA 24 37.43 40.62 17.26
C GLU TA 24 37.72 40.57 18.75
N ILE TA 25 36.69 40.74 19.58
CA ILE TA 25 36.93 40.75 21.02
C ILE TA 25 37.29 39.36 21.51
N LEU TA 26 36.71 38.31 20.92
CA LEU TA 26 37.10 36.96 21.26
C LEU TA 26 38.53 36.65 20.82
N LYS TA 27 38.97 37.25 19.72
CA LYS TA 27 40.37 37.16 19.34
C LYS TA 27 41.25 37.89 20.34
N ALA TA 28 40.78 39.04 20.84
CA ALA TA 28 41.50 39.74 21.89
C ALA TA 28 41.55 38.90 23.16
N GLN TA 29 40.51 38.11 23.39
CA GLN TA 29 40.48 37.20 24.53
C GLN TA 29 41.55 36.12 24.39
N GLN UA 1 -34.36 -14.57 12.74
CA GLN UA 1 -35.30 -13.51 13.07
C GLN UA 1 -34.61 -12.33 13.73
N ALA UA 2 -33.46 -12.60 14.35
CA ALA UA 2 -32.74 -11.56 15.07
C ALA UA 2 -32.48 -10.35 14.17
N GLU UA 3 -32.24 -10.60 12.89
CA GLU UA 3 -32.02 -9.52 11.94
C GLU UA 3 -33.23 -8.59 11.87
N ILE UA 4 -34.43 -9.16 11.91
CA ILE UA 4 -35.63 -8.33 11.81
C ILE UA 4 -35.74 -7.41 13.01
N LEU UA 5 -35.49 -7.97 14.19
CA LEU UA 5 -35.57 -7.17 15.40
C LEU UA 5 -34.50 -6.10 15.41
N GLU UA 6 -33.31 -6.44 14.92
CA GLU UA 6 -32.28 -5.42 14.76
C GLU UA 6 -32.74 -4.29 13.87
N ALA UA 7 -33.41 -4.63 12.77
CA ALA UA 7 -33.92 -3.59 11.87
C ALA UA 7 -34.93 -2.70 12.59
N ASP UA 8 -35.82 -3.30 13.38
CA ASP UA 8 -36.77 -2.52 14.15
C ASP UA 8 -36.04 -1.56 15.09
N ALA UA 9 -35.02 -2.07 15.76
CA ALA UA 9 -34.22 -1.21 16.64
C ALA UA 9 -33.64 -0.05 15.87
N ARG UA 10 -33.17 -0.29 14.65
CA ARG UA 10 -32.63 0.80 13.86
C ARG UA 10 -33.69 1.83 13.54
N ILE UA 11 -34.89 1.38 13.20
CA ILE UA 11 -35.99 2.31 12.95
C ILE UA 11 -36.19 3.21 14.16
N LEU UA 12 -36.25 2.61 15.34
CA LEU UA 12 -36.53 3.39 16.53
C LEU UA 12 -35.40 4.37 16.82
N ARG UA 13 -34.15 3.93 16.65
CA ARG UA 13 -33.03 4.84 16.84
C ARG UA 13 -33.12 6.02 15.89
N ALA UA 14 -33.54 5.77 14.64
CA ALA UA 14 -33.68 6.86 13.70
C ALA UA 14 -34.74 7.85 14.17
N TYR UA 15 -35.86 7.35 14.65
CA TYR UA 15 -36.89 8.28 15.16
C TYR UA 15 -36.35 9.10 16.32
N ALA UA 16 -35.57 8.45 17.19
CA ALA UA 16 -34.97 9.18 18.29
C ALA UA 16 -34.05 10.28 17.78
N GLU UA 17 -33.30 9.98 16.72
CA GLU UA 17 -32.43 10.98 16.12
C GLU UA 17 -33.25 12.15 15.63
N ILE UA 18 -34.41 11.88 15.02
CA ILE UA 18 -35.30 12.94 14.58
C ILE UA 18 -35.64 13.85 15.76
N LEU UA 19 -36.11 13.25 16.85
CA LEU UA 19 -36.53 14.06 17.99
C LEU UA 19 -35.37 14.87 18.55
N LYS UA 20 -34.18 14.26 18.61
CA LYS UA 20 -33.04 14.97 19.15
C LYS UA 20 -32.67 16.17 18.29
N ALA UA 21 -32.70 16.00 16.97
CA ALA UA 21 -32.41 17.13 16.10
C ALA UA 21 -33.48 18.21 16.25
N HIS UA 22 -34.72 17.80 16.45
CA HIS UA 22 -35.77 18.79 16.66
C HIS UA 22 -35.51 19.59 17.93
N ALA UA 23 -35.02 18.91 18.97
CA ALA UA 23 -34.65 19.61 20.20
C ALA UA 23 -33.53 20.61 19.92
N GLU UA 24 -32.55 20.19 19.12
CA GLU UA 24 -31.49 21.09 18.73
C GLU UA 24 -32.05 22.35 18.08
N ILE UA 25 -32.95 22.17 17.11
CA ILE UA 25 -33.61 23.30 16.47
C ILE UA 25 -34.21 24.22 17.51
N LEU UA 26 -35.08 23.64 18.35
CA LEU UA 26 -35.86 24.45 19.27
C LEU UA 26 -34.97 25.22 20.24
N LYS UA 27 -33.91 24.59 20.71
CA LYS UA 27 -32.96 25.29 21.58
C LYS UA 27 -32.31 26.44 20.82
N ALA UA 28 -31.96 26.22 19.56
CA ALA UA 28 -31.24 27.23 18.81
C ALA UA 28 -32.04 28.52 18.67
N GLN UA 29 -33.36 28.42 18.63
CA GLN UA 29 -34.20 29.60 18.43
C GLN UA 29 -33.96 30.64 19.50
N GLN VA 1 -45.27 -9.70 14.12
CA GLN VA 1 -44.46 -8.50 14.20
C GLN VA 1 -45.18 -7.31 13.57
N ALA VA 2 -46.18 -7.61 12.75
CA ALA VA 2 -46.93 -6.55 12.09
C ALA VA 2 -47.53 -5.57 13.09
N GLU VA 3 -47.80 -6.03 14.31
CA GLU VA 3 -48.26 -5.14 15.37
C GLU VA 3 -47.24 -4.04 15.63
N ILE VA 4 -45.95 -4.40 15.65
CA ILE VA 4 -44.91 -3.40 15.84
C ILE VA 4 -44.96 -2.38 14.71
N LEU VA 5 -45.20 -2.85 13.49
CA LEU VA 5 -45.25 -1.96 12.35
C LEU VA 5 -46.43 -1.00 12.45
N GLU VA 6 -47.60 -1.51 12.83
CA GLU VA 6 -48.73 -0.64 13.06
C GLU VA 6 -48.43 0.38 14.15
N ALA VA 7 -47.72 -0.06 15.20
CA ALA VA 7 -47.40 0.84 16.30
C ALA VA 7 -46.53 1.99 15.82
N ASP VA 8 -45.45 1.68 15.12
CA ASP VA 8 -44.59 2.77 14.66
C ASP VA 8 -45.28 3.62 13.60
N ALA VA 9 -46.18 3.03 12.83
CA ALA VA 9 -46.99 3.83 11.92
C ALA VA 9 -47.79 4.86 12.70
N ARG VA 10 -48.42 4.43 13.79
CA ARG VA 10 -49.13 5.36 14.66
C ARG VA 10 -48.21 6.44 15.19
N ILE VA 11 -47.00 6.04 15.60
CA ILE VA 11 -46.05 7.01 16.13
C ILE VA 11 -45.77 8.09 15.10
N LEU VA 12 -45.50 7.68 13.87
CA LEU VA 12 -45.17 8.64 12.83
C LEU VA 12 -46.36 9.52 12.51
N ARG VA 13 -47.57 8.94 12.48
CA ARG VA 13 -48.76 9.77 12.26
C ARG VA 13 -48.87 10.83 13.33
N ALA VA 14 -48.66 10.45 14.59
CA ALA VA 14 -48.78 11.42 15.67
C ALA VA 14 -47.72 12.50 15.55
N TYR VA 15 -46.50 12.12 15.19
CA TYR VA 15 -45.46 13.12 15.02
C TYR VA 15 -45.81 14.08 13.90
N ALA VA 16 -46.34 13.56 12.80
CA ALA VA 16 -46.77 14.41 11.71
C ALA VA 16 -47.86 15.36 12.17
N GLU VA 17 -48.75 14.89 13.03
CA GLU VA 17 -49.80 15.75 13.54
C GLU VA 17 -49.23 16.88 14.38
N ILE VA 18 -48.28 16.55 15.26
CA ILE VA 18 -47.61 17.58 16.04
C ILE VA 18 -46.99 18.62 15.11
N LEU VA 19 -46.29 18.16 14.08
CA LEU VA 19 -45.63 19.07 13.17
C LEU VA 19 -46.64 19.95 12.45
N LYS VA 20 -47.76 19.37 12.03
CA LYS VA 20 -48.78 20.15 11.34
C LYS VA 20 -49.37 21.21 12.26
N ALA VA 21 -49.59 20.86 13.52
CA ALA VA 21 -50.12 21.84 14.47
C ALA VA 21 -49.13 22.98 14.67
N HIS VA 22 -47.86 22.64 14.88
CA HIS VA 22 -46.84 23.68 15.04
C HIS VA 22 -46.75 24.54 13.78
N ALA VA 23 -46.95 23.93 12.62
CA ALA VA 23 -46.91 24.68 11.36
C ALA VA 23 -48.05 25.66 11.28
N GLU VA 24 -49.27 25.21 11.56
CA GLU VA 24 -50.41 26.11 11.55
C GLU VA 24 -50.24 27.23 12.56
N ILE VA 25 -49.65 26.92 13.72
CA ILE VA 25 -49.40 27.95 14.72
C ILE VA 25 -48.43 29.00 14.18
N LEU VA 26 -47.29 28.55 13.67
CA LEU VA 26 -46.29 29.48 13.13
C LEU VA 26 -46.87 30.26 11.95
N LYS VA 27 -47.84 29.69 11.25
CA LYS VA 27 -48.55 30.44 10.22
C LYS VA 27 -49.42 31.52 10.85
N ALA VA 28 -50.11 31.19 11.94
CA ALA VA 28 -50.90 32.19 12.65
C ALA VA 28 -50.00 33.26 13.24
N GLN VA 29 -48.79 32.89 13.65
CA GLN VA 29 -47.82 33.84 14.17
C GLN VA 29 -47.38 34.81 13.06
N GLN WA 1 -22.17 -39.21 -24.69
CA GLN WA 1 -23.32 -38.44 -24.24
C GLN WA 1 -22.91 -37.09 -23.70
N ALA WA 2 -21.68 -37.03 -23.17
CA ALA WA 2 -21.19 -35.80 -22.56
C ALA WA 2 -21.34 -34.61 -23.50
N GLU WA 3 -21.14 -34.84 -24.80
CA GLU WA 3 -21.33 -33.80 -25.79
C GLU WA 3 -22.74 -33.23 -25.74
N ILE WA 4 -23.74 -34.09 -25.57
CA ILE WA 4 -25.13 -33.62 -25.55
C ILE WA 4 -25.35 -32.70 -24.35
N LEU WA 5 -24.84 -33.11 -23.20
CA LEU WA 5 -25.01 -32.31 -22.00
C LEU WA 5 -24.27 -30.99 -22.13
N GLU WA 6 -23.11 -31.01 -22.75
CA GLU WA 6 -22.40 -29.76 -23.00
C GLU WA 6 -23.23 -28.84 -23.90
N ALA WA 7 -23.89 -29.41 -24.91
CA ALA WA 7 -24.75 -28.61 -25.77
C ALA WA 7 -25.89 -27.98 -24.96
N ASP WA 8 -26.49 -28.76 -24.07
CA ASP WA 8 -27.53 -28.21 -23.21
C ASP WA 8 -26.99 -27.04 -22.39
N ALA WA 9 -25.81 -27.22 -21.82
CA ALA WA 9 -25.19 -26.14 -21.06
C ALA WA 9 -25.04 -24.89 -21.92
N ARG WA 10 -24.65 -25.07 -23.18
CA ARG WA 10 -24.50 -23.92 -24.06
C ARG WA 10 -25.84 -23.23 -24.28
N ILE WA 11 -26.90 -24.02 -24.47
CA ILE WA 11 -28.23 -23.44 -24.61
C ILE WA 11 -28.54 -22.55 -23.42
N LEU WA 12 -28.31 -23.07 -22.22
CA LEU WA 12 -28.66 -22.32 -21.02
C LEU WA 12 -27.83 -21.06 -20.89
N ARG WA 13 -26.53 -21.16 -21.19
CA ARG WA 13 -25.69 -19.96 -21.16
C ARG WA 13 -26.18 -18.92 -22.13
N ALA WA 14 -26.64 -19.35 -23.31
CA ALA WA 14 -27.17 -18.39 -24.27
C ALA WA 14 -28.41 -17.71 -23.72
N TYR WA 15 -29.30 -18.47 -23.09
CA TYR WA 15 -30.45 -17.84 -22.47
C TYR WA 15 -30.03 -16.82 -21.44
N ALA WA 16 -29.01 -17.15 -20.66
CA ALA WA 16 -28.49 -16.20 -19.68
C ALA WA 16 -28.00 -14.94 -20.36
N GLU WA 17 -27.34 -15.10 -21.50
CA GLU WA 17 -26.86 -13.93 -22.25
C GLU WA 17 -28.03 -13.04 -22.64
N ILE WA 18 -29.09 -13.64 -23.17
CA ILE WA 18 -30.30 -12.88 -23.49
C ILE WA 18 -30.75 -12.08 -22.29
N LEU WA 19 -30.89 -12.77 -21.16
CA LEU WA 19 -31.50 -12.14 -20.00
C LEU WA 19 -30.62 -10.99 -19.48
N LYS WA 20 -29.31 -11.20 -19.49
CA LYS WA 20 -28.40 -10.17 -19.03
C LYS WA 20 -28.43 -8.96 -19.95
N ALA WA 21 -28.50 -9.18 -21.26
CA ALA WA 21 -28.61 -8.06 -22.16
C ALA WA 21 -29.89 -7.28 -21.91
N HIS WA 22 -30.98 -7.99 -21.63
CA HIS WA 22 -32.22 -7.30 -21.32
C HIS WA 22 -32.06 -6.46 -20.06
N ALA WA 23 -31.32 -6.99 -19.08
CA ALA WA 23 -31.01 -6.21 -17.89
C ALA WA 23 -30.29 -4.93 -18.24
N GLU WA 24 -29.30 -5.05 -19.13
CA GLU WA 24 -28.50 -3.88 -19.47
C GLU WA 24 -29.37 -2.85 -20.18
N ILE WA 25 -30.27 -3.31 -21.04
CA ILE WA 25 -31.27 -2.41 -21.62
C ILE WA 25 -31.97 -1.64 -20.53
N LEU WA 26 -32.64 -2.39 -19.63
CA LEU WA 26 -33.49 -1.76 -18.64
C LEU WA 26 -32.72 -0.77 -17.80
N LYS WA 27 -31.46 -1.07 -17.50
CA LYS WA 27 -30.64 -0.12 -16.77
C LYS WA 27 -30.41 1.13 -17.60
N ALA WA 28 -30.17 0.97 -18.91
CA ALA WA 28 -29.81 2.12 -19.73
C ALA WA 28 -30.95 3.12 -19.82
N GLN WA 29 -32.20 2.66 -19.77
CA GLN WA 29 -33.33 3.56 -19.93
C GLN WA 29 -33.33 4.66 -18.90
N GLN XA 1 -33.82 -37.40 -22.10
CA GLN XA 1 -33.34 -36.02 -22.19
C GLN XA 1 -34.40 -35.12 -22.79
N ALA XA 2 -35.38 -35.74 -23.46
CA ALA XA 2 -36.44 -34.96 -24.08
C ALA XA 2 -37.16 -34.09 -23.06
N GLU XA 3 -37.19 -34.53 -21.80
CA GLU XA 3 -37.77 -33.70 -20.74
C GLU XA 3 -37.02 -32.39 -20.61
N ILE XA 4 -35.69 -32.42 -20.74
CA ILE XA 4 -34.93 -31.19 -20.67
C ILE XA 4 -35.32 -30.26 -21.80
N LEU XA 5 -35.52 -30.82 -22.99
CA LEU XA 5 -35.88 -29.99 -24.14
C LEU XA 5 -37.27 -29.39 -23.94
N GLU XA 6 -38.19 -30.17 -23.39
CA GLU XA 6 -39.51 -29.64 -23.09
C GLU XA 6 -39.41 -28.52 -22.07
N ALA XA 7 -38.54 -28.67 -21.08
CA ALA XA 7 -38.35 -27.61 -20.09
C ALA XA 7 -37.83 -26.35 -20.76
N ASP XA 8 -36.88 -26.50 -21.68
CA ASP XA 8 -36.39 -25.34 -22.40
C ASP XA 8 -37.49 -24.68 -23.20
N ALA XA 9 -38.33 -25.48 -23.84
CA ALA XA 9 -39.47 -24.93 -24.56
C ALA XA 9 -40.35 -24.12 -23.64
N ARG XA 10 -40.61 -24.65 -22.44
CA ARG XA 10 -41.43 -23.94 -21.46
C ARG XA 10 -40.80 -22.61 -21.09
N ILE XA 11 -39.49 -22.63 -20.82
CA ILE XA 11 -38.79 -21.41 -20.42
C ILE XA 11 -38.91 -20.36 -21.51
N LEU XA 12 -38.70 -20.77 -22.76
CA LEU XA 12 -38.75 -19.79 -23.84
C LEU XA 12 -40.18 -19.28 -24.04
N ARG XA 13 -41.19 -20.14 -23.90
CA ARG XA 13 -42.56 -19.67 -24.00
C ARG XA 13 -42.84 -18.62 -22.92
N ALA XA 14 -42.38 -18.89 -21.70
CA ALA XA 14 -42.61 -17.94 -20.61
C ALA XA 14 -41.92 -16.62 -20.89
N TYR XA 15 -40.69 -16.67 -21.38
CA TYR XA 15 -39.99 -15.43 -21.70
C TYR XA 15 -40.70 -14.67 -22.80
N ALA XA 16 -41.19 -15.38 -23.81
CA ALA XA 16 -41.96 -14.74 -24.86
C ALA XA 16 -43.19 -14.08 -24.30
N GLU XA 17 -43.83 -14.72 -23.32
CA GLU XA 17 -45.02 -14.15 -22.72
C GLU XA 17 -44.69 -12.87 -21.96
N ILE XA 18 -43.59 -12.88 -21.20
CA ILE XA 18 -43.14 -11.67 -20.54
C ILE XA 18 -42.93 -10.55 -21.54
N LEU XA 19 -42.24 -10.87 -22.64
CA LEU XA 19 -41.97 -9.85 -23.64
C LEU XA 19 -43.25 -9.34 -24.27
N LYS XA 20 -44.21 -10.22 -24.51
CA LYS XA 20 -45.46 -9.80 -25.11
C LYS XA 20 -46.24 -8.87 -24.17
N ALA XA 21 -46.26 -9.20 -22.88
CA ALA XA 21 -46.92 -8.33 -21.93
C ALA XA 21 -46.24 -6.98 -21.85
N HIS XA 22 -44.90 -6.98 -21.84
CA HIS XA 22 -44.16 -5.72 -21.82
C HIS XA 22 -44.45 -4.90 -23.06
N ALA XA 23 -44.56 -5.56 -24.22
CA ALA XA 23 -44.89 -4.85 -25.45
C ALA XA 23 -46.28 -4.26 -25.37
N GLU XA 24 -47.23 -5.02 -24.86
CA GLU XA 24 -48.60 -4.53 -24.74
C GLU XA 24 -48.66 -3.32 -23.84
N ILE XA 25 -47.99 -3.37 -22.68
CA ILE XA 25 -48.07 -2.26 -21.75
C ILE XA 25 -47.33 -1.06 -22.29
N LEU XA 26 -46.22 -1.27 -23.00
CA LEU XA 26 -45.51 -0.17 -23.63
C LEU XA 26 -46.34 0.46 -24.75
N LYS XA 27 -47.18 -0.33 -25.41
CA LYS XA 27 -48.17 0.23 -26.32
C LYS XA 27 -49.20 1.05 -25.56
N ALA XA 28 -49.64 0.55 -24.39
CA ALA XA 28 -50.54 1.31 -23.55
C ALA XA 28 -49.89 2.61 -23.07
N GLN XA 29 -48.57 2.58 -22.89
CA GLN XA 29 -47.83 3.78 -22.53
C GLN XA 29 -47.85 4.78 -23.69
N GLN YA 1 40.81 -19.77 -24.19
CA GLN YA 1 40.73 -20.63 -23.01
C GLN YA 1 39.43 -20.43 -22.26
N ALA YA 2 38.87 -19.22 -22.38
CA ALA YA 2 37.69 -18.86 -21.59
C ALA YA 2 36.60 -19.90 -21.70
N GLU YA 3 36.43 -20.47 -22.89
CA GLU YA 3 35.42 -21.51 -23.10
C GLU YA 3 35.65 -22.70 -22.16
N ILE YA 4 36.90 -23.05 -21.90
CA ILE YA 4 37.18 -24.20 -21.05
C ILE YA 4 36.69 -23.94 -19.64
N LEU YA 5 37.01 -22.77 -19.11
CA LEU YA 5 36.56 -22.43 -17.76
C LEU YA 5 35.04 -22.32 -17.73
N GLU YA 6 34.44 -21.85 -18.81
CA GLU YA 6 32.99 -21.83 -18.89
C GLU YA 6 32.42 -23.24 -18.77
N ALA YA 7 33.04 -24.19 -19.47
CA ALA YA 7 32.60 -25.58 -19.37
C ALA YA 7 32.73 -26.10 -17.95
N ASP YA 8 33.84 -25.76 -17.29
CA ASP YA 8 34.00 -26.16 -15.89
C ASP YA 8 32.86 -25.61 -15.04
N ALA YA 9 32.54 -24.33 -15.23
CA ALA YA 9 31.43 -23.74 -14.50
C ALA YA 9 30.14 -24.51 -14.75
N ARG YA 10 29.93 -24.95 -15.99
CA ARG YA 10 28.73 -25.72 -16.29
C ARG YA 10 28.73 -27.03 -15.52
N ILE YA 11 29.88 -27.69 -15.45
CA ILE YA 11 29.98 -28.92 -14.67
C ILE YA 11 29.55 -28.66 -13.23
N LEU YA 12 30.08 -27.60 -12.64
CA LEU YA 12 29.78 -27.34 -11.24
C LEU YA 12 28.32 -27.02 -11.04
N ARG YA 13 27.72 -26.23 -11.95
CA ARG YA 13 26.30 -25.96 -11.84
C ARG YA 13 25.48 -27.23 -11.92
N ALA YA 14 25.91 -28.17 -12.77
CA ALA YA 14 25.20 -29.44 -12.86
C ALA YA 14 25.26 -30.18 -11.54
N TYR YA 15 26.44 -30.21 -10.92
CA TYR YA 15 26.53 -30.87 -9.62
C TYR YA 15 25.62 -30.18 -8.61
N ALA YA 16 25.53 -28.86 -8.68
CA ALA YA 16 24.63 -28.14 -7.81
C ALA YA 16 23.19 -28.58 -8.04
N GLU YA 17 22.82 -28.78 -9.30
CA GLU YA 17 21.48 -29.27 -9.60
C GLU YA 17 21.23 -30.61 -8.95
N ILE YA 18 22.23 -31.49 -9.02
CA ILE YA 18 22.12 -32.80 -8.37
C ILE YA 18 21.79 -32.61 -6.89
N LEU YA 19 22.61 -31.81 -6.22
CA LEU YA 19 22.43 -31.67 -4.77
C LEU YA 19 21.08 -31.06 -4.44
N LYS YA 20 20.65 -30.07 -5.22
CA LYS YA 20 19.39 -29.41 -4.95
C LYS YA 20 18.23 -30.37 -5.12
N ALA YA 21 18.26 -31.17 -6.18
CA ALA YA 21 17.20 -32.16 -6.37
C ALA YA 21 17.20 -33.16 -5.23
N HIS YA 22 18.37 -33.58 -4.76
CA HIS YA 22 18.43 -34.51 -3.65
C HIS YA 22 17.80 -33.90 -2.41
N ALA YA 23 18.05 -32.62 -2.18
CA ALA YA 23 17.43 -31.93 -1.06
C ALA YA 23 15.92 -31.93 -1.20
N GLU YA 24 15.43 -31.68 -2.40
CA GLU YA 24 13.99 -31.66 -2.62
C GLU YA 24 13.40 -33.04 -2.33
N ILE YA 25 14.11 -34.09 -2.74
CA ILE YA 25 13.72 -35.45 -2.38
C ILE YA 25 13.54 -35.55 -0.87
N LEU YA 26 14.63 -35.28 -0.14
CA LEU YA 26 14.63 -35.48 1.29
C LEU YA 26 13.52 -34.69 1.97
N LYS YA 27 13.23 -33.49 1.46
CA LYS YA 27 12.13 -32.72 2.02
C LYS YA 27 10.80 -33.42 1.76
N ALA YA 28 10.64 -33.98 0.56
CA ALA YA 28 9.35 -34.58 0.22
C ALA YA 28 9.01 -35.77 1.11
N GLN YA 29 10.02 -36.50 1.58
CA GLN YA 29 9.78 -37.69 2.37
C GLN YA 29 8.99 -37.38 3.63
N GLN ZA 1 45.14 -27.33 -15.71
CA GLN ZA 1 43.72 -27.44 -15.43
C GLN ZA 1 43.37 -28.84 -15.01
N ALA ZA 2 44.27 -29.79 -15.29
CA ALA ZA 2 44.02 -31.18 -14.92
C ALA ZA 2 43.76 -31.32 -13.43
N GLU ZA 3 44.33 -30.43 -12.62
CA GLU ZA 3 44.06 -30.43 -11.19
C GLU ZA 3 42.58 -30.20 -10.93
N ILE ZA 4 41.95 -29.31 -11.70
CA ILE ZA 4 40.53 -29.06 -11.54
C ILE ZA 4 39.74 -30.33 -11.83
N LEU ZA 5 40.13 -31.04 -12.87
CA LEU ZA 5 39.41 -32.26 -13.23
C LEU ZA 5 39.61 -33.33 -12.16
N GLU ZA 6 40.80 -33.42 -11.59
CA GLU ZA 6 41.03 -34.34 -10.49
C GLU ZA 6 40.15 -33.97 -9.30
N ALA ZA 7 40.02 -32.69 -9.02
CA ALA ZA 7 39.16 -32.25 -7.93
C ALA ZA 7 37.71 -32.66 -8.19
N ASP ZA 8 37.27 -32.51 -9.44
CA ASP ZA 8 35.92 -32.94 -9.79
C ASP ZA 8 35.75 -34.44 -9.57
N ALA ZA 9 36.75 -35.22 -9.98
CA ALA ZA 9 36.70 -36.66 -9.76
C ALA ZA 9 36.56 -36.95 -8.27
N ARG ZA 10 37.33 -36.25 -7.44
CA ARG ZA 10 37.25 -36.44 -6.01
C ARG ZA 10 35.85 -36.13 -5.49
N ILE ZA 11 35.30 -35.01 -5.92
CA ILE ZA 11 33.96 -34.61 -5.46
C ILE ZA 11 32.95 -35.69 -5.80
N LEU ZA 12 33.00 -36.18 -7.04
CA LEU ZA 12 32.03 -37.17 -7.46
C LEU ZA 12 32.22 -38.49 -6.70
N ARG ZA 13 33.47 -38.89 -6.46
CA ARG ZA 13 33.71 -40.08 -5.66
C ARG ZA 13 33.10 -39.92 -4.27
N ALA ZA 14 33.29 -38.76 -3.66
CA ALA ZA 14 32.75 -38.54 -2.32
C ALA ZA 14 31.22 -38.60 -2.34
N TYR ZA 15 30.61 -37.99 -3.35
CA TYR ZA 15 29.16 -38.03 -3.44
C TYR ZA 15 28.67 -39.46 -3.61
N ALA ZA 16 29.37 -40.23 -4.45
CA ALA ZA 16 29.00 -41.63 -4.63
C ALA ZA 16 29.12 -42.39 -3.32
N GLU ZA 17 30.13 -42.05 -2.52
CA GLU ZA 17 30.29 -42.72 -1.23
C GLU ZA 17 29.14 -42.38 -0.30
N ILE ZA 18 28.74 -41.11 -0.25
CA ILE ZA 18 27.58 -40.72 0.54
C ILE ZA 18 26.37 -41.53 0.11
N LEU ZA 19 26.15 -41.61 -1.20
CA LEU ZA 19 24.98 -42.32 -1.70
C LEU ZA 19 25.04 -43.79 -1.35
N LYS ZA 20 26.23 -44.39 -1.43
CA LYS ZA 20 26.36 -45.80 -1.11
C LYS ZA 20 26.07 -46.06 0.36
N ALA ZA 21 26.56 -45.19 1.24
CA ALA ZA 21 26.28 -45.33 2.66
C ALA ZA 21 24.79 -45.19 2.92
N HIS ZA 22 24.15 -44.21 2.28
CA HIS ZA 22 22.71 -44.02 2.46
C HIS ZA 22 21.95 -45.25 1.96
N ALA ZA 23 22.41 -45.82 0.85
CA ALA ZA 23 21.78 -47.02 0.32
C ALA ZA 23 21.89 -48.18 1.29
N GLU ZA 24 23.10 -48.39 1.83
CA GLU ZA 24 23.30 -49.49 2.75
C GLU ZA 24 22.47 -49.32 4.01
N ILE ZA 25 22.40 -48.10 4.54
CA ILE ZA 25 21.64 -47.90 5.77
C ILE ZA 25 20.14 -48.03 5.50
N LEU ZA 26 19.68 -47.59 4.33
CA LEU ZA 26 18.29 -47.78 3.97
C LEU ZA 26 17.95 -49.25 3.76
N LYS ZA 27 18.92 -50.03 3.29
CA LYS ZA 27 18.74 -51.48 3.25
C LYS ZA 27 18.66 -52.05 4.66
N ALA ZA 28 19.49 -51.53 5.57
CA ALA ZA 28 19.40 -51.94 6.97
C ALA ZA 28 18.05 -51.56 7.56
N GLN ZA 29 17.48 -50.45 7.09
CA GLN ZA 29 16.15 -50.02 7.51
C GLN ZA 29 15.10 -51.02 7.05
N GLN AB 1 -5.99 20.68 -46.62
CA GLN AB 1 -5.07 21.61 -45.99
C GLN AB 1 -4.55 21.08 -44.67
N ALA AB 2 -5.33 20.19 -44.05
CA ALA AB 2 -4.96 19.66 -42.75
C ALA AB 2 -3.55 19.07 -42.77
N GLU AB 3 -3.17 18.47 -43.88
CA GLU AB 3 -1.83 17.92 -44.04
C GLU AB 3 -0.77 19.00 -43.86
N ILE AB 4 -1.00 20.19 -44.40
CA ILE AB 4 -0.01 21.24 -44.31
C ILE AB 4 0.19 21.66 -42.86
N LEU AB 5 -0.93 21.81 -42.14
CA LEU AB 5 -0.85 22.21 -40.75
C LEU AB 5 -0.17 21.12 -39.92
N GLU AB 6 -0.45 19.86 -40.24
CA GLU AB 6 0.27 18.77 -39.59
C GLU AB 6 1.77 18.88 -39.81
N ALA AB 7 2.17 19.21 -41.03
CA ALA AB 7 3.58 19.37 -41.32
C ALA AB 7 4.19 20.49 -40.49
N ASP AB 8 3.47 21.60 -40.38
CA ASP AB 8 3.95 22.71 -39.53
C ASP AB 8 4.14 22.23 -38.10
N ALA AB 9 3.16 21.49 -37.58
CA ALA AB 9 3.27 20.94 -36.24
C ALA AB 9 4.53 20.10 -36.10
N ARG AB 10 4.83 19.30 -37.13
CA ARG AB 10 6.03 18.47 -37.06
C ARG AB 10 7.28 19.34 -37.01
N ILE AB 11 7.31 20.41 -37.80
CA ILE AB 11 8.45 21.33 -37.74
C ILE AB 11 8.64 21.82 -36.33
N LEU AB 12 7.56 22.27 -35.69
CA LEU AB 12 7.68 22.85 -34.37
C LEU AB 12 8.13 21.80 -33.36
N ARG AB 13 7.58 20.59 -33.45
CA ARG AB 13 8.03 19.53 -32.55
C ARG AB 13 9.51 19.25 -32.72
N ALA AB 14 10.00 19.30 -33.96
CA ALA AB 14 11.42 19.09 -34.17
C ALA AB 14 12.26 20.17 -33.50
N TYR AB 15 11.82 21.42 -33.63
CA TYR AB 15 12.55 22.49 -32.95
C TYR AB 15 12.55 22.29 -31.44
N ALA AB 16 11.41 21.85 -30.90
CA ALA AB 16 11.35 21.55 -29.47
C ALA AB 16 12.33 20.47 -29.10
N GLU AB 17 12.46 19.46 -29.96
CA GLU AB 17 13.42 18.40 -29.71
C GLU AB 17 14.83 18.96 -29.66
N ILE AB 18 15.13 19.89 -30.56
CA ILE AB 18 16.44 20.54 -30.54
C ILE AB 18 16.69 21.17 -29.19
N LEU AB 19 15.74 21.98 -28.73
CA LEU AB 19 15.93 22.67 -27.46
C LEU AB 19 16.09 21.69 -26.30
N LYS AB 20 15.31 20.61 -26.32
CA LYS AB 20 15.39 19.64 -25.25
C LYS AB 20 16.76 18.97 -25.22
N ALA AB 21 17.28 18.60 -26.38
CA ALA AB 21 18.61 18.01 -26.42
C ALA AB 21 19.66 19.01 -25.96
N HIS AB 22 19.47 20.28 -26.29
CA HIS AB 22 20.42 21.30 -25.82
C HIS AB 22 20.41 21.37 -24.31
N ALA AB 23 19.22 21.26 -23.71
CA ALA AB 23 19.12 21.22 -22.26
C ALA AB 23 19.85 20.02 -21.70
N GLU AB 24 19.70 18.88 -22.35
CA GLU AB 24 20.44 17.69 -21.94
C GLU AB 24 21.93 17.97 -21.92
N ILE AB 25 22.45 18.54 -23.01
CA ILE AB 25 23.87 18.91 -23.07
C ILE AB 25 24.24 19.75 -21.87
N LEU AB 26 23.52 20.85 -21.68
CA LEU AB 26 23.91 21.83 -20.68
C LEU AB 26 23.88 21.22 -19.28
N LYS AB 27 22.89 20.39 -18.99
CA LYS AB 27 22.86 19.71 -17.71
C LYS AB 27 24.06 18.79 -17.55
N ALA AB 28 24.43 18.11 -18.63
CA ALA AB 28 25.52 17.13 -18.53
C ALA AB 28 26.83 17.78 -18.12
N GLN AB 29 27.04 19.04 -18.50
CA GLN AB 29 28.30 19.70 -18.23
C GLN AB 29 28.60 19.74 -16.74
N GLN BB 1 -0.31 31.20 -45.32
CA GLN BB 1 0.50 30.38 -44.43
C GLN BB 1 1.94 30.82 -44.45
N ALA BB 2 2.32 31.54 -45.51
CA ALA BB 2 3.70 32.00 -45.65
C ALA BB 2 4.14 32.81 -44.44
N GLU BB 3 3.20 33.45 -43.76
CA GLU BB 3 3.51 34.16 -42.53
C GLU BB 3 4.09 33.21 -41.49
N ILE BB 4 3.52 32.00 -41.38
CA ILE BB 4 4.06 31.02 -40.45
C ILE BB 4 5.48 30.66 -40.84
N LEU BB 5 5.75 30.57 -42.13
CA LEU BB 5 7.08 30.21 -42.59
C LEU BB 5 8.08 31.31 -42.26
N GLU BB 6 7.70 32.55 -42.49
CA GLU BB 6 8.56 33.66 -42.09
C GLU BB 6 8.80 33.64 -40.59
N ALA BB 7 7.77 33.31 -39.81
CA ALA BB 7 7.91 33.28 -38.36
C ALA BB 7 8.94 32.25 -37.94
N ASP BB 8 8.80 31.01 -38.43
CA ASP BB 8 9.76 29.99 -38.03
C ASP BB 8 11.15 30.29 -38.58
N ALA BB 9 11.24 30.95 -39.73
CA ALA BB 9 12.53 31.41 -40.22
C ALA BB 9 13.17 32.34 -39.21
N ARG BB 10 12.39 33.29 -38.70
CA ARG BB 10 12.89 34.18 -37.65
C ARG BB 10 13.34 33.39 -36.44
N ILE BB 11 12.55 32.40 -36.05
CA ILE BB 11 12.90 31.58 -34.88
C ILE BB 11 14.27 30.95 -35.07
N LEU BB 12 14.47 30.35 -36.24
CA LEU BB 12 15.74 29.67 -36.48
C LEU BB 12 16.89 30.66 -36.56
N ARG BB 13 16.66 31.83 -37.15
CA ARG BB 13 17.71 32.85 -37.15
C ARG BB 13 18.10 33.22 -35.74
N ALA BB 14 17.11 33.42 -34.87
CA ALA BB 14 17.40 33.79 -33.49
C ALA BB 14 18.16 32.68 -32.78
N TYR BB 15 17.77 31.44 -33.00
CA TYR BB 15 18.48 30.33 -32.37
C TYR BB 15 19.92 30.28 -32.84
N ALA BB 16 20.14 30.49 -34.14
CA ALA BB 16 21.48 30.52 -34.66
C ALA BB 16 22.28 31.65 -34.02
N GLU BB 17 21.63 32.78 -33.78
CA GLU BB 17 22.34 33.89 -33.13
C GLU BB 17 22.74 33.52 -31.72
N ILE BB 18 21.84 32.90 -30.97
CA ILE BB 18 22.17 32.43 -29.63
C ILE BB 18 23.38 31.51 -29.68
N LEU BB 19 23.35 30.57 -30.62
CA LEU BB 19 24.44 29.61 -30.72
C LEU BB 19 25.75 30.30 -31.05
N LYS BB 20 25.70 31.28 -31.95
CA LYS BB 20 26.92 32.00 -32.33
C LYS BB 20 27.47 32.78 -31.15
N ALA BB 21 26.60 33.38 -30.36
CA ALA BB 21 27.05 34.11 -29.18
C ALA BB 21 27.71 33.17 -28.18
N HIS BB 22 27.06 32.04 -27.91
CA HIS BB 22 27.63 31.06 -26.99
C HIS BB 22 28.97 30.55 -27.53
N ALA BB 23 29.08 30.42 -28.85
CA ALA BB 23 30.32 29.97 -29.46
C ALA BB 23 31.44 30.97 -29.25
N GLU BB 24 31.17 32.25 -29.54
CA GLU BB 24 32.17 33.28 -29.33
C GLU BB 24 32.56 33.35 -27.86
N ILE BB 25 31.61 33.15 -26.96
CA ILE BB 25 31.93 33.16 -25.53
C ILE BB 25 32.87 32.02 -25.19
N LEU BB 26 32.51 30.79 -25.59
CA LEU BB 26 33.35 29.64 -25.31
C LEU BB 26 34.72 29.78 -25.97
N LYS BB 27 34.79 30.54 -27.07
CA LYS BB 27 36.09 30.85 -27.66
C LYS BB 27 36.86 31.81 -26.77
N ALA BB 28 36.19 32.81 -26.21
CA ALA BB 28 36.84 33.72 -25.27
C ALA BB 28 37.26 32.98 -24.01
N GLN BB 29 36.49 31.96 -23.62
CA GLN BB 29 36.83 31.15 -22.46
C GLN BB 29 38.10 30.35 -22.75
N GLN CB 1 33.85 -3.47 23.39
CA GLN CB 1 33.70 -4.26 24.60
C GLN CB 1 32.42 -3.95 25.34
N ALA CB 2 31.95 -2.71 25.17
CA ALA CB 2 30.75 -2.27 25.87
C ALA CB 2 29.60 -3.23 25.66
N GLU CB 3 29.49 -3.80 24.46
CA GLU CB 3 28.47 -4.79 24.18
C GLU CB 3 28.55 -5.97 25.13
N ILE CB 4 29.77 -6.43 25.44
CA ILE CB 4 29.93 -7.58 26.31
C ILE CB 4 29.42 -7.26 27.71
N LEU CB 5 29.77 -6.08 28.20
CA LEU CB 5 29.33 -5.68 29.53
C LEU CB 5 27.82 -5.52 29.56
N GLU CB 6 27.25 -4.99 28.49
CA GLU CB 6 25.79 -4.92 28.42
C GLU CB 6 25.17 -6.31 28.49
N ALA CB 7 25.78 -7.28 27.81
CA ALA CB 7 25.27 -8.64 27.86
C ALA CB 7 25.33 -9.18 29.29
N ASP CB 8 26.43 -8.92 30.00
CA ASP CB 8 26.51 -9.33 31.40
C ASP CB 8 25.39 -8.70 32.21
N ALA CB 9 25.15 -7.42 32.00
CA ALA CB 9 24.06 -6.76 32.70
C ALA CB 9 22.74 -7.46 32.43
N ARG CB 10 22.52 -7.87 31.18
CA ARG CB 10 21.27 -8.56 30.86
C ARG CB 10 21.19 -9.88 31.61
N ILE CB 11 22.30 -10.61 31.69
CA ILE CB 11 22.32 -11.85 32.47
C ILE CB 11 21.86 -11.58 33.89
N LEU CB 12 22.42 -10.55 34.51
CA LEU CB 12 22.11 -10.29 35.91
C LEU CB 12 20.66 -9.87 36.07
N ARG CB 13 20.15 -9.06 35.16
CA ARG CB 13 18.75 -8.68 35.22
C ARG CB 13 17.85 -9.89 35.11
N ALA CB 14 18.22 -10.84 34.26
CA ALA CB 14 17.43 -12.06 34.13
C ALA CB 14 17.43 -12.84 35.43
N TYR CB 15 18.59 -12.95 36.08
CA TYR CB 15 18.61 -13.61 37.37
C TYR CB 15 17.70 -12.92 38.36
N ALA CB 16 17.70 -11.59 38.33
CA ALA CB 16 16.81 -10.84 39.20
C ALA CB 16 15.36 -11.17 38.91
N GLU CB 17 15.03 -11.33 37.63
CA GLU CB 17 13.66 -11.69 37.27
C GLU CB 17 13.28 -13.03 37.87
N ILE CB 18 14.18 -14.01 37.75
CA ILE CB 18 13.95 -15.30 38.38
C ILE CB 18 13.63 -15.12 39.86
N LEU CB 19 14.50 -14.38 40.54
CA LEU CB 19 14.39 -14.29 41.99
C LEU CB 19 13.10 -13.60 42.40
N LYS CB 20 12.73 -12.56 41.67
CA LYS CB 20 11.50 -11.83 41.97
C LYS CB 20 10.27 -12.70 41.73
N ALA CB 21 10.28 -13.48 40.65
CA ALA CB 21 9.16 -14.39 40.43
C ALA CB 21 9.06 -15.40 41.55
N HIS CB 22 10.19 -15.89 42.04
CA HIS CB 22 10.15 -16.81 43.17
C HIS CB 22 9.54 -16.14 44.39
N ALA CB 23 9.87 -14.86 44.59
CA ALA CB 23 9.26 -14.09 45.67
C ALA CB 23 7.75 -14.06 45.51
N GLU CB 24 7.29 -13.80 44.29
CA GLU CB 24 5.85 -13.69 44.07
C GLU CB 24 5.17 -15.02 44.35
N ILE CB 25 5.81 -16.12 43.95
CA ILE CB 25 5.33 -17.45 44.32
C ILE CB 25 5.14 -17.52 45.82
N LEU CB 26 6.22 -17.30 46.56
CA LEU CB 26 6.19 -17.51 48.00
C LEU CB 26 5.13 -16.66 48.65
N LYS CB 27 4.94 -15.44 48.15
CA LYS CB 27 3.86 -14.61 48.67
C LYS CB 27 2.50 -15.24 48.40
N ALA CB 28 2.32 -15.79 47.19
CA ALA CB 28 1.01 -16.29 46.81
C ALA CB 28 0.57 -17.46 47.68
N GLN CB 29 1.51 -18.27 48.17
CA GLN CB 29 1.16 -19.45 48.94
C GLN CB 29 0.36 -19.09 50.17
N GLN DB 1 37.53 -11.22 31.86
CA GLN DB 1 36.09 -11.25 32.09
C GLN DB 1 35.62 -12.63 32.48
N ALA DB 2 36.47 -13.63 32.21
CA ALA DB 2 36.12 -15.00 32.55
C ALA DB 2 35.81 -15.15 34.03
N GLU DB 3 36.44 -14.31 34.86
CA GLU DB 3 36.13 -14.31 36.29
C GLU DB 3 34.65 -13.98 36.52
N ILE DB 4 34.11 -13.04 35.75
CA ILE DB 4 32.70 -12.71 35.89
C ILE DB 4 31.84 -13.91 35.56
N LEU DB 5 32.22 -14.64 34.51
CA LEU DB 5 31.43 -15.81 34.12
C LEU DB 5 31.51 -16.89 35.18
N GLU DB 6 32.70 -17.08 35.78
CA GLU DB 6 32.82 -18.03 36.87
C GLU DB 6 31.95 -17.62 38.04
N ALA DB 7 31.90 -16.32 38.33
CA ALA DB 7 31.04 -15.83 39.41
C ALA DB 7 29.59 -16.14 39.11
N ASP DB 8 29.16 -15.94 37.87
CA ASP DB 8 27.79 -16.28 37.50
C ASP DB 8 27.53 -17.77 37.68
N ALA DB 9 28.49 -18.59 37.28
CA ALA DB 9 28.35 -20.02 37.49
C ALA DB 9 28.16 -20.34 38.96
N ARG DB 10 28.94 -19.68 39.82
CA ARG DB 10 28.82 -19.90 41.26
C ARG DB 10 27.43 -19.51 41.75
N ILE DB 11 26.95 -18.34 41.30
CA ILE DB 11 25.63 -17.87 41.73
C ILE DB 11 24.57 -18.88 41.35
N LEU DB 12 24.62 -19.36 40.11
CA LEU DB 12 23.59 -20.29 39.67
C LEU DB 12 23.69 -21.62 40.40
N ARG DB 13 24.91 -22.09 40.68
CA ARG DB 13 25.04 -23.30 41.48
C ARG DB 13 24.42 -23.13 42.85
N ALA DB 14 24.66 -21.98 43.47
CA ALA DB 14 24.10 -21.73 44.79
C ALA DB 14 22.58 -21.70 44.74
N TYR DB 15 22.03 -21.04 43.73
CA TYR DB 15 20.59 -20.99 43.61
C TYR DB 15 20.02 -22.38 43.40
N ALA DB 16 20.68 -23.18 42.58
CA ALA DB 16 20.24 -24.55 42.38
C ALA DB 16 20.28 -25.33 43.68
N GLU DB 17 21.28 -25.07 44.51
CA GLU DB 17 21.36 -25.76 45.79
C GLU DB 17 20.21 -25.35 46.70
N ILE DB 18 19.89 -24.06 46.75
CA ILE DB 18 18.75 -23.60 47.51
C ILE DB 18 17.49 -24.32 47.05
N LEU DB 19 17.30 -24.38 45.73
CA LEU DB 19 16.10 -25.02 45.20
C LEU DB 19 16.07 -26.50 45.54
N LYS DB 20 17.21 -27.16 45.50
CA LYS DB 20 17.26 -28.58 45.81
C LYS DB 20 16.92 -28.82 47.27
N ALA DB 21 17.44 -27.99 48.17
CA ALA DB 21 17.11 -28.14 49.57
C ALA DB 21 15.63 -27.88 49.81
N HIS DB 22 15.07 -26.87 49.15
CA HIS DB 22 13.65 -26.59 49.29
C HIS DB 22 12.81 -27.76 48.78
N ALA DB 23 13.25 -28.38 47.68
CA ALA DB 23 12.55 -29.54 47.15
C ALA DB 23 12.61 -30.70 48.12
N GLU DB 24 13.79 -30.93 48.70
CA GLU DB 24 13.94 -32.03 49.65
C GLU DB 24 13.03 -31.82 50.85
N ILE DB 25 13.00 -30.59 51.40
CA ILE DB 25 12.20 -30.38 52.59
C ILE DB 25 10.72 -30.41 52.26
N LEU DB 26 10.33 -29.94 51.07
CA LEU DB 26 8.94 -30.05 50.66
C LEU DB 26 8.54 -31.50 50.44
N LYS DB 27 9.48 -32.36 50.03
CA LYS DB 27 9.23 -33.79 50.03
C LYS DB 27 9.07 -34.32 51.45
N ALA DB 28 9.89 -33.83 52.37
CA ALA DB 28 9.74 -34.20 53.77
C ALA DB 28 8.40 -33.72 54.32
N GLN DB 29 7.90 -32.60 53.80
CA GLN DB 29 6.58 -32.11 54.16
C GLN DB 29 5.50 -33.06 53.65
N GLN EB 1 -9.74 40.12 0.03
CA GLN EB 1 -8.75 40.97 0.67
C GLN EB 1 -8.26 40.38 1.97
N ALA EB 2 -9.11 39.60 2.62
CA ALA EB 2 -8.81 39.09 3.96
C ALA EB 2 -7.44 38.44 4.01
N GLU EB 3 -7.06 37.74 2.95
CA GLU EB 3 -5.75 37.10 2.89
C GLU EB 3 -4.63 38.11 3.05
N ILE EB 4 -4.80 39.31 2.51
CA ILE EB 4 -3.74 40.31 2.59
C ILE EB 4 -3.52 40.72 4.03
N LEU EB 5 -4.61 41.00 4.74
CA LEU EB 5 -4.49 41.39 6.13
C LEU EB 5 -3.95 40.23 6.96
N GLU EB 6 -4.30 39.00 6.60
CA GLU EB 6 -3.73 37.84 7.26
C GLU EB 6 -2.22 37.83 7.10
N ALA EB 7 -1.74 38.10 5.89
CA ALA EB 7 -0.30 38.16 5.64
C ALA EB 7 0.35 39.25 6.48
N ASP EB 8 -0.30 40.40 6.60
CA ASP EB 8 0.22 41.47 7.45
C ASP EB 8 0.36 40.97 8.89
N ALA EB 9 -0.69 40.31 9.39
CA ALA EB 9 -0.62 39.76 10.74
C ALA EB 9 0.56 38.80 10.87
N ARG EB 10 0.82 38.00 9.85
CA ARG EB 10 1.97 37.10 9.92
C ARG EB 10 3.27 37.88 10.02
N ILE EB 11 3.39 38.96 9.24
CA ILE EB 11 4.58 39.80 9.33
C ILE EB 11 4.78 40.28 10.77
N LEU EB 12 3.70 40.77 11.37
CA LEU EB 12 3.84 41.33 12.71
C LEU EB 12 4.19 40.25 13.73
N ARG EB 13 3.59 39.07 13.60
CA ARG EB 13 3.95 37.98 14.50
C ARG EB 13 5.42 37.61 14.35
N ALA EB 14 5.93 37.65 13.12
CA ALA EB 14 7.35 37.37 12.92
C ALA EB 14 8.21 38.39 13.63
N TYR EB 15 7.85 39.67 13.52
CA TYR EB 15 8.61 40.67 14.24
C TYR EB 15 8.56 40.43 15.75
N ALA EB 16 7.41 40.00 16.24
CA ALA EB 16 7.29 39.65 17.65
C ALA EB 16 8.25 38.53 18.00
N GLU EB 17 8.36 37.54 17.13
CA GLU EB 17 9.31 36.45 17.37
C GLU EB 17 10.72 36.98 17.47
N ILE EB 18 11.07 37.92 16.59
CA ILE EB 18 12.39 38.53 16.67
C ILE EB 18 12.62 39.13 18.05
N LEU EB 19 11.69 39.97 18.49
CA LEU EB 19 11.88 40.66 19.75
C LEU EB 19 11.95 39.68 20.91
N LYS EB 20 11.11 38.65 20.89
CA LYS EB 20 11.10 37.70 21.98
C LYS EB 20 12.41 36.94 22.05
N ALA EB 21 12.94 36.52 20.90
CA ALA EB 21 14.22 35.84 20.90
C ALA EB 21 15.31 36.76 21.42
N HIS EB 22 15.28 38.04 21.03
CA HIS EB 22 16.28 38.97 21.52
C HIS EB 22 16.22 39.09 23.03
N ALA EB 23 15.00 39.11 23.58
CA ALA EB 23 14.83 39.14 25.03
C ALA EB 23 15.45 37.91 25.67
N GLU EB 24 15.21 36.75 25.06
CA GLU EB 24 15.77 35.53 25.61
C GLU EB 24 17.30 35.58 25.61
N ILE EB 25 17.87 36.13 24.52
CA ILE EB 25 19.31 36.38 24.48
C ILE EB 25 19.72 37.17 25.71
N LEU EB 26 19.15 38.37 25.84
CA LEU EB 26 19.57 39.28 26.89
C LEU EB 26 19.45 38.65 28.27
N LYS EB 27 18.41 37.85 28.47
CA LYS EB 27 18.28 37.15 29.75
C LYS EB 27 19.42 36.15 29.93
N ALA EB 28 19.78 35.44 28.86
CA ALA EB 28 20.80 34.40 29.01
C ALA EB 28 22.15 34.97 29.41
N GLN EB 29 22.46 36.19 29.00
CA GLN EB 29 23.76 36.77 29.28
C GLN EB 29 24.04 36.84 30.78
N GLN FB 1 -3.37 50.35 1.62
CA GLN FB 1 -2.63 49.46 2.50
C GLN FB 1 -1.14 49.78 2.47
N ALA FB 2 -0.73 50.52 1.45
CA ALA FB 2 0.68 50.89 1.33
C ALA FB 2 1.17 51.63 2.57
N GLU FB 3 0.28 52.33 3.25
CA GLU FB 3 0.64 52.98 4.51
C GLU FB 3 1.09 51.96 5.54
N ILE FB 4 0.43 50.80 5.58
CA ILE FB 4 0.83 49.76 6.51
C ILE FB 4 2.23 49.29 6.19
N LEU FB 5 2.53 49.13 4.90
CA LEU FB 5 3.86 48.67 4.52
C LEU FB 5 4.92 49.70 4.85
N GLU FB 6 4.59 50.98 4.66
CA GLU FB 6 5.50 52.05 5.07
C GLU FB 6 5.76 52.00 6.57
N ALA FB 7 4.70 51.76 7.35
CA ALA FB 7 4.86 51.65 8.78
C ALA FB 7 5.79 50.49 9.13
N ASP FB 8 5.63 49.36 8.44
CA ASP FB 8 6.51 48.23 8.66
C ASP FB 8 7.96 48.60 8.36
N ALA FB 9 8.16 49.30 7.25
CA ALA FB 9 9.51 49.74 6.90
C ALA FB 9 10.09 50.61 8.01
N ARG FB 10 9.28 51.52 8.54
CA ARG FB 10 9.73 52.36 9.63
C ARG FB 10 10.13 51.55 10.85
N ILE FB 11 9.28 50.58 11.22
CA ILE FB 11 9.57 49.74 12.38
C ILE FB 11 10.89 49.03 12.20
N LEU FB 12 11.10 48.44 11.03
CA LEU FB 12 12.32 47.69 10.81
C LEU FB 12 13.54 48.61 10.79
N ARG FB 13 13.41 49.80 10.22
CA ARG FB 13 14.52 50.75 10.27
C ARG FB 13 14.87 51.08 11.71
N ALA FB 14 13.85 51.32 12.54
CA ALA FB 14 14.12 51.65 13.93
C ALA FB 14 14.79 50.50 14.65
N TYR FB 15 14.33 49.27 14.40
CA TYR FB 15 14.97 48.13 15.03
C TYR FB 15 16.41 48.00 14.59
N ALA FB 16 16.67 48.20 13.30
CA ALA FB 16 18.04 48.17 12.80
C ALA FB 16 18.88 49.23 13.49
N GLU FB 17 18.31 50.40 13.74
CA GLU FB 17 19.06 51.44 14.41
C GLU FB 17 19.40 51.05 15.84
N ILE FB 18 18.44 50.48 16.55
CA ILE FB 18 18.71 49.97 17.89
C ILE FB 18 19.87 48.97 17.84
N LEU FB 19 19.81 48.04 16.90
CA LEU FB 19 20.84 47.02 16.82
C LEU FB 19 22.19 47.63 16.50
N LYS FB 20 22.21 48.63 15.62
CA LYS FB 20 23.47 49.27 15.27
C LYS FB 20 24.07 49.99 16.46
N ALA FB 21 23.24 50.68 17.24
CA ALA FB 21 23.74 51.36 18.43
C ALA FB 21 24.27 50.35 19.43
N HIS FB 22 23.56 49.24 19.63
CA HIS FB 22 24.02 48.21 20.54
C HIS FB 22 25.34 47.62 20.06
N ALA FB 23 25.48 47.45 18.75
CA ALA FB 23 26.72 46.93 18.19
C ALA FB 23 27.87 47.88 18.44
N GLU FB 24 27.65 49.18 18.19
CA GLU FB 24 28.70 50.16 18.39
C GLU FB 24 29.12 50.23 19.85
N ILE FB 25 28.15 50.21 20.77
CA ILE FB 25 28.50 50.31 22.18
C ILE FB 25 29.19 49.05 22.66
N LEU FB 26 28.78 47.88 22.14
CA LEU FB 26 29.48 46.65 22.48
C LEU FB 26 30.89 46.62 21.92
N LYS FB 27 31.11 47.27 20.77
CA LYS FB 27 32.46 47.46 20.28
C LYS FB 27 33.25 48.38 21.19
N ALA FB 28 32.60 49.43 21.69
CA ALA FB 28 33.24 50.31 22.68
C ALA FB 28 33.56 49.54 23.95
N GLN FB 29 32.73 48.56 24.29
CA GLN FB 29 32.98 47.70 25.44
C GLN FB 29 34.23 46.86 25.22
N GLN GB 1 -30.10 -18.79 21.12
CA GLN GB 1 -31.22 -17.93 21.50
C GLN GB 1 -30.74 -16.62 22.08
N ALA GB 2 -29.52 -16.62 22.60
CA ALA GB 2 -28.97 -15.42 23.24
C ALA GB 2 -29.04 -14.23 22.30
N GLU GB 3 -28.85 -14.47 21.01
CA GLU GB 3 -28.95 -13.40 20.01
C GLU GB 3 -30.32 -12.75 20.05
N ILE GB 4 -31.38 -13.53 20.19
CA ILE GB 4 -32.73 -12.98 20.18
C ILE GB 4 -32.93 -12.06 21.37
N LEU GB 5 -32.47 -12.52 22.54
CA LEU GB 5 -32.62 -11.71 23.74
C LEU GB 5 -31.80 -10.44 23.63
N GLU GB 6 -30.61 -10.54 23.04
CA GLU GB 6 -29.82 -9.34 22.78
C GLU GB 6 -30.59 -8.36 21.91
N ALA GB 7 -31.26 -8.87 20.88
CA ALA GB 7 -32.04 -8.00 20.01
C ALA GB 7 -33.16 -7.31 20.79
N ASP GB 8 -33.83 -8.05 21.67
CA ASP GB 8 -34.86 -7.45 22.50
C ASP GB 8 -34.27 -6.34 23.35
N ALA GB 9 -33.11 -6.59 23.95
CA ALA GB 9 -32.44 -5.56 24.74
C ALA GB 9 -32.19 -4.32 23.90
N ARG GB 10 -31.78 -4.51 22.65
CA ARG GB 10 -31.53 -3.36 21.80
C ARG GB 10 -32.81 -2.58 21.54
N ILE GB 11 -33.92 -3.29 21.31
CA ILE GB 11 -35.20 -2.61 21.15
C ILE GB 11 -35.49 -1.73 22.35
N LEU GB 12 -35.33 -2.29 23.55
CA LEU GB 12 -35.66 -1.53 24.74
C LEU GB 12 -34.74 -0.33 24.91
N ARG GB 13 -33.44 -0.51 24.64
CA ARG GB 13 -32.53 0.62 24.72
C ARG GB 13 -32.94 1.72 23.75
N ALA GB 14 -33.40 1.34 22.56
CA ALA GB 14 -33.85 2.34 21.61
C ALA GB 14 -35.04 3.11 22.14
N TYR GB 15 -35.99 2.41 22.74
CA TYR GB 15 -37.13 3.12 23.31
C TYR GB 15 -36.69 4.07 24.41
N ALA GB 16 -35.73 3.63 25.23
CA ALA GB 16 -35.21 4.51 26.25
C ALA GB 16 -34.59 5.75 25.64
N GLU GB 17 -33.88 5.57 24.53
CA GLU GB 17 -33.29 6.72 23.84
C GLU GB 17 -34.38 7.68 23.40
N ILE GB 18 -35.49 7.14 22.90
CA ILE GB 18 -36.61 7.99 22.52
C ILE GB 18 -37.05 8.85 23.70
N LEU GB 19 -37.29 8.20 24.83
CA LEU GB 19 -37.77 8.94 25.99
C LEU GB 19 -36.76 10.00 26.44
N LYS GB 20 -35.48 9.65 26.40
CA LYS GB 20 -34.46 10.60 26.84
C LYS GB 20 -34.43 11.82 25.93
N ALA GB 21 -34.52 11.60 24.61
CA ALA GB 21 -34.56 12.73 23.70
C ALA GB 21 -35.81 13.57 23.92
N HIS GB 22 -36.93 12.93 24.24
CA HIS GB 22 -38.13 13.68 24.52
C HIS GB 22 -37.94 14.57 25.74
N ALA GB 23 -37.25 14.05 26.75
CA ALA GB 23 -36.92 14.85 27.93
C ALA GB 23 -36.06 16.04 27.54
N GLU GB 24 -35.08 15.80 26.67
CA GLU GB 24 -34.27 16.89 26.16
C GLU GB 24 -35.13 17.98 25.55
N ILE GB 25 -36.04 17.59 24.66
CA ILE GB 25 -36.97 18.54 24.06
C ILE GB 25 -37.68 19.34 25.13
N LEU GB 26 -38.33 18.63 26.05
CA LEU GB 26 -39.19 19.30 27.02
C LEU GB 26 -38.40 20.26 27.89
N LYS GB 27 -37.20 19.88 28.29
CA LYS GB 27 -36.35 20.80 29.05
C LYS GB 27 -36.01 22.02 28.22
N ALA GB 28 -35.74 21.83 26.94
CA ALA GB 28 -35.30 22.95 26.11
C ALA GB 28 -36.36 24.04 26.02
N GLN GB 29 -37.64 23.67 26.10
CA GLN GB 29 -38.71 24.64 25.94
C GLN GB 29 -38.62 25.74 26.97
N GLN HB 1 -41.65 -16.22 23.34
CA GLN HB 1 -41.10 -14.88 23.32
C GLN HB 1 -42.10 -13.89 22.75
N ALA HB 2 -43.08 -14.43 22.02
CA ALA HB 2 -44.09 -13.56 21.41
C ALA HB 2 -44.79 -12.70 22.43
N GLU HB 3 -44.85 -13.16 23.68
CA GLU HB 3 -45.41 -12.35 24.75
C GLU HB 3 -44.62 -11.05 24.91
N ILE HB 4 -43.30 -11.13 24.82
CA ILE HB 4 -42.47 -9.93 24.90
C ILE HB 4 -42.82 -8.98 23.76
N LEU HB 5 -43.07 -9.54 22.58
CA LEU HB 5 -43.38 -8.71 21.43
C LEU HB 5 -44.72 -8.02 21.61
N GLU HB 6 -45.73 -8.75 22.11
CA GLU HB 6 -47.00 -8.11 22.41
C GLU HB 6 -46.82 -7.03 23.46
N ALA HB 7 -45.96 -7.27 24.45
CA ALA HB 7 -45.75 -6.28 25.49
C ALA HB 7 -45.19 -5.00 24.92
N ASP HB 8 -44.12 -5.10 24.13
CA ASP HB 8 -43.54 -3.88 23.58
C ASP HB 8 -44.48 -3.22 22.58
N ALA HB 9 -45.30 -4.01 21.89
CA ALA HB 9 -46.33 -3.42 21.05
C ALA HB 9 -47.26 -2.55 21.87
N ARG HB 10 -47.69 -3.07 23.03
CA ARG HB 10 -48.51 -2.28 23.92
C ARG HB 10 -47.79 -1.02 24.35
N ILE HB 11 -46.51 -1.14 24.68
CA ILE HB 11 -45.72 0.02 25.09
C ILE HB 11 -45.76 1.10 24.03
N LEU HB 12 -45.52 0.71 22.78
CA LEU HB 12 -45.48 1.69 21.71
C LEU HB 12 -46.85 2.28 21.46
N ARG HB 13 -47.91 1.46 21.55
CA ARG HB 13 -49.25 2.02 21.42
C ARG HB 13 -49.51 3.07 22.48
N ALA HB 14 -49.13 2.80 23.72
CA ALA HB 14 -49.34 3.75 24.79
C ALA HB 14 -48.55 5.03 24.56
N TYR HB 15 -47.31 4.89 24.10
CA TYR HB 15 -46.52 6.08 23.82
C TYR HB 15 -47.15 6.90 22.72
N ALA HB 16 -47.65 6.24 21.68
CA ALA HB 16 -48.34 6.95 20.61
C ALA HB 16 -49.55 7.68 21.16
N GLU HB 17 -50.25 7.06 22.09
CA GLU HB 17 -51.42 7.71 22.68
C GLU HB 17 -51.03 8.96 23.44
N ILE HB 18 -49.97 8.86 24.24
CA ILE HB 18 -49.46 10.04 24.94
C ILE HB 18 -49.15 11.15 23.95
N LEU HB 19 -48.47 10.79 22.87
CA LEU HB 19 -48.08 11.80 21.89
C LEU HB 19 -49.30 12.41 21.24
N LYS HB 20 -50.31 11.61 20.93
CA LYS HB 20 -51.52 12.14 20.32
C LYS HB 20 -52.25 13.08 21.25
N ALA HB 21 -52.28 12.75 22.54
CA ALA HB 21 -52.92 13.62 23.51
C ALA HB 21 -52.19 14.95 23.60
N HIS HB 22 -50.86 14.89 23.71
CA HIS HB 22 -50.07 16.11 23.76
C HIS HB 22 -50.26 16.93 22.50
N ALA HB 23 -50.42 16.25 21.36
CA ALA HB 23 -50.64 16.94 20.09
C ALA HB 23 -51.97 17.68 20.08
N GLU HB 24 -53.04 16.99 20.48
CA GLU HB 24 -54.34 17.63 20.56
C GLU HB 24 -54.31 18.80 21.52
N ILE HB 25 -53.59 18.66 22.63
CA ILE HB 25 -53.48 19.76 23.59
C ILE HB 25 -52.80 20.95 22.94
N LEU HB 26 -51.63 20.73 22.35
CA LEU HB 26 -50.90 21.83 21.71
C LEU HB 26 -51.71 22.44 20.58
N LYS HB 27 -52.61 21.65 19.96
CA LYS HB 27 -53.53 22.20 18.98
C LYS HB 27 -54.56 23.11 19.66
N ALA HB 28 -55.07 22.68 20.82
CA ALA HB 28 -55.99 23.52 21.57
C ALA HB 28 -55.30 24.78 22.07
N GLN HB 29 -54.00 24.67 22.37
CA GLN HB 29 -53.21 25.82 22.78
C GLN HB 29 -53.08 26.81 21.64
N GLN IB 1 -26.87 -35.36 -32.98
CA GLN IB 1 -27.86 -34.37 -32.60
C GLN IB 1 -27.23 -33.14 -31.97
N ALA IB 2 -26.07 -33.35 -31.35
CA ALA IB 2 -25.40 -32.26 -30.66
C ALA IB 2 -25.21 -31.06 -31.57
N GLU IB 3 -24.96 -31.30 -32.84
CA GLU IB 3 -24.83 -30.22 -33.82
C GLU IB 3 -26.10 -29.36 -33.85
N ILE IB 4 -27.26 -30.00 -33.80
CA ILE IB 4 -28.52 -29.25 -33.87
C ILE IB 4 -28.65 -28.34 -32.67
N LEU IB 5 -28.34 -28.86 -31.49
CA LEU IB 5 -28.44 -28.07 -30.28
C LEU IB 5 -27.45 -26.92 -30.30
N GLU IB 6 -26.25 -27.18 -30.82
CA GLU IB 6 -25.29 -26.10 -30.98
C GLU IB 6 -25.83 -25.01 -31.90
N ALA IB 7 -26.51 -25.41 -32.99
CA ALA IB 7 -27.11 -24.43 -33.88
C ALA IB 7 -28.15 -23.59 -33.15
N ASP IB 8 -28.98 -24.24 -32.33
CA ASP IB 8 -29.96 -23.51 -31.54
C ASP IB 8 -29.26 -22.49 -30.64
N ALA IB 9 -28.19 -22.92 -29.98
CA ALA IB 9 -27.44 -22.01 -29.14
C ALA IB 9 -26.95 -20.81 -29.94
N ARG IB 10 -26.50 -21.05 -31.17
CA ARG IB 10 -26.05 -19.94 -31.99
C ARG IB 10 -27.19 -18.98 -32.30
N ILE IB 11 -28.36 -19.52 -32.59
CA ILE IB 11 -29.54 -18.67 -32.81
C ILE IB 11 -29.75 -17.76 -31.62
N LEU IB 12 -29.73 -18.35 -30.43
CA LEU IB 12 -30.03 -17.56 -29.24
C LEU IB 12 -28.96 -16.50 -28.99
N ARG IB 13 -27.70 -16.86 -29.20
CA ARG IB 13 -26.64 -15.87 -29.05
C ARG IB 13 -26.83 -14.72 -30.02
N ALA IB 14 -27.26 -15.03 -31.25
CA ALA IB 14 -27.49 -13.97 -32.22
C ALA IB 14 -28.60 -13.05 -31.75
N TYR IB 15 -29.69 -13.62 -31.22
CA TYR IB 15 -30.74 -12.77 -30.67
C TYR IB 15 -30.20 -11.88 -29.56
N ALA IB 16 -29.33 -12.44 -28.71
CA ALA IB 16 -28.72 -11.64 -27.66
C ALA IB 16 -27.92 -10.50 -28.25
N GLU IB 17 -27.21 -10.76 -29.36
CA GLU IB 17 -26.45 -9.71 -30.01
C GLU IB 17 -27.37 -8.58 -30.46
N ILE IB 18 -28.48 -8.94 -31.09
CA ILE IB 18 -29.46 -7.94 -31.49
C ILE IB 18 -29.86 -7.09 -30.30
N LEU IB 19 -30.22 -7.75 -29.21
CA LEU IB 19 -30.79 -7.04 -28.07
C LEU IB 19 -29.75 -6.11 -27.46
N LYS IB 20 -28.51 -6.58 -27.36
CA LYS IB 20 -27.45 -5.76 -26.80
C LYS IB 20 -27.15 -4.56 -27.66
N ALA IB 21 -27.16 -4.74 -28.98
CA ALA IB 21 -26.95 -3.59 -29.85
C ALA IB 21 -28.06 -2.58 -29.68
N HIS IB 22 -29.29 -3.05 -29.51
CA HIS IB 22 -30.39 -2.13 -29.27
C HIS IB 22 -30.17 -1.36 -27.97
N ALA IB 23 -29.64 -2.05 -26.96
CA ALA IB 23 -29.29 -1.37 -25.72
C ALA IB 23 -28.28 -0.27 -25.98
N GLU IB 24 -27.26 -0.57 -26.78
CA GLU IB 24 -26.21 0.41 -27.02
C GLU IB 24 -26.79 1.62 -27.74
N ILE IB 25 -27.68 1.37 -28.70
CA ILE IB 25 -28.42 2.47 -29.33
C ILE IB 25 -29.06 3.34 -28.26
N LEU IB 26 -29.93 2.74 -27.46
CA LEU IB 26 -30.72 3.51 -26.51
C LEU IB 26 -29.83 4.30 -25.57
N LYS IB 27 -28.70 3.73 -25.18
CA LYS IB 27 -27.76 4.49 -24.36
C LYS IB 27 -27.21 5.68 -25.13
N ALA IB 28 -26.89 5.48 -26.41
CA ALA IB 28 -26.24 6.56 -27.15
C ALA IB 28 -27.13 7.77 -27.31
N GLN IB 29 -28.44 7.58 -27.37
CA GLN IB 29 -29.35 8.70 -27.59
C GLN IB 29 -29.22 9.76 -26.52
N GLN JB 1 -38.06 -31.21 -31.27
CA GLN JB 1 -37.31 -29.96 -31.28
C GLN JB 1 -38.10 -28.85 -31.93
N ALA JB 2 -39.13 -29.23 -32.69
CA ALA JB 2 -39.96 -28.24 -33.36
C ALA JB 2 -40.56 -27.26 -32.37
N GLU JB 3 -40.80 -27.70 -31.14
CA GLU JB 3 -41.28 -26.80 -30.10
C GLU JB 3 -40.29 -25.67 -29.86
N ILE JB 4 -38.99 -25.98 -29.89
CA ILE JB 4 -37.99 -24.94 -29.72
C ILE JB 4 -38.09 -23.92 -30.83
N LEU JB 5 -38.29 -24.40 -32.06
CA LEU JB 5 -38.38 -23.50 -33.19
C LEU JB 5 -39.62 -22.63 -33.10
N GLU JB 6 -40.73 -23.21 -32.66
CA GLU JB 6 -41.94 -22.41 -32.43
C GLU JB 6 -41.70 -21.36 -31.37
N ALA JB 7 -40.96 -21.72 -30.31
CA ALA JB 7 -40.65 -20.74 -29.28
C ALA JB 7 -39.83 -19.60 -29.85
N ASP JB 8 -38.85 -19.92 -30.70
CA ASP JB 8 -38.07 -18.87 -31.34
C ASP JB 8 -38.94 -17.98 -32.20
N ALA JB 9 -39.87 -18.58 -32.94
CA ALA JB 9 -40.80 -17.80 -33.73
C ALA JB 9 -41.58 -16.83 -32.85
N ARG JB 10 -42.04 -17.33 -31.70
CA ARG JB 10 -42.77 -16.47 -30.77
C ARG JB 10 -41.91 -15.32 -30.30
N ILE JB 11 -40.67 -15.61 -29.92
CA ILE JB 11 -39.77 -14.57 -29.42
C ILE JB 11 -39.58 -13.50 -30.48
N LEU JB 12 -39.35 -13.91 -31.72
CA LEU JB 12 -39.11 -12.93 -32.77
C LEU JB 12 -40.37 -12.13 -33.06
N ARG JB 13 -41.54 -12.77 -33.03
CA ARG JB 13 -42.77 -12.02 -33.22
C ARG JB 13 -42.93 -10.97 -32.13
N ALA JB 14 -42.64 -11.33 -30.89
CA ALA JB 14 -42.76 -10.38 -29.79
C ALA JB 14 -41.79 -9.22 -29.97
N TYR JB 15 -40.56 -9.52 -30.36
CA TYR JB 15 -39.59 -8.45 -30.57
C TYR JB 15 -40.04 -7.53 -31.70
N ALA JB 16 -40.57 -8.11 -32.77
CA ALA JB 16 -41.10 -7.31 -33.86
C ALA JB 16 -42.23 -6.41 -33.37
N GLU JB 17 -43.06 -6.93 -32.47
CA GLU JB 17 -44.15 -6.12 -31.95
C GLU JB 17 -43.62 -4.96 -31.12
N ILE JB 18 -42.63 -5.23 -30.28
CA ILE JB 18 -41.99 -4.15 -29.53
C ILE JB 18 -41.48 -3.07 -30.48
N LEU JB 19 -40.78 -3.50 -31.53
CA LEU JB 19 -40.21 -2.55 -32.47
C LEU JB 19 -41.30 -1.76 -33.17
N LYS JB 20 -42.40 -2.42 -33.52
CA LYS JB 20 -43.49 -1.74 -34.20
C LYS JB 20 -44.12 -0.69 -33.31
N ALA JB 21 -44.33 -1.04 -32.03
CA ALA JB 21 -44.88 -0.06 -31.10
C ALA JB 21 -43.93 1.12 -30.92
N HIS JB 22 -42.64 0.84 -30.82
CA HIS JB 22 -41.67 1.92 -30.68
C HIS JB 22 -41.67 2.81 -31.90
N ALA JB 23 -41.81 2.20 -33.09
CA ALA JB 23 -41.88 2.99 -34.32
C ALA JB 23 -43.12 3.86 -34.33
N GLU JB 24 -44.25 3.29 -33.94
CA GLU JB 24 -45.49 4.05 -33.91
C GLU JB 24 -45.37 5.24 -32.96
N ILE JB 25 -44.83 5.02 -31.77
CA ILE JB 25 -44.76 6.11 -30.80
C ILE JB 25 -43.73 7.15 -31.23
N LEU JB 26 -42.65 6.71 -31.86
CA LEU JB 26 -41.68 7.66 -32.39
C LEU JB 26 -42.26 8.47 -33.54
N LYS JB 27 -43.18 7.89 -34.30
CA LYS JB 27 -43.95 8.66 -35.27
C LYS JB 27 -44.86 9.65 -34.56
N ALA JB 28 -45.49 9.23 -33.45
CA ALA JB 28 -46.28 10.16 -32.66
C ALA JB 28 -45.42 11.27 -32.08
N GLN JB 29 -44.16 10.97 -31.79
CA GLN JB 29 -43.22 11.98 -31.34
C GLN JB 29 -42.93 12.99 -32.45
N GLN KB 1 38.49 -29.46 -26.72
CA GLN KB 1 38.13 -30.30 -25.59
C GLN KB 1 36.84 -29.85 -24.94
N ALA KB 2 36.55 -28.54 -25.05
CA ALA KB 2 35.42 -27.96 -24.35
C ALA KB 2 34.14 -28.77 -24.58
N GLU KB 3 33.96 -29.26 -25.80
CA GLU KB 3 32.78 -30.06 -26.12
C GLU KB 3 32.68 -31.29 -25.23
N ILE KB 4 33.80 -31.89 -24.87
CA ILE KB 4 33.77 -33.10 -24.05
C ILE KB 4 33.22 -32.77 -22.67
N LEU KB 5 33.73 -31.69 -22.07
CA LEU KB 5 33.24 -31.30 -20.76
C LEU KB 5 31.78 -30.87 -20.83
N GLU KB 6 31.38 -30.26 -21.94
CA GLU KB 6 29.98 -29.95 -22.14
C GLU KB 6 29.13 -31.21 -22.11
N ALA KB 7 29.59 -32.25 -22.80
CA ALA KB 7 28.88 -33.52 -22.79
C ALA KB 7 28.77 -34.08 -21.38
N ASP KB 8 29.86 -33.99 -20.62
CA ASP KB 8 29.82 -34.44 -19.22
C ASP KB 8 28.75 -33.68 -18.45
N ALA KB 9 28.71 -32.37 -18.62
CA ALA KB 9 27.69 -31.57 -17.97
C ALA KB 9 26.30 -32.05 -18.35
N ARG KB 10 26.11 -32.41 -19.61
CA ARG KB 10 24.81 -32.91 -20.03
C ARG KB 10 24.47 -34.20 -19.31
N ILE KB 11 25.45 -35.10 -19.18
CA ILE KB 11 25.22 -36.33 -18.44
C ILE KB 11 24.73 -36.02 -17.03
N LEU KB 12 25.42 -35.10 -16.37
CA LEU KB 12 25.06 -34.81 -14.98
C LEU KB 12 23.68 -34.19 -14.89
N ARG KB 13 23.35 -33.29 -15.81
CA ARG KB 13 22.01 -32.72 -15.81
C ARG KB 13 20.95 -33.79 -16.01
N ALA KB 14 21.25 -34.78 -16.85
CA ALA KB 14 20.30 -35.87 -17.04
C ALA KB 14 20.10 -36.64 -15.75
N TYR KB 15 21.19 -36.93 -15.04
CA TYR KB 15 21.04 -37.61 -13.76
C TYR KB 15 20.19 -36.78 -12.79
N ALA KB 16 20.39 -35.47 -12.83
CA ALA KB 16 19.58 -34.59 -12.00
C ALA KB 16 18.11 -34.72 -12.37
N GLU KB 17 17.81 -34.80 -13.65
CA GLU KB 17 16.44 -34.99 -14.08
C GLU KB 17 15.86 -36.28 -13.51
N ILE KB 18 16.66 -37.35 -13.53
CA ILE KB 18 16.22 -38.60 -12.93
C ILE KB 18 15.82 -38.38 -11.49
N LEU KB 19 16.72 -37.79 -10.71
CA LEU KB 19 16.45 -37.63 -9.28
C LEU KB 19 15.23 -36.76 -9.05
N LYS KB 20 15.09 -35.70 -9.82
CA LYS KB 20 13.97 -34.78 -9.62
C LYS KB 20 12.65 -35.49 -9.92
N ALA KB 21 12.60 -36.26 -11.01
CA ALA KB 21 11.40 -36.99 -11.32
C ALA KB 21 11.09 -37.99 -10.21
N HIS KB 22 12.10 -38.66 -9.68
CA HIS KB 22 11.86 -39.61 -8.60
C HIS KB 22 11.27 -38.90 -7.38
N ALA KB 23 11.76 -37.70 -7.09
CA ALA KB 23 11.20 -36.91 -6.00
C ALA KB 23 9.73 -36.60 -6.26
N GLU KB 24 9.42 -36.23 -7.49
CA GLU KB 24 8.04 -35.92 -7.81
C GLU KB 24 7.16 -37.15 -7.63
N ILE KB 25 7.66 -38.31 -8.02
CA ILE KB 25 6.97 -39.58 -7.74
C ILE KB 25 6.66 -39.66 -6.26
N LEU KB 26 7.71 -39.62 -5.44
CA LEU KB 26 7.54 -39.85 -4.01
C LEU KB 26 6.57 -38.86 -3.40
N LYS KB 27 6.57 -37.62 -3.88
CA LYS KB 27 5.60 -36.65 -3.39
C LYS KB 27 4.20 -37.05 -3.78
N ALA KB 28 4.02 -37.54 -5.01
CA ALA KB 28 2.67 -37.86 -5.47
C ALA KB 28 2.02 -38.97 -4.65
N GLN KB 29 2.81 -39.90 -4.13
CA GLN KB 29 2.27 -41.04 -3.41
C GLN KB 29 1.44 -40.59 -2.21
N GLN LB 1 40.43 -37.91 -18.20
CA GLN LB 1 38.99 -37.72 -18.04
C GLN LB 1 38.31 -39.04 -17.70
N ALA LB 2 39.03 -40.15 -17.94
CA ALA LB 2 38.46 -41.46 -17.64
C ALA LB 2 38.06 -41.57 -16.18
N GLU LB 3 38.73 -40.84 -15.30
CA GLU LB 3 38.34 -40.81 -13.90
C GLU LB 3 36.93 -40.27 -13.74
N ILE LB 4 36.57 -39.26 -14.53
CA ILE LB 4 35.20 -38.72 -14.47
C ILE LB 4 34.21 -39.79 -14.87
N LEU LB 5 34.53 -40.56 -15.91
CA LEU LB 5 33.61 -41.60 -16.36
C LEU LB 5 33.48 -42.69 -15.33
N GLU LB 6 34.60 -43.04 -14.67
CA GLU LB 6 34.52 -44.01 -13.58
C GLU LB 6 33.64 -43.49 -12.45
N ALA LB 7 33.75 -42.20 -12.14
CA ALA LB 7 32.90 -41.63 -11.11
C ALA LB 7 31.44 -41.72 -11.50
N ASP LB 8 31.14 -41.46 -12.78
CA ASP LB 8 29.78 -41.60 -13.25
C ASP LB 8 29.28 -43.02 -13.10
N ALA LB 9 30.13 -43.99 -13.46
CA ALA LB 9 29.76 -45.39 -13.28
C ALA LB 9 29.44 -45.68 -11.83
N ARG LB 10 30.27 -45.16 -10.92
CA ARG LB 10 30.01 -45.37 -9.50
C ARG LB 10 28.68 -44.78 -9.08
N ILE LB 11 28.40 -43.56 -9.52
CA ILE LB 11 27.14 -42.90 -9.15
C ILE LB 11 25.96 -43.74 -9.61
N LEU LB 12 26.02 -44.21 -10.86
CA LEU LB 12 24.90 -44.96 -11.38
C LEU LB 12 24.76 -46.31 -10.67
N ARG LB 13 25.87 -46.95 -10.34
CA ARG LB 13 25.79 -48.19 -9.57
C ARG LB 13 25.10 -47.94 -8.23
N ALA LB 14 25.48 -46.86 -7.57
CA ALA LB 14 24.88 -46.55 -6.27
C ALA LB 14 23.39 -46.29 -6.41
N TYR LB 15 22.99 -45.54 -7.45
CA TYR LB 15 21.59 -45.28 -7.65
C TYR LB 15 20.83 -46.57 -7.92
N ALA LB 16 21.42 -47.46 -8.72
CA ALA LB 16 20.81 -48.75 -8.98
C ALA LB 16 20.64 -49.54 -7.69
N GLU LB 17 21.62 -49.43 -6.80
CA GLU LB 17 21.53 -50.14 -5.53
C GLU LB 17 20.39 -49.59 -4.69
N ILE LB 18 20.28 -48.27 -4.61
CA ILE LB 18 19.15 -47.66 -3.91
C ILE LB 18 17.84 -48.20 -4.47
N LEU LB 19 17.72 -48.20 -5.80
CA LEU LB 19 16.49 -48.64 -6.41
C LEU LB 19 16.20 -50.10 -6.11
N LYS LB 20 17.25 -50.93 -6.11
CA LYS LB 20 17.06 -52.34 -5.83
C LYS LB 20 16.60 -52.56 -4.41
N ALA LB 21 17.19 -51.82 -3.46
CA ALA LB 21 16.75 -51.94 -2.07
C ALA LB 21 15.30 -51.50 -1.92
N HIS LB 22 14.94 -50.39 -2.58
CA HIS LB 22 13.56 -49.91 -2.51
C HIS LB 22 12.61 -50.93 -3.11
N ALA LB 23 13.03 -51.58 -4.20
CA ALA LB 23 12.21 -52.61 -4.83
C ALA LB 23 12.01 -53.79 -3.89
N GLU LB 24 13.09 -54.26 -3.27
CA GLU LB 24 12.98 -55.39 -2.37
C GLU LB 24 12.09 -55.07 -1.18
N ILE LB 25 12.24 -53.88 -0.61
CA ILE LB 25 11.43 -53.54 0.56
C ILE LB 25 9.97 -53.36 0.17
N LEU LB 26 9.72 -52.80 -1.02
CA LEU LB 26 8.34 -52.69 -1.50
C LEU LB 26 7.74 -54.05 -1.79
N LYS LB 27 8.55 -55.02 -2.20
CA LYS LB 27 8.09 -56.39 -2.31
C LYS LB 27 7.77 -56.96 -0.94
N ALA LB 28 8.60 -56.65 0.06
CA ALA LB 28 8.31 -57.04 1.43
C ALA LB 28 7.03 -56.41 1.92
N GLN LB 29 6.74 -55.20 1.45
CA GLN LB 29 5.50 -54.52 1.78
C GLN LB 29 4.31 -55.26 1.20
N GLN MB 1 3.11 20.26 -51.35
CA GLN MB 1 4.16 20.97 -50.62
C GLN MB 1 4.43 20.32 -49.28
N ALA MB 2 3.45 19.60 -48.76
CA ALA MB 2 3.58 18.97 -47.45
C ALA MB 2 4.84 18.11 -47.38
N GLU MB 3 5.18 17.45 -48.49
CA GLU MB 3 6.38 16.65 -48.54
C GLU MB 3 7.63 17.47 -48.24
N ILE MB 4 7.69 18.70 -48.76
CA ILE MB 4 8.87 19.53 -48.55
C ILE MB 4 9.01 19.87 -47.08
N LEU MB 5 7.90 20.23 -46.45
CA LEU MB 5 7.94 20.58 -45.04
C LEU MB 5 8.31 19.36 -44.20
N GLU MB 6 7.81 18.18 -44.59
CA GLU MB 6 8.22 16.96 -43.92
C GLU MB 6 9.72 16.76 -44.02
N ALA MB 7 10.29 17.03 -45.19
CA ALA MB 7 11.73 16.88 -45.35
C ALA MB 7 12.48 17.84 -44.44
N ASP MB 8 12.00 19.09 -44.34
CA ASP MB 8 12.61 20.04 -43.43
C ASP MB 8 12.58 19.51 -42.00
N ALA MB 9 11.42 18.98 -41.59
CA ALA MB 9 11.31 18.40 -40.26
C ALA MB 9 12.35 17.31 -40.06
N ARG MB 10 12.56 16.49 -41.08
CA ARG MB 10 13.56 15.42 -40.94
C ARG MB 10 14.95 16.01 -40.76
N ILE MB 11 15.27 17.06 -41.51
CA ILE MB 11 16.56 17.72 -41.33
C ILE MB 11 16.73 18.14 -39.88
N LEU MB 12 15.72 18.79 -39.33
CA LEU MB 12 15.84 19.30 -37.98
C LEU MB 12 15.98 18.17 -36.97
N ARG MB 13 15.19 17.10 -37.15
CA ARG MB 13 15.33 15.95 -36.26
C ARG MB 13 16.74 15.38 -36.31
N ALA MB 14 17.34 15.35 -37.51
CA ALA MB 14 18.70 14.85 -37.62
C ALA MB 14 19.66 15.72 -36.83
N TYR MB 15 19.52 17.04 -36.95
CA TYR MB 15 20.39 17.92 -36.19
C TYR MB 15 20.22 17.69 -34.68
N ALA MB 16 18.97 17.49 -34.26
CA ALA MB 16 18.72 17.19 -32.85
C ALA MB 16 19.43 15.91 -32.44
N GLU MB 17 19.41 14.91 -33.32
CA GLU MB 17 20.11 13.67 -33.03
C GLU MB 17 21.60 13.92 -32.85
N ILE MB 18 22.17 14.79 -33.69
CA ILE MB 18 23.57 15.16 -33.54
C ILE MB 18 23.82 15.69 -32.15
N LEU MB 19 23.02 16.68 -31.74
CA LEU MB 19 23.25 17.29 -30.44
C LEU MB 19 23.10 16.27 -29.31
N LYS MB 20 22.12 15.38 -29.43
CA LYS MB 20 21.90 14.40 -28.38
C LYS MB 20 23.09 13.46 -28.26
N ALA MB 21 23.63 13.01 -29.40
CA ALA MB 21 24.81 12.16 -29.36
C ALA MB 21 25.99 12.90 -28.77
N HIS MB 22 26.11 14.20 -29.07
CA HIS MB 22 27.20 14.97 -28.49
C HIS MB 22 27.07 15.03 -26.98
N ALA MB 23 25.84 15.16 -26.49
CA ALA MB 23 25.61 15.11 -25.06
C ALA MB 23 26.03 13.78 -24.48
N GLU MB 24 25.69 12.70 -25.18
CA GLU MB 24 26.15 11.37 -24.76
C GLU MB 24 27.66 11.33 -24.61
N ILE MB 25 28.36 11.80 -25.63
CA ILE MB 25 29.83 11.87 -25.56
C ILE MB 25 30.27 12.60 -24.31
N LEU MB 26 29.77 13.82 -24.13
CA LEU MB 26 30.26 14.67 -23.07
C LEU MB 26 29.99 14.07 -21.71
N LYS MB 27 28.83 13.45 -21.53
CA LYS MB 27 28.55 12.76 -20.28
C LYS MB 27 29.52 11.62 -20.05
N ALA MB 28 29.83 10.88 -21.12
CA ALA MB 28 30.68 9.71 -20.97
C ALA MB 28 32.06 10.06 -20.44
N GLN MB 29 32.56 11.25 -20.75
CA GLN MB 29 33.90 11.63 -20.35
C GLN MB 29 34.07 11.58 -18.85
N GLN NB 1 10.70 29.35 -49.22
CA GLN NB 1 11.24 28.36 -48.29
C GLN NB 1 12.75 28.48 -48.19
N ALA NB 2 13.35 29.13 -49.19
CA ALA NB 2 14.80 29.29 -49.19
C ALA NB 2 15.30 29.97 -47.93
N GLU NB 3 14.45 30.79 -47.30
CA GLU NB 3 14.80 31.38 -46.03
C GLU NB 3 15.08 30.31 -44.98
N ILE NB 4 14.27 29.26 -44.96
CA ILE NB 4 14.51 28.16 -44.03
C ILE NB 4 15.86 27.52 -44.31
N LEU NB 5 16.21 27.40 -45.59
CA LEU NB 5 17.47 26.78 -45.95
C LEU NB 5 18.64 27.64 -45.49
N GLU NB 6 18.55 28.95 -45.70
CA GLU NB 6 19.59 29.84 -45.20
C GLU NB 6 19.68 29.75 -43.68
N ALA NB 7 18.54 29.62 -43.01
CA ALA NB 7 18.55 29.53 -41.56
C ALA NB 7 19.31 28.30 -41.09
N ASP NB 8 18.96 27.14 -41.64
CA ASP NB 8 19.65 25.93 -41.19
C ASP NB 8 21.12 25.94 -41.62
N ALA NB 9 21.42 26.59 -42.74
CA ALA NB 9 22.82 26.77 -43.10
C ALA NB 9 23.56 27.54 -42.01
N ARG NB 10 22.94 28.62 -41.52
CA ARG NB 10 23.52 29.36 -40.42
C ARG NB 10 23.70 28.47 -39.20
N ILE NB 11 22.69 27.66 -38.90
CA ILE NB 11 22.76 26.77 -37.75
C ILE NB 11 23.98 25.88 -37.86
N LEU NB 12 24.17 25.26 -39.02
CA LEU NB 12 25.28 24.33 -39.18
C LEU NB 12 26.61 25.07 -39.13
N ARG NB 13 26.68 26.27 -39.70
CA ARG NB 13 27.91 27.05 -39.58
C ARG NB 13 28.25 27.31 -38.12
N ALA NB 14 27.25 27.70 -37.33
CA ALA NB 14 27.49 27.97 -35.92
C ALA NB 14 27.94 26.72 -35.19
N TYR NB 15 27.31 25.58 -35.49
CA TYR NB 15 27.73 24.35 -34.84
C TYR NB 15 29.16 24.00 -35.20
N ALA NB 16 29.53 24.18 -36.46
CA ALA NB 16 30.90 23.95 -36.88
C ALA NB 16 31.85 24.86 -36.13
N GLU NB 17 31.43 26.11 -35.90
CA GLU NB 17 32.28 27.03 -35.17
C GLU NB 17 32.48 26.56 -33.73
N ILE NB 18 31.41 26.13 -33.08
CA ILE NB 18 31.52 25.58 -31.73
C ILE NB 18 32.51 24.43 -31.72
N LEU NB 19 32.38 23.53 -32.69
CA LEU NB 19 33.26 22.36 -32.75
C LEU NB 19 34.70 22.78 -32.95
N LYS NB 20 34.93 23.76 -33.82
CA LYS NB 20 36.30 24.21 -34.07
C LYS NB 20 36.89 24.83 -32.81
N ALA NB 21 36.10 25.59 -32.08
CA ALA NB 21 36.59 26.19 -30.84
C ALA NB 21 36.95 25.12 -29.83
N HIS NB 22 36.07 24.14 -29.65
CA HIS NB 22 36.35 23.05 -28.73
C HIS NB 22 37.58 22.28 -29.17
N ALA NB 23 37.78 22.16 -30.48
CA ALA NB 23 38.95 21.46 -31.01
C ALA NB 23 40.23 22.21 -30.68
N GLU NB 24 40.25 23.52 -30.94
CA GLU NB 24 41.42 24.32 -30.60
C GLU NB 24 41.69 24.27 -29.11
N ILE NB 25 40.65 24.27 -28.29
CA ILE NB 25 40.83 24.18 -26.85
C ILE NB 25 41.50 22.86 -26.48
N LEU NB 26 40.92 21.75 -26.94
CA LEU NB 26 41.48 20.43 -26.65
C LEU NB 26 42.90 20.30 -27.19
N LYS NB 27 43.22 21.04 -28.24
CA LYS NB 27 44.60 21.10 -28.72
C LYS NB 27 45.48 21.86 -27.73
N ALA NB 28 44.97 22.97 -27.19
CA ALA NB 28 45.71 23.70 -26.17
C ALA NB 28 45.85 22.87 -24.91
N GLN NB 29 44.87 22.03 -24.61
CA GLN NB 29 44.93 21.13 -23.47
C GLN NB 29 46.03 20.09 -23.67
N GLN OB 1 34.89 6.42 25.64
CA GLN OB 1 35.02 5.66 26.87
C GLN OB 1 33.76 5.74 27.71
N ALA OB 2 33.03 6.84 27.55
CA ALA OB 2 31.83 7.06 28.35
C ALA OB 2 30.89 5.87 28.26
N GLU OB 3 30.81 5.25 27.08
CA GLU OB 3 29.99 4.06 26.91
C GLU OB 3 30.40 2.95 27.87
N ILE OB 4 31.69 2.77 28.09
CA ILE OB 4 32.16 1.70 28.96
C ILE OB 4 31.71 1.97 30.39
N LEU OB 5 31.85 3.21 30.82
CA LEU OB 5 31.44 3.56 32.18
C LEU OB 5 29.95 3.41 32.34
N GLU OB 6 29.18 3.77 31.32
CA GLU OB 6 27.74 3.55 31.36
C GLU OB 6 27.43 2.07 31.51
N ALA OB 7 28.17 1.21 30.80
CA ALA OB 7 27.96 -0.21 30.93
C ALA OB 7 28.23 -0.69 32.35
N ASP OB 8 29.31 -0.18 32.95
CA ASP OB 8 29.60 -0.51 34.35
C ASP OB 8 28.44 -0.11 35.24
N ALA OB 9 27.92 1.10 35.05
CA ALA OB 9 26.77 1.55 35.82
C ALA OB 9 25.61 0.60 35.67
N ARG OB 10 25.39 0.10 34.45
CA ARG OB 10 24.29 -0.85 34.25
C ARG OB 10 24.53 -2.14 35.03
N ILE OB 11 25.78 -2.62 35.03
CA ILE OB 11 26.10 -3.80 35.82
C ILE OB 11 25.72 -3.58 37.28
N LEU OB 12 26.11 -2.44 37.83
CA LEU OB 12 25.86 -2.19 39.24
C LEU OB 12 24.37 -2.08 39.53
N ARG OB 13 23.64 -1.41 38.64
CA ARG OB 13 22.19 -1.32 38.82
C ARG OB 13 21.55 -2.70 38.81
N ALA OB 14 22.06 -3.59 37.94
CA ALA OB 14 21.52 -4.94 37.91
C ALA OB 14 21.78 -5.67 39.21
N TYR OB 15 22.98 -5.51 39.76
CA TYR OB 15 23.26 -6.11 41.06
C TYR OB 15 22.29 -5.57 42.11
N ALA OB 16 22.03 -4.26 42.06
CA ALA OB 16 21.07 -3.68 42.99
C ALA OB 16 19.69 -4.32 42.83
N GLU OB 17 19.31 -4.58 41.58
CA GLU OB 17 18.02 -5.23 41.34
C GLU OB 17 17.98 -6.59 42.00
N ILE OB 18 19.04 -7.37 41.83
CA ILE OB 18 19.13 -8.67 42.51
C ILE OB 18 18.91 -8.50 44.00
N LEU OB 19 19.65 -7.58 44.59
CA LEU OB 19 19.65 -7.47 46.04
C LEU OB 19 18.27 -7.04 46.54
N LYS OB 20 17.64 -6.11 45.83
CA LYS OB 20 16.32 -5.65 46.22
C LYS OB 20 15.28 -6.75 46.10
N ALA OB 21 15.37 -7.56 45.05
CA ALA OB 21 14.44 -8.67 44.94
C ALA OB 21 14.64 -9.65 46.08
N HIS OB 22 15.89 -9.87 46.48
CA HIS OB 22 16.13 -10.75 47.63
C HIS OB 22 15.50 -10.17 48.88
N ALA OB 23 15.57 -8.84 49.02
CA ALA OB 23 14.89 -8.19 50.13
C ALA OB 23 13.41 -8.46 50.11
N GLU OB 24 12.80 -8.35 48.93
CA GLU OB 24 11.37 -8.54 48.83
C GLU OB 24 11.00 -9.97 49.19
N ILE OB 25 11.82 -10.92 48.75
CA ILE OB 25 11.65 -12.32 49.19
C ILE OB 25 11.59 -12.37 50.71
N LEU OB 26 12.68 -11.91 51.35
CA LEU OB 26 12.80 -12.07 52.79
C LEU OB 26 11.64 -11.42 53.51
N LYS OB 27 11.15 -10.29 53.00
CA LYS OB 27 9.98 -9.68 53.60
C LYS OB 27 8.76 -10.58 53.46
N ALA OB 28 8.61 -11.20 52.28
CA ALA OB 28 7.40 -11.98 52.02
C ALA OB 28 7.28 -13.18 52.95
N GLN OB 29 8.40 -13.75 53.37
CA GLN OB 29 8.36 -14.96 54.19
C GLN OB 29 7.61 -14.73 55.48
N GLN PB 1 40.76 -0.10 33.91
CA GLN PB 1 39.38 -0.42 34.24
C GLN PB 1 39.25 -1.85 34.71
N ALA PB 2 40.25 -2.67 34.39
CA ALA PB 2 40.22 -4.07 34.78
C ALA PB 2 40.08 -4.21 36.29
N GLU PB 3 40.58 -3.24 37.05
CA GLU PB 3 40.39 -3.25 38.49
C GLU PB 3 38.91 -3.22 38.85
N ILE PB 4 38.12 -2.44 38.11
CA ILE PB 4 36.69 -2.40 38.36
C ILE PB 4 36.07 -3.76 38.13
N LEU PB 5 36.50 -4.44 37.07
CA LEU PB 5 35.96 -5.75 36.76
C LEU PB 5 36.34 -6.76 37.83
N GLU PB 6 37.58 -6.68 38.32
CA GLU PB 6 37.97 -7.55 39.42
C GLU PB 6 37.14 -7.28 40.66
N ALA PB 7 36.84 -6.01 40.93
CA ALA PB 7 36.00 -5.67 42.06
C ALA PB 7 34.62 -6.28 41.90
N ASP PB 8 34.06 -6.21 40.69
CA ASP PB 8 32.76 -6.83 40.44
C ASP PB 8 32.83 -8.33 40.68
N ALA PB 9 33.91 -8.96 40.22
CA ALA PB 9 34.08 -10.39 40.46
C ALA PB 9 34.07 -10.68 41.95
N ARG PB 10 34.77 -9.86 42.72
CA ARG PB 10 34.81 -10.03 44.17
C ARG PB 10 33.42 -9.92 44.76
N ILE PB 11 32.67 -8.89 44.35
CA ILE PB 11 31.33 -8.68 44.88
C ILE PB 11 30.46 -9.90 44.61
N LEU PB 12 30.51 -10.40 43.38
CA LEU PB 12 29.67 -11.54 43.04
C LEU PB 12 30.10 -12.79 43.79
N ARG PB 13 31.41 -12.99 43.97
CA ARG PB 13 31.85 -14.12 44.77
C ARG PB 13 31.32 -14.03 46.19
N ALA PB 14 31.37 -12.84 46.77
CA ALA PB 14 30.88 -12.66 48.14
C ALA PB 14 29.39 -12.94 48.21
N TYR PB 15 28.62 -12.44 47.24
CA TYR PB 15 27.20 -12.70 47.24
C TYR PB 15 26.91 -14.18 47.11
N ALA PB 16 27.66 -14.86 46.25
CA ALA PB 16 27.50 -16.30 46.11
C ALA PB 16 27.79 -17.00 47.43
N GLU PB 17 28.79 -16.51 48.16
CA GLU PB 17 29.11 -17.12 49.45
C GLU PB 17 27.98 -16.93 50.44
N ILE PB 18 27.41 -15.72 50.48
CA ILE PB 18 26.25 -15.48 51.34
C ILE PB 18 25.14 -16.46 50.99
N LEU PB 19 24.86 -16.61 49.71
CA LEU PB 19 23.78 -17.49 49.28
C LEU PB 19 24.08 -18.93 49.66
N LYS PB 20 25.33 -19.34 49.53
CA LYS PB 20 25.69 -20.72 49.86
C LYS PB 20 25.53 -20.98 51.35
N ALA PB 21 25.94 -20.02 52.18
CA ALA PB 21 25.76 -20.17 53.62
C ALA PB 21 24.28 -20.22 53.98
N HIS PB 22 23.48 -19.37 53.34
CA HIS PB 22 22.04 -19.39 53.60
C HIS PB 22 21.43 -20.72 53.18
N ALA PB 23 21.89 -21.27 52.06
CA ALA PB 23 21.41 -22.57 51.62
C ALA PB 23 21.78 -23.65 52.60
N GLU PB 24 23.03 -23.63 53.07
CA GLU PB 24 23.47 -24.63 54.03
C GLU PB 24 22.64 -24.57 55.31
N ILE PB 25 22.40 -23.36 55.83
CA ILE PB 25 21.67 -23.26 57.09
C ILE PB 25 20.21 -23.62 56.89
N LEU PB 26 19.64 -23.28 55.73
CA LEU PB 26 18.27 -23.69 55.43
C LEU PB 26 18.16 -25.19 55.27
N LYS PB 27 19.22 -25.84 54.81
CA LYS PB 27 19.27 -27.30 54.85
C LYS PB 27 19.35 -27.80 56.28
N ALA PB 28 20.13 -27.12 57.12
CA ALA PB 28 20.15 -27.46 58.55
C ALA PB 28 18.79 -27.25 59.18
N GLN PB 29 18.04 -26.28 58.70
CA GLN PB 29 16.68 -26.05 59.17
C GLN PB 29 15.78 -27.22 58.77
N GLN QB 1 -18.47 39.36 5.30
CA GLN QB 1 -17.62 40.42 5.84
C GLN QB 1 -16.92 39.98 7.10
N ALA QB 2 -17.54 39.07 7.85
CA ALA QB 2 -17.03 38.67 9.16
C ALA QB 2 -15.55 38.32 9.11
N GLU QB 3 -15.12 37.67 8.02
CA GLU QB 3 -13.73 37.32 7.87
C GLU QB 3 -12.82 38.53 7.92
N ILE QB 4 -13.28 39.66 7.36
CA ILE QB 4 -12.45 40.85 7.34
C ILE QB 4 -12.21 41.35 8.75
N LEU QB 5 -13.27 41.43 9.54
CA LEU QB 5 -13.12 41.88 10.92
C LEU QB 5 -12.29 40.89 11.72
N GLU QB 6 -12.41 39.60 11.40
CA GLU QB 6 -11.56 38.61 12.04
C GLU QB 6 -10.09 38.90 11.74
N ALA QB 7 -9.78 39.22 10.48
CA ALA QB 7 -8.41 39.57 10.13
C ALA QB 7 -7.93 40.79 10.89
N ASP QB 8 -8.80 41.79 11.03
CA ASP QB 8 -8.44 42.96 11.82
C ASP QB 8 -8.09 42.56 13.24
N ALA QB 9 -8.92 41.72 13.84
CA ALA QB 9 -8.65 41.24 15.19
C ALA QB 9 -7.28 40.56 15.25
N ARG QB 10 -6.95 39.79 14.22
CA ARG QB 10 -5.64 39.15 14.20
C ARG QB 10 -4.53 40.17 14.18
N ILE QB 11 -4.68 41.23 13.37
CA ILE QB 11 -3.70 42.29 13.35
C ILE QB 11 -3.48 42.85 14.75
N LEU QB 12 -4.58 43.14 15.43
CA LEU QB 12 -4.45 43.76 16.75
C LEU QB 12 -3.81 42.81 17.74
N ARG QB 13 -4.17 41.53 17.70
CA ARG QB 13 -3.51 40.56 18.57
C ARG QB 13 -2.02 40.50 18.31
N ALA QB 14 -1.62 40.60 17.04
CA ALA QB 14 -0.21 40.60 16.73
C ALA QB 14 0.49 41.80 17.35
N TYR QB 15 -0.14 42.98 17.24
CA TYR QB 15 0.46 44.15 17.87
C TYR QB 15 0.58 43.95 19.37
N ALA QB 16 -0.42 43.31 19.98
CA ALA QB 16 -0.35 43.00 21.39
C ALA QB 16 0.85 42.11 21.69
N GLU QB 17 1.09 41.13 20.83
CA GLU QB 17 2.26 40.27 21.01
C GLU QB 17 3.54 41.08 20.99
N ILE QB 18 3.62 42.03 20.06
CA ILE QB 18 4.78 42.91 20.00
C ILE QB 18 4.99 43.58 21.34
N LEU QB 19 3.94 44.23 21.84
CA LEU QB 19 4.09 45.00 23.08
C LEU QB 19 4.45 44.10 24.25
N LYS QB 20 3.84 42.92 24.31
CA LYS QB 20 4.12 42.01 25.42
C LYS QB 20 5.56 41.54 25.39
N ALA QB 21 6.07 41.19 24.21
CA ALA QB 21 7.46 40.80 24.12
C ALA QB 21 8.38 41.94 24.52
N HIS QB 22 8.04 43.16 24.11
CA HIS QB 22 8.87 44.30 24.50
C HIS QB 22 8.91 44.46 26.01
N ALA QB 23 7.76 44.25 26.66
CA ALA QB 23 7.71 44.29 28.11
C ALA QB 23 8.61 43.24 28.72
N GLU QB 24 8.57 42.03 28.16
CA GLU QB 24 9.41 40.98 28.68
C GLU QB 24 10.89 41.34 28.53
N ILE QB 25 11.25 41.95 27.40
CA ILE QB 25 12.59 42.48 27.24
C ILE QB 25 12.94 43.40 28.40
N LEU QB 26 12.13 44.45 28.57
CA LEU QB 26 12.45 45.47 29.56
C LEU QB 26 12.57 44.87 30.95
N LYS QB 27 11.74 43.88 31.26
CA LYS QB 27 11.86 43.22 32.55
C LYS QB 27 13.19 42.48 32.66
N ALA QB 28 13.61 41.82 31.58
CA ALA QB 28 14.82 41.02 31.64
C ALA QB 28 16.05 41.86 31.92
N GLN QB 29 16.07 43.10 31.47
CA GLN QB 29 17.25 43.95 31.63
C GLN QB 29 17.62 44.13 33.08
N GLN RB 1 -14.23 50.71 6.16
CA GLN RB 1 -13.25 50.02 6.99
C GLN RB 1 -11.87 50.65 6.82
N ALA RB 2 -11.70 51.42 5.76
CA ALA RB 2 -10.42 52.06 5.50
C ALA RB 2 -9.99 52.92 6.69
N GLU RB 3 -10.96 53.46 7.43
CA GLU RB 3 -10.64 54.21 8.64
C GLU RB 3 -9.90 53.34 9.64
N ILE RB 4 -10.31 52.08 9.76
CA ILE RB 4 -9.62 51.17 10.67
C ILE RB 4 -8.18 50.99 10.24
N LEU RB 5 -7.95 50.84 8.94
CA LEU RB 5 -6.61 50.65 8.45
C LEU RB 5 -5.76 51.90 8.67
N GLU RB 6 -6.36 53.07 8.49
CA GLU RB 6 -5.66 54.31 8.79
C GLU RB 6 -5.28 54.37 10.26
N ALA RB 7 -6.20 53.94 11.14
CA ALA RB 7 -5.89 53.92 12.56
C ALA RB 7 -4.73 52.99 12.85
N ASP RB 8 -4.71 51.83 12.19
CA ASP RB 8 -3.59 50.91 12.36
C ASP RB 8 -2.28 51.55 11.91
N ALA RB 9 -2.31 52.24 10.78
CA ALA RB 9 -1.12 52.94 10.31
C ALA RB 9 -0.65 53.93 11.36
N ARG RB 10 -1.59 54.68 11.94
CA ARG RB 10 -1.23 55.65 12.97
C ARG RB 10 -0.58 54.96 14.16
N ILE RB 11 -1.17 53.86 14.62
CA ILE RB 11 -0.63 53.15 15.77
C ILE RB 11 0.80 52.71 15.50
N LEU RB 12 1.02 52.13 14.31
CA LEU RB 12 2.35 51.64 14.00
C LEU RB 12 3.35 52.78 13.87
N ARG RB 13 2.93 53.91 13.29
CA ARG RB 13 3.83 55.06 13.22
C ARG RB 13 4.21 55.51 14.63
N ALA RB 14 3.24 55.56 15.53
CA ALA RB 14 3.54 55.99 16.88
C ALA RB 14 4.50 55.03 17.56
N TYR RB 15 4.29 53.73 17.38
CA TYR RB 15 5.19 52.75 17.98
C TYR RB 15 6.59 52.91 17.41
N ALA RB 16 6.69 53.12 16.10
CA ALA RB 16 8.00 53.35 15.50
C ALA RB 16 8.66 54.58 16.08
N GLU RB 17 7.87 55.61 16.36
CA GLU RB 17 8.45 56.82 16.94
C GLU RB 17 8.97 56.55 18.35
N ILE RB 18 8.20 55.81 19.15
CA ILE RB 18 8.69 55.42 20.47
C ILE RB 18 10.02 54.69 20.34
N LEU RB 19 10.07 53.72 19.42
CA LEU RB 19 11.28 52.94 19.27
C LEU RB 19 12.44 53.80 18.83
N LYS RB 20 12.19 54.75 17.93
CA LYS RB 20 13.26 55.62 17.47
C LYS RB 20 13.79 56.49 18.58
N ALA RB 21 12.90 57.03 19.41
CA ALA RB 21 13.34 57.83 20.55
C ALA RB 21 14.15 56.98 21.52
N HIS RB 22 13.70 55.76 21.79
CA HIS RB 22 14.43 54.87 22.68
C HIS RB 22 15.81 54.56 22.11
N ALA RB 23 15.87 54.37 20.79
CA ALA RB 23 17.15 54.10 20.14
C ALA RB 23 18.09 55.28 20.27
N GLU RB 24 17.59 56.48 20.02
CA GLU RB 24 18.43 57.66 20.10
C GLU RB 24 18.93 57.87 21.52
N ILE RB 25 18.07 57.69 22.52
CA ILE RB 25 18.50 57.91 23.89
C ILE RB 25 19.47 56.83 24.34
N LEU RB 26 19.28 55.59 23.87
CA LEU RB 26 20.24 54.53 24.17
C LEU RB 26 21.57 54.77 23.49
N LYS RB 27 21.56 55.41 22.32
CA LYS RB 27 22.81 55.86 21.71
C LYS RB 27 23.46 56.95 22.54
N ALA RB 28 22.65 57.86 23.07
CA ALA RB 28 23.16 58.89 23.98
C ALA RB 28 23.74 58.24 25.24
N GLN RB 29 23.16 57.13 25.67
CA GLN RB 29 23.67 56.38 26.80
C GLN RB 29 25.05 55.80 26.49
N GLN SB 1 -24.49 -21.67 29.16
CA GLN SB 1 -25.73 -21.06 29.62
C GLN SB 1 -25.49 -19.65 30.12
N ALA SB 2 -24.24 -19.38 30.54
CA ALA SB 2 -23.92 -18.08 31.10
C ALA SB 2 -24.31 -16.96 30.16
N GLU SB 3 -24.17 -17.20 28.86
CA GLU SB 3 -24.56 -16.20 27.86
C GLU SB 3 -26.04 -15.84 28.00
N ILE SB 4 -26.90 -16.83 28.24
CA ILE SB 4 -28.32 -16.56 28.33
C ILE SB 4 -28.61 -15.66 29.53
N LEU SB 5 -27.99 -15.97 30.66
CA LEU SB 5 -28.20 -15.17 31.85
C LEU SB 5 -27.66 -13.76 31.65
N GLU SB 6 -26.54 -13.63 30.95
CA GLU SB 6 -26.03 -12.32 30.61
C GLU SB 6 -27.05 -11.54 29.79
N ALA SB 7 -27.69 -12.21 28.83
CA ALA SB 7 -28.70 -11.54 28.02
C ALA SB 7 -29.86 -11.07 28.88
N ASP SB 8 -30.30 -11.91 29.81
CA ASP SB 8 -31.36 -11.50 30.74
C ASP SB 8 -30.95 -10.25 31.50
N ALA SB 9 -29.72 -10.25 32.01
CA ALA SB 9 -29.22 -9.09 32.72
C ALA SB 9 -29.28 -7.85 31.83
N ARG SB 10 -28.95 -8.00 30.56
CA ARG SB 10 -29.02 -6.84 29.66
C ARG SB 10 -30.44 -6.35 29.50
N ILE SB 11 -31.39 -7.28 29.39
CA ILE SB 11 -32.80 -6.89 29.33
C ILE SB 11 -33.16 -6.03 30.53
N LEU SB 12 -32.79 -6.51 31.71
CA LEU SB 12 -33.18 -5.80 32.92
C LEU SB 12 -32.52 -4.43 32.99
N ARG SB 13 -31.24 -4.35 32.62
CA ARG SB 13 -30.58 -3.06 32.59
C ARG SB 13 -31.28 -2.10 31.64
N ALA SB 14 -31.74 -2.60 30.50
CA ALA SB 14 -32.46 -1.75 29.56
C ALA SB 14 -33.73 -1.22 30.19
N TYR SB 15 -34.48 -2.07 30.88
CA TYR SB 15 -35.69 -1.60 31.53
C TYR SB 15 -35.36 -0.54 32.58
N ALA SB 16 -34.28 -0.74 33.31
CA ALA SB 16 -33.87 0.26 34.28
C ALA SB 16 -33.55 1.58 33.59
N GLU SB 17 -32.92 1.51 32.43
CA GLU SB 17 -32.64 2.72 31.67
C GLU SB 17 -33.94 3.44 31.30
N ILE SB 18 -34.95 2.66 30.91
CA ILE SB 18 -36.25 3.25 30.61
C ILE SB 18 -36.75 4.04 31.80
N LEU SB 19 -36.76 3.40 32.97
CA LEU SB 19 -37.30 4.07 34.16
C LEU SB 19 -36.50 5.32 34.49
N LYS SB 20 -35.17 5.25 34.35
CA LYS SB 20 -34.35 6.40 34.67
C LYS SB 20 -34.64 7.55 33.74
N ALA SB 21 -34.79 7.29 32.45
CA ALA SB 21 -35.13 8.35 31.52
C ALA SB 21 -36.50 8.92 31.84
N HIS SB 22 -37.44 8.07 32.26
CA HIS SB 22 -38.74 8.58 32.63
C HIS SB 22 -38.64 9.53 33.82
N ALA SB 23 -37.77 9.19 34.77
CA ALA SB 23 -37.53 10.09 35.90
C ALA SB 23 -36.97 11.41 35.41
N GLU SB 24 -36.04 11.35 34.47
CA GLU SB 24 -35.51 12.57 33.88
C GLU SB 24 -36.63 13.44 33.31
N ILE SB 25 -37.51 12.83 32.52
CA ILE SB 25 -38.65 13.55 31.98
C ILE SB 25 -39.42 14.23 33.09
N LEU SB 26 -39.83 13.44 34.08
CA LEU SB 26 -40.73 13.95 35.10
C LEU SB 26 -40.10 15.08 35.88
N LYS SB 27 -38.81 14.97 36.19
CA LYS SB 27 -38.12 16.07 36.86
C LYS SB 27 -38.09 17.31 35.98
N ALA SB 28 -37.89 17.13 34.68
CA ALA SB 28 -37.76 18.28 33.80
C ALA SB 28 -39.03 19.13 33.78
N GLN SB 29 -40.19 18.51 33.97
CA GLN SB 29 -41.45 19.23 33.89
C GLN SB 29 -41.50 20.37 34.88
N GLN TB 1 -36.10 -21.44 32.31
CA GLN TB 1 -35.85 -20.01 32.22
C GLN TB 1 -37.07 -19.27 31.72
N ALA TB 2 -37.98 -20.02 31.08
CA ALA TB 2 -39.19 -19.40 30.54
C ALA TB 2 -39.97 -18.66 31.62
N GLU TB 3 -39.84 -19.08 32.87
CA GLU TB 3 -40.45 -18.35 33.97
C GLU TB 3 -39.94 -16.93 34.03
N ILE TB 4 -38.64 -16.74 33.83
CA ILE TB 4 -38.08 -15.39 33.82
C ILE TB 4 -38.70 -14.58 32.70
N LEU TB 5 -38.92 -15.22 31.55
CA LEU TB 5 -39.50 -14.51 30.42
C LEU TB 5 -40.93 -14.10 30.71
N GLU TB 6 -41.72 -15.00 31.29
CA GLU TB 6 -43.07 -14.63 31.69
C GLU TB 6 -43.05 -13.49 32.70
N ALA TB 7 -42.07 -13.52 33.61
CA ALA TB 7 -41.97 -12.47 34.62
C ALA TB 7 -41.74 -11.11 33.98
N ASP TB 8 -40.74 -11.02 33.11
CA ASP TB 8 -40.47 -9.73 32.48
C ASP TB 8 -41.60 -9.32 31.55
N ALA TB 9 -42.29 -10.28 30.96
CA ALA TB 9 -43.48 -9.95 30.19
C ALA TB 9 -44.51 -9.26 31.08
N ARG TB 10 -44.73 -9.81 32.27
CA ARG TB 10 -45.63 -9.17 33.23
C ARG TB 10 -45.15 -7.78 33.57
N ILE TB 11 -43.84 -7.62 33.77
CA ILE TB 11 -43.29 -6.31 34.11
C ILE TB 11 -43.63 -5.30 33.03
N LEU TB 12 -43.41 -5.68 31.77
CA LEU TB 12 -43.66 -4.76 30.68
C LEU TB 12 -45.15 -4.46 30.55
N ARG TB 13 -46.00 -5.47 30.74
CA ARG TB 13 -47.43 -5.21 30.72
C ARG TB 13 -47.82 -4.18 31.77
N ALA TB 14 -47.29 -4.34 32.98
CA ALA TB 14 -47.61 -3.40 34.05
C ALA TB 14 -47.12 -2.00 33.72
N TYR TB 15 -45.92 -1.90 33.16
CA TYR TB 15 -45.40 -0.59 32.80
C TYR TB 15 -46.28 0.05 31.74
N ALA TB 16 -46.72 -0.74 30.75
CA ALA TB 16 -47.62 -0.22 29.74
C ALA TB 16 -48.91 0.25 30.37
N GLU TB 17 -49.40 -0.47 31.38
CA GLU TB 17 -50.62 -0.04 32.04
C GLU TB 17 -50.43 1.29 32.76
N ILE TB 18 -49.32 1.45 33.46
CA ILE TB 18 -49.01 2.72 34.09
C ILE TB 18 -49.01 3.83 33.05
N LEU TB 19 -48.35 3.59 31.92
CA LEU TB 19 -48.27 4.61 30.89
C LEU TB 19 -49.64 4.95 30.34
N LYS TB 20 -50.49 3.94 30.14
CA LYS TB 20 -51.82 4.18 29.62
C LYS TB 20 -52.64 5.00 30.60
N ALA TB 21 -52.50 4.71 31.89
CA ALA TB 21 -53.23 5.46 32.90
C ALA TB 21 -52.78 6.92 32.90
N HIS TB 22 -51.47 7.15 32.90
CA HIS TB 22 -50.95 8.50 32.86
C HIS TB 22 -51.40 9.22 31.60
N ALA TB 23 -51.51 8.48 30.49
CA ALA TB 23 -51.97 9.06 29.23
C ALA TB 23 -53.42 9.51 29.32
N GLU TB 24 -54.28 8.63 29.83
CA GLU TB 24 -55.68 8.99 30.00
C GLU TB 24 -55.83 10.18 30.94
N ILE TB 25 -55.00 10.23 31.98
CA ILE TB 25 -55.04 11.36 32.91
C ILE TB 25 -54.67 12.65 32.19
N LEU TB 26 -53.53 12.65 31.50
CA LEU TB 26 -53.10 13.85 30.77
C LEU TB 26 -54.11 14.24 29.71
N LYS TB 27 -54.87 13.26 29.18
CA LYS TB 27 -55.97 13.58 28.28
C LYS TB 27 -57.10 14.28 29.02
N ALA TB 28 -57.42 13.79 30.23
CA ALA TB 28 -58.42 14.46 31.04
C ALA TB 28 -57.96 15.85 31.46
N GLN TB 29 -56.66 16.01 31.65
CA GLN TB 29 -56.09 17.32 31.97
C GLN TB 29 -56.26 18.28 30.80
N GLN UB 1 -29.94 -30.48 -41.44
CA GLN UB 1 -30.74 -29.31 -41.11
C GLN UB 1 -29.92 -28.26 -40.40
N ALA UB 2 -28.89 -28.72 -39.69
CA ALA UB 2 -28.05 -27.80 -38.90
C ALA UB 2 -27.56 -26.64 -39.75
N GLU UB 3 -27.25 -26.91 -41.01
CA GLU UB 3 -26.83 -25.86 -41.93
C GLU UB 3 -27.87 -24.77 -42.04
N ILE UB 4 -29.16 -25.14 -42.09
CA ILE UB 4 -30.21 -24.15 -42.25
C ILE UB 4 -30.26 -23.25 -41.03
N LEU UB 5 -30.16 -23.86 -39.85
CA LEU UB 5 -30.21 -23.08 -38.62
C LEU UB 5 -29.00 -22.16 -38.52
N GLU UB 6 -27.84 -22.65 -38.95
CA GLU UB 6 -26.66 -21.79 -39.00
C GLU UB 6 -26.90 -20.60 -39.92
N ALA UB 7 -27.54 -20.83 -41.06
CA ALA UB 7 -27.85 -19.74 -41.97
C ALA UB 7 -28.76 -18.72 -41.29
N ASP UB 8 -29.76 -19.19 -40.58
CA ASP UB 8 -30.64 -18.27 -39.83
C ASP UB 8 -29.83 -17.44 -38.85
N ALA UB 9 -28.93 -18.10 -38.12
CA ALA UB 9 -28.07 -17.37 -37.19
C ALA UB 9 -27.29 -16.29 -37.91
N ARG UB 10 -26.79 -16.59 -39.10
CA ARG UB 10 -26.05 -15.58 -39.84
C ARG UB 10 -26.95 -14.41 -40.20
N ILE UB 11 -28.18 -14.69 -40.61
CA ILE UB 11 -29.13 -13.61 -40.90
C ILE UB 11 -29.25 -12.69 -39.69
N LEU UB 12 -29.46 -13.29 -38.52
CA LEU UB 12 -29.70 -12.49 -37.33
C LEU UB 12 -28.45 -11.68 -36.97
N ARG UB 13 -27.27 -12.29 -37.08
CA ARG UB 13 -26.05 -11.54 -36.82
C ARG UB 13 -25.91 -10.36 -37.76
N ALA UB 14 -26.29 -10.55 -39.02
CA ALA UB 14 -26.22 -9.45 -39.96
C ALA UB 14 -27.16 -8.32 -39.55
N TYR UB 15 -28.37 -8.67 -39.13
CA TYR UB 15 -29.27 -7.63 -38.65
C TYR UB 15 -28.66 -6.89 -37.47
N ALA UB 16 -28.00 -7.63 -36.58
CA ALA UB 16 -27.33 -6.99 -35.45
C ALA UB 16 -26.26 -6.03 -35.94
N GLU UB 17 -25.53 -6.41 -36.98
CA GLU UB 17 -24.52 -5.53 -37.54
C GLU UB 17 -25.15 -4.23 -38.02
N ILE UB 18 -26.25 -4.34 -38.75
CA ILE UB 18 -26.97 -3.15 -39.19
C ILE UB 18 -27.27 -2.26 -38.00
N LEU UB 19 -27.87 -2.85 -36.97
CA LEU UB 19 -28.36 -2.06 -35.86
C LEU UB 19 -27.22 -1.37 -35.12
N LYS UB 20 -26.11 -2.10 -34.95
CA LYS UB 20 -24.95 -1.53 -34.27
C LYS UB 20 -24.34 -0.40 -35.07
N ALA UB 21 -24.27 -0.55 -36.39
CA ALA UB 21 -23.76 0.54 -37.20
C ALA UB 21 -24.65 1.77 -37.08
N HIS UB 22 -25.97 1.55 -37.03
CA HIS UB 22 -26.87 2.69 -36.84
C HIS UB 22 -26.60 3.36 -35.50
N ALA UB 23 -26.32 2.56 -34.48
CA ALA UB 23 -25.93 3.13 -33.19
C ALA UB 23 -24.70 4.00 -33.33
N GLU UB 24 -23.71 3.51 -34.05
CA GLU UB 24 -22.47 4.25 -34.17
C GLU UB 24 -22.71 5.57 -34.90
N ILE UB 25 -23.56 5.53 -35.93
CA ILE UB 25 -24.01 6.77 -36.58
C ILE UB 25 -24.53 7.74 -35.54
N LEU UB 26 -25.57 7.31 -34.83
CA LEU UB 26 -26.27 8.21 -33.91
C LEU UB 26 -25.32 8.79 -32.88
N LYS UB 27 -24.36 7.99 -32.42
CA LYS UB 27 -23.36 8.52 -31.51
C LYS UB 27 -22.52 9.58 -32.18
N ALA UB 28 -22.14 9.35 -33.43
CA ALA UB 28 -21.22 10.27 -34.10
C ALA UB 28 -21.82 11.65 -34.28
N GLN UB 29 -23.14 11.75 -34.45
CA GLN UB 29 -23.78 13.03 -34.70
C GLN UB 29 -23.52 14.02 -33.59
N GLN VB 1 -40.14 -24.12 -40.49
CA GLN VB 1 -39.16 -23.07 -40.38
C GLN VB 1 -39.64 -21.80 -41.06
N ALA VB 2 -40.65 -21.95 -41.92
CA ALA VB 2 -41.20 -20.80 -42.62
C ALA VB 2 -41.68 -19.73 -41.64
N GLU VB 3 -42.10 -20.14 -40.45
CA GLU VB 3 -42.48 -19.18 -39.42
C GLU VB 3 -41.30 -18.28 -39.06
N ILE VB 4 -40.10 -18.85 -39.00
CA ILE VB 4 -38.92 -18.04 -38.70
C ILE VB 4 -38.71 -17.01 -39.80
N LEU VB 5 -38.90 -17.41 -41.05
CA LEU VB 5 -38.70 -16.49 -42.15
C LEU VB 5 -39.75 -15.38 -42.13
N GLU VB 6 -40.99 -15.72 -41.79
CA GLU VB 6 -42.01 -14.71 -41.64
C GLU VB 6 -41.66 -13.74 -40.52
N ALA VB 7 -41.11 -14.26 -39.43
CA ALA VB 7 -40.68 -13.39 -38.34
C ALA VB 7 -39.59 -12.43 -38.80
N ASP VB 8 -38.64 -12.93 -39.58
CA ASP VB 8 -37.61 -12.07 -40.12
C ASP VB 8 -38.21 -11.00 -41.02
N ALA VB 9 -39.17 -11.38 -41.84
CA ALA VB 9 -39.85 -10.40 -42.68
C ALA VB 9 -40.49 -9.32 -41.82
N ARG VB 10 -41.13 -9.72 -40.74
CA ARG VB 10 -41.75 -8.75 -39.84
C ARG VB 10 -40.72 -7.81 -39.26
N ILE VB 11 -39.60 -8.36 -38.79
CA ILE VB 11 -38.56 -7.55 -38.18
C ILE VB 11 -38.07 -6.51 -39.19
N LEU VB 12 -37.81 -6.94 -40.42
CA LEU VB 12 -37.29 -6.01 -41.40
C LEU VB 12 -38.33 -4.97 -41.78
N ARG VB 13 -39.60 -5.34 -41.86
CA ARG VB 13 -40.64 -4.35 -42.11
C ARG VB 13 -40.66 -3.31 -41.01
N ALA VB 14 -40.56 -3.75 -39.76
CA ALA VB 14 -40.58 -2.81 -38.64
C ALA VB 14 -39.39 -1.87 -38.70
N TYR VB 15 -38.20 -2.42 -39.01
CA TYR VB 15 -37.03 -1.57 -39.10
C TYR VB 15 -37.18 -0.56 -40.22
N ALA VB 16 -37.73 -0.99 -41.35
CA ALA VB 16 -37.98 -0.07 -42.45
C ALA VB 16 -38.94 1.03 -42.02
N GLU VB 17 -39.93 0.68 -41.22
CA GLU VB 17 -40.87 1.68 -40.75
C GLU VB 17 -40.20 2.69 -39.84
N ILE VB 18 -39.35 2.21 -38.94
CA ILE VB 18 -38.57 3.13 -38.09
C ILE VB 18 -37.77 4.08 -38.97
N LEU VB 19 -37.09 3.53 -39.97
CA LEU VB 19 -36.26 4.36 -40.83
C LEU VB 19 -37.09 5.37 -41.59
N LYS VB 20 -38.28 4.96 -42.04
CA LYS VB 20 -39.13 5.87 -42.79
C LYS VB 20 -39.62 7.01 -41.90
N ALA VB 21 -39.99 6.70 -40.67
CA ALA VB 21 -40.42 7.74 -39.74
C ALA VB 21 -39.27 8.70 -39.44
N HIS VB 22 -38.06 8.16 -39.25
CA HIS VB 22 -36.91 9.00 -39.00
C HIS VB 22 -36.62 9.89 -40.19
N ALA VB 23 -36.79 9.36 -41.40
CA ALA VB 23 -36.59 10.16 -42.61
C ALA VB 23 -37.61 11.27 -42.69
N GLU VB 24 -38.87 10.94 -42.40
CA GLU VB 24 -39.92 11.95 -42.45
C GLU VB 24 -39.65 13.07 -41.45
N ILE VB 25 -39.27 12.71 -40.22
CA ILE VB 25 -39.06 13.75 -39.22
C ILE VB 25 -37.81 14.56 -39.53
N LEU VB 26 -36.77 13.92 -40.08
CA LEU VB 26 -35.59 14.67 -40.50
C LEU VB 26 -35.89 15.59 -41.66
N LYS VB 27 -36.86 15.22 -42.51
CA LYS VB 27 -37.36 16.16 -43.51
C LYS VB 27 -38.11 17.31 -42.84
N ALA VB 28 -38.89 17.01 -41.81
CA ALA VB 28 -39.56 18.05 -41.05
C ALA VB 28 -38.53 18.95 -40.37
N GLN VB 29 -37.39 18.40 -39.99
CA GLN VB 29 -36.30 19.19 -39.42
C GLN VB 29 -35.72 20.12 -40.47
N GLN WB 1 34.46 -38.38 -29.78
CA GLN WB 1 33.84 -39.16 -28.72
C GLN WB 1 32.62 -38.46 -28.15
N ALA WB 2 32.62 -37.13 -28.24
CA ALA WB 2 31.57 -36.33 -27.61
C ALA WB 2 30.18 -36.83 -27.97
N GLU WB 3 30.01 -37.27 -29.22
CA GLU WB 3 28.73 -37.80 -29.67
C GLU WB 3 28.29 -39.00 -28.82
N ILE WB 4 29.24 -39.83 -28.40
CA ILE WB 4 28.89 -41.01 -27.63
C ILE WB 4 28.30 -40.60 -26.28
N LEU WB 5 28.97 -39.67 -25.60
CA LEU WB 5 28.46 -39.21 -24.32
C LEU WB 5 27.13 -38.49 -24.50
N GLU WB 6 26.96 -37.79 -25.62
CA GLU WB 6 25.67 -37.18 -25.91
C GLU WB 6 24.59 -38.25 -26.01
N ALA WB 7 24.88 -39.34 -26.69
CA ALA WB 7 23.92 -40.43 -26.78
C ALA WB 7 23.59 -40.99 -25.41
N ASP WB 8 24.59 -41.14 -24.56
CA ASP WB 8 24.35 -41.60 -23.19
C ASP WB 8 23.39 -40.65 -22.47
N ALA WB 9 23.64 -39.35 -22.59
CA ALA WB 9 22.75 -38.37 -22.00
C ALA WB 9 21.33 -38.55 -22.51
N ARG WB 10 21.18 -38.83 -23.79
CA ARG WB 10 19.84 -39.05 -24.33
C ARG WB 10 19.19 -40.26 -23.69
N ILE WB 11 19.95 -41.33 -23.51
CA ILE WB 11 19.41 -42.51 -22.84
C ILE WB 11 18.88 -42.13 -21.47
N LEU WB 12 19.67 -41.38 -20.72
CA LEU WB 12 19.27 -41.05 -19.35
C LEU WB 12 18.05 -40.16 -19.34
N ARG WB 13 17.98 -39.19 -20.26
CA ARG WB 13 16.79 -38.35 -20.34
C ARG WB 13 15.56 -39.19 -20.67
N ALA WB 14 15.72 -40.20 -21.51
CA ALA WB 14 14.58 -41.07 -21.82
C ALA WB 14 14.12 -41.80 -20.58
N TYR WB 15 15.06 -42.32 -19.79
CA TYR WB 15 14.66 -42.98 -18.56
C TYR WB 15 13.94 -42.01 -17.63
N ALA WB 16 14.40 -40.75 -17.60
CA ALA WB 16 13.71 -39.75 -16.81
C ALA WB 16 12.28 -39.56 -17.29
N GLU WB 17 12.09 -39.56 -18.61
CA GLU WB 17 10.74 -39.45 -19.15
C GLU WB 17 9.88 -40.61 -18.67
N ILE WB 18 10.43 -41.81 -18.66
CA ILE WB 18 9.70 -42.97 -18.15
C ILE WB 18 9.23 -42.70 -16.74
N LEU WB 19 10.16 -42.31 -15.87
CA LEU WB 19 9.81 -42.14 -14.47
C LEU WB 19 8.78 -41.03 -14.29
N LYS WB 20 8.93 -39.94 -15.03
CA LYS WB 20 8.00 -38.83 -14.90
C LYS WB 20 6.60 -39.24 -15.33
N ALA WB 21 6.49 -39.96 -16.44
CA ALA WB 21 5.18 -40.43 -16.86
C ALA WB 21 4.58 -41.36 -15.83
N HIS WB 22 5.39 -42.23 -15.24
CA HIS WB 22 4.87 -43.12 -14.22
C HIS WB 22 4.34 -42.33 -13.03
N ALA WB 23 5.03 -41.26 -12.66
CA ALA WB 23 4.56 -40.39 -11.59
C ALA WB 23 3.21 -39.79 -11.95
N GLU WB 24 3.09 -39.33 -13.19
CA GLU WB 24 1.84 -38.73 -13.61
C GLU WB 24 0.71 -39.76 -13.53
N ILE WB 25 0.99 -41.00 -13.93
CA ILE WB 25 0.03 -42.09 -13.75
C ILE WB 25 -0.41 -42.14 -12.30
N LEU WB 26 0.54 -42.34 -11.40
CA LEU WB 26 0.22 -42.55 -10.00
C LEU WB 26 -0.58 -41.39 -9.43
N LYS WB 27 -0.28 -40.17 -9.86
CA LYS WB 27 -1.07 -39.03 -9.42
C LYS WB 27 -2.49 -39.12 -9.94
N ALA WB 28 -2.67 -39.55 -11.19
CA ALA WB 28 -3.99 -39.56 -11.77
C ALA WB 28 -4.93 -40.52 -11.05
N GLN WB 29 -4.39 -41.61 -10.50
CA GLN WB 29 -5.22 -42.62 -9.86
C GLN WB 29 -6.03 -42.03 -8.72
N GLN XB 1 33.90 -47.20 -21.44
CA GLN XB 1 32.51 -46.74 -21.39
C GLN XB 1 31.56 -47.88 -21.15
N ALA XB 2 32.05 -49.11 -21.37
CA ALA XB 2 31.21 -50.28 -21.17
C ALA XB 2 30.65 -50.33 -19.75
N GLU XB 3 31.39 -49.77 -18.79
CA GLU XB 3 30.89 -49.69 -17.43
C GLU XB 3 29.61 -48.88 -17.36
N ILE XB 4 29.53 -47.80 -18.14
CA ILE XB 4 28.32 -47.00 -18.17
C ILE XB 4 27.16 -47.82 -18.68
N LEU XB 5 27.40 -48.61 -19.72
CA LEU XB 5 26.34 -49.43 -20.29
C LEU XB 5 25.89 -50.51 -19.30
N GLU XB 6 26.85 -51.08 -18.57
CA GLU XB 6 26.49 -52.04 -17.53
C GLU XB 6 25.64 -51.37 -16.46
N ALA XB 7 25.98 -50.14 -16.09
CA ALA XB 7 25.19 -49.41 -15.11
C ALA XB 7 23.77 -49.19 -15.63
N ASP XB 8 23.65 -48.86 -16.91
CA ASP XB 8 22.32 -48.70 -17.50
C ASP XB 8 21.54 -49.99 -17.43
N ALA XB 9 22.19 -51.10 -17.76
CA ALA XB 9 21.54 -52.40 -17.66
C ALA XB 9 21.04 -52.65 -16.25
N ARG XB 10 21.87 -52.33 -15.26
CA ARG XB 10 21.46 -52.51 -13.87
C ARG XB 10 20.25 -51.66 -13.54
N ILE XB 11 20.26 -50.39 -13.95
CA ILE XB 11 19.14 -49.51 -13.67
C ILE XB 11 17.86 -50.07 -14.26
N LEU XB 12 17.93 -50.52 -15.50
CA LEU XB 12 16.72 -51.02 -16.14
C LEU XB 12 16.25 -52.31 -15.50
N ARG XB 13 17.17 -53.18 -15.09
CA ARG XB 13 16.77 -54.38 -14.38
C ARG XB 13 16.05 -54.03 -13.10
N ALA XB 14 16.58 -53.05 -12.36
CA ALA XB 14 15.95 -52.65 -11.11
C ALA XB 14 14.55 -52.08 -11.36
N TYR XB 15 14.41 -51.26 -12.39
CA TYR XB 15 13.10 -50.71 -12.70
C TYR XB 15 12.13 -51.81 -13.08
N ALA XB 16 12.59 -52.78 -13.85
CA ALA XB 16 11.74 -53.91 -14.21
C ALA XB 16 11.32 -54.67 -12.97
N GLU XB 17 12.22 -54.79 -11.99
CA GLU XB 17 11.87 -55.49 -10.77
C GLU XB 17 10.81 -54.73 -9.99
N ILE XB 18 10.96 -53.41 -9.88
CA ILE XB 18 9.93 -52.60 -9.26
C ILE XB 18 8.59 -52.83 -9.93
N LEU XB 19 8.58 -52.79 -11.26
CA LEU XB 19 7.33 -52.96 -11.99
C LEU XB 19 6.73 -54.33 -11.78
N LYS XB 20 7.58 -55.36 -11.72
CA LYS XB 20 7.09 -56.70 -11.50
C LYS XB 20 6.47 -56.85 -10.13
N ALA XB 21 7.11 -56.27 -9.11
CA ALA XB 21 6.54 -56.32 -7.77
C ALA XB 21 5.21 -55.59 -7.72
N HIS XB 22 5.14 -54.42 -8.35
CA HIS XB 22 3.90 -53.66 -8.38
C HIS XB 22 2.80 -54.46 -9.10
N ALA XB 23 3.18 -55.16 -10.17
CA ALA XB 23 2.22 -55.99 -10.90
C ALA XB 23 1.70 -57.11 -10.01
N GLU XB 24 2.61 -57.80 -9.33
CA GLU XB 24 2.20 -58.91 -8.49
C GLU XB 24 1.29 -58.43 -7.36
N ILE XB 25 1.62 -57.30 -6.73
CA ILE XB 25 0.80 -56.83 -5.63
C ILE XB 25 -0.54 -56.34 -6.13
N LEU XB 26 -0.57 -55.72 -7.31
CA LEU XB 26 -1.85 -55.32 -7.89
C LEU XB 26 -2.70 -56.53 -8.28
N LYS XB 27 -2.06 -57.63 -8.66
CA LYS XB 27 -2.79 -58.87 -8.86
C LYS XB 27 -3.33 -59.39 -7.54
N ALA XB 28 -2.55 -59.27 -6.46
CA ALA XB 28 -3.02 -59.63 -5.14
C ALA XB 28 -4.19 -58.74 -4.73
N GLN XB 29 -4.18 -57.49 -5.18
CA GLN XB 29 -5.28 -56.57 -4.92
C GLN XB 29 -6.54 -57.04 -5.63
N GLN YB 1 12.28 18.03 -55.37
CA GLN YB 1 13.38 18.49 -54.53
C GLN YB 1 13.41 17.78 -53.19
N ALA YB 2 12.24 17.27 -52.79
CA ALA YB 2 12.15 16.61 -51.49
C ALA YB 2 13.17 15.51 -51.34
N GLU YB 3 13.46 14.81 -52.45
CA GLU YB 3 14.49 13.77 -52.44
C GLU YB 3 15.84 14.31 -52.01
N ILE YB 4 16.20 15.50 -52.47
CA ILE YB 4 17.50 16.08 -52.14
C ILE YB 4 17.58 16.35 -50.65
N LEU YB 5 16.52 16.92 -50.10
CA LEU YB 5 16.52 17.22 -48.68
C LEU YB 5 16.55 15.95 -47.86
N GLU YB 6 15.85 14.91 -48.33
CA GLU YB 6 15.94 13.62 -47.67
C GLU YB 6 17.38 13.11 -47.66
N ALA YB 7 18.08 13.27 -48.77
CA ALA YB 7 19.47 12.84 -48.83
C ALA YB 7 20.32 13.60 -47.82
N ASP YB 8 20.10 14.91 -47.71
CA ASP YB 8 20.82 15.70 -46.72
C ASP YB 8 20.55 15.17 -45.32
N ALA YB 9 19.28 14.88 -45.03
CA ALA YB 9 18.94 14.32 -43.74
C ALA YB 9 19.71 13.02 -43.48
N ARG YB 10 19.84 12.20 -44.51
CA ARG YB 10 20.58 10.95 -44.34
C ARG YB 10 22.04 11.23 -44.03
N ILE YB 11 22.64 12.20 -44.71
CA ILE YB 11 24.01 12.58 -44.39
C ILE YB 11 24.15 12.93 -42.92
N LEU YB 12 23.23 13.76 -42.44
CA LEU YB 12 23.34 14.21 -41.06
C LEU YB 12 23.15 13.06 -40.09
N ARG YB 13 22.20 12.17 -40.37
CA ARG YB 13 22.02 11.01 -39.51
C ARG YB 13 23.28 10.16 -39.48
N ALA YB 14 23.95 10.03 -40.62
CA ALA YB 14 25.19 9.26 -40.63
C ALA YB 14 26.24 9.89 -39.75
N TYR YB 15 26.38 11.22 -39.83
CA TYR YB 15 27.34 11.88 -38.96
C TYR YB 15 26.99 11.66 -37.49
N ALA YB 16 25.71 11.72 -37.17
CA ALA YB 16 25.29 11.46 -35.80
C ALA YB 16 25.68 10.05 -35.39
N GLU YB 17 25.54 9.09 -36.29
CA GLU YB 17 25.94 7.73 -36.00
C GLU YB 17 27.42 7.66 -35.69
N ILE YB 18 28.22 8.41 -36.45
CA ILE YB 18 29.65 8.48 -36.17
C ILE YB 18 29.89 8.92 -34.75
N LEU YB 19 29.27 10.04 -34.37
CA LEU YB 19 29.52 10.57 -33.02
C LEU YB 19 29.06 9.58 -31.96
N LYS YB 20 27.94 8.91 -32.18
CA LYS YB 20 27.43 7.97 -31.19
C LYS YB 20 28.39 6.81 -31.02
N ALA YB 21 28.92 6.29 -32.12
CA ALA YB 21 29.89 5.20 -32.01
C ALA YB 21 31.15 5.67 -31.30
N HIS YB 22 31.56 6.92 -31.56
CA HIS YB 22 32.72 7.44 -30.86
C HIS YB 22 32.48 7.50 -29.37
N ALA YB 23 31.26 7.86 -28.97
CA ALA YB 23 30.90 7.85 -27.55
C ALA YB 23 30.99 6.44 -27.00
N GLU YB 24 30.52 5.47 -27.77
CA GLU YB 24 30.63 4.07 -27.35
C GLU YB 24 32.09 3.72 -27.08
N ILE YB 25 32.98 4.05 -28.03
CA ILE YB 25 34.40 3.81 -27.84
C ILE YB 25 34.87 4.41 -26.53
N LEU YB 26 34.62 5.70 -26.36
CA LEU YB 26 35.18 6.42 -25.23
C LEU YB 26 34.68 5.86 -23.91
N LYS YB 27 33.41 5.50 -23.84
CA LYS YB 27 32.88 4.85 -22.64
C LYS YB 27 33.58 3.53 -22.40
N ALA YB 28 33.83 2.77 -23.46
CA ALA YB 28 34.39 1.43 -23.27
C ALA YB 28 35.77 1.48 -22.63
N GLN YB 29 36.52 2.55 -22.85
CA GLN YB 29 37.88 2.64 -22.34
C GLN YB 29 37.91 2.52 -20.83
N GLN ZB 1 21.36 25.31 -52.31
CA GLN ZB 1 21.61 24.21 -51.38
C GLN ZB 1 23.09 24.01 -51.16
N ALA ZB 2 23.90 24.55 -52.07
CA ALA ZB 2 25.35 24.41 -51.96
C ALA ZB 2 25.86 24.95 -50.64
N GLU ZB 3 25.14 25.91 -50.06
CA GLU ZB 3 25.50 26.39 -48.73
C GLU ZB 3 25.46 25.27 -47.70
N ILE ZB 4 24.45 24.40 -47.79
CA ILE ZB 4 24.38 23.26 -46.89
C ILE ZB 4 25.59 22.36 -47.07
N LEU ZB 5 26.01 22.19 -48.33
CA LEU ZB 5 27.16 21.33 -48.60
C LEU ZB 5 28.43 21.93 -48.03
N GLU ZB 6 28.63 23.23 -48.20
CA GLU ZB 6 29.78 23.87 -47.58
C GLU ZB 6 29.72 23.73 -46.06
N ALA ZB 7 28.53 23.84 -45.49
CA ALA ZB 7 28.39 23.72 -44.04
C ALA ZB 7 28.84 22.35 -43.56
N ASP ZB 8 28.31 21.30 -44.17
CA ASP ZB 8 28.70 19.96 -43.72
C ASP ZB 8 30.16 19.68 -44.04
N ALA ZB 9 30.70 20.27 -45.11
CA ALA ZB 9 32.13 20.17 -45.34
C ALA ZB 9 32.91 20.75 -44.17
N ARG ZB 10 32.49 21.92 -43.70
CA ARG ZB 10 33.12 22.50 -42.52
C ARG ZB 10 33.00 21.58 -41.32
N ILE ZB 11 31.82 20.99 -41.14
CA ILE ZB 11 31.61 20.08 -40.02
C ILE ZB 11 32.63 18.94 -40.06
N LEU ZB 12 32.77 18.33 -41.22
CA LEU ZB 12 33.69 17.20 -41.33
C LEU ZB 12 35.13 17.64 -41.15
N ARG ZB 13 35.49 18.81 -41.67
CA ARG ZB 13 36.85 19.32 -41.42
C ARG ZB 13 37.10 19.47 -39.93
N ALA ZB 14 36.14 20.04 -39.21
CA ALA ZB 14 36.31 20.24 -37.78
C ALA ZB 14 36.43 18.90 -37.05
N TYR ZB 15 35.61 17.92 -37.45
CA TYR ZB 15 35.71 16.62 -36.81
C TYR ZB 15 37.07 15.99 -37.06
N ALA ZB 16 37.56 16.12 -38.29
CA ALA ZB 16 38.90 15.61 -38.60
C ALA ZB 16 39.94 16.30 -37.75
N GLU ZB 17 39.77 17.59 -37.50
CA GLU ZB 17 40.72 18.30 -36.67
C GLU ZB 17 40.70 17.78 -35.24
N ILE ZB 18 39.50 17.57 -34.69
CA ILE ZB 18 39.39 16.98 -33.36
C ILE ZB 18 40.12 15.66 -33.32
N LEU ZB 19 39.88 14.81 -34.33
CA LEU ZB 19 40.51 13.50 -34.35
C LEU ZB 19 42.02 13.61 -34.43
N LYS ZB 20 42.52 14.54 -35.23
CA LYS ZB 20 43.96 14.70 -35.36
C LYS ZB 20 44.57 15.17 -34.04
N ALA ZB 21 43.88 16.05 -33.34
CA ALA ZB 21 44.38 16.52 -32.05
C ALA ZB 21 44.43 15.37 -31.05
N HIS ZB 22 43.35 14.60 -30.98
CA HIS ZB 22 43.32 13.46 -30.08
C HIS ZB 22 44.41 12.45 -30.45
N ALA ZB 23 44.68 12.32 -31.74
CA ALA ZB 23 45.73 11.41 -32.20
C ALA ZB 23 47.10 11.86 -31.74
N GLU ZB 24 47.41 13.14 -31.95
CA GLU ZB 24 48.68 13.67 -31.49
C GLU ZB 24 48.82 13.55 -29.98
N ILE ZB 25 47.72 13.74 -29.25
CA ILE ZB 25 47.76 13.58 -27.80
C ILE ZB 25 48.11 12.15 -27.43
N LEU ZB 26 47.35 11.20 -27.98
CA LEU ZB 26 47.61 9.79 -27.69
C LEU ZB 26 49.01 9.38 -28.12
N LYS ZB 27 49.57 10.05 -29.12
CA LYS ZB 27 50.96 9.84 -29.47
C LYS ZB 27 51.89 10.37 -28.40
N ALA ZB 28 51.58 11.55 -27.86
CA ALA ZB 28 52.37 12.10 -26.77
C ALA ZB 28 52.23 11.23 -25.52
N GLN ZB 29 51.07 10.62 -25.34
CA GLN ZB 29 50.85 9.70 -24.22
C GLN ZB 29 51.72 8.46 -24.38
N GLN AC 1 34.07 16.40 27.65
CA GLN AC 1 34.45 15.72 28.87
C GLN AC 1 33.27 15.57 29.82
N ALA AC 2 32.32 16.50 29.70
CA ALA AC 2 31.16 16.49 30.59
C ALA AC 2 30.48 15.13 30.61
N GLU AC 3 30.44 14.47 29.45
CA GLU AC 3 29.88 13.13 29.38
C GLU AC 3 30.57 12.17 30.32
N ILE AC 4 31.90 12.26 30.42
CA ILE AC 4 32.64 11.34 31.28
C ILE AC 4 32.26 11.56 32.73
N LEU AC 5 32.17 12.81 33.13
CA LEU AC 5 31.81 13.13 34.51
C LEU AC 5 30.40 12.68 34.81
N GLU AC 6 29.49 12.84 33.84
CA GLU AC 6 28.14 12.32 34.01
C GLU AC 6 28.15 10.83 34.21
N ALA AC 7 28.99 10.12 33.46
CA ALA AC 7 29.10 8.67 33.63
C ALA AC 7 29.57 8.33 35.04
N ASP AC 8 30.56 9.07 35.53
CA ASP AC 8 31.02 8.85 36.90
C ASP AC 8 29.88 9.03 37.89
N ALA AC 9 29.11 10.11 37.70
CA ALA AC 9 27.96 10.34 38.57
C ALA AC 9 27.01 9.16 38.54
N ARG AC 10 26.79 8.58 37.36
CA ARG AC 10 25.91 7.43 37.27
C ARG AC 10 26.47 6.25 38.05
N ILE AC 11 27.78 6.04 37.95
CA ILE AC 11 28.41 4.97 38.73
C ILE AC 11 28.10 5.16 40.20
N LEU AC 12 28.30 6.37 40.70
CA LEU AC 12 28.11 6.61 42.12
C LEU AC 12 26.65 6.44 42.53
N ARG AC 13 25.73 6.91 41.70
CA ARG AC 13 24.31 6.70 42.00
C ARG AC 13 23.99 5.22 42.07
N ALA AC 14 24.58 4.43 41.17
CA ALA AC 14 24.33 2.99 41.22
C ALA AC 14 24.84 2.39 42.51
N TYR AC 15 26.03 2.80 42.94
CA TYR AC 15 26.52 2.31 44.23
C TYR AC 15 25.55 2.68 45.35
N ALA AC 16 25.02 3.90 45.30
CA ALA AC 16 24.04 4.31 46.29
C ALA AC 16 22.82 3.41 46.26
N GLU AC 17 22.39 3.03 45.06
CA GLU AC 17 21.26 2.12 44.94
C GLU AC 17 21.54 0.80 45.63
N ILE AC 18 22.73 0.24 45.38
CA ILE AC 18 23.14 -0.98 46.07
C ILE AC 18 23.00 -0.80 47.56
N LEU AC 19 23.58 0.27 48.08
CA LEU AC 19 23.66 0.43 49.52
C LEU AC 19 22.28 0.58 50.13
N LYS AC 20 21.42 1.34 49.45
CA LYS AC 20 20.06 1.54 49.94
C LYS AC 20 19.27 0.25 49.94
N ALA AC 21 19.43 -0.56 48.89
CA ALA AC 21 18.76 -1.85 48.89
C ALA AC 21 19.23 -2.73 50.03
N HIS AC 22 20.53 -2.68 50.33
CA HIS AC 22 21.03 -3.44 51.46
C HIS AC 22 20.40 -2.96 52.75
N ALA AC 23 20.21 -1.64 52.86
CA ALA AC 23 19.51 -1.10 54.02
C ALA AC 23 18.10 -1.68 54.12
N GLU AC 24 17.41 -1.73 53.00
CA GLU AC 24 16.04 -2.21 53.03
C GLU AC 24 16.00 -3.68 53.44
N ILE AC 25 16.95 -4.46 52.95
CA ILE AC 25 17.12 -5.83 53.43
C ILE AC 25 17.19 -5.84 54.95
N LEU AC 26 18.20 -5.16 55.48
CA LEU AC 26 18.47 -5.23 56.91
C LEU AC 26 17.26 -4.81 57.72
N LYS AC 27 16.51 -3.82 57.24
CA LYS AC 27 15.29 -3.44 57.92
C LYS AC 27 14.27 -4.58 57.88
N ALA AC 28 14.17 -5.25 56.74
CA ALA AC 28 13.12 -6.26 56.61
C ALA AC 28 13.33 -7.44 57.55
N GLN AC 29 14.57 -7.76 57.89
CA GLN AC 29 14.85 -8.91 58.73
C GLN AC 29 14.17 -8.79 60.08
N GLN BC 1 41.79 11.50 35.51
CA GLN BC 1 40.53 10.93 35.98
C GLN BC 1 40.74 9.51 36.47
N ALA BC 2 41.86 8.91 36.08
CA ALA BC 2 42.15 7.55 36.50
C ALA BC 2 42.15 7.42 38.02
N GLU BC 3 42.50 8.50 38.71
CA GLU BC 3 42.44 8.50 40.17
C GLU BC 3 41.02 8.25 40.65
N ILE BC 4 40.03 8.82 39.96
CA ILE BC 4 38.64 8.59 40.34
C ILE BC 4 38.30 7.11 40.18
N LEU BC 5 38.78 6.50 39.10
CA LEU BC 5 38.48 5.10 38.87
C LEU BC 5 39.16 4.23 39.92
N GLU BC 6 40.38 4.57 40.31
CA GLU BC 6 41.04 3.84 41.39
C GLU BC 6 40.27 3.98 42.68
N ALA BC 7 39.74 5.18 42.94
CA ALA BC 7 38.93 5.37 44.14
C ALA BC 7 37.70 4.49 44.11
N ASP BC 8 37.05 4.41 42.95
CA ASP BC 8 35.89 3.52 42.83
C ASP BC 8 36.29 2.08 43.08
N ALA BC 9 37.42 1.66 42.54
CA ALA BC 9 37.91 0.31 42.79
C ALA BC 9 38.08 0.08 44.29
N ARG BC 10 38.65 1.05 44.98
CA ARG BC 10 38.84 0.93 46.42
C ARG BC 10 37.50 0.79 47.13
N ILE BC 11 36.53 1.62 46.76
CA ILE BC 11 35.22 1.58 47.40
C ILE BC 11 34.60 0.20 47.23
N LEU BC 12 34.67 -0.33 46.01
CA LEU BC 12 34.05 -1.62 45.76
C LEU BC 12 34.79 -2.73 46.49
N ARG BC 13 36.11 -2.66 46.57
CA ARG BC 13 36.85 -3.65 47.35
C ARG BC 13 36.41 -3.61 48.81
N ALA BC 14 36.27 -2.41 49.36
CA ALA BC 14 35.85 -2.29 50.76
C ALA BC 14 34.46 -2.86 50.97
N TYR BC 15 33.54 -2.57 50.05
CA TYR BC 15 32.21 -3.11 50.18
C TYR BC 15 32.23 -4.63 50.10
N ALA BC 16 33.02 -5.17 49.19
CA ALA BC 16 33.16 -6.61 49.09
C ALA BC 16 33.68 -7.19 50.39
N GLU BC 17 34.61 -6.48 51.03
CA GLU BC 17 35.16 -6.97 52.29
C GLU BC 17 34.09 -6.98 53.38
N ILE BC 18 33.29 -5.92 53.44
CA ILE BC 18 32.18 -5.88 54.39
C ILE BC 18 31.27 -7.08 54.16
N LEU BC 19 30.92 -7.32 52.90
CA LEU BC 19 30.02 -8.43 52.60
C LEU BC 19 30.65 -9.76 52.96
N LYS BC 20 31.94 -9.91 52.73
CA LYS BC 20 32.60 -11.16 53.06
C LYS BC 20 32.61 -11.40 54.56
N ALA BC 21 32.88 -10.36 55.34
CA ALA BC 21 32.85 -10.49 56.79
C ALA BC 21 31.44 -10.84 57.27
N HIS BC 22 30.43 -10.18 56.69
CA HIS BC 22 29.06 -10.49 57.08
C HIS BC 22 28.70 -11.92 56.73
N ALA BC 23 29.18 -12.41 55.59
CA ALA BC 23 28.94 -13.79 55.21
C ALA BC 23 29.60 -14.74 56.18
N GLU BC 24 30.85 -14.45 56.54
CA GLU BC 24 31.57 -15.31 57.48
C GLU BC 24 30.85 -15.36 58.82
N ILE BC 25 30.41 -14.21 59.33
CA ILE BC 25 29.78 -14.22 60.65
C ILE BC 25 28.40 -14.87 60.58
N LEU BC 26 27.68 -14.70 59.46
CA LEU BC 26 26.41 -15.39 59.30
C LEU BC 26 26.60 -16.89 59.18
N LYS BC 27 27.73 -17.33 58.63
CA LYS BC 27 28.09 -18.75 58.70
C LYS BC 27 28.37 -19.17 60.13
N ALA BC 28 29.05 -18.31 60.89
CA ALA BC 28 29.27 -18.59 62.31
C ALA BC 28 27.94 -18.64 63.06
N GLN BC 29 26.97 -17.86 62.61
CA GLN BC 29 25.64 -17.91 63.19
C GLN BC 29 24.97 -19.24 62.89
N GLN CC 1 -26.36 37.04 11.29
CA GLN CC 1 -25.72 38.25 11.74
C GLN CC 1 -24.83 38.03 12.94
N ALA CC 2 -25.20 37.02 13.75
CA ALA CC 2 -24.52 36.79 15.02
C ALA CC 2 -23.01 36.75 14.85
N GLU CC 3 -22.54 36.16 13.75
CA GLU CC 3 -21.11 36.08 13.48
C GLU CC 3 -20.48 37.47 13.43
N ILE CC 4 -21.20 38.46 12.89
CA ILE CC 4 -20.65 39.80 12.78
C ILE CC 4 -20.39 40.38 14.16
N LEU CC 5 -21.39 40.27 15.03
CA LEU CC 5 -21.22 40.79 16.39
C LEU CC 5 -20.15 40.02 17.12
N GLU CC 6 -20.02 38.72 16.85
CA GLU CC 6 -18.94 37.95 17.42
C GLU CC 6 -17.59 38.51 17.00
N ALA CC 7 -17.46 38.84 15.72
CA ALA CC 7 -16.22 39.45 15.24
C ALA CC 7 -15.94 40.77 15.94
N ASP CC 8 -16.98 41.58 16.13
CA ASP CC 8 -16.81 42.83 16.87
C ASP CC 8 -16.27 42.57 18.27
N ALA CC 9 -16.86 41.59 18.95
CA ALA CC 9 -16.38 41.22 20.27
C ALA CC 9 -14.92 40.83 20.23
N ARG CC 10 -14.51 40.12 19.18
CA ARG CC 10 -13.10 39.75 19.07
C ARG CC 10 -12.23 40.98 18.93
N ILE CC 11 -12.67 41.95 18.14
CA ILE CC 11 -11.92 43.20 18.00
C ILE CC 11 -11.71 43.83 19.38
N LEU CC 12 -12.79 43.91 20.14
CA LEU CC 12 -12.71 44.60 21.42
C LEU CC 12 -11.80 43.84 22.38
N ARG CC 13 -11.88 42.51 22.38
CA ARG CC 13 -10.98 41.73 23.23
C ARG CC 13 -9.53 41.97 22.84
N ALA CC 14 -9.27 42.10 21.54
CA ALA CC 14 -7.91 42.37 21.11
C ALA CC 14 -7.43 43.71 21.64
N TYR CC 15 -8.28 44.73 21.56
CA TYR CC 15 -7.90 46.02 22.13
C TYR CC 15 -7.62 45.90 23.62
N ALA CC 16 -8.42 45.09 24.31
CA ALA CC 16 -8.17 44.86 25.72
C ALA CC 16 -6.81 44.24 25.94
N GLU CC 17 -6.42 43.30 25.07
CA GLU CC 17 -5.10 42.70 25.17
C GLU CC 17 -4.02 43.75 25.02
N ILE CC 18 -4.21 44.67 24.08
CA ILE CC 18 -3.26 45.76 23.90
C ILE CC 18 -3.09 46.51 25.22
N LEU CC 19 -4.20 46.95 25.79
CA LEU CC 19 -4.12 47.77 27.00
C LEU CC 19 -3.49 47.00 28.14
N LYS CC 20 -3.83 45.73 28.28
CA LYS CC 20 -3.30 44.94 29.38
C LYS CC 20 -1.79 44.77 29.24
N ALA CC 21 -1.32 44.50 28.02
CA ALA CC 21 0.12 44.39 27.81
C ALA CC 21 0.81 45.70 28.11
N HIS CC 22 0.20 46.82 27.71
CA HIS CC 22 0.79 48.11 28.01
C HIS CC 22 0.92 48.33 29.51
N ALA CC 23 -0.11 47.91 30.25
CA ALA CC 23 -0.05 48.00 31.71
C ALA CC 23 1.09 47.17 32.26
N GLU CC 24 1.26 45.97 31.73
CA GLU CC 24 2.34 45.11 32.19
C GLU CC 24 3.69 45.77 31.92
N ILE CC 25 3.83 46.40 30.75
CA ILE CC 25 5.03 47.19 30.46
C ILE CC 25 5.26 48.19 31.58
N LEU CC 26 4.28 49.07 31.79
CA LEU CC 26 4.45 50.17 32.73
C LEU CC 26 4.79 49.66 34.11
N LYS CC 27 4.22 48.54 34.52
CA LYS CC 27 4.58 47.96 35.80
C LYS CC 27 6.03 47.51 35.81
N ALA CC 28 6.48 46.90 34.72
CA ALA CC 28 7.84 46.37 34.70
C ALA CC 28 8.89 47.45 34.86
N GLN CC 29 8.62 48.66 34.38
CA GLN CC 29 9.61 49.73 34.41
C GLN CC 29 10.04 50.03 35.83
N GLN DC 1 -24.50 49.03 11.58
CA GLN DC 1 -23.34 48.59 12.33
C GLN DC 1 -22.13 49.47 12.04
N ALA DC 2 -22.21 50.22 10.95
CA ALA DC 2 -21.12 51.11 10.58
C ALA DC 2 -20.78 52.08 11.70
N GLU DC 3 -21.78 52.44 12.51
CA GLU DC 3 -21.52 53.28 13.67
C GLU DC 3 -20.55 52.62 14.63
N ILE DC 4 -20.67 51.29 14.81
CA ILE DC 4 -19.75 50.58 15.68
C ILE DC 4 -18.33 50.69 15.13
N LEU DC 5 -18.19 50.54 13.82
CA LEU DC 5 -16.87 50.61 13.22
C LEU DC 5 -16.28 52.00 13.34
N GLU DC 6 -17.13 53.03 13.19
CA GLU DC 6 -16.67 54.38 13.41
C GLU DC 6 -16.20 54.58 14.84
N ALA DC 7 -16.94 54.01 15.79
CA ALA DC 7 -16.53 54.09 17.19
C ALA DC 7 -15.17 53.43 17.40
N ASP DC 8 -14.97 52.28 16.76
CA ASP DC 8 -13.67 51.62 16.85
C ASP DC 8 -12.57 52.49 16.29
N ALA DC 9 -12.83 53.12 15.14
CA ALA DC 9 -11.85 54.03 14.57
C ALA DC 9 -11.51 55.14 15.55
N ARG DC 10 -12.53 55.70 16.20
CA ARG DC 10 -12.30 56.75 17.17
C ARG DC 10 -11.42 56.26 18.31
N ILE DC 11 -11.74 55.07 18.84
CA ILE DC 11 -10.98 54.52 19.96
C ILE DC 11 -9.53 54.38 19.57
N LEU DC 12 -9.27 53.82 18.38
CA LEU DC 12 -7.90 53.60 17.98
C LEU DC 12 -7.17 54.91 17.73
N ARG DC 13 -7.86 55.90 17.17
CA ARG DC 13 -7.23 57.22 17.00
C ARG DC 13 -6.83 57.78 18.36
N ALA DC 14 -7.72 57.67 19.34
CA ALA DC 14 -7.41 58.20 20.67
C ALA DC 14 -6.22 57.48 21.28
N TYR DC 15 -6.18 56.15 21.13
CA TYR DC 15 -5.05 55.41 21.67
C TYR DC 15 -3.75 55.82 20.99
N ALA DC 16 -3.81 56.01 19.67
CA ALA DC 16 -2.63 56.47 18.95
C ALA DC 16 -2.19 57.83 19.45
N GLU DC 17 -3.15 58.69 19.78
CA GLU DC 17 -2.79 60.00 20.29
C GLU DC 17 -2.11 59.89 21.64
N ILE DC 18 -2.64 59.05 22.53
CA ILE DC 18 -1.99 58.82 23.81
C ILE DC 18 -0.56 58.37 23.58
N LEU DC 19 -0.37 57.40 22.68
CA LEU DC 19 0.96 56.87 22.44
C LEU DC 19 1.88 57.94 21.89
N LYS DC 20 1.37 58.79 21.00
CA LYS DC 20 2.19 59.83 20.43
C LYS DC 20 2.62 60.84 21.48
N ALA DC 21 1.71 61.21 22.37
CA ALA DC 21 2.06 62.12 23.45
C ALA DC 21 3.11 61.50 24.36
N HIS DC 22 2.93 60.22 24.69
CA HIS DC 22 3.90 59.54 25.54
C HIS DC 22 5.27 59.48 24.85
N ALA DC 23 5.26 59.26 23.54
CA ALA DC 23 6.51 59.24 22.78
C ALA DC 23 7.20 60.58 22.82
N GLU DC 24 6.44 61.65 22.58
CA GLU DC 24 7.02 62.98 22.58
C GLU DC 24 7.59 63.33 23.95
N ILE DC 25 6.86 63.01 25.01
CA ILE DC 25 7.34 63.37 26.34
C ILE DC 25 8.55 62.52 26.72
N LEU DC 26 8.58 61.26 26.30
CA LEU DC 26 9.75 60.43 26.54
C LEU DC 26 10.95 60.92 25.75
N LYS DC 27 10.72 61.50 24.57
CA LYS DC 27 11.79 62.16 23.85
C LYS DC 27 12.26 63.40 24.60
N ALA DC 28 11.33 64.15 25.18
CA ALA DC 28 11.69 65.28 26.02
C ALA DC 28 12.49 64.82 27.24
N GLN DC 29 12.19 63.62 27.73
CA GLN DC 29 12.93 63.04 28.84
C GLN DC 29 14.37 62.74 28.42
N GLN EC 1 -17.80 -23.07 36.69
CA GLN EC 1 -19.09 -22.69 37.25
C GLN EC 1 -19.10 -21.25 37.71
N ALA EC 2 -17.91 -20.73 38.01
CA ALA EC 2 -17.81 -19.37 38.52
C ALA EC 2 -18.50 -18.37 37.59
N GLU EC 3 -18.42 -18.63 36.29
CA GLU EC 3 -19.09 -17.78 35.30
C GLU EC 3 -20.59 -17.71 35.56
N ILE EC 4 -21.20 -18.84 35.90
CA ILE EC 4 -22.65 -18.88 36.10
C ILE EC 4 -23.01 -18.01 37.30
N LEU EC 5 -22.26 -18.14 38.37
CA LEU EC 5 -22.53 -17.36 39.57
C LEU EC 5 -22.32 -15.87 39.30
N GLU EC 6 -21.30 -15.55 38.51
CA GLU EC 6 -21.11 -14.17 38.10
C GLU EC 6 -22.32 -13.65 37.35
N ALA EC 7 -22.88 -14.47 36.47
CA ALA EC 7 -24.07 -14.05 35.72
C ALA EC 7 -25.23 -13.79 36.67
N ASP EC 8 -25.41 -14.67 37.66
CA ASP EC 8 -26.46 -14.46 38.66
C ASP EC 8 -26.25 -13.12 39.36
N ALA EC 9 -25.02 -12.85 39.77
CA ALA EC 9 -24.71 -11.58 40.40
C ALA EC 9 -25.10 -10.41 39.51
N ARG EC 10 -24.84 -10.53 38.20
CA ARG EC 10 -25.22 -9.46 37.30
C ARG EC 10 -26.72 -9.28 37.26
N ILE EC 11 -27.47 -10.38 37.24
CA ILE EC 11 -28.92 -10.28 37.29
C ILE EC 11 -29.36 -9.48 38.50
N LEU EC 12 -28.80 -9.82 39.66
CA LEU EC 12 -29.24 -9.17 40.88
C LEU EC 12 -28.86 -7.68 40.87
N ARG EC 13 -27.67 -7.37 40.39
CA ARG EC 13 -27.29 -5.96 40.29
C ARG EC 13 -28.25 -5.21 39.38
N ALA EC 14 -28.68 -5.84 38.29
CA ALA EC 14 -29.63 -5.18 37.41
C ALA EC 14 -30.93 -4.89 38.12
N TYR EC 15 -31.43 -5.87 38.89
CA TYR EC 15 -32.66 -5.62 39.63
C TYR EC 15 -32.48 -4.48 40.62
N ALA EC 16 -31.32 -4.43 41.28
CA ALA EC 16 -31.04 -3.33 42.18
C ALA EC 16 -31.07 -2.01 41.44
N GLU EC 17 -30.53 -1.98 40.23
CA GLU EC 17 -30.56 -0.77 39.44
C GLU EC 17 -32.00 -0.35 39.16
N ILE EC 18 -32.86 -1.32 38.87
CA ILE EC 18 -34.28 -1.02 38.67
C ILE EC 18 -34.83 -0.31 39.89
N LEU EC 19 -34.62 -0.90 41.07
CA LEU EC 19 -35.18 -0.31 42.28
C LEU EC 19 -34.64 1.09 42.52
N LYS EC 20 -33.34 1.28 42.27
CA LYS EC 20 -32.75 2.59 42.51
C LYS EC 20 -33.34 3.63 41.57
N ALA EC 21 -33.53 3.29 40.31
CA ALA EC 21 -34.15 4.23 39.39
C ALA EC 21 -35.58 4.52 39.81
N HIS EC 22 -36.30 3.52 40.33
CA HIS EC 22 -37.65 3.75 40.80
C HIS EC 22 -37.65 4.74 41.96
N ALA EC 23 -36.66 4.63 42.84
CA ALA EC 23 -36.51 5.59 43.92
C ALA EC 23 -36.28 6.98 43.37
N GLU EC 24 -35.43 7.08 42.35
CA GLU EC 24 -35.21 8.37 41.69
C GLU EC 24 -36.53 8.96 41.21
N ILE EC 25 -37.32 8.16 40.50
CA ILE EC 25 -38.64 8.61 40.05
C ILE EC 25 -39.44 9.16 41.21
N LEU EC 26 -39.60 8.34 42.25
CA LEU EC 26 -40.50 8.69 43.33
C LEU EC 26 -40.05 9.95 44.04
N LYS EC 27 -38.74 10.12 44.23
CA LYS EC 27 -38.24 11.35 44.81
C LYS EC 27 -38.55 12.54 43.92
N ALA EC 28 -38.42 12.36 42.61
CA ALA EC 28 -38.60 13.49 41.70
C ALA EC 28 -40.01 14.06 41.77
N GLN EC 29 -40.99 13.22 42.07
CA GLN EC 29 -42.39 13.66 42.09
C GLN EC 29 -42.58 14.82 43.06
N GLN FC 1 -28.92 -25.09 40.81
CA GLN FC 1 -28.98 -23.64 40.68
C GLN FC 1 -30.35 -23.18 40.26
N ALA FC 2 -31.13 -24.12 39.72
CA ALA FC 2 -32.48 -23.79 39.27
C ALA FC 2 -33.31 -23.19 40.39
N GLU FC 3 -33.00 -23.52 41.64
CA GLU FC 3 -33.66 -22.90 42.77
C GLU FC 3 -33.45 -21.39 42.77
N ILE FC 4 -32.24 -20.94 42.46
CA ILE FC 4 -31.98 -19.52 42.37
C ILE FC 4 -32.84 -18.89 41.29
N LEU FC 5 -33.01 -19.60 40.18
CA LEU FC 5 -33.80 -19.07 39.09
C LEU FC 5 -35.26 -18.95 39.48
N GLU FC 6 -35.80 -19.97 40.15
CA GLU FC 6 -37.16 -19.86 40.66
C GLU FC 6 -37.28 -18.71 41.64
N ALA FC 7 -36.26 -18.50 42.46
CA ALA FC 7 -36.30 -17.43 43.45
C ALA FC 7 -36.41 -16.07 42.76
N ASP FC 8 -35.52 -15.82 41.81
CA ASP FC 8 -35.56 -14.52 41.14
C ASP FC 8 -36.83 -14.38 40.30
N ALA FC 9 -37.36 -15.49 39.78
CA ALA FC 9 -38.65 -15.43 39.12
C ALA FC 9 -39.72 -14.93 40.07
N ARG FC 10 -39.73 -15.47 41.28
CA ARG FC 10 -40.65 -14.99 42.30
C ARG FC 10 -40.45 -13.52 42.57
N ILE FC 11 -39.20 -13.09 42.67
CA ILE FC 11 -38.90 -11.69 42.93
C ILE FC 11 -39.53 -10.81 41.86
N LEU FC 12 -39.32 -11.18 40.60
CA LEU FC 12 -39.85 -10.36 39.52
C LEU FC 12 -41.37 -10.38 39.50
N ARG FC 13 -41.97 -11.53 39.79
CA ARG FC 13 -43.44 -11.58 39.88
C ARG FC 13 -43.93 -10.62 40.94
N ALA FC 14 -43.29 -10.61 42.11
CA ALA FC 14 -43.72 -9.73 43.19
C ALA FC 14 -43.54 -8.27 42.79
N TYR FC 15 -42.44 -7.95 42.13
CA TYR FC 15 -42.24 -6.56 41.70
C TYR FC 15 -43.32 -6.16 40.71
N ALA FC 16 -43.65 -7.06 39.77
CA ALA FC 16 -44.72 -6.77 38.83
C ALA FC 16 -46.03 -6.55 39.56
N GLU FC 17 -46.27 -7.31 40.61
CA GLU FC 17 -47.50 -7.12 41.37
C GLU FC 17 -47.53 -5.76 42.05
N ILE FC 18 -46.42 -5.35 42.64
CA ILE FC 18 -46.33 -4.01 43.23
C ILE FC 18 -46.65 -2.96 42.18
N LEU FC 19 -46.04 -3.10 41.00
CA LEU FC 19 -46.26 -2.13 39.94
C LEU FC 19 -47.71 -2.09 39.51
N LYS FC 20 -48.33 -3.26 39.40
CA LYS FC 20 -49.73 -3.31 38.98
C LYS FC 20 -50.63 -2.65 40.02
N ALA FC 21 -50.33 -2.86 41.29
CA ALA FC 21 -51.12 -2.23 42.35
C ALA FC 21 -50.98 -0.72 42.29
N HIS FC 22 -49.74 -0.24 42.16
CA HIS FC 22 -49.52 1.20 42.06
C HIS FC 22 -50.21 1.76 40.83
N ALA FC 23 -50.25 0.98 39.75
CA ALA FC 23 -50.91 1.41 38.52
C ALA FC 23 -52.40 1.55 38.73
N GLU FC 24 -53.04 0.54 39.32
CA GLU FC 24 -54.46 0.62 39.60
C GLU FC 24 -54.77 1.78 40.53
N ILE FC 25 -53.88 2.04 41.50
CA ILE FC 25 -54.09 3.17 42.40
C ILE FC 25 -54.06 4.48 41.63
N LEU FC 26 -53.00 4.69 40.84
CA LEU FC 26 -52.88 5.91 40.06
C LEU FC 26 -54.03 6.06 39.07
N LYS FC 27 -54.60 4.94 38.64
CA LYS FC 27 -55.81 4.99 37.83
C LYS FC 27 -57.00 5.46 38.65
N ALA FC 28 -57.12 4.97 39.89
CA ALA FC 28 -58.17 5.44 40.78
C ALA FC 28 -57.98 6.91 41.12
N GLN FC 29 -56.73 7.36 41.20
CA GLN FC 29 -56.42 8.75 41.45
C GLN FC 29 -56.87 9.62 40.28
N GLN GC 1 -31.18 -24.96 -49.95
CA GLN GC 1 -31.76 -23.66 -49.65
C GLN GC 1 -30.80 -22.82 -48.83
N ALA GC 2 -29.95 -23.48 -48.06
CA ALA GC 2 -29.02 -22.77 -47.18
C ALA GC 2 -28.22 -21.73 -47.94
N GLU GC 3 -27.87 -22.03 -49.18
CA GLU GC 3 -27.16 -21.07 -50.03
C GLU GC 3 -27.96 -19.79 -50.18
N ILE GC 4 -29.27 -19.89 -50.35
CA ILE GC 4 -30.09 -18.69 -50.56
C ILE GC 4 -30.06 -17.83 -49.31
N LEU GC 5 -30.19 -18.46 -48.15
CA LEU GC 5 -30.19 -17.72 -46.90
C LEU GC 5 -28.82 -17.07 -46.67
N GLU GC 6 -27.75 -17.78 -47.02
CA GLU GC 6 -26.43 -17.17 -46.95
C GLU GC 6 -26.33 -15.95 -47.84
N ALA GC 7 -26.91 -16.02 -49.04
CA ALA GC 7 -26.91 -14.86 -49.92
C ALA GC 7 -27.64 -13.69 -49.29
N ASP GC 8 -28.79 -13.96 -48.68
CA ASP GC 8 -29.52 -12.90 -47.97
C ASP GC 8 -28.64 -12.28 -46.90
N ALA GC 9 -27.96 -13.12 -46.12
CA ALA GC 9 -27.06 -12.61 -45.10
C ALA GC 9 -26.01 -11.69 -45.70
N ARG GC 10 -25.49 -12.06 -46.87
CA ARG GC 10 -24.49 -11.21 -47.52
C ARG GC 10 -25.10 -9.88 -47.91
N ILE GC 11 -26.32 -9.89 -48.42
CA ILE GC 11 -27.00 -8.64 -48.75
C ILE GC 11 -27.04 -7.73 -47.52
N LEU GC 12 -27.46 -8.31 -46.39
CA LEU GC 12 -27.62 -7.48 -45.20
C LEU GC 12 -26.28 -6.96 -44.71
N ARG GC 13 -25.24 -7.80 -44.75
CA ARG GC 13 -23.92 -7.32 -44.35
C ARG GC 13 -23.47 -6.18 -45.25
N ALA GC 14 -23.77 -6.26 -46.54
CA ALA GC 14 -23.40 -5.17 -47.44
C ALA GC 14 -24.12 -3.89 -47.06
N TYR GC 15 -25.40 -3.99 -46.74
CA TYR GC 15 -26.12 -2.80 -46.30
C TYR GC 15 -25.46 -2.23 -45.05
N ALA GC 16 -25.05 -3.10 -44.13
CA ALA GC 16 -24.36 -2.63 -42.94
C ALA GC 16 -23.08 -1.90 -43.30
N GLU GC 17 -22.37 -2.41 -44.30
CA GLU GC 17 -21.14 -1.74 -44.73
C GLU GC 17 -21.45 -0.34 -45.23
N ILE GC 18 -22.49 -0.20 -46.05
CA ILE GC 18 -22.91 1.12 -46.49
C ILE GC 18 -23.13 2.03 -45.30
N LEU GC 19 -23.91 1.55 -44.35
CA LEU GC 19 -24.33 2.42 -43.25
C LEU GC 19 -23.14 2.83 -42.40
N LYS GC 20 -22.22 1.90 -42.16
CA LYS GC 20 -21.04 2.20 -41.37
C LYS GC 20 -20.14 3.20 -42.09
N ALA GC 21 -19.99 3.06 -43.40
CA ALA GC 21 -19.19 4.04 -44.12
C ALA GC 21 -19.82 5.41 -44.03
N HIS GC 22 -21.15 5.48 -44.09
CA HIS GC 22 -21.82 6.77 -43.94
C HIS GC 22 -21.54 7.35 -42.57
N ALA GC 23 -21.51 6.50 -41.55
CA ALA GC 23 -21.14 6.94 -40.22
C ALA GC 23 -19.75 7.54 -40.21
N GLU GC 24 -18.81 6.87 -40.88
CA GLU GC 24 -17.44 7.35 -40.87
C GLU GC 24 -17.35 8.70 -41.57
N ILE GC 25 -18.09 8.86 -42.67
CA ILE GC 25 -18.22 10.16 -43.30
C ILE GC 25 -18.62 11.20 -42.27
N LEU GC 26 -19.79 10.98 -41.67
CA LEU GC 26 -20.36 11.99 -40.78
C LEU GC 26 -19.41 12.34 -39.65
N LYS GC 27 -18.67 11.36 -39.15
CA LYS GC 27 -17.67 11.64 -38.13
C LYS GC 27 -16.57 12.53 -38.70
N ALA GC 28 -16.14 12.25 -39.93
CA ALA GC 28 -15.00 12.98 -40.48
C ALA GC 28 -15.29 14.45 -40.66
N GLN GC 29 -16.55 14.82 -40.92
CA GLN GC 29 -16.88 16.21 -41.19
C GLN GC 29 -16.52 17.09 -40.02
N GLN HC 1 -39.92 -16.66 -49.59
CA GLN HC 1 -38.75 -15.83 -49.38
C GLN HC 1 -38.92 -14.48 -50.04
N ALA HC 2 -39.85 -14.40 -50.98
CA ALA HC 2 -40.10 -13.14 -51.68
C ALA HC 2 -40.42 -12.01 -50.71
N GLU HC 3 -41.02 -12.35 -49.57
CA GLU HC 3 -41.28 -11.35 -48.54
C GLU HC 3 -39.98 -10.73 -48.05
N ILE HC 4 -38.93 -11.53 -47.91
CA ILE HC 4 -37.64 -10.98 -47.51
C ILE HC 4 -37.13 -10.00 -48.54
N LEU HC 5 -37.30 -10.34 -49.81
CA LEU HC 5 -36.82 -9.45 -50.86
C LEU HC 5 -37.61 -8.16 -50.88
N GLU HC 6 -38.93 -8.24 -50.66
CA GLU HC 6 -39.73 -7.04 -50.56
C GLU HC 6 -39.27 -6.19 -49.37
N ALA HC 7 -38.94 -6.83 -48.26
CA ALA HC 7 -38.45 -6.08 -47.11
C ALA HC 7 -37.15 -5.36 -47.46
N ASP HC 8 -36.25 -6.03 -48.16
CA ASP HC 8 -35.02 -5.39 -48.60
C ASP HC 8 -35.31 -4.20 -49.49
N ALA HC 9 -36.25 -4.36 -50.41
CA ALA HC 9 -36.66 -3.25 -51.26
C ALA HC 9 -37.12 -2.07 -50.42
N ARG HC 10 -37.93 -2.35 -49.40
CA ARG HC 10 -38.42 -1.30 -48.52
C ARG HC 10 -37.26 -0.60 -47.82
N ILE HC 11 -36.33 -1.37 -47.29
CA ILE HC 11 -35.19 -0.80 -46.59
C ILE HC 11 -34.41 0.13 -47.50
N LEU HC 12 -34.15 -0.33 -48.72
CA LEU HC 12 -33.37 0.49 -49.63
C LEU HC 12 -34.13 1.74 -50.05
N ARG HC 13 -35.45 1.63 -50.25
CA ARG HC 13 -36.23 2.82 -50.54
C ARG HC 13 -36.14 3.83 -49.41
N ALA HC 14 -36.24 3.35 -48.17
CA ALA HC 14 -36.16 4.25 -47.03
C ALA HC 14 -34.80 4.92 -46.96
N TYR HC 15 -33.73 4.15 -47.18
CA TYR HC 15 -32.41 4.74 -47.16
C TYR HC 15 -32.25 5.78 -48.25
N ALA HC 16 -32.77 5.49 -49.43
CA ALA HC 16 -32.74 6.46 -50.51
C ALA HC 16 -33.48 7.73 -50.12
N GLU HC 17 -34.60 7.57 -49.41
CA GLU HC 17 -35.35 8.75 -48.99
C GLU HC 17 -34.56 9.57 -48.00
N ILE HC 18 -33.90 8.92 -47.04
CA ILE HC 18 -33.04 9.63 -46.11
C ILE HC 18 -31.99 10.42 -46.88
N LEU HC 19 -31.34 9.76 -47.84
CA LEU HC 19 -30.30 10.42 -48.60
C LEU HC 19 -30.85 11.60 -49.40
N LYS HC 20 -32.03 11.45 -49.95
CA LYS HC 20 -32.63 12.52 -50.73
C LYS HC 20 -32.94 13.72 -49.85
N ALA HC 21 -33.48 13.47 -48.65
CA ALA HC 21 -33.75 14.57 -47.73
C ALA HC 21 -32.47 15.25 -47.31
N HIS HC 22 -31.42 14.47 -47.04
CA HIS HC 22 -30.14 15.05 -46.67
C HIS HC 22 -29.57 15.89 -47.80
N ALA HC 23 -29.74 15.43 -49.03
CA ALA HC 23 -29.28 16.19 -50.19
C ALA HC 23 -30.05 17.49 -50.32
N GLU HC 24 -31.37 17.43 -50.14
CA GLU HC 24 -32.19 18.63 -50.23
C GLU HC 24 -31.77 19.65 -49.19
N ILE HC 25 -31.58 19.20 -47.94
CA ILE HC 25 -31.26 20.15 -46.89
C ILE HC 25 -29.85 20.69 -47.07
N LEU HC 26 -28.92 19.87 -47.56
CA LEU HC 26 -27.57 20.35 -47.86
C LEU HC 26 -27.58 21.35 -49.00
N LYS HC 27 -28.52 21.20 -49.94
CA LYS HC 27 -28.74 22.24 -50.94
C LYS HC 27 -29.28 23.51 -50.30
N ALA HC 28 -30.20 23.35 -49.34
CA ALA HC 28 -30.69 24.50 -48.60
C ALA HC 28 -29.58 25.16 -47.80
N GLN HC 29 -28.60 24.36 -47.35
CA GLN HC 29 -27.44 24.90 -46.68
C GLN HC 29 -26.59 25.72 -47.64
N GLN IC 1 29.01 -46.19 -33.48
CA GLN IC 1 28.16 -46.84 -32.48
C GLN IC 1 27.06 -45.91 -32.00
N ALA IC 2 27.34 -44.61 -32.03
CA ALA IC 2 26.42 -43.62 -31.46
C ALA IC 2 24.99 -43.83 -31.96
N GLU IC 3 24.85 -44.19 -33.23
CA GLU IC 3 23.52 -44.44 -33.79
C GLU IC 3 22.79 -45.54 -33.03
N ILE IC 4 23.50 -46.55 -32.56
CA ILE IC 4 22.85 -47.66 -31.87
C ILE IC 4 22.25 -47.16 -30.56
N LEU IC 5 23.04 -46.39 -29.80
CA LEU IC 5 22.52 -45.86 -28.55
C LEU IC 5 21.38 -44.88 -28.80
N GLU IC 6 21.47 -44.14 -29.90
CA GLU IC 6 20.36 -43.28 -30.28
C GLU IC 6 19.09 -44.08 -30.49
N ALA IC 7 19.20 -45.21 -31.19
CA ALA IC 7 18.05 -46.08 -31.40
C ALA IC 7 17.49 -46.57 -30.07
N ASP IC 8 18.38 -46.95 -29.15
CA ASP IC 8 17.92 -47.37 -27.83
C ASP IC 8 17.13 -46.26 -27.16
N ALA IC 9 17.65 -45.03 -27.22
CA ALA IC 9 16.92 -43.91 -26.65
C ALA IC 9 15.55 -43.77 -27.27
N ARG IC 10 15.45 -44.00 -28.59
CA ARG IC 10 14.15 -43.93 -29.23
C ARG IC 10 13.21 -44.99 -28.69
N ILE IC 11 13.72 -46.20 -28.48
CA ILE IC 11 12.90 -47.25 -27.90
C ILE IC 11 12.34 -46.79 -26.57
N LEU IC 12 13.20 -46.24 -25.72
CA LEU IC 12 12.76 -45.86 -24.39
C LEU IC 12 11.74 -44.73 -24.45
N ARG IC 13 11.96 -43.76 -25.34
CA ARG IC 13 10.98 -42.70 -25.48
C ARG IC 13 9.63 -43.25 -25.92
N ALA IC 14 9.65 -44.25 -26.80
CA ALA IC 14 8.40 -44.86 -27.22
C ALA IC 14 7.69 -45.51 -26.06
N TYR IC 15 8.42 -46.22 -25.21
CA TYR IC 15 7.80 -46.81 -24.03
C TYR IC 15 7.22 -45.73 -23.14
N ALA IC 16 7.92 -44.60 -23.02
CA ALA IC 16 7.38 -43.49 -22.26
C ALA IC 16 6.07 -43.00 -22.85
N GLU IC 17 6.00 -42.94 -24.17
CA GLU IC 17 4.74 -42.55 -24.81
C GLU IC 17 3.62 -43.50 -24.45
N ILE IC 18 3.93 -44.80 -24.44
CA ILE IC 18 2.93 -45.79 -24.03
C ILE IC 18 2.40 -45.45 -22.64
N LEU IC 19 3.32 -45.28 -21.70
CA LEU IC 19 2.89 -45.06 -20.32
C LEU IC 19 2.09 -43.77 -20.19
N LYS IC 20 2.53 -42.72 -20.88
CA LYS IC 20 1.84 -41.45 -20.77
C LYS IC 20 0.43 -41.54 -21.34
N ALA IC 21 0.27 -42.21 -22.47
CA ALA IC 21 -1.07 -42.39 -23.02
C ALA IC 21 -1.94 -43.19 -22.07
N HIS IC 22 -1.37 -44.23 -21.45
CA HIS IC 22 -2.14 -45.01 -20.50
C HIS IC 22 -2.61 -44.15 -19.33
N ALA IC 23 -1.75 -43.26 -18.87
CA ALA IC 23 -2.13 -42.33 -17.81
C ALA IC 23 -3.28 -41.45 -18.26
N GLU IC 24 -3.20 -40.95 -19.48
CA GLU IC 24 -4.27 -40.10 -19.99
C GLU IC 24 -5.58 -40.87 -20.03
N ILE IC 25 -5.52 -42.14 -20.45
CA ILE IC 25 -6.69 -43.01 -20.39
C ILE IC 25 -7.27 -42.99 -18.98
N LEU IC 26 -6.45 -43.40 -18.01
CA LEU IC 26 -6.93 -43.57 -16.65
C LEU IC 26 -7.53 -42.28 -16.11
N LYS IC 27 -6.94 -41.15 -16.48
CA LYS IC 27 -7.51 -39.88 -16.06
C LYS IC 27 -8.88 -39.66 -16.68
N ALA IC 28 -9.02 -40.02 -17.96
CA ALA IC 28 -10.27 -39.74 -18.65
C ALA IC 28 -11.44 -40.51 -18.04
N GLN IC 29 -11.20 -41.69 -17.49
CA GLN IC 29 -12.26 -42.52 -16.96
C GLN IC 29 -13.03 -41.81 -15.86
N GLN JC 1 25.94 -54.87 -25.52
CA GLN JC 1 24.69 -54.12 -25.57
C GLN JC 1 23.50 -55.05 -25.45
N ALA JC 2 23.74 -56.34 -25.67
CA ALA JC 2 22.67 -57.32 -25.58
C ALA JC 2 22.00 -57.29 -24.21
N GLU JC 3 22.75 -56.90 -23.17
CA GLU JC 3 22.17 -56.74 -21.85
C GLU JC 3 21.07 -55.68 -21.87
N ILE JC 4 21.29 -54.60 -22.61
CA ILE JC 4 20.27 -53.57 -22.71
C ILE JC 4 19.00 -54.13 -23.34
N LEU JC 5 19.18 -54.94 -24.38
CA LEU JC 5 18.02 -55.50 -25.06
C LEU JC 5 17.28 -56.47 -24.15
N GLU JC 6 18.04 -57.25 -23.36
CA GLU JC 6 17.41 -58.13 -22.39
C GLU JC 6 16.62 -57.32 -21.38
N ALA JC 7 17.17 -56.20 -20.93
CA ALA JC 7 16.45 -55.34 -19.99
C ALA JC 7 15.17 -54.83 -20.61
N ASP JC 8 15.23 -54.45 -21.88
CA ASP JC 8 14.01 -54.01 -22.57
C ASP JC 8 12.98 -55.11 -22.62
N ALA JC 9 13.43 -56.33 -22.92
CA ALA JC 9 12.51 -57.47 -22.94
C ALA JC 9 11.85 -57.63 -21.57
N ARG JC 10 12.64 -57.50 -20.50
CA ARG JC 10 12.10 -57.62 -19.16
C ARG JC 10 11.05 -56.56 -18.90
N ILE JC 11 11.36 -55.31 -19.27
CA ILE JC 11 10.42 -54.21 -19.04
C ILE JC 11 9.10 -54.49 -19.74
N LEU JC 12 9.19 -54.92 -21.00
CA LEU JC 12 7.97 -55.14 -21.76
C LEU JC 12 7.18 -56.32 -21.19
N ARG JC 13 7.87 -57.37 -20.75
CA ARG JC 13 7.17 -58.48 -20.12
C ARG JC 13 6.43 -58.00 -18.88
N ALA JC 14 7.08 -57.18 -18.07
CA ALA JC 14 6.44 -56.68 -16.86
C ALA JC 14 5.22 -55.83 -17.20
N TYR JC 15 5.35 -54.98 -18.21
CA TYR JC 15 4.20 -54.16 -18.60
C TYR JC 15 3.06 -55.03 -19.09
N ALA JC 16 3.38 -56.06 -19.87
CA ALA JC 16 2.35 -56.99 -20.33
C ALA JC 16 1.68 -57.67 -19.15
N GLU JC 17 2.45 -57.99 -18.12
CA GLU JC 17 1.86 -58.62 -16.94
C GLU JC 17 0.91 -57.67 -16.23
N ILE JC 18 1.32 -56.41 -16.07
CA ILE JC 18 0.43 -55.42 -15.49
C ILE JC 18 -0.87 -55.37 -16.28
N LEU JC 19 -0.76 -55.30 -17.61
CA LEU JC 19 -1.94 -55.18 -18.44
C LEU JC 19 -2.82 -56.41 -18.31
N LYS JC 20 -2.21 -57.59 -18.23
CA LYS JC 20 -2.99 -58.82 -18.11
C LYS JC 20 -3.74 -58.85 -16.79
N ALA JC 21 -3.07 -58.43 -15.71
CA ALA JC 21 -3.76 -58.39 -14.42
C ALA JC 21 -4.91 -57.40 -14.45
N HIS JC 22 -4.69 -56.23 -15.05
CA HIS JC 22 -5.75 -55.23 -15.15
C HIS JC 22 -6.91 -55.77 -15.97
N ALA JC 23 -6.60 -56.51 -17.04
CA ALA JC 23 -7.64 -57.11 -17.87
C ALA JC 23 -8.45 -58.12 -17.08
N GLU JC 24 -7.76 -58.99 -16.34
CA GLU JC 24 -8.47 -60.01 -15.57
C GLU JC 24 -9.35 -59.38 -14.51
N ILE JC 25 -8.84 -58.36 -13.82
CA ILE JC 25 -9.64 -57.75 -12.76
C ILE JC 25 -10.81 -56.98 -13.34
N LEU JC 26 -10.62 -56.34 -14.51
CA LEU JC 26 -11.73 -55.68 -15.17
C LEU JC 26 -12.77 -56.67 -15.67
N LYS JC 27 -12.34 -57.87 -16.04
CA LYS JC 27 -13.29 -58.94 -16.34
C LYS JC 27 -14.04 -59.36 -15.08
N ALA JC 28 -13.34 -59.42 -13.95
CA ALA JC 28 -13.99 -59.71 -12.68
C ALA JC 28 -14.98 -58.60 -12.33
N GLN JC 29 -14.67 -57.37 -12.73
CA GLN JC 29 -15.59 -56.25 -12.53
C GLN JC 29 -16.85 -56.44 -13.35
N GLN KC 1 21.08 14.06 -58.71
CA GLN KC 1 22.17 14.26 -57.78
C GLN KC 1 21.94 13.53 -56.47
N ALA KC 2 20.66 13.27 -56.16
CA ALA KC 2 20.32 12.62 -54.90
C ALA KC 2 21.09 11.33 -54.73
N GLU KC 3 21.32 10.61 -55.82
CA GLU KC 3 22.11 9.37 -55.77
C GLU KC 3 23.49 9.62 -55.21
N ILE KC 4 24.13 10.72 -55.61
CA ILE KC 4 25.48 11.00 -55.15
C ILE KC 4 25.50 11.21 -53.65
N LEU KC 5 24.53 11.99 -53.16
CA LEU KC 5 24.46 12.27 -51.74
C LEU KC 5 24.17 11.00 -50.97
N GLU KC 6 23.32 10.13 -51.53
CA GLU KC 6 23.08 8.83 -50.92
C GLU KC 6 24.38 8.05 -50.80
N ALA KC 7 25.20 8.07 -51.85
CA ALA KC 7 26.47 7.37 -51.80
C ALA KC 7 27.37 7.92 -50.71
N ASP KC 8 27.41 9.25 -50.57
CA ASP KC 8 28.19 9.85 -49.50
C ASP KC 8 27.69 9.37 -48.14
N ALA KC 9 26.38 9.33 -47.96
CA ALA KC 9 25.81 8.83 -46.72
C ALA KC 9 26.28 7.40 -46.46
N ARG KC 10 26.32 6.58 -47.51
CA ARG KC 10 26.78 5.21 -47.32
C ARG KC 10 28.23 5.17 -46.88
N ILE KC 11 29.07 6.02 -47.47
CA ILE KC 11 30.46 6.10 -47.04
C ILE KC 11 30.54 6.38 -45.55
N LEU KC 12 29.78 7.37 -45.11
CA LEU KC 12 29.87 7.77 -43.71
C LEU KC 12 29.36 6.66 -42.80
N ARG KC 13 28.27 6.00 -43.19
CA ARG KC 13 27.78 4.88 -42.39
C ARG KC 13 28.83 3.79 -42.28
N ALA KC 14 29.55 3.54 -43.37
CA ALA KC 14 30.61 2.54 -43.32
C ALA KC 14 31.69 2.92 -42.32
N TYR KC 15 32.10 4.19 -42.35
CA TYR KC 15 33.10 4.63 -41.38
C TYR KC 15 32.60 4.46 -39.95
N ALA KC 16 31.32 4.77 -39.73
CA ALA KC 16 30.74 4.57 -38.41
C ALA KC 16 30.80 3.11 -38.02
N GLU KC 17 30.54 2.21 -38.98
CA GLU KC 17 30.63 0.80 -38.70
C GLU KC 17 32.05 0.42 -38.27
N ILE KC 18 33.03 1.00 -38.94
CA ILE KC 18 34.42 0.76 -38.55
C ILE KC 18 34.62 1.13 -37.08
N LEU KC 19 34.22 2.34 -36.71
CA LEU KC 19 34.45 2.78 -35.34
C LEU KC 19 33.72 1.89 -34.35
N LYS KC 20 32.50 1.48 -34.68
CA LYS KC 20 31.73 0.64 -33.78
C LYS KC 20 32.41 -0.70 -33.57
N ALA KC 21 32.91 -1.31 -34.65
CA ALA KC 21 33.63 -2.56 -34.49
C ALA KC 21 34.90 -2.37 -33.68
N HIS KC 22 35.56 -1.24 -33.85
CA HIS KC 22 36.74 -0.98 -33.05
C HIS KC 22 36.39 -0.90 -31.57
N ALA KC 23 35.25 -0.30 -31.26
CA ALA KC 23 34.78 -0.27 -29.88
C ALA KC 23 34.53 -1.67 -29.37
N GLU KC 24 33.93 -2.51 -30.21
CA GLU KC 24 33.73 -3.91 -29.84
C GLU KC 24 35.05 -4.56 -29.46
N ILE KC 25 36.06 -4.40 -30.32
CA ILE KC 25 37.39 -4.93 -30.03
C ILE KC 25 37.85 -4.47 -28.67
N LEU KC 26 37.86 -3.15 -28.47
CA LEU KC 26 38.46 -2.59 -27.27
C LEU KC 26 37.74 -3.06 -26.01
N LYS KC 27 36.42 -3.16 -26.07
CA LYS KC 27 35.68 -3.69 -24.94
C LYS KC 27 36.06 -5.14 -24.68
N ALA KC 28 36.24 -5.92 -25.74
CA ALA KC 28 36.50 -7.35 -25.57
C ALA KC 28 37.80 -7.59 -24.81
N GLN KC 29 38.77 -6.70 -24.93
CA GLN KC 29 40.07 -6.90 -24.31
C GLN KC 29 39.94 -7.05 -22.81
N GLN LC 1 31.15 19.24 -54.68
CA GLN LC 1 31.09 18.11 -53.77
C GLN LC 1 32.48 17.60 -53.44
N ALA LC 2 33.45 17.97 -54.27
CA ALA LC 2 34.82 17.53 -54.05
C ALA LC 2 35.32 17.93 -52.67
N GLU LC 3 34.77 19.01 -52.10
CA GLU LC 3 35.10 19.38 -50.74
C GLU LC 3 34.75 18.27 -49.77
N ILE LC 4 33.60 17.64 -49.96
CA ILE LC 4 33.22 16.51 -49.10
C ILE LC 4 34.23 15.40 -49.23
N LEU LC 5 34.72 15.16 -50.44
CA LEU LC 5 35.67 14.10 -50.66
C LEU LC 5 36.99 14.40 -49.96
N GLU LC 6 37.47 15.64 -50.08
CA GLU LC 6 38.67 16.02 -49.34
C GLU LC 6 38.45 15.86 -47.84
N ALA LC 7 37.26 16.20 -47.36
CA ALA LC 7 36.98 16.09 -45.94
C ALA LC 7 37.10 14.64 -45.48
N ASP LC 8 36.41 13.73 -46.16
CA ASP LC 8 36.48 12.35 -45.73
C ASP LC 8 37.88 11.77 -45.93
N ALA LC 9 38.61 12.26 -46.93
CA ALA LC 9 40.01 11.86 -47.06
C ALA LC 9 40.79 12.24 -45.80
N ARG LC 10 40.57 13.47 -45.33
CA ARG LC 10 41.21 13.90 -44.09
C ARG LC 10 40.80 12.99 -42.93
N ILE LC 11 39.52 12.64 -42.86
CA ILE LC 11 39.03 11.78 -41.80
C ILE LC 11 39.79 10.46 -41.80
N LEU LC 12 39.90 9.85 -42.97
CA LEU LC 12 40.58 8.56 -43.05
C LEU LC 12 42.06 8.69 -42.73
N ARG LC 13 42.70 9.77 -43.17
CA ARG LC 13 44.10 9.98 -42.80
C ARG LC 13 44.25 10.05 -41.29
N ALA LC 14 43.37 10.80 -40.63
CA ALA LC 14 43.45 10.92 -39.18
C ALA LC 14 43.23 9.59 -38.50
N TYR LC 15 42.27 8.80 -39.00
CA TYR LC 15 42.04 7.50 -38.41
C TYR LC 15 43.26 6.61 -38.57
N ALA LC 16 43.88 6.65 -39.74
CA ALA LC 16 45.10 5.88 -39.97
C ALA LC 16 46.18 6.32 -39.01
N GLU LC 17 46.26 7.62 -38.73
CA GLU LC 17 47.27 8.11 -37.80
C GLU LC 17 47.01 7.58 -36.40
N ILE LC 18 45.76 7.60 -35.95
CA ILE LC 18 45.42 7.02 -34.66
C ILE LC 18 45.85 5.57 -34.60
N LEU LC 19 45.54 4.82 -35.66
CA LEU LC 19 45.88 3.40 -35.68
C LEU LC 19 47.38 3.21 -35.63
N LYS LC 20 48.13 4.03 -36.36
CA LYS LC 20 49.58 3.89 -36.36
C LYS LC 20 50.16 4.19 -34.99
N ALA LC 21 49.60 5.19 -34.31
CA ALA LC 21 50.08 5.52 -32.97
C ALA LC 21 49.80 4.37 -32.01
N HIS LC 22 48.58 3.83 -32.05
CA HIS LC 22 48.24 2.70 -31.20
C HIS LC 22 49.12 1.51 -31.51
N ALA LC 23 49.49 1.34 -32.79
CA ALA LC 23 50.36 0.24 -33.20
C ALA LC 23 51.75 0.40 -32.61
N GLU LC 24 52.33 1.60 -32.75
CA GLU LC 24 53.64 1.84 -32.17
C GLU LC 24 53.61 1.66 -30.66
N ILE LC 25 52.52 2.06 -30.01
CA ILE LC 25 52.41 1.88 -28.58
C ILE LC 25 52.42 0.40 -28.23
N LEU LC 26 51.54 -0.38 -28.87
CA LEU LC 26 51.48 -1.81 -28.61
C LEU LC 26 52.79 -2.49 -28.94
N LYS LC 27 53.56 -1.93 -29.87
CA LYS LC 27 54.91 -2.42 -30.12
C LYS LC 27 55.83 -2.11 -28.95
N ALA LC 28 55.72 -0.90 -28.40
CA ALA LC 28 56.50 -0.55 -27.22
C ALA LC 28 56.09 -1.39 -26.02
N GLN LC 29 54.81 -1.76 -25.96
CA GLN LC 29 54.32 -2.63 -24.90
C GLN LC 29 54.93 -4.02 -25.02
N GLN MC 1 31.36 26.10 29.51
CA GLN MC 1 31.96 25.54 30.72
C GLN MC 1 30.92 25.20 31.76
N ALA MC 2 29.79 25.90 31.71
CA ALA MC 2 28.73 25.69 32.70
C ALA MC 2 28.35 24.22 32.79
N GLU MC 3 28.35 23.53 31.66
CA GLU MC 3 28.08 22.10 31.64
C GLU MC 3 29.03 21.33 32.55
N ILE MC 4 30.31 21.70 32.54
CA ILE MC 4 31.29 20.97 33.34
C ILE MC 4 31.00 21.16 34.82
N LEU MC 5 30.67 22.40 35.20
CA LEU MC 5 30.37 22.67 36.59
C LEU MC 5 29.10 21.95 37.03
N GLU MC 6 28.12 21.89 36.14
CA GLU MC 6 26.92 21.13 36.43
C GLU MC 6 27.26 19.66 36.66
N ALA MC 7 28.16 19.11 35.84
CA ALA MC 7 28.57 17.73 36.04
C ALA MC 7 29.23 17.54 37.40
N ASP MC 8 30.09 18.48 37.80
CA ASP MC 8 30.68 18.41 39.13
C ASP MC 8 29.60 18.39 40.20
N ALA MC 9 28.62 19.28 40.07
CA ALA MC 9 27.52 19.31 41.01
C ALA MC 9 26.83 17.95 41.09
N ARG MC 10 26.65 17.30 39.95
CA ARG MC 10 26.02 15.98 39.96
C ARG MC 10 26.87 14.98 40.70
N ILE MC 11 28.19 15.03 40.50
CA ILE MC 11 29.08 14.15 41.24
C ILE MC 11 28.86 14.31 42.73
N LEU MC 12 28.84 15.57 43.19
CA LEU MC 12 28.72 15.81 44.62
C LEU MC 12 27.38 15.35 45.15
N ARG MC 13 26.31 15.60 44.40
CA ARG MC 13 25.00 15.12 44.82
C ARG MC 13 24.99 13.61 44.94
N ALA MC 14 25.65 12.92 44.02
CA ALA MC 14 25.72 11.46 44.10
C ALA MC 14 26.44 11.03 45.36
N TYR MC 15 27.55 11.69 45.68
CA TYR MC 15 28.22 11.36 46.93
C TYR MC 15 27.30 11.55 48.12
N ALA MC 16 26.52 12.64 48.09
CA ALA MC 16 25.56 12.88 49.16
C ALA MC 16 24.56 11.74 49.25
N GLU MC 17 24.12 11.23 48.10
CA GLU MC 17 23.19 10.11 48.09
C GLU MC 17 23.80 8.91 48.78
N ILE MC 18 25.06 8.60 48.44
CA ILE MC 18 25.76 7.51 49.11
C ILE MC 18 25.71 7.70 50.61
N LEU MC 19 26.09 8.89 51.05
CA LEU MC 19 26.26 9.12 52.49
C LEU MC 19 24.93 9.01 53.20
N LYS MC 20 23.87 9.55 52.59
CA LYS MC 20 22.55 9.48 53.19
C LYS MC 20 22.05 8.05 53.28
N ALA MC 21 22.29 7.26 52.24
CA ALA MC 21 21.89 5.87 52.31
C ALA MC 21 22.63 5.14 53.43
N HIS MC 22 23.91 5.46 53.60
CA HIS MC 22 24.65 4.86 54.71
C HIS MC 22 24.03 5.25 56.04
N ALA MC 23 23.58 6.50 56.15
CA ALA MC 23 22.88 6.94 57.34
C ALA MC 23 21.65 6.09 57.58
N GLU MC 24 20.87 5.85 56.52
CA GLU MC 24 19.65 5.10 56.67
C GLU MC 24 19.95 3.68 57.12
N ILE MC 25 21.00 3.08 56.56
CA ILE MC 25 21.49 1.80 57.06
C ILE MC 25 21.68 1.86 58.56
N LEU MC 26 22.57 2.75 58.99
CA LEU MC 26 22.95 2.79 60.39
C LEU MC 26 21.75 2.97 61.30
N LYS MC 27 20.78 3.78 60.86
CA LYS MC 27 19.56 3.91 61.63
C LYS MC 27 18.81 2.60 61.71
N ALA MC 28 18.75 1.88 60.59
CA ALA MC 28 17.93 0.67 60.56
C ALA MC 28 18.45 -0.40 61.51
N GLN MC 29 19.76 -0.45 61.75
CA GLN MC 29 20.33 -1.49 62.58
C GLN MC 29 19.75 -1.47 63.99
N GLN NC 1 40.52 23.16 36.78
CA GLN NC 1 39.45 22.35 37.35
C GLN NC 1 39.99 21.03 37.86
N ALA NC 2 41.17 20.65 37.37
CA ALA NC 2 41.78 19.39 37.80
C ALA NC 2 41.93 19.33 39.31
N GLU NC 3 42.10 20.48 39.95
CA GLU NC 3 42.15 20.52 41.41
C GLU NC 3 40.85 20.00 42.01
N ILE NC 4 39.72 20.33 41.40
CA ILE NC 4 38.44 19.83 41.90
C ILE NC 4 38.40 18.31 41.80
N LEU NC 5 38.91 17.78 40.69
CA LEU NC 5 38.89 16.34 40.51
C LEU NC 5 39.81 15.65 41.52
N GLU NC 6 40.97 16.26 41.80
CA GLU NC 6 41.84 15.72 42.82
C GLU NC 6 41.17 15.74 44.18
N ALA NC 7 40.42 16.82 44.46
CA ALA NC 7 39.70 16.88 45.73
C ALA NC 7 38.67 15.77 45.82
N ASP NC 8 37.96 15.51 44.72
CA ASP NC 8 37.01 14.40 44.71
C ASP NC 8 37.71 13.08 44.96
N ALA NC 9 38.87 12.89 44.33
CA ALA NC 9 39.64 11.67 44.56
C ALA NC 9 39.97 11.54 46.04
N ARG NC 10 40.39 12.63 46.66
CA ARG NC 10 40.70 12.61 48.09
C ARG NC 10 39.49 12.21 48.91
N ILE NC 11 38.34 12.82 48.61
CA ILE NC 11 37.12 12.53 49.36
C ILE NC 11 36.79 11.05 49.26
N LEU NC 12 36.86 10.50 48.06
CA LEU NC 12 36.51 9.10 47.89
C LEU NC 12 37.51 8.19 48.57
N ARG NC 13 38.80 8.54 48.54
CA ARG NC 13 39.78 7.75 49.27
C ARG NC 13 39.46 7.75 50.76
N ALA NC 14 39.12 8.91 51.30
CA ALA NC 14 38.81 8.99 52.71
C ALA NC 14 37.58 8.15 53.06
N TYR NC 15 36.55 8.22 52.21
CA TYR NC 15 35.37 7.42 52.47
C TYR NC 15 35.69 5.95 52.41
N ALA NC 16 36.52 5.54 51.45
CA ALA NC 16 36.94 4.16 51.37
C ALA NC 16 37.68 3.75 52.63
N GLU NC 17 38.49 4.64 53.17
CA GLU NC 17 39.22 4.33 54.39
C GLU NC 17 38.26 4.14 55.56
N ILE NC 18 37.28 5.02 55.68
CA ILE NC 18 36.26 4.86 56.72
C ILE NC 18 35.61 3.49 56.59
N LEU NC 19 35.21 3.14 55.37
CA LEU NC 19 34.54 1.87 55.15
C LEU NC 19 35.44 0.70 55.50
N LYS NC 20 36.72 0.80 55.17
CA LYS NC 20 37.66 -0.27 55.45
C LYS NC 20 37.83 -0.45 56.96
N ALA NC 21 37.94 0.66 57.69
CA ALA NC 21 38.05 0.57 59.14
C ALA NC 21 36.79 -0.03 59.75
N HIS NC 22 35.63 0.37 59.25
CA HIS NC 22 34.38 -0.19 59.74
C HIS NC 22 34.30 -1.68 59.46
N ALA NC 23 34.77 -2.09 58.29
CA ALA NC 23 34.79 -3.51 57.95
C ALA NC 23 35.73 -4.28 58.88
N GLU NC 24 36.90 -3.72 59.14
CA GLU NC 24 37.85 -4.37 60.03
C GLU NC 24 37.27 -4.53 61.41
N ILE NC 25 36.64 -3.47 61.95
CA ILE NC 25 36.14 -3.57 63.31
C ILE NC 25 34.92 -4.49 63.37
N LEU NC 26 34.10 -4.50 62.32
CA LEU NC 26 32.98 -5.44 62.28
C LEU NC 26 33.47 -6.88 62.17
N LYS NC 27 34.63 -7.10 61.53
CA LYS NC 27 35.27 -8.41 61.60
C LYS NC 27 35.74 -8.71 63.01
N ALA NC 28 36.30 -7.70 63.69
CA ALA NC 28 36.68 -7.88 65.09
C ALA NC 28 35.46 -8.17 65.95
N GLN NC 29 34.31 -7.63 65.58
CA GLN NC 29 33.06 -7.93 66.28
C GLN NC 29 32.66 -9.38 66.05
N GLN OC 1 -33.15 33.33 18.01
CA GLN OC 1 -32.74 34.67 18.37
C GLN OC 1 -31.73 34.68 19.51
N ALA OC 2 -31.82 33.65 20.36
CA ALA OC 2 -31.00 33.60 21.58
C ALA OC 2 -29.53 33.86 21.27
N GLU OC 3 -29.05 33.34 20.16
CA GLU OC 3 -27.66 33.56 19.77
C GLU OC 3 -27.34 35.04 19.63
N ILE OC 4 -28.28 35.84 19.15
CA ILE OC 4 -28.02 37.26 18.96
C ILE OC 4 -27.80 37.93 20.30
N LEU OC 5 -28.67 37.66 21.25
CA LEU OC 5 -28.51 38.24 22.58
C LEU OC 5 -27.24 37.73 23.24
N GLU OC 6 -26.88 36.48 22.97
CA GLU OC 6 -25.61 35.97 23.47
C GLU OC 6 -24.44 36.78 22.92
N ALA OC 7 -24.49 37.09 21.63
CA ALA OC 7 -23.44 37.91 21.04
C ALA OC 7 -23.39 39.29 21.69
N ASP OC 8 -24.55 39.88 21.95
CA ASP OC 8 -24.59 41.16 22.64
C ASP OC 8 -23.90 41.05 23.99
N ALA OC 9 -24.22 40.00 24.74
CA ALA OC 9 -23.57 39.80 26.03
C ALA OC 9 -22.06 39.71 25.86
N ARG OC 10 -21.60 39.06 24.81
CA ARG OC 10 -20.17 38.98 24.58
C ARG OC 10 -19.57 40.36 24.35
N ILE OC 11 -20.27 41.19 23.57
CA ILE OC 11 -19.81 42.57 23.35
C ILE OC 11 -19.63 43.26 24.68
N LEU OC 12 -20.63 43.16 25.54
CA LEU OC 12 -20.59 43.89 26.80
C LEU OC 12 -19.46 43.37 27.69
N ARG OC 13 -19.28 42.04 27.73
CA ARG OC 13 -18.17 41.50 28.50
C ARG OC 13 -16.84 42.01 27.99
N ALA OC 14 -16.71 42.15 26.67
CA ALA OC 14 -15.47 42.68 26.12
C ALA OC 14 -15.24 44.11 26.57
N TYR OC 15 -16.29 44.92 26.56
CA TYR OC 15 -16.14 46.29 27.06
C TYR OC 15 -15.72 46.28 28.52
N ALA OC 16 -16.28 45.36 29.30
CA ALA OC 16 -15.87 45.22 30.69
C ALA OC 16 -14.39 44.91 30.80
N GLU OC 17 -13.90 44.03 29.92
CA GLU OC 17 -12.48 43.72 29.92
C GLU OC 17 -11.66 44.97 29.66
N ILE OC 18 -12.10 45.78 28.70
CA ILE OC 18 -11.41 47.04 28.44
C ILE OC 18 -11.30 47.87 29.71
N LEU OC 19 -12.44 48.08 30.38
CA LEU OC 19 -12.43 48.94 31.55
C LEU OC 19 -11.56 48.37 32.66
N LYS OC 20 -11.62 47.06 32.85
CA LYS OC 20 -10.84 46.44 33.91
C LYS OC 20 -9.35 46.57 33.64
N ALA OC 21 -8.94 46.35 32.39
CA ALA OC 21 -7.53 46.53 32.07
C ALA OC 21 -7.11 47.97 32.29
N HIS OC 22 -7.96 48.93 31.92
CA HIS OC 22 -7.61 50.33 32.14
C HIS OC 22 -7.43 50.61 33.62
N ALA OC 23 -8.28 50.03 34.45
CA ALA OC 23 -8.13 50.18 35.89
C ALA OC 23 -6.80 49.61 36.36
N GLU OC 24 -6.42 48.45 35.83
CA GLU OC 24 -5.16 47.86 36.23
C GLU OC 24 -4.00 48.77 35.83
N ILE OC 25 -4.10 49.37 34.65
CA ILE OC 25 -3.11 50.37 34.24
C ILE OC 25 -3.00 51.44 35.30
N LEU OC 26 -4.12 52.10 35.58
CA LEU OC 26 -4.10 53.24 36.49
C LEU OC 26 -3.55 52.87 37.85
N LYS OC 27 -3.85 51.66 38.31
CA LYS OC 27 -3.28 51.21 39.58
C LYS OC 27 -1.77 51.08 39.47
N ALA OC 28 -1.29 50.55 38.35
CA ALA OC 28 0.15 50.29 38.22
C ALA OC 28 0.96 51.57 38.27
N GLN OC 29 0.40 52.68 37.80
CA GLN OC 29 1.14 53.94 37.74
C GLN OC 29 1.62 54.36 39.10
N GLN PC 1 -33.79 45.47 17.92
CA GLN PC 1 -32.51 45.30 18.58
C GLN PC 1 -31.54 46.39 18.17
N ALA PC 2 -31.86 47.07 17.07
CA ALA PC 2 -31.00 48.15 16.60
C ALA PC 2 -30.78 49.21 17.67
N GLU PC 3 -31.77 49.38 18.55
CA GLU PC 3 -31.60 50.30 19.67
C GLU PC 3 -30.44 49.88 20.56
N ILE PC 4 -30.27 48.57 20.77
CA ILE PC 4 -29.15 48.10 21.57
C ILE PC 4 -27.84 48.47 20.90
N LEU PC 5 -27.78 48.31 19.58
CA LEU PC 5 -26.55 48.62 18.87
C LEU PC 5 -26.26 50.11 18.92
N GLU PC 6 -27.30 50.93 18.82
CA GLU PC 6 -27.12 52.38 18.97
C GLU PC 6 -26.59 52.70 20.36
N ALA PC 7 -27.11 52.03 21.38
CA ALA PC 7 -26.61 52.25 22.73
C ALA PC 7 -25.15 51.88 22.83
N ASP PC 8 -24.76 50.78 22.20
CA ASP PC 8 -23.35 50.39 22.20
C ASP PC 8 -22.50 51.45 21.52
N ALA PC 9 -22.97 51.98 20.39
CA ALA PC 9 -22.25 53.04 19.72
C ALA PC 9 -22.07 54.23 20.65
N ARG PC 10 -23.13 54.59 21.37
CA ARG PC 10 -23.04 55.70 22.30
C ARG PC 10 -22.00 55.44 23.38
N ILE PC 11 -22.02 54.24 23.95
CA ILE PC 11 -21.08 53.91 25.00
C ILE PC 11 -19.65 54.04 24.50
N LEU PC 12 -19.39 53.50 23.31
CA LEU PC 12 -18.03 53.56 22.79
C LEU PC 12 -17.62 54.98 22.46
N ARG PC 13 -18.54 55.79 21.93
CA ARG PC 13 -18.20 57.19 21.70
C ARG PC 13 -17.83 57.88 23.00
N ALA PC 14 -18.60 57.62 24.06
CA ALA PC 14 -18.30 58.25 25.34
C ALA PC 14 -16.94 57.80 25.86
N TYR PC 15 -16.64 56.52 25.74
CA TYR PC 15 -15.34 56.04 26.19
C TYR PC 15 -14.22 56.68 25.39
N ALA PC 16 -14.41 56.81 24.08
CA ALA PC 16 -13.41 57.47 23.25
C ALA PC 16 -13.23 58.91 23.68
N GLU PC 17 -14.31 59.57 24.08
CA GLU PC 17 -14.19 60.94 24.54
C GLU PC 17 -13.40 61.03 25.83
N ILE PC 18 -13.68 60.12 26.77
CA ILE PC 18 -12.89 60.07 28.00
C ILE PC 18 -11.41 59.91 27.66
N LEU PC 19 -11.11 58.98 26.76
CA LEU PC 19 -9.72 58.73 26.42
C LEU PC 19 -9.09 59.93 25.76
N LYS PC 20 -9.84 60.63 24.91
CA LYS PC 20 -9.29 61.80 24.25
C LYS PC 20 -8.99 62.91 25.24
N ALA PC 21 -9.89 63.11 26.20
CA ALA PC 21 -9.65 64.12 27.23
C ALA PC 21 -8.43 63.75 28.06
N HIS PC 22 -8.30 62.48 28.43
CA HIS PC 22 -7.15 62.04 29.20
C HIS PC 22 -5.87 62.24 28.40
N ALA PC 23 -5.92 61.98 27.10
CA ALA PC 23 -4.77 62.18 26.24
C ALA PC 23 -4.38 63.64 26.19
N GLU PC 24 -5.35 64.52 26.00
CA GLU PC 24 -5.05 65.95 25.92
C GLU PC 24 -4.47 66.45 27.23
N ILE PC 25 -5.03 66.02 28.36
CA ILE PC 25 -4.53 66.53 29.63
C ILE PC 25 -3.15 65.96 29.93
N LEU PC 26 -2.89 64.71 29.53
CA LEU PC 26 -1.55 64.15 29.68
C LEU PC 26 -0.55 64.84 28.78
N LYS PC 27 -0.99 65.32 27.61
CA LYS PC 27 -0.13 66.17 26.79
C LYS PC 27 0.13 67.50 27.47
N ALA PC 28 -0.89 68.06 28.12
CA ALA PC 28 -0.69 69.27 28.91
C ALA PC 28 0.27 69.02 30.06
N GLN PC 29 0.26 67.81 30.60
CA GLN PC 29 1.19 67.43 31.65
C GLN PC 29 2.62 67.42 31.11
N GLN QC 1 -10.34 -22.80 43.69
CA GLN QC 1 -11.63 -22.68 44.35
C GLN QC 1 -11.91 -21.25 44.78
N ALA QC 2 -10.84 -20.49 44.97
CA ALA QC 2 -10.98 -19.11 45.44
C ALA QC 2 -11.93 -18.32 44.55
N GLU QC 3 -11.90 -18.59 43.25
CA GLU QC 3 -12.80 -17.94 42.32
C GLU QC 3 -14.26 -18.17 42.69
N ILE QC 4 -14.60 -19.39 43.11
CA ILE QC 4 -15.98 -19.71 43.43
C ILE QC 4 -16.43 -18.89 44.64
N LEU QC 5 -15.57 -18.83 45.65
CA LEU QC 5 -15.91 -18.09 46.85
C LEU QC 5 -16.03 -16.60 46.54
N GLU QC 6 -15.16 -16.10 45.66
CA GLU QC 6 -15.29 -14.72 45.21
C GLU QC 6 -16.65 -14.49 44.56
N ALA QC 7 -17.09 -15.44 43.74
CA ALA QC 7 -18.40 -15.30 43.09
C ALA QC 7 -19.51 -15.25 44.14
N ASP QC 8 -19.42 -16.11 45.15
CA ASP QC 8 -20.40 -16.07 46.23
C ASP QC 8 -20.43 -14.71 46.89
N ALA QC 9 -19.25 -14.18 47.18
CA ALA QC 9 -19.16 -12.84 47.76
C ALA QC 9 -19.86 -11.82 46.89
N ARG QC 10 -19.68 -11.93 45.58
CA ARG QC 10 -20.34 -10.98 44.68
C ARG QC 10 -21.85 -11.11 44.76
N ILE QC 11 -22.35 -12.35 44.83
CA ILE QC 11 -23.79 -12.55 45.00
C ILE QC 11 -24.28 -11.80 46.23
N LEU QC 12 -23.58 -11.99 47.35
CA LEU QC 12 -24.03 -11.40 48.59
C LEU QC 12 -23.98 -9.87 48.51
N ARG QC 13 -22.92 -9.33 47.92
CA ARG QC 13 -22.85 -7.88 47.76
C ARG QC 13 -24.01 -7.37 46.94
N ALA QC 14 -24.39 -8.12 45.89
CA ALA QC 14 -25.52 -7.69 45.08
C ALA QC 14 -26.79 -7.66 45.91
N TYR QC 15 -27.02 -8.68 46.73
CA TYR QC 15 -28.21 -8.67 47.58
C TYR QC 15 -28.19 -7.47 48.52
N ALA QC 16 -27.01 -7.17 49.07
CA ALA QC 16 -26.90 -6.00 49.92
C ALA QC 16 -27.26 -4.74 49.17
N GLU QC 17 -26.83 -4.65 47.91
CA GLU QC 17 -27.18 -3.50 47.10
C GLU QC 17 -28.69 -3.39 46.94
N ILE QC 18 -29.35 -4.53 46.75
CA ILE QC 18 -30.81 -4.54 46.66
C ILE QC 18 -31.40 -3.90 47.92
N LEU QC 19 -30.98 -4.40 49.08
CA LEU QC 19 -31.55 -3.89 50.32
C LEU QC 19 -31.29 -2.40 50.49
N LYS QC 20 -30.09 -1.96 50.13
CA LYS QC 20 -29.75 -0.56 50.29
C LYS QC 20 -30.63 0.31 49.40
N ALA QC 21 -30.84 -0.11 48.16
CA ALA QC 21 -31.73 0.65 47.28
C ALA QC 21 -33.15 0.66 47.82
N HIS QC 22 -33.58 -0.45 48.40
CA HIS QC 22 -34.91 -0.48 48.99
C HIS QC 22 -35.02 0.54 50.11
N ALA QC 23 -33.96 0.65 50.91
CA ALA QC 23 -33.94 1.67 51.96
C ALA QC 23 -34.04 3.06 51.37
N GLU QC 24 -33.32 3.29 50.27
CA GLU QC 24 -33.42 4.57 49.58
C GLU QC 24 -34.86 4.87 49.21
N ILE QC 25 -35.53 3.90 48.58
CA ILE QC 25 -36.94 4.05 48.23
C ILE QC 25 -37.74 4.47 49.45
N LEU QC 26 -37.65 3.66 50.51
CA LEU QC 26 -38.51 3.86 51.67
C LEU QC 26 -38.28 5.21 52.31
N LYS QC 27 -37.02 5.66 52.38
CA LYS QC 27 -36.74 6.99 52.89
C LYS QC 27 -37.36 8.06 52.01
N ALA QC 28 -37.30 7.85 50.70
CA ALA QC 28 -37.78 8.89 49.78
C ALA QC 28 -39.26 9.15 49.97
N GLN QC 29 -40.03 8.15 50.37
CA GLN QC 29 -41.47 8.31 50.50
C GLN QC 29 -41.84 9.41 51.46
N GLN RC 1 -20.44 -26.90 48.78
CA GLN RC 1 -20.79 -25.51 48.62
C GLN RC 1 -22.27 -25.36 48.32
N ALA RC 2 -22.89 -26.45 47.87
CA ALA RC 2 -24.31 -26.42 47.53
C ALA RC 2 -25.15 -25.95 48.71
N GLU RC 3 -24.67 -26.18 49.93
CA GLU RC 3 -25.35 -25.66 51.10
C GLU RC 3 -25.47 -24.15 51.05
N ILE RC 4 -24.40 -23.47 50.63
CA ILE RC 4 -24.44 -22.02 50.50
C ILE RC 4 -25.50 -21.63 49.48
N LEU RC 5 -25.61 -22.40 48.41
CA LEU RC 5 -26.58 -22.08 47.37
C LEU RC 5 -27.99 -22.24 47.89
N GLU RC 6 -28.26 -23.33 48.62
CA GLU RC 6 -29.57 -23.48 49.24
C GLU RC 6 -29.85 -22.35 50.20
N ALA RC 7 -28.83 -21.91 50.94
CA ALA RC 7 -29.02 -20.83 51.90
C ALA RC 7 -29.45 -19.56 51.20
N ASP RC 8 -28.71 -19.14 50.16
CA ASP RC 8 -29.08 -17.91 49.48
C ASP RC 8 -30.41 -18.07 48.75
N ALA RC 9 -30.73 -19.27 48.30
CA ALA RC 9 -32.06 -19.51 47.75
C ALA RC 9 -33.13 -19.20 48.77
N ARG RC 10 -32.93 -19.70 50.00
CA ARG RC 10 -33.85 -19.38 51.08
C ARG RC 10 -33.94 -17.88 51.31
N ILE RC 11 -32.80 -17.20 51.29
CA ILE RC 11 -32.77 -15.76 51.50
C ILE RC 11 -33.65 -15.07 50.47
N LEU RC 12 -33.47 -15.43 49.21
CA LEU RC 12 -34.25 -14.78 48.16
C LEU RC 12 -35.73 -15.12 48.27
N ARG RC 13 -36.06 -16.36 48.63
CA ARG RC 13 -37.46 -16.69 48.85
C ARG RC 13 -38.06 -15.80 49.93
N ALA RC 14 -37.34 -15.63 51.04
CA ALA RC 14 -37.85 -14.82 52.13
C ALA RC 14 -38.03 -13.37 51.70
N TYR RC 15 -37.06 -12.85 50.93
CA TYR RC 15 -37.19 -11.48 50.46
C TYR RC 15 -38.40 -11.34 49.56
N ALA RC 16 -38.61 -12.31 48.68
CA ALA RC 16 -39.79 -12.29 47.82
C ALA RC 16 -41.05 -12.31 48.66
N GLU RC 17 -41.06 -13.06 49.75
CA GLU RC 17 -42.23 -13.10 50.61
C GLU RC 17 -42.49 -11.76 51.25
N ILE RC 18 -41.44 -11.11 51.75
CA ILE RC 18 -41.59 -9.77 52.29
C ILE RC 18 -42.20 -8.84 51.25
N LEU RC 19 -41.66 -8.90 50.03
CA LEU RC 19 -42.16 -8.02 48.98
C LEU RC 19 -43.62 -8.30 48.66
N LYS RC 20 -44.00 -9.58 48.63
CA LYS RC 20 -45.38 -9.92 48.34
C LYS RC 20 -46.31 -9.42 49.43
N ALA RC 21 -45.87 -9.52 50.69
CA ALA RC 21 -46.69 -9.04 51.79
C ALA RC 21 -46.87 -7.52 51.70
N HIS RC 22 -45.77 -6.80 51.46
CA HIS RC 22 -45.86 -5.35 51.30
C HIS RC 22 -46.75 -5.00 50.12
N ALA RC 23 -46.71 -5.80 49.06
CA ALA RC 23 -47.55 -5.56 47.90
C ALA RC 23 -49.02 -5.71 48.23
N GLU RC 24 -49.37 -6.81 48.89
CA GLU RC 24 -50.75 -7.02 49.29
C GLU RC 24 -51.23 -5.91 50.22
N ILE RC 25 -50.34 -5.45 51.10
CA ILE RC 25 -50.70 -4.36 52.00
C ILE RC 25 -51.00 -3.09 51.20
N LEU RC 26 -50.07 -2.70 50.33
CA LEU RC 26 -50.28 -1.50 49.52
C LEU RC 26 -51.50 -1.64 48.63
N LYS RC 27 -51.87 -2.87 48.27
CA LYS RC 27 -53.12 -3.09 47.57
C LYS RC 27 -54.31 -2.83 48.48
N ALA RC 28 -54.23 -3.30 49.73
CA ALA RC 28 -55.28 -3.03 50.69
C ALA RC 28 -55.36 -1.54 50.99
N GLN RC 29 -54.23 -0.85 50.96
CA GLN RC 29 -54.20 0.60 51.15
C GLN RC 29 -54.91 1.31 50.00
N GLN SC 1 -30.55 -19.15 -58.33
CA GLN SC 1 -30.87 -17.76 -58.03
C GLN SC 1 -29.84 -17.15 -57.10
N ALA SC 2 -29.20 -18.00 -56.29
CA ALA SC 2 -28.23 -17.51 -55.32
C ALA SC 2 -27.18 -16.63 -55.98
N GLU SC 3 -26.78 -16.99 -57.19
CA GLU SC 3 -25.83 -16.18 -57.95
C GLU SC 3 -26.33 -14.75 -58.11
N ILE SC 4 -27.62 -14.57 -58.40
CA ILE SC 4 -28.16 -13.24 -58.61
C ILE SC 4 -28.05 -12.42 -57.34
N LEU SC 5 -28.41 -13.03 -56.22
CA LEU SC 5 -28.36 -12.32 -54.95
C LEU SC 5 -26.92 -11.98 -54.59
N GLU SC 6 -25.98 -12.88 -54.89
CA GLU SC 6 -24.58 -12.57 -54.68
C GLU SC 6 -24.16 -11.37 -55.51
N ALA SC 7 -24.63 -11.30 -56.76
CA ALA SC 7 -24.32 -10.16 -57.60
C ALA SC 7 -24.86 -8.87 -56.99
N ASP SC 8 -26.08 -8.91 -56.46
CA ASP SC 8 -26.63 -7.74 -55.79
C ASP SC 8 -25.75 -7.32 -54.63
N ALA SC 9 -25.32 -8.29 -53.83
CA ALA SC 9 -24.42 -8.00 -52.72
C ALA SC 9 -23.17 -7.31 -53.21
N ARG SC 10 -22.62 -7.77 -54.35
CA ARG SC 10 -21.42 -7.13 -54.88
C ARG SC 10 -21.71 -5.69 -55.27
N ILE SC 11 -22.86 -5.44 -55.88
CA ILE SC 11 -23.24 -4.06 -56.21
C ILE SC 11 -23.20 -3.20 -54.96
N LEU SC 12 -23.82 -3.68 -53.89
CA LEU SC 12 -23.92 -2.88 -52.69
C LEU SC 12 -22.55 -2.65 -52.08
N ARG SC 13 -21.71 -3.67 -52.06
CA ARG SC 13 -20.35 -3.49 -51.54
C ARG SC 13 -19.60 -2.46 -52.36
N ALA SC 14 -19.79 -2.45 -53.67
CA ALA SC 14 -19.14 -1.44 -54.50
C ALA SC 14 -19.60 -0.05 -54.13
N TYR SC 15 -20.91 0.12 -53.93
CA TYR SC 15 -21.39 1.42 -53.49
C TYR SC 15 -20.75 1.83 -52.18
N ALA SC 16 -20.60 0.87 -51.27
CA ALA SC 16 -19.94 1.16 -50.00
C ALA SC 16 -18.52 1.62 -50.24
N GLU SC 17 -17.83 1.00 -51.19
CA GLU SC 17 -16.47 1.41 -51.50
C GLU SC 17 -16.43 2.84 -51.96
N ILE SC 18 -17.35 3.21 -52.86
CA ILE SC 18 -17.46 4.60 -53.30
C ILE SC 18 -17.58 5.51 -52.10
N LEU SC 19 -18.53 5.19 -51.22
CA LEU SC 19 -18.85 6.11 -50.13
C LEU SC 19 -17.67 6.24 -49.19
N LYS SC 20 -17.00 5.13 -48.90
CA LYS SC 20 -15.85 5.17 -48.01
C LYS SC 20 -14.71 5.98 -48.61
N ALA SC 21 -14.47 5.83 -49.91
CA ALA SC 21 -13.44 6.64 -50.54
C ALA SC 21 -13.78 8.11 -50.44
N HIS SC 22 -15.06 8.46 -50.61
CA HIS SC 22 -15.45 9.85 -50.46
C HIS SC 22 -15.18 10.34 -49.06
N ALA SC 23 -15.41 9.48 -48.07
CA ALA SC 23 -15.08 9.80 -46.69
C ALA SC 23 -13.60 10.11 -46.56
N GLU SC 24 -12.77 9.27 -47.17
CA GLU SC 24 -11.33 9.46 -47.04
C GLU SC 24 -10.90 10.77 -47.68
N ILE SC 25 -11.51 11.10 -48.82
CA ILE SC 25 -11.31 12.43 -49.42
C ILE SC 25 -11.58 13.50 -48.39
N LEU SC 26 -12.81 13.51 -47.89
CA LEU SC 26 -13.24 14.61 -47.01
C LEU SC 26 -12.34 14.73 -45.80
N LYS SC 27 -11.87 13.61 -45.28
CA LYS SC 27 -10.91 13.66 -44.17
C LYS SC 27 -9.62 14.31 -44.62
N ALA SC 28 -9.15 13.97 -45.82
CA ALA SC 28 -7.84 14.45 -46.25
C ALA SC 28 -7.80 15.97 -46.41
N GLN SC 29 -8.93 16.59 -46.76
CA GLN SC 29 -8.95 18.02 -47.00
C GLN SC 29 -8.52 18.79 -45.77
N GLN TC 1 -37.41 -9.23 -58.37
CA GLN TC 1 -36.11 -8.67 -58.03
C GLN TC 1 -35.94 -7.30 -58.66
N ALA TC 2 -36.77 -7.01 -59.67
CA ALA TC 2 -36.69 -5.72 -60.34
C ALA TC 2 -36.85 -4.57 -59.36
N GLU TC 3 -37.61 -4.79 -58.28
CA GLU TC 3 -37.74 -3.79 -57.25
C GLU TC 3 -36.39 -3.45 -56.63
N ILE TC 4 -35.53 -4.45 -56.44
CA ILE TC 4 -34.21 -4.19 -55.91
C ILE TC 4 -33.42 -3.32 -56.86
N LEU TC 5 -33.54 -3.58 -58.16
CA LEU TC 5 -32.81 -2.80 -59.14
C LEU TC 5 -33.32 -1.37 -59.17
N GLU TC 6 -34.62 -1.19 -59.06
CA GLU TC 6 -35.18 0.16 -58.97
C GLU TC 6 -34.66 0.89 -57.73
N ALA TC 7 -34.56 0.16 -56.61
CA ALA TC 7 -34.03 0.77 -55.41
C ALA TC 7 -32.58 1.21 -55.62
N ASP TC 8 -31.79 0.38 -56.29
CA ASP TC 8 -30.41 0.76 -56.59
C ASP TC 8 -30.38 2.00 -57.46
N ALA TC 9 -31.26 2.06 -58.46
CA ALA TC 9 -31.34 3.24 -59.30
C ALA TC 9 -31.63 4.47 -58.46
N ARG TC 10 -32.57 4.35 -57.51
CA ARG TC 10 -32.90 5.47 -56.64
C ARG TC 10 -31.69 5.90 -55.83
N ILE TC 11 -30.98 4.93 -55.26
CA ILE TC 11 -29.81 5.25 -54.44
C ILE TC 11 -28.79 6.01 -55.25
N LEU TC 12 -28.52 5.54 -56.47
CA LEU TC 12 -27.52 6.20 -57.28
C LEU TC 12 -27.97 7.59 -57.71
N ARG TC 13 -29.26 7.75 -58.02
CA ARG TC 13 -29.76 9.08 -58.34
C ARG TC 13 -29.55 10.03 -57.16
N ALA TC 14 -29.85 9.55 -55.96
CA ALA TC 14 -29.70 10.40 -54.78
C ALA TC 14 -28.23 10.77 -54.57
N TYR TC 15 -27.33 9.81 -54.74
CA TYR TC 15 -25.92 10.11 -54.58
C TYR TC 15 -25.47 11.12 -55.63
N ALA TC 16 -25.93 10.96 -56.86
CA ALA TC 16 -25.61 11.93 -57.90
C ALA TC 16 -26.11 13.31 -57.53
N GLU TC 17 -27.29 13.38 -56.91
CA GLU TC 17 -27.82 14.67 -56.51
C GLU TC 17 -26.96 15.30 -55.42
N ILE TC 18 -26.54 14.50 -54.45
CA ILE TC 18 -25.63 15.01 -53.42
C ILE TC 18 -24.37 15.57 -54.08
N LEU TC 19 -23.80 14.82 -55.00
CA LEU TC 19 -22.57 15.25 -55.66
C LEU TC 19 -22.81 16.53 -56.44
N LYS TC 20 -23.95 16.64 -57.11
CA LYS TC 20 -24.24 17.83 -57.89
C LYS TC 20 -24.38 19.05 -56.99
N ALA TC 21 -25.06 18.90 -55.86
CA ALA TC 21 -25.18 20.01 -54.92
C ALA TC 21 -23.82 20.41 -54.37
N HIS TC 22 -22.98 19.42 -54.05
CA HIS TC 22 -21.66 19.73 -53.55
C HIS TC 22 -20.83 20.45 -54.61
N ALA TC 23 -20.98 20.05 -55.87
CA ALA TC 23 -20.28 20.73 -56.96
C ALA TC 23 -20.76 22.16 -57.10
N GLU TC 24 -22.06 22.36 -57.03
CA GLU TC 24 -22.61 23.71 -57.14
C GLU TC 24 -22.10 24.60 -56.03
N ILE TC 25 -22.10 24.11 -54.79
CA ILE TC 25 -21.68 24.94 -53.68
C ILE TC 25 -20.17 25.19 -53.73
N LEU TC 26 -19.40 24.19 -54.18
CA LEU TC 26 -17.97 24.40 -54.34
C LEU TC 26 -17.67 25.39 -55.45
N LYS TC 27 -18.54 25.46 -56.47
CA LYS TC 27 -18.45 26.53 -57.45
C LYS TC 27 -18.78 27.88 -56.81
N ALA TC 28 -19.79 27.91 -55.93
CA ALA TC 28 -20.10 29.11 -55.19
C ALA TC 28 -18.95 29.51 -54.28
N GLN TC 29 -18.19 28.53 -53.79
CA GLN TC 29 -17.00 28.80 -53.00
C GLN TC 29 -15.93 29.45 -53.87
N GLN UC 1 22.41 -52.64 -37.85
CA GLN UC 1 21.37 -53.10 -36.95
C GLN UC 1 20.44 -51.99 -36.53
N ALA UC 2 20.99 -50.76 -36.50
CA ALA UC 2 20.24 -49.62 -35.97
C ALA UC 2 18.86 -49.52 -36.58
N GLU UC 3 18.73 -49.83 -37.87
CA GLU UC 3 17.45 -49.79 -38.55
C GLU UC 3 16.44 -50.71 -37.88
N ILE UC 4 16.90 -51.87 -37.40
CA ILE UC 4 15.97 -52.82 -36.79
C ILE UC 4 15.37 -52.24 -35.52
N LEU UC 5 16.22 -51.66 -34.67
CA LEU UC 5 15.73 -51.06 -33.45
C LEU UC 5 14.85 -49.87 -33.76
N GLU UC 6 15.16 -49.14 -34.83
CA GLU UC 6 14.29 -48.06 -35.26
C GLU UC 6 12.91 -48.58 -35.60
N ALA UC 7 12.86 -49.70 -36.32
CA ALA UC 7 11.58 -50.30 -36.65
C ALA UC 7 10.81 -50.71 -35.40
N ASP UC 8 11.52 -51.27 -34.42
CA ASP UC 8 10.88 -51.61 -33.16
C ASP UC 8 10.26 -50.37 -32.51
N ALA UC 9 11.03 -49.28 -32.48
CA ALA UC 9 10.51 -48.03 -31.94
C ALA UC 9 9.25 -47.61 -32.67
N ARG UC 10 9.23 -47.78 -33.99
CA ARG UC 10 8.02 -47.43 -34.74
C ARG UC 10 6.84 -48.29 -34.31
N ILE UC 11 7.07 -49.57 -34.11
CA ILE UC 11 6.01 -50.45 -33.63
C ILE UC 11 5.44 -49.91 -32.33
N LEU UC 12 6.32 -49.57 -31.40
CA LEU UC 12 5.86 -49.13 -30.09
C LEU UC 12 5.10 -47.81 -30.19
N ARG UC 13 5.58 -46.89 -31.02
CA ARG UC 13 4.86 -45.64 -31.21
C ARG UC 13 3.48 -45.90 -31.78
N ALA UC 14 3.36 -46.87 -32.69
CA ALA UC 14 2.05 -47.19 -33.23
C ALA UC 14 1.12 -47.70 -32.14
N TYR UC 15 1.63 -48.58 -31.27
CA TYR UC 15 0.80 -49.04 -30.16
C TYR UC 15 0.37 -47.88 -29.29
N ALA UC 16 1.28 -46.92 -29.07
CA ALA UC 16 0.92 -45.73 -28.32
C ALA UC 16 -0.21 -44.97 -28.99
N GLU UC 17 -0.16 -44.88 -30.32
CA GLU UC 17 -1.25 -44.22 -31.04
C GLU UC 17 -2.56 -44.93 -30.80
N ILE UC 18 -2.53 -46.26 -30.81
CA ILE UC 18 -3.74 -47.03 -30.52
C ILE UC 18 -4.30 -46.62 -29.16
N LEU UC 19 -3.46 -46.66 -28.14
CA LEU UC 19 -3.95 -46.38 -26.79
C LEU UC 19 -4.48 -44.96 -26.68
N LYS UC 20 -3.78 -44.00 -27.30
CA LYS UC 20 -4.21 -42.62 -27.21
C LYS UC 20 -5.55 -42.41 -27.87
N ALA UC 21 -5.74 -43.01 -29.05
CA ALA UC 21 -7.04 -42.90 -29.71
C ALA UC 21 -8.12 -43.52 -28.86
N HIS UC 22 -7.84 -44.66 -28.24
CA HIS UC 22 -8.84 -45.29 -27.38
C HIS UC 22 -9.22 -44.37 -26.22
N ALA UC 23 -8.23 -43.69 -25.66
CA ALA UC 23 -8.50 -42.72 -24.60
C ALA UC 23 -9.41 -41.62 -25.11
N GLU UC 24 -9.13 -41.13 -26.30
CA GLU UC 24 -9.95 -40.06 -26.86
C GLU UC 24 -11.39 -40.55 -27.04
N ILE UC 25 -11.55 -41.79 -27.50
CA ILE UC 25 -12.88 -42.41 -27.55
C ILE UC 25 -13.56 -42.29 -26.20
N LEU UC 26 -12.91 -42.88 -25.19
CA LEU UC 26 -13.54 -42.96 -23.88
C LEU UC 26 -13.90 -41.59 -23.34
N LYS UC 27 -13.07 -40.60 -23.62
CA LYS UC 27 -13.41 -39.25 -23.19
C LYS UC 27 -14.64 -38.74 -23.92
N ALA UC 28 -14.75 -39.03 -25.22
CA ALA UC 28 -15.85 -38.50 -26.00
C ALA UC 28 -17.20 -39.01 -25.51
N GLN UC 29 -17.24 -40.23 -24.98
CA GLN UC 29 -18.50 -40.83 -24.57
C GLN UC 29 -19.20 -39.99 -23.51
N GLN VC 1 16.98 -60.63 -30.49
CA GLN VC 1 15.91 -59.64 -30.60
C GLN VC 1 14.55 -60.31 -30.61
N ALA VC 2 14.54 -61.62 -30.86
CA ALA VC 2 13.28 -62.36 -30.89
C ALA VC 2 12.52 -62.21 -29.58
N GLU VC 3 13.24 -62.01 -28.48
CA GLU VC 3 12.59 -61.76 -27.20
C GLU VC 3 11.74 -60.49 -27.26
N ILE VC 4 12.23 -59.47 -27.95
CA ILE VC 4 11.46 -58.24 -28.09
C ILE VC 4 10.17 -58.52 -28.84
N LEU VC 5 10.26 -59.33 -29.89
CA LEU VC 5 9.08 -59.63 -30.68
C LEU VC 5 8.08 -60.44 -29.86
N GLU VC 6 8.59 -61.38 -29.06
CA GLU VC 6 7.72 -62.12 -28.16
C GLU VC 6 7.02 -61.19 -27.18
N ALA VC 7 7.75 -60.21 -26.65
CA ALA VC 7 7.16 -59.25 -25.75
C ALA VC 7 6.05 -58.47 -26.45
N ASP VC 8 6.29 -58.08 -27.70
CA ASP VC 8 5.27 -57.39 -28.47
C ASP VC 8 4.03 -58.26 -28.63
N ALA VC 9 4.24 -59.53 -28.95
CA ALA VC 9 3.12 -60.45 -29.07
C ALA VC 9 2.33 -60.50 -27.78
N ARG VC 10 3.04 -60.56 -26.65
CA ARG VC 10 2.36 -60.59 -25.36
C ARG VC 10 1.53 -59.33 -25.14
N ILE VC 11 2.12 -58.18 -25.43
CA ILE VC 11 1.42 -56.92 -25.25
C ILE VC 11 0.14 -56.90 -26.06
N LEU VC 12 0.24 -57.31 -27.32
CA LEU VC 12 -0.94 -57.26 -28.18
C LEU VC 12 -1.99 -58.27 -27.73
N ARG VC 13 -1.57 -59.45 -27.27
CA ARG VC 13 -2.54 -60.40 -26.73
C ARG VC 13 -3.27 -59.80 -25.54
N ALA VC 14 -2.53 -59.14 -24.65
CA ALA VC 14 -3.16 -58.54 -23.48
C ALA VC 14 -4.14 -57.46 -23.89
N TYR VC 15 -3.76 -56.63 -24.85
CA TYR VC 15 -4.67 -55.59 -25.31
C TYR VC 15 -5.93 -56.20 -25.91
N ALA VC 16 -5.76 -57.26 -26.70
CA ALA VC 16 -6.91 -57.94 -27.27
C ALA VC 16 -7.80 -58.49 -26.17
N GLU VC 17 -7.21 -58.98 -25.10
CA GLU VC 17 -8.01 -59.50 -24.00
C GLU VC 17 -8.81 -58.39 -23.33
N ILE VC 18 -8.16 -57.24 -23.10
CA ILE VC 18 -8.88 -56.09 -22.56
C ILE VC 18 -10.07 -55.76 -23.45
N LEU VC 19 -9.83 -55.70 -24.75
CA LEU VC 19 -10.89 -55.32 -25.68
C LEU VC 19 -12.01 -56.34 -25.66
N LYS VC 20 -11.66 -57.63 -25.57
CA LYS VC 20 -12.68 -58.66 -25.56
C LYS VC 20 -13.53 -58.57 -24.29
N ALA VC 21 -12.90 -58.32 -23.15
CA ALA VC 21 -13.66 -58.16 -21.93
C ALA VC 21 -14.58 -56.95 -22.00
N HIS VC 22 -14.07 -55.85 -22.54
CA HIS VC 22 -14.89 -54.65 -22.70
C HIS VC 22 -16.07 -54.92 -23.62
N ALA VC 23 -15.83 -55.69 -24.68
CA ALA VC 23 -16.89 -56.05 -25.61
C ALA VC 23 -17.96 -56.88 -24.93
N GLU VC 24 -17.53 -57.89 -24.19
CA GLU VC 24 -18.49 -58.76 -23.51
C GLU VC 24 -19.31 -57.97 -22.49
N ILE VC 25 -18.67 -57.09 -21.73
CA ILE VC 25 -19.41 -56.35 -20.71
C ILE VC 25 -20.34 -55.33 -21.36
N LEU VC 26 -19.93 -54.74 -22.49
CA LEU VC 26 -20.82 -53.85 -23.22
C LEU VC 26 -21.99 -54.60 -23.82
N LYS VC 27 -21.78 -55.86 -24.21
CA LYS VC 27 -22.90 -56.70 -24.62
C LYS VC 27 -23.82 -56.98 -23.44
N ALA VC 28 -23.25 -57.21 -22.25
CA ALA VC 28 -24.06 -57.37 -21.06
C ALA VC 28 -24.82 -56.09 -20.74
N GLN VC 29 -24.24 -54.94 -21.08
CA GLN VC 29 -24.92 -53.67 -20.92
C GLN VC 29 -26.13 -53.57 -21.84
N GLN WC 1 29.12 8.41 -61.49
CA GLN WC 1 30.16 8.36 -60.47
C GLN WC 1 29.67 7.68 -59.21
N ALA WC 2 28.34 7.67 -59.02
CA ALA WC 2 27.76 7.09 -57.81
C ALA WC 2 28.24 5.66 -57.62
N GLU WC 3 28.42 4.92 -58.71
CA GLU WC 3 28.92 3.56 -58.65
C GLU WC 3 30.28 3.50 -57.97
N ILE WC 4 31.16 4.46 -58.27
CA ILE WC 4 32.51 4.44 -57.70
C ILE WC 4 32.42 4.63 -56.20
N LEU WC 5 31.61 5.57 -55.76
CA LEU WC 5 31.47 5.83 -54.34
C LEU WC 5 30.85 4.62 -53.64
N GLU WC 6 29.90 3.98 -54.29
CA GLU WC 6 29.35 2.74 -53.75
C GLU WC 6 30.44 1.69 -53.56
N ALA WC 7 31.34 1.57 -54.53
CA ALA WC 7 32.43 0.62 -54.42
C ALA WC 7 33.32 0.96 -53.23
N ASP WC 8 33.63 2.24 -53.06
CA ASP WC 8 34.41 2.66 -51.89
C ASP WC 8 33.72 2.25 -50.60
N ALA WC 9 32.42 2.49 -50.53
CA ALA WC 9 31.65 2.09 -49.36
C ALA WC 9 31.79 0.60 -49.11
N ARG WC 10 31.76 -0.20 -50.18
CA ARG WC 10 31.91 -1.64 -50.01
C ARG WC 10 33.28 -1.99 -49.44
N ILE WC 11 34.32 -1.32 -49.94
CA ILE WC 11 35.65 -1.53 -49.40
C ILE WC 11 35.66 -1.30 -47.90
N LEU WC 12 35.09 -0.18 -47.48
CA LEU WC 12 35.12 0.17 -46.07
C LEU WC 12 34.33 -0.83 -45.24
N ARG WC 13 33.17 -1.25 -45.74
CA ARG WC 13 32.40 -2.26 -45.02
C ARG WC 13 33.19 -3.53 -44.87
N ALA WC 14 33.94 -3.92 -45.91
CA ALA WC 14 34.76 -5.11 -45.81
C ALA WC 14 35.80 -4.97 -44.71
N TYR WC 15 36.46 -3.82 -44.66
CA TYR WC 15 37.45 -3.62 -43.60
C TYR WC 15 36.79 -3.71 -42.22
N ALA WC 16 35.61 -3.14 -42.10
CA ALA WC 16 34.88 -3.24 -40.84
C ALA WC 16 34.61 -4.69 -40.49
N GLU WC 17 34.25 -5.49 -41.50
CA GLU WC 17 34.02 -6.91 -41.26
C GLU WC 17 35.29 -7.57 -40.74
N ILE WC 18 36.43 -7.20 -41.30
CA ILE WC 18 37.70 -7.72 -40.81
C ILE WC 18 37.86 -7.44 -39.32
N LEU WC 19 37.67 -6.17 -38.94
CA LEU WC 19 37.86 -5.81 -37.55
C LEU WC 19 36.88 -6.55 -36.65
N LYS WC 20 35.64 -6.69 -37.09
CA LYS WC 20 34.65 -7.38 -36.27
C LYS WC 20 35.02 -8.84 -36.06
N ALA WC 21 35.47 -9.51 -37.11
CA ALA WC 21 35.91 -10.88 -36.96
C ALA WC 21 37.11 -10.98 -36.03
N HIS WC 22 38.01 -10.00 -36.11
CA HIS WC 22 39.15 -10.00 -35.21
C HIS WC 22 38.69 -9.89 -33.76
N ALA WC 23 37.67 -9.06 -33.52
CA ALA WC 23 37.09 -8.96 -32.19
C ALA WC 23 36.53 -10.30 -31.74
N GLU WC 24 35.84 -10.98 -32.66
CA GLU WC 24 35.33 -12.31 -32.35
C GLU WC 24 36.46 -13.23 -31.90
N ILE WC 25 37.54 -13.26 -32.67
CA ILE WC 25 38.71 -14.06 -32.30
C ILE WC 25 39.13 -13.73 -30.88
N LEU WC 26 39.40 -12.44 -30.64
CA LEU WC 26 39.99 -12.04 -29.37
C LEU WC 26 39.10 -12.38 -28.20
N LYS WC 27 37.78 -12.20 -28.36
CA LYS WC 27 36.86 -12.59 -27.31
C LYS WC 27 36.91 -14.09 -27.07
N ALA WC 28 37.01 -14.87 -28.16
CA ALA WC 28 36.97 -16.32 -28.00
C ALA WC 28 38.12 -16.84 -27.15
N GLN WC 29 39.26 -16.17 -27.17
CA GLN WC 29 40.43 -16.65 -26.44
C GLN WC 29 40.14 -16.79 -24.97
N GLN XC 1 39.66 11.33 -56.49
CA GLN XC 1 39.29 10.21 -55.63
C GLN XC 1 40.51 9.43 -55.21
N ALA XC 2 41.62 9.60 -55.95
CA ALA XC 2 42.84 8.89 -55.63
C ALA XC 2 43.29 9.15 -54.20
N GLU XC 3 42.93 10.30 -53.64
CA GLU XC 3 43.21 10.57 -52.24
C GLU XC 3 42.55 9.54 -51.34
N ILE XC 4 41.32 9.16 -51.65
CA ILE XC 4 40.64 8.13 -50.87
C ILE XC 4 41.41 6.83 -50.95
N LEU XC 5 41.95 6.52 -52.13
CA LEU XC 5 42.68 5.28 -52.31
C LEU XC 5 43.97 5.30 -51.50
N GLU XC 6 44.69 6.42 -51.53
CA GLU XC 6 45.87 6.53 -50.69
C GLU XC 6 45.51 6.39 -49.22
N ALA XC 7 44.37 6.95 -48.82
CA ALA XC 7 43.95 6.88 -47.43
C ALA XC 7 43.73 5.44 -47.01
N ASP XC 8 42.94 4.69 -47.78
CA ASP XC 8 42.69 3.31 -47.40
C ASP XC 8 43.95 2.46 -47.51
N ALA XC 9 44.85 2.81 -48.42
CA ALA XC 9 46.14 2.14 -48.45
C ALA XC 9 46.87 2.33 -47.13
N ARG XC 10 46.88 3.56 -46.63
CA ARG XC 10 47.47 3.83 -45.32
C ARG XC 10 46.80 3.00 -44.24
N ILE XC 11 45.47 2.93 -44.29
CA ILE XC 11 44.72 2.17 -43.29
C ILE XC 11 45.20 0.72 -43.27
N LEU XC 12 45.29 0.12 -44.45
CA LEU XC 12 45.69 -1.28 -44.52
C LEU XC 12 47.13 -1.46 -44.08
N ARG XC 13 48.01 -0.53 -44.44
CA ARG XC 13 49.38 -0.62 -43.95
C ARG XC 13 49.42 -0.61 -42.44
N ALA XC 14 48.65 0.29 -41.82
CA ALA XC 14 48.64 0.37 -40.36
C ALA XC 14 48.09 -0.91 -39.76
N TYR XC 15 47.04 -1.47 -40.35
CA TYR XC 15 46.50 -2.71 -39.82
C TYR XC 15 47.52 -3.83 -39.92
N ALA XC 16 48.23 -3.89 -41.05
CA ALA XC 16 49.28 -4.89 -41.19
C ALA XC 16 50.35 -4.70 -40.14
N GLU XC 17 50.67 -3.45 -39.80
CA GLU XC 17 51.67 -3.20 -38.78
C GLU XC 17 51.19 -3.69 -37.42
N ILE XC 18 49.93 -3.42 -37.08
CA ILE XC 18 49.37 -3.93 -35.84
C ILE XC 18 49.49 -5.45 -35.80
N LEU XC 19 49.13 -6.09 -36.90
CA LEU XC 19 49.17 -7.55 -36.94
C LEU XC 19 50.59 -8.06 -36.79
N LYS XC 20 51.55 -7.40 -37.42
CA LYS XC 20 52.94 -7.83 -37.31
C LYS XC 20 53.44 -7.68 -35.89
N ALA XC 21 53.05 -6.59 -35.22
CA ALA XC 21 53.47 -6.40 -33.84
C ALA XC 21 52.88 -7.48 -32.95
N HIS XC 22 51.58 -7.75 -33.10
CA HIS XC 22 50.95 -8.81 -32.32
C HIS XC 22 51.59 -10.15 -32.61
N ALA XC 23 52.02 -10.37 -33.85
CA ALA XC 23 52.68 -11.61 -34.22
C ALA XC 23 54.02 -11.76 -33.52
N GLU XC 24 54.84 -10.72 -33.58
CA GLU XC 24 56.12 -10.75 -32.88
C GLU XC 24 55.93 -10.95 -31.40
N ILE XC 25 54.89 -10.34 -30.82
CA ILE XC 25 54.62 -10.52 -29.40
C ILE XC 25 54.30 -11.98 -29.10
N LEU XC 26 53.34 -12.55 -29.84
CA LEU XC 26 52.97 -13.94 -29.63
C LEU XC 26 54.13 -14.87 -29.88
N LYS XC 27 55.07 -14.46 -30.73
CA LYS XC 27 56.31 -15.21 -30.89
C LYS XC 27 57.18 -15.12 -29.65
N ALA XC 28 57.27 -13.92 -29.06
CA ALA XC 28 58.00 -13.77 -27.81
C ALA XC 28 57.32 -14.53 -26.68
N GLN XC 29 56.00 -14.63 -26.73
CA GLN XC 29 55.25 -15.40 -25.74
C GLN XC 29 55.57 -16.87 -25.87
N GLN YC 1 26.89 35.01 31.48
CA GLN YC 1 27.70 34.64 32.64
C GLN YC 1 26.83 34.12 33.76
N ALA YC 2 25.58 34.58 33.80
CA ALA YC 2 24.67 34.20 34.88
C ALA YC 2 24.61 32.69 35.03
N GLU YC 3 24.67 31.97 33.92
CA GLU YC 3 24.68 30.52 33.95
C GLU YC 3 25.84 29.99 34.79
N ILE YC 4 27.02 30.61 34.66
CA ILE YC 4 28.18 30.12 35.39
C ILE YC 4 27.97 30.30 36.88
N LEU YC 5 27.43 31.46 37.27
CA LEU YC 5 27.20 31.72 38.68
C LEU YC 5 26.15 30.78 39.23
N GLU YC 6 25.12 30.48 38.43
CA GLU YC 6 24.13 29.50 38.84
C GLU YC 6 24.78 28.14 39.07
N ALA YC 7 25.71 27.76 38.18
CA ALA YC 7 26.42 26.50 38.37
C ALA YC 7 27.19 26.49 39.67
N ASP YC 8 27.86 27.60 39.98
CA ASP YC 8 28.57 27.69 41.26
C ASP YC 8 27.60 27.50 42.43
N ALA YC 9 26.46 28.16 42.36
CA ALA YC 9 25.45 28.00 43.40
C ALA YC 9 25.06 26.54 43.55
N ARG YC 10 24.93 25.83 42.43
CA ARG YC 10 24.58 24.41 42.52
C ARG YC 10 25.68 23.63 43.21
N ILE YC 11 26.93 23.93 42.90
CA ILE YC 11 28.05 23.28 43.58
C ILE YC 11 27.91 23.45 45.09
N LEU YC 12 27.67 24.69 45.51
CA LEU YC 12 27.63 24.96 46.94
C LEU YC 12 26.45 24.25 47.59
N ARG YC 13 25.29 24.24 46.93
CA ARG YC 13 24.15 23.53 47.48
C ARG YC 13 24.45 22.05 47.61
N ALA YC 14 25.18 21.49 46.66
CA ALA YC 14 25.54 20.08 46.76
C ALA YC 14 26.43 19.84 47.96
N TYR YC 15 27.41 20.72 48.19
CA TYR YC 15 28.24 20.58 49.37
C TYR YC 15 27.38 20.63 50.63
N ALA YC 16 26.40 21.53 50.66
CA ALA YC 16 25.51 21.60 51.79
C ALA YC 16 24.76 20.29 51.98
N GLU YC 17 24.35 19.67 50.88
CA GLU YC 17 23.67 18.38 50.99
C GLU YC 17 24.56 17.35 51.63
N ILE YC 18 25.83 17.29 51.20
CA ILE YC 18 26.79 16.39 51.82
C ILE YC 18 26.82 16.62 53.32
N LEU YC 19 26.98 17.87 53.70
CA LEU YC 19 27.21 18.19 55.11
C LEU YC 19 25.99 17.84 55.94
N LYS YC 20 24.81 18.13 55.42
CA LYS YC 20 23.57 17.82 56.13
C LYS YC 20 23.38 16.32 56.28
N ALA YC 21 23.71 15.55 55.24
CA ALA YC 21 23.60 14.11 55.37
C ALA YC 21 24.56 13.59 56.43
N HIS YC 22 25.76 14.17 56.50
CA HIS YC 22 26.69 13.77 57.54
C HIS YC 22 26.11 14.08 58.92
N ALA YC 23 25.43 15.21 59.05
CA ALA YC 23 24.74 15.54 60.29
C ALA YC 23 23.74 14.47 60.64
N GLU YC 24 22.96 14.04 59.65
CA GLU YC 24 21.92 13.07 59.92
C GLU YC 24 22.53 11.75 60.37
N ILE YC 25 23.64 11.36 59.74
CA ILE YC 25 24.42 10.22 60.20
C ILE YC 25 24.71 10.37 61.68
N LEU YC 26 25.42 11.44 62.03
CA LEU YC 26 25.91 11.60 63.38
C LEU YC 26 24.77 11.58 64.38
N LYS YC 27 23.63 12.15 64.01
CA LYS YC 27 22.47 12.07 64.89
C LYS YC 27 22.01 10.63 65.06
N ALA YC 28 22.01 9.86 63.97
CA ALA YC 28 21.46 8.52 64.02
C ALA YC 28 22.26 7.61 64.95
N GLN YC 29 23.56 7.84 65.08
CA GLN YC 29 24.41 6.97 65.88
C GLN YC 29 23.94 6.92 67.32
N GLN ZC 1 37.02 34.26 37.99
CA GLN ZC 1 36.19 33.28 38.67
C GLN ZC 1 37.01 32.10 39.15
N ALA ZC 2 38.20 31.96 38.58
CA ALA ZC 2 39.08 30.86 38.97
C ALA ZC 2 39.37 30.89 40.47
N GLU ZC 3 39.35 32.07 41.08
CA GLU ZC 3 39.50 32.17 42.52
C GLU ZC 3 38.40 31.41 43.24
N ILE ZC 4 37.17 31.49 42.73
CA ILE ZC 4 36.06 30.76 43.33
C ILE ZC 4 36.34 29.26 43.27
N LEU ZC 5 36.85 28.80 42.13
CA LEU ZC 5 37.11 27.38 41.98
C LEU ZC 5 38.23 26.94 42.92
N GLU ZC 6 39.26 27.77 43.08
CA GLU ZC 6 40.31 27.47 44.04
C GLU ZC 6 39.74 27.40 45.46
N ALA ZC 7 38.83 28.30 45.79
CA ALA ZC 7 38.20 28.26 47.10
C ALA ZC 7 37.44 26.97 47.29
N ASP ZC 8 36.71 26.53 46.26
CA ASP ZC 8 36.01 25.26 46.36
C ASP ZC 8 36.98 24.11 46.57
N ALA ZC 9 38.09 24.13 45.85
CA ALA ZC 9 39.11 23.11 46.05
C ALA ZC 9 39.58 23.10 47.48
N ARG ZC 10 39.81 24.28 48.06
CA ARG ZC 10 40.25 24.37 49.45
C ARG ZC 10 39.20 23.77 50.38
N ILE ZC 11 37.94 24.12 50.16
CA ILE ZC 11 36.87 23.61 51.01
C ILE ZC 11 36.83 22.09 50.98
N LEU ZC 12 36.92 21.53 49.78
CA LEU ZC 12 36.85 20.08 49.66
C LEU ZC 12 38.07 19.42 50.29
N ARG ZC 13 39.26 20.02 50.13
CA ARG ZC 13 40.43 19.47 50.80
C ARG ZC 13 40.24 19.45 52.30
N ALA ZC 14 39.71 20.55 52.84
CA ALA ZC 14 39.50 20.61 54.28
C ALA ZC 14 38.51 19.56 54.74
N TYR ZC 15 37.43 19.39 53.99
CA TYR ZC 15 36.45 18.37 54.36
C TYR ZC 15 37.06 16.99 54.30
N ALA ZC 16 37.87 16.73 53.29
CA ALA ZC 16 38.56 15.44 53.20
C ALA ZC 16 39.47 15.24 54.39
N GLU ZC 17 40.11 16.31 54.85
CA GLU ZC 17 40.99 16.19 56.00
C GLU ZC 17 40.19 15.86 57.26
N ILE ZC 18 39.05 16.52 57.45
CA ILE ZC 18 38.18 16.19 58.56
C ILE ZC 18 37.81 14.72 58.51
N LEU ZC 19 37.39 14.25 57.34
CA LEU ZC 19 36.98 12.87 57.21
C LEU ZC 19 38.13 11.91 57.50
N LYS ZC 20 39.34 12.26 57.05
CA LYS ZC 20 40.49 11.41 57.28
C LYS ZC 20 40.81 11.33 58.77
N ALA ZC 21 40.75 12.46 59.47
CA ALA ZC 21 40.99 12.45 60.90
C ALA ZC 21 39.94 11.62 61.62
N HIS ZC 22 38.68 11.77 61.22
CA HIS ZC 22 37.61 10.99 61.83
C HIS ZC 22 37.81 9.50 61.59
N ALA ZC 23 38.27 9.15 60.38
CA ALA ZC 23 38.56 7.75 60.08
C ALA ZC 23 39.70 7.22 60.94
N GLU ZC 24 40.75 8.02 61.08
CA GLU ZC 24 41.88 7.60 61.90
C GLU ZC 24 41.45 7.37 63.34
N ILE ZC 25 40.67 8.30 63.90
CA ILE ZC 25 40.30 8.16 65.30
C ILE ZC 25 39.32 7.01 65.48
N LEU ZC 26 38.43 6.79 64.51
CA LEU ZC 26 37.54 5.64 64.57
C LEU ZC 26 38.29 4.33 64.45
N LYS ZC 27 39.41 4.34 63.72
CA LYS ZC 27 40.31 3.18 63.75
C LYS ZC 27 40.95 3.03 65.13
N ALA ZC 28 41.34 4.15 65.75
CA ALA ZC 28 41.85 4.11 67.11
C ALA ZC 28 40.80 3.60 68.08
N GLN ZC 29 39.53 3.90 67.79
CA GLN ZC 29 38.43 3.38 68.59
C GLN ZC 29 38.32 1.86 68.43
N GLN AD 1 -38.43 28.63 25.35
CA GLN AD 1 -38.28 30.04 25.65
C GLN AD 1 -37.21 30.28 26.69
N ALA AD 2 -37.01 29.30 27.57
CA ALA AD 2 -36.11 29.46 28.71
C ALA AD 2 -34.76 30.00 28.28
N GLU AD 3 -34.26 29.55 27.13
CA GLU AD 3 -32.98 30.03 26.63
C GLU AD 3 -32.97 31.54 26.44
N ILE AD 4 -34.11 32.10 26.01
CA ILE AD 4 -34.16 33.54 25.78
C ILE AD 4 -33.97 34.29 27.08
N LEU AD 5 -34.69 33.88 28.12
CA LEU AD 5 -34.54 34.54 29.41
C LEU AD 5 -33.15 34.32 29.97
N GLU AD 6 -32.57 33.16 29.70
CA GLU AD 6 -31.18 32.93 30.10
C GLU AD 6 -30.25 33.94 29.43
N ALA AD 7 -30.46 34.19 28.14
CA ALA AD 7 -29.65 35.19 27.45
C ALA AD 7 -29.84 36.57 28.06
N ASP AD 8 -31.07 36.92 28.42
CA ASP AD 8 -31.31 38.19 29.09
C ASP AD 8 -30.51 38.27 30.38
N ALA AD 9 -30.55 37.21 31.17
CA ALA AD 9 -29.77 37.17 32.40
C ALA AD 9 -28.30 37.40 32.12
N ARG AD 10 -27.79 36.81 31.04
CA ARG AD 10 -26.40 37.02 30.68
C ARG AD 10 -26.13 38.48 30.37
N ILE AD 11 -27.03 39.12 29.64
CA ILE AD 11 -26.88 40.55 29.36
C ILE AD 11 -26.74 41.33 30.66
N LEU AD 12 -27.64 41.05 31.60
CA LEU AD 12 -27.63 41.81 32.84
C LEU AD 12 -26.37 41.56 33.64
N ARG AD 13 -25.91 40.31 33.69
CA ARG AD 13 -24.65 40.02 34.38
C ARG AD 13 -23.50 40.78 33.74
N ALA AD 14 -23.51 40.89 32.41
CA ALA AD 14 -22.46 41.65 31.74
C ALA AD 14 -22.48 43.11 32.16
N TYR AD 15 -23.68 43.69 32.22
CA TYR AD 15 -23.76 45.07 32.68
C TYR AD 15 -23.25 45.20 34.10
N ALA AD 16 -23.54 44.21 34.93
CA ALA AD 16 -23.00 44.22 36.29
C ALA AD 16 -21.49 44.21 36.27
N GLU AD 17 -20.90 43.41 35.38
CA GLU AD 17 -19.45 43.40 35.26
C GLU AD 17 -18.92 44.78 34.90
N ILE AD 18 -19.60 45.46 33.99
CA ILE AD 18 -19.21 46.82 33.63
C ILE AD 18 -19.16 47.69 34.88
N LEU AD 19 -20.26 47.70 35.64
CA LEU AD 19 -20.34 48.59 36.79
C LEU AD 19 -19.28 48.24 37.82
N LYS AD 20 -19.05 46.94 38.05
CA LYS AD 20 -18.09 46.53 39.05
C LYS AD 20 -16.68 46.96 38.66
N ALA AD 21 -16.33 46.79 37.38
CA ALA AD 21 -15.03 47.24 36.93
C ALA AD 21 -14.89 48.74 37.08
N HIS AD 22 -15.95 49.48 36.78
CA HIS AD 22 -15.88 50.93 36.94
C HIS AD 22 -15.63 51.30 38.40
N ALA AD 23 -16.28 50.58 39.31
CA ALA AD 23 -16.05 50.81 40.73
C ALA AD 23 -14.60 50.55 41.08
N GLU AD 24 -14.05 49.47 40.56
CA GLU AD 24 -12.65 49.16 40.85
C GLU AD 24 -11.74 50.27 40.34
N ILE AD 25 -12.05 50.80 39.15
CA ILE AD 25 -11.33 51.97 38.64
C ILE AD 25 -11.35 53.07 39.69
N LEU AD 26 -12.56 53.50 40.05
CA LEU AD 26 -12.71 54.65 40.92
C LEU AD 26 -11.99 54.45 42.24
N LYS AD 27 -11.98 53.22 42.75
CA LYS AD 27 -11.24 52.95 43.96
C LYS AD 27 -9.75 53.11 43.74
N ALA AD 28 -9.26 52.65 42.59
CA ALA AD 28 -7.83 52.69 42.35
C ALA AD 28 -7.29 54.11 42.30
N GLN AD 29 -8.09 55.06 41.86
CA GLN AD 29 -7.63 56.44 41.70
C GLN AD 29 -7.15 57.01 43.02
N GLN BD 1 -41.55 40.37 25.08
CA GLN BD 1 -40.21 40.49 25.63
C GLN BD 1 -39.52 41.74 25.12
N ALA BD 2 -40.06 42.31 24.05
CA ALA BD 2 -39.48 43.52 23.48
C ALA BD 2 -39.41 44.63 24.50
N GLU BD 3 -40.32 44.63 25.47
CA GLU BD 3 -40.26 45.61 26.55
C GLU BD 3 -38.96 45.46 27.34
N ILE BD 4 -38.51 44.23 27.57
CA ILE BD 4 -37.27 44.01 28.27
C ILE BD 4 -36.11 44.61 27.49
N LEU BD 5 -36.13 44.42 26.17
CA LEU BD 5 -35.05 44.96 25.35
C LEU BD 5 -35.07 46.47 25.35
N GLU BD 6 -36.26 47.07 25.32
CA GLU BD 6 -36.37 48.52 25.44
C GLU BD 6 -35.80 49.00 26.76
N ALA BD 7 -36.10 48.27 27.84
CA ALA BD 7 -35.55 48.63 29.14
C ALA BD 7 -34.03 48.57 29.12
N ASP BD 8 -33.48 47.54 28.48
CA ASP BD 8 -32.03 47.46 28.36
C ASP BD 8 -31.47 48.65 27.61
N ALA BD 9 -32.13 49.01 26.51
CA ALA BD 9 -31.70 50.19 25.76
C ALA BD 9 -31.69 51.42 26.64
N ARG BD 10 -32.74 51.59 27.44
CA ARG BD 10 -32.80 52.72 28.35
C ARG BD 10 -31.65 52.72 29.34
N ILE BD 11 -31.38 51.56 29.93
CA ILE BD 11 -30.30 51.46 30.90
C ILE BD 11 -28.99 51.86 30.27
N LEU BD 12 -28.71 51.35 29.08
CA LEU BD 12 -27.45 51.65 28.45
C LEU BD 12 -27.36 53.11 28.05
N ARG BD 13 -28.47 53.70 27.59
CA ARG BD 13 -28.45 55.13 27.30
C ARG BD 13 -28.12 55.93 28.56
N ALA BD 14 -28.72 55.56 29.69
CA ALA BD 14 -28.46 56.28 30.92
C ALA BD 14 -27.00 56.14 31.34
N TYR BD 15 -26.45 54.94 31.21
CA TYR BD 15 -25.06 54.74 31.56
C TYR BD 15 -24.15 55.57 30.66
N ALA BD 16 -24.46 55.61 29.36
CA ALA BD 16 -23.71 56.43 28.44
C ALA BD 16 -23.78 57.90 28.84
N GLU BD 17 -24.94 58.34 29.31
CA GLU BD 17 -25.08 59.72 29.72
C GLU BD 17 -24.22 60.02 30.95
N ILE BD 18 -24.23 59.10 31.92
CA ILE BD 18 -23.34 59.26 33.07
C ILE BD 18 -21.91 59.39 32.61
N LEU BD 19 -21.48 58.50 31.71
CA LEU BD 19 -20.10 58.51 31.26
C LEU BD 19 -19.78 59.82 30.53
N LYS BD 20 -20.72 60.31 29.73
CA LYS BD 20 -20.49 61.54 29.00
C LYS BD 20 -20.35 62.72 29.95
N ALA BD 21 -21.19 62.77 30.98
CA ALA BD 21 -21.07 63.85 31.96
C ALA BD 21 -19.74 63.76 32.69
N HIS BD 22 -19.33 62.56 33.08
CA HIS BD 22 -18.06 62.39 33.75
C HIS BD 22 -16.91 62.82 32.84
N ALA BD 23 -17.02 62.50 31.55
CA ALA BD 23 -16.00 62.90 30.59
C ALA BD 23 -15.91 64.41 30.49
N GLU BD 24 -17.06 65.07 30.36
CA GLU BD 24 -17.08 66.51 30.23
C GLU BD 24 -16.51 67.18 31.48
N ILE BD 25 -16.87 66.69 32.66
CA ILE BD 25 -16.38 67.32 33.88
C ILE BD 25 -14.89 67.05 34.06
N LEU BD 26 -14.42 65.88 33.67
CA LEU BD 26 -12.99 65.60 33.72
C LEU BD 26 -12.23 66.45 32.72
N LYS BD 27 -12.84 66.79 31.59
CA LYS BD 27 -12.25 67.75 30.68
C LYS BD 27 -12.20 69.14 31.31
N ALA BD 28 -13.26 69.51 32.03
CA ALA BD 28 -13.26 70.76 32.78
C ALA BD 28 -12.18 70.75 33.85
N GLN BD 29 -11.89 69.58 34.41
CA GLN BD 29 -10.82 69.44 35.38
C GLN BD 29 -9.47 69.69 34.73
N GLN CD 1 -2.66 -20.77 50.05
CA GLN CD 1 -3.89 -20.89 50.81
C GLN CD 1 -4.42 -19.53 51.24
N ALA CD 2 -3.51 -18.56 51.33
CA ALA CD 2 -3.89 -17.23 51.78
C ALA CD 2 -5.05 -16.68 50.96
N GLU CD 3 -5.07 -16.99 49.67
CA GLU CD 3 -6.16 -16.57 48.80
C GLU CD 3 -7.51 -17.07 49.30
N ILE CD 4 -7.55 -18.32 49.77
CA ILE CD 4 -8.82 -18.90 50.21
C ILE CD 4 -9.32 -18.15 51.44
N LEU CD 5 -8.42 -17.87 52.38
CA LEU CD 5 -8.80 -17.17 53.58
C LEU CD 5 -9.25 -15.75 53.26
N GLU CD 6 -8.58 -15.12 52.30
CA GLU CD 6 -9.02 -13.82 51.83
C GLU CD 6 -10.44 -13.89 51.29
N ALA CD 7 -10.75 -14.93 50.53
CA ALA CD 7 -12.10 -15.08 50.00
C ALA CD 7 -13.11 -15.23 51.13
N ASP CD 8 -12.77 -16.00 52.15
CA ASP CD 8 -13.65 -16.14 53.31
C ASP CD 8 -13.89 -14.78 53.94
N ALA CD 9 -12.83 -14.01 54.12
CA ALA CD 9 -12.98 -12.67 54.67
C ALA CD 9 -13.94 -11.84 53.84
N ARG CD 10 -13.85 -11.95 52.52
CA ARG CD 10 -14.76 -11.20 51.67
C ARG CD 10 -16.19 -11.62 51.88
N ILE CD 11 -16.42 -12.93 52.01
CA ILE CD 11 -17.77 -13.41 52.30
C ILE CD 11 -18.30 -12.74 53.56
N LEU CD 12 -17.49 -12.74 54.61
CA LEU CD 12 -17.96 -12.20 55.88
C LEU CD 12 -18.23 -10.71 55.77
N ARG CD 13 -17.35 -9.98 55.08
CA ARG CD 13 -17.59 -8.56 54.89
C ARG CD 13 -18.89 -8.32 54.16
N ALA CD 14 -19.19 -9.17 53.17
CA ALA CD 14 -20.45 -9.01 52.44
C ALA CD 14 -21.64 -9.21 53.38
N TYR CD 15 -21.57 -10.22 54.23
CA TYR CD 15 -22.67 -10.43 55.16
C TYR CD 15 -22.82 -9.21 56.09
N ALA CD 16 -21.70 -8.66 56.53
CA ALA CD 16 -21.76 -7.47 57.35
C ALA CD 16 -22.43 -6.33 56.61
N GLU CD 17 -22.13 -6.20 55.32
CA GLU CD 17 -22.77 -5.17 54.51
C GLU CD 17 -24.28 -5.37 54.48
N ILE CD 18 -24.70 -6.64 54.37
CA ILE CD 18 -26.12 -6.93 54.41
C ILE CD 18 -26.74 -6.39 55.70
N LEU CD 19 -26.14 -6.74 56.83
CA LEU CD 19 -26.70 -6.33 58.10
C LEU CD 19 -26.73 -4.80 58.22
N LYS CD 20 -25.68 -4.15 57.75
CA LYS CD 20 -25.63 -2.70 57.85
C LYS CD 20 -26.73 -2.05 57.02
N ALA CD 21 -26.95 -2.56 55.81
CA ALA CD 21 -28.03 -2.02 55.00
C ALA CD 21 -29.38 -2.28 55.65
N HIS CD 22 -29.53 -3.44 56.30
CA HIS CD 22 -30.78 -3.71 56.99
C HIS CD 22 -31.01 -2.70 58.11
N ALA CD 23 -29.93 -2.34 58.81
CA ALA CD 23 -30.03 -1.31 59.84
C ALA CD 23 -30.46 0.01 59.23
N GLU CD 24 -29.89 0.35 58.07
CA GLU CD 24 -30.31 1.55 57.36
C GLU CD 24 -31.81 1.53 57.10
N ILE CD 25 -32.31 0.43 56.55
CA ILE CD 25 -33.75 0.28 56.33
C ILE CD 25 -34.51 0.57 57.60
N LEU CD 26 -34.17 -0.16 58.66
CA LEU CD 26 -34.96 -0.10 59.88
C LEU CD 26 -34.97 1.30 60.48
N LYS CD 27 -33.82 1.99 60.44
CA LYS CD 27 -33.78 3.36 60.90
C LYS CD 27 -34.68 4.24 60.05
N ALA CD 28 -34.68 4.02 58.74
CA ALA CD 28 -35.43 4.90 57.85
C ALA CD 28 -36.92 4.87 58.15
N GLN CD 29 -37.43 3.75 58.64
CA GLN CD 29 -38.86 3.60 58.88
C GLN CD 29 -39.36 4.66 59.86
N GLN DD 1 -11.27 -26.66 56.06
CA GLN DD 1 -11.92 -25.36 55.90
C GLN DD 1 -13.41 -25.53 55.73
N ALA DD 2 -13.82 -26.73 55.34
CA ALA DD 2 -15.24 -27.00 55.12
C ALA DD 2 -16.06 -26.68 56.36
N GLU DD 3 -15.45 -26.76 57.54
CA GLU DD 3 -16.13 -26.35 58.76
C GLU DD 3 -16.56 -24.89 58.69
N ILE DD 4 -15.68 -24.02 58.17
CA ILE DD 4 -16.03 -22.62 58.01
C ILE DD 4 -17.24 -22.48 57.08
N LEU DD 5 -17.26 -23.30 56.04
CA LEU DD 5 -18.36 -23.23 55.08
C LEU DD 5 -19.67 -23.66 55.72
N GLU DD 6 -19.64 -24.74 56.49
CA GLU DD 6 -20.84 -25.13 57.22
C GLU DD 6 -21.26 -24.04 58.18
N ALA DD 7 -20.30 -23.38 58.83
CA ALA DD 7 -20.62 -22.33 59.77
C ALA DD 7 -21.37 -21.19 59.08
N ASP DD 8 -20.82 -20.68 57.99
CA ASP DD 8 -21.49 -19.58 57.32
C ASP DD 8 -22.80 -20.02 56.71
N ALA DD 9 -22.91 -21.29 56.30
CA ALA DD 9 -24.20 -21.80 55.87
C ALA DD 9 -25.22 -21.69 56.98
N ARG DD 10 -24.82 -22.08 58.20
CA ARG DD 10 -25.71 -21.92 59.35
C ARG DD 10 -26.08 -20.47 59.55
N ILE DD 11 -25.10 -19.57 59.42
CA ILE DD 11 -25.37 -18.15 59.60
C ILE DD 11 -26.44 -17.68 58.64
N LEU DD 12 -26.30 -18.04 57.37
CA LEU DD 12 -27.27 -17.61 56.38
C LEU DD 12 -28.64 -18.22 56.62
N ARG DD 13 -28.68 -19.49 57.03
CA ARG DD 13 -29.96 -20.10 57.38
C ARG DD 13 -30.64 -19.31 58.49
N ALA DD 14 -29.89 -18.96 59.52
CA ALA DD 14 -30.46 -18.23 60.64
C ALA DD 14 -30.96 -16.86 60.20
N TYR DD 15 -30.19 -16.19 59.34
CA TYR DD 15 -30.63 -14.89 58.86
C TYR DD 15 -31.92 -15.02 58.06
N ALA DD 16 -31.99 -16.05 57.22
CA ALA DD 16 -33.22 -16.30 56.47
C ALA DD 16 -34.38 -16.55 57.40
N GLU DD 17 -34.13 -17.24 58.51
CA GLU DD 17 -35.20 -17.49 59.46
C GLU DD 17 -35.69 -16.20 60.10
N ILE DD 18 -34.75 -15.34 60.49
CA ILE DD 18 -35.13 -14.03 61.02
C ILE DD 18 -35.99 -13.29 60.03
N LEU DD 19 -35.57 -13.28 58.76
CA LEU DD 19 -36.31 -12.56 57.74
C LEU DD 19 -37.69 -13.14 57.56
N LYS DD 20 -37.81 -14.47 57.58
CA LYS DD 20 -39.11 -15.10 57.42
C LYS DD 20 -40.03 -14.76 58.57
N ALA DD 21 -39.49 -14.72 59.79
CA ALA DD 21 -40.29 -14.36 60.94
C ALA DD 21 -40.79 -12.93 60.83
N HIS DD 22 -39.89 -12.01 60.49
CA HIS DD 22 -40.28 -10.62 60.32
C HIS DD 22 -41.31 -10.48 59.21
N ALA DD 23 -41.20 -11.32 58.17
CA ALA DD 23 -42.16 -11.28 57.07
C ALA DD 23 -43.52 -11.72 57.54
N GLU DD 24 -43.60 -12.84 58.24
CA GLU DD 24 -44.87 -13.31 58.76
C GLU DD 24 -45.49 -12.29 59.70
N ILE DD 25 -44.65 -11.62 60.50
CA ILE DD 25 -45.15 -10.59 61.41
C ILE DD 25 -45.76 -9.45 60.61
N LEU DD 26 -45.01 -8.90 59.66
CA LEU DD 26 -45.52 -7.80 58.84
C LEU DD 26 -46.75 -8.21 58.06
N LYS DD 27 -46.89 -9.50 57.76
CA LYS DD 27 -48.12 -10.00 57.16
C LYS DD 27 -49.26 -9.97 58.17
N ALA DD 28 -48.99 -10.35 59.41
CA ALA DD 28 -50.00 -10.27 60.46
C ALA DD 28 -50.37 -8.81 60.74
N GLN DD 29 -49.40 -7.91 60.59
CA GLN DD 29 -49.64 -6.48 60.75
C GLN DD 29 -50.57 -5.98 59.66
N GLN ED 1 -28.06 -13.52 -66.39
CA GLN ED 1 -28.11 -12.11 -66.07
C GLN ED 1 -27.06 -11.73 -65.05
N ALA ED 2 -26.68 -12.70 -64.22
CA ALA ED 2 -25.72 -12.44 -63.15
C ALA ED 2 -24.46 -11.79 -63.69
N GLU ED 3 -24.04 -12.19 -64.89
CA GLU ED 3 -22.89 -11.59 -65.53
C GLU ED 3 -23.06 -10.08 -65.70
N ILE ED 4 -24.27 -9.64 -66.06
CA ILE ED 4 -24.50 -8.22 -66.28
C ILE ED 4 -24.34 -7.46 -64.98
N LEU ED 5 -24.91 -8.01 -63.91
CA LEU ED 5 -24.83 -7.35 -62.62
C LEU ED 5 -23.38 -7.31 -62.14
N GLU ED 6 -22.63 -8.38 -62.38
CA GLU ED 6 -21.21 -8.37 -62.05
C GLU ED 6 -20.49 -7.26 -62.82
N ALA ED 7 -20.83 -7.08 -64.08
CA ALA ED 7 -20.23 -6.01 -64.86
C ALA ED 7 -20.54 -4.65 -64.24
N ASP ED 8 -21.78 -4.44 -63.83
CA ASP ED 8 -22.14 -3.20 -63.16
C ASP ED 8 -21.30 -2.99 -61.91
N ALA ED 9 -21.14 -4.05 -61.12
CA ALA ED 9 -20.30 -3.97 -59.94
C ALA ED 9 -18.89 -3.54 -60.30
N ARG ED 10 -18.36 -4.06 -61.40
CA ARG ED 10 -17.02 -3.67 -61.81
C ARG ED 10 -16.98 -2.20 -62.17
N ILE ED 11 -18.00 -1.71 -62.86
CA ILE ED 11 -18.06 -0.29 -63.17
C ILE ED 11 -17.95 0.53 -61.90
N LEU ED 12 -18.75 0.16 -60.90
CA LEU ED 12 -18.78 0.95 -59.68
C LEU ED 12 -17.45 0.89 -58.95
N ARG ED 13 -16.83 -0.29 -58.91
CA ARG ED 13 -15.52 -0.40 -58.28
C ARG ED 13 -14.50 0.48 -58.99
N ALA ED 14 -14.59 0.54 -60.32
CA ALA ED 14 -13.66 1.41 -61.06
C ALA ED 14 -13.88 2.87 -60.68
N TYR ED 15 -15.13 3.29 -60.58
CA TYR ED 15 -15.38 4.65 -60.14
C TYR ED 15 -14.78 4.90 -58.76
N ALA ED 16 -14.91 3.92 -57.87
CA ALA ED 16 -14.31 4.04 -56.55
C ALA ED 16 -12.81 4.20 -56.66
N GLU ED 17 -12.19 3.47 -57.57
CA GLU ED 17 -10.75 3.59 -57.76
C GLU ED 17 -10.38 5.01 -58.17
N ILE ED 18 -11.12 5.57 -59.12
CA ILE ED 18 -10.91 6.96 -59.51
C ILE ED 18 -10.96 7.86 -58.30
N LEU ED 19 -12.01 7.72 -57.51
CA LEU ED 19 -12.25 8.65 -56.42
C LEU ED 19 -11.14 8.54 -55.37
N LYS ED 20 -10.73 7.32 -55.07
CA LYS ED 20 -9.67 7.09 -54.09
C LYS ED 20 -8.35 7.67 -54.57
N ALA ED 21 -8.04 7.50 -55.86
CA ALA ED 21 -6.82 8.08 -56.37
C ALA ED 21 -6.86 9.61 -56.26
N HIS ED 22 -8.02 10.19 -56.51
CA HIS ED 22 -8.14 11.64 -56.35
C HIS ED 22 -7.89 12.03 -54.90
N ALA ED 23 -8.38 11.22 -53.98
CA ALA ED 23 -8.10 11.45 -52.56
C ALA ED 23 -6.60 11.45 -52.30
N GLU ED 24 -5.91 10.47 -52.87
CA GLU ED 24 -4.48 10.35 -52.62
C GLU ED 24 -3.75 11.57 -53.19
N ILE ED 25 -4.17 12.03 -54.36
CA ILE ED 25 -3.67 13.29 -54.89
C ILE ED 25 -3.81 14.38 -53.85
N LEU ED 26 -5.04 14.64 -53.44
CA LEU ED 26 -5.31 15.78 -52.57
C LEU ED 26 -4.51 15.70 -51.29
N LYS ED 27 -4.31 14.49 -50.77
CA LYS ED 27 -3.47 14.33 -49.59
C LYS ED 27 -2.03 14.70 -49.91
N ALA ED 28 -1.54 14.30 -51.08
CA ALA ED 28 -0.14 14.52 -51.39
C ALA ED 28 0.22 15.99 -51.49
N GLN ED 29 -0.72 16.83 -51.91
CA GLN ED 29 -0.44 18.25 -52.10
C GLN ED 29 0.03 18.90 -50.81
N GLN FD 1 -32.75 -2.42 -66.63
CA GLN FD 1 -31.40 -2.13 -66.17
C GLN FD 1 -30.90 -0.82 -66.74
N ALA FD 2 -31.56 -0.35 -67.79
CA ALA FD 2 -31.16 0.92 -68.41
C ALA FD 2 -31.18 2.05 -67.41
N GLU FD 3 -32.05 1.97 -66.40
CA GLU FD 3 -32.06 2.97 -65.35
C GLU FD 3 -30.72 3.01 -64.62
N ILE FD 4 -30.11 1.85 -64.39
CA ILE FD 4 -28.81 1.81 -63.75
C ILE FD 4 -27.78 2.53 -64.61
N LEU FD 5 -27.85 2.32 -65.92
CA LEU FD 5 -26.89 2.95 -66.81
C LEU FD 5 -27.09 4.46 -66.82
N GLU FD 6 -28.34 4.90 -66.81
CA GLU FD 6 -28.62 6.33 -66.73
C GLU FD 6 -28.08 6.90 -65.43
N ALA FD 7 -28.21 6.16 -64.34
CA ALA FD 7 -27.67 6.62 -63.07
C ALA FD 7 -26.16 6.77 -63.15
N ASP FD 8 -25.49 5.80 -63.77
CA ASP FD 8 -24.05 5.91 -63.95
C ASP FD 8 -23.70 7.13 -64.78
N ALA FD 9 -24.46 7.38 -65.84
CA ALA FD 9 -24.23 8.57 -66.65
C ALA FD 9 -24.33 9.83 -65.78
N ARG FD 10 -25.35 9.87 -64.93
CA ARG FD 10 -25.52 11.02 -64.04
C ARG FD 10 -24.32 11.18 -63.12
N ILE FD 11 -23.88 10.08 -62.52
CA ILE FD 11 -22.74 10.14 -61.60
C ILE FD 11 -21.52 10.69 -62.32
N LEU FD 12 -21.25 10.20 -63.52
CA LEU FD 12 -20.07 10.65 -64.23
C LEU FD 12 -20.20 12.11 -64.64
N ARG FD 13 -21.39 12.54 -65.04
CA ARG FD 13 -21.58 13.95 -65.35
C ARG FD 13 -21.29 14.80 -64.14
N ALA FD 14 -21.79 14.39 -62.97
CA ALA FD 14 -21.56 15.15 -61.76
C ALA FD 14 -20.08 15.23 -61.42
N TYR FD 15 -19.38 14.09 -61.56
CA TYR FD 15 -17.96 14.11 -61.27
C TYR FD 15 -17.22 15.01 -62.24
N ALA FD 16 -17.60 14.98 -63.51
CA ALA FD 16 -17.00 15.88 -64.49
C ALA FD 16 -17.24 17.32 -64.11
N GLU FD 17 -18.43 17.62 -63.59
CA GLU FD 17 -18.72 18.99 -63.19
C GLU FD 17 -17.84 19.41 -62.02
N ILE FD 18 -17.69 18.53 -61.03
CA ILE FD 18 -16.77 18.82 -59.93
C ILE FD 18 -15.39 19.13 -60.46
N LEU FD 19 -14.90 18.29 -61.37
CA LEU FD 19 -13.56 18.48 -61.90
C LEU FD 19 -13.46 19.79 -62.66
N LYS FD 20 -14.50 20.14 -63.41
CA LYS FD 20 -14.47 21.38 -64.16
C LYS FD 20 -14.44 22.58 -63.24
N ALA FD 21 -15.23 22.55 -62.17
CA ALA FD 21 -15.20 23.65 -61.21
C ALA FD 21 -13.84 23.75 -60.54
N HIS FD 22 -13.26 22.61 -60.19
CA HIS FD 22 -11.93 22.63 -59.57
C HIS FD 22 -10.90 23.19 -60.53
N ALA FD 23 -11.01 22.84 -61.82
CA ALA FD 23 -10.10 23.38 -62.81
C ALA FD 23 -10.26 24.89 -62.94
N GLU FD 24 -11.51 25.35 -62.98
CA GLU FD 24 -11.77 26.78 -63.09
C GLU FD 24 -11.17 27.53 -61.90
N ILE FD 25 -11.38 27.02 -60.69
CA ILE FD 25 -10.89 27.74 -59.53
C ILE FD 25 -9.38 27.67 -59.44
N LEU FD 26 -8.78 26.55 -59.86
CA LEU FD 26 -7.33 26.46 -59.91
C LEU FD 26 -6.74 27.39 -60.95
N LYS FD 27 -7.49 27.66 -62.03
CA LYS FD 27 -7.11 28.71 -62.96
C LYS FD 27 -7.21 30.08 -62.29
N ALA FD 28 -8.27 30.29 -61.51
CA ALA FD 28 -8.39 31.53 -60.75
C ALA FD 28 -7.26 31.66 -59.74
N GLN FD 29 -6.76 30.54 -59.23
CA GLN FD 29 -5.61 30.55 -58.34
C GLN FD 29 -4.36 30.97 -59.09
N GLN GD 1 15.12 -57.47 -42.96
CA GLN GD 1 13.93 -57.74 -42.17
C GLN GD 1 13.23 -56.47 -41.78
N ALA GD 2 13.99 -55.38 -41.66
CA ALA GD 2 13.46 -54.11 -41.16
C ALA GD 2 12.18 -53.73 -41.87
N GLU GD 3 12.11 -53.97 -43.17
CA GLU GD 3 10.92 -53.65 -43.95
C GLU GD 3 9.69 -54.38 -43.41
N ILE GD 4 9.86 -55.61 -42.92
CA ILE GD 4 8.72 -56.36 -42.42
C ILE GD 4 8.14 -55.69 -41.20
N LEU GD 5 9.02 -55.32 -40.26
CA LEU GD 5 8.56 -54.65 -39.06
C LEU GD 5 7.96 -53.29 -39.39
N GLU GD 6 8.51 -52.63 -40.40
CA GLU GD 6 7.91 -51.38 -40.87
C GLU GD 6 6.48 -51.60 -41.33
N ALA GD 7 6.26 -52.68 -42.10
CA ALA GD 7 4.93 -53.00 -42.55
C ALA GD 7 4.00 -53.26 -41.38
N ASP GD 8 4.48 -53.97 -40.36
CA ASP GD 8 3.69 -54.20 -39.16
C ASP GD 8 3.29 -52.88 -38.53
N ALA GD 9 4.25 -51.96 -38.40
CA ALA GD 9 3.95 -50.65 -37.86
C ALA GD 9 2.86 -49.96 -38.67
N ARG GD 10 2.91 -50.11 -40.00
CA ARG GD 10 1.87 -49.50 -40.82
C ARG GD 10 0.52 -50.11 -40.52
N ILE GD 11 0.46 -51.43 -40.35
CA ILE GD 11 -0.80 -52.07 -39.98
C ILE GD 11 -1.35 -51.45 -38.71
N LEU GD 12 -0.50 -51.30 -37.71
CA LEU GD 12 -0.97 -50.80 -36.42
C LEU GD 12 -1.44 -49.36 -36.54
N ARG GD 13 -0.71 -48.53 -37.29
CA ARG GD 13 -1.15 -47.16 -37.50
C ARG GD 13 -2.51 -47.13 -38.18
N ALA GD 14 -2.73 -48.04 -39.12
CA ALA GD 14 -4.03 -48.08 -39.78
C ALA GD 14 -5.13 -48.41 -38.79
N TYR GD 15 -4.88 -49.38 -37.92
CA TYR GD 15 -5.89 -49.68 -36.89
C TYR GD 15 -6.14 -48.47 -36.01
N ALA GD 16 -5.09 -47.73 -35.69
CA ALA GD 16 -5.26 -46.51 -34.93
C ALA GD 16 -6.15 -45.52 -35.66
N GLU GD 17 -5.97 -45.41 -36.98
CA GLU GD 17 -6.83 -44.54 -37.76
C GLU GD 17 -8.29 -44.96 -37.65
N ILE GD 18 -8.53 -46.28 -37.70
CA ILE GD 18 -9.88 -46.79 -37.54
C ILE GD 18 -10.47 -46.29 -36.22
N LEU GD 19 -9.74 -46.52 -35.14
CA LEU GD 19 -10.27 -46.17 -33.82
C LEU GD 19 -10.51 -44.67 -33.70
N LYS GD 20 -9.58 -43.88 -34.23
CA LYS GD 20 -9.72 -42.44 -34.12
C LYS GD 20 -10.93 -41.94 -34.89
N ALA GD 21 -11.14 -42.47 -36.09
CA ALA GD 21 -12.33 -42.09 -36.84
C ALA GD 21 -13.60 -42.49 -36.11
N HIS GD 22 -13.59 -43.68 -35.50
CA HIS GD 22 -14.77 -44.10 -34.75
C HIS GD 22 -15.05 -43.15 -33.59
N ALA GD 23 -14.00 -42.69 -32.93
CA ALA GD 23 -14.16 -41.70 -31.87
C ALA GD 23 -14.77 -40.43 -32.40
N GLU GD 24 -14.30 -39.98 -33.56
CA GLU GD 24 -14.84 -38.76 -34.14
C GLU GD 24 -16.33 -38.94 -34.45
N ILE GD 25 -16.69 -40.12 -34.97
CA ILE GD 25 -18.10 -40.45 -35.15
C ILE GD 25 -18.86 -40.23 -33.85
N LEU GD 26 -18.45 -40.94 -32.81
CA LEU GD 26 -19.19 -40.92 -31.55
C LEU GD 26 -19.30 -39.53 -31.00
N LYS GD 27 -18.27 -38.70 -31.17
CA LYS GD 27 -18.35 -37.32 -30.73
C LYS GD 27 -19.40 -36.57 -31.54
N ALA GD 28 -19.45 -36.82 -32.85
CA ALA GD 28 -20.36 -36.04 -33.69
C ALA GD 28 -21.82 -36.28 -33.33
N GLN GD 29 -22.15 -37.48 -32.85
CA GLN GD 29 -23.54 -37.81 -32.57
C GLN GD 29 -24.13 -36.87 -31.54
N GLN HD 1 7.58 -64.32 -36.34
CA GLN HD 1 6.75 -63.13 -36.50
C GLN HD 1 5.30 -63.52 -36.64
N ALA HD 2 5.04 -64.78 -36.94
CA ALA HD 2 3.67 -65.25 -37.09
C ALA HD 2 2.84 -64.98 -35.84
N GLU HD 3 3.49 -64.96 -34.67
CA GLU HD 3 2.80 -64.60 -33.45
C GLU HD 3 2.24 -63.18 -33.53
N ILE HD 4 2.98 -62.27 -34.14
CA ILE HD 4 2.49 -60.90 -34.30
C ILE HD 4 1.23 -60.90 -35.16
N LEU HD 5 1.25 -61.69 -36.23
CA LEU HD 5 0.09 -61.73 -37.12
C LEU HD 5 -1.10 -62.34 -36.42
N GLU HD 6 -0.87 -63.37 -35.61
CA GLU HD 6 -1.95 -63.93 -34.81
C GLU HD 6 -2.52 -62.90 -33.85
N ALA HD 7 -1.65 -62.11 -33.23
CA ALA HD 7 -2.11 -61.05 -32.35
C ALA HD 7 -2.98 -60.05 -33.10
N ASP HD 8 -2.56 -59.70 -34.32
CA ASP HD 8 -3.36 -58.80 -35.14
C ASP HD 8 -4.71 -59.40 -35.43
N ALA HD 9 -4.75 -60.68 -35.78
CA ALA HD 9 -6.01 -61.35 -36.02
C ALA HD 9 -6.90 -61.26 -34.79
N ARG HD 10 -6.33 -61.49 -33.61
CA ARG HD 10 -7.10 -61.40 -32.38
C ARG HD 10 -7.67 -60.00 -32.19
N ILE HD 11 -6.84 -58.98 -32.40
CA ILE HD 11 -7.29 -57.60 -32.22
C ILE HD 11 -8.46 -57.32 -33.13
N LEU HD 12 -8.35 -57.72 -34.40
CA LEU HD 12 -9.41 -57.42 -35.35
C LEU HD 12 -10.68 -58.20 -35.00
N ARG HD 13 -10.54 -59.45 -34.56
CA ARG HD 13 -11.72 -60.19 -34.13
C ARG HD 13 -12.42 -59.47 -32.98
N ALA HD 14 -11.64 -59.00 -32.02
CA ALA HD 14 -12.23 -58.30 -30.88
C ALA HD 14 -12.94 -57.03 -31.32
N TYR HD 15 -12.32 -56.28 -32.23
CA TYR HD 15 -12.96 -55.06 -32.71
C TYR HD 15 -14.25 -55.40 -33.44
N ALA HD 16 -14.24 -56.45 -34.24
CA ALA HD 16 -15.45 -56.88 -34.93
C ALA HD 16 -16.52 -57.25 -33.93
N GLU HD 17 -16.13 -57.87 -32.83
CA GLU HD 17 -17.11 -58.23 -31.81
C GLU HD 17 -17.72 -57.00 -31.17
N ILE HD 18 -16.89 -56.01 -30.84
CA ILE HD 18 -17.40 -54.76 -30.33
C ILE HD 18 -18.42 -54.16 -31.29
N LEU HD 19 -18.06 -54.13 -32.57
CA LEU HD 19 -18.94 -53.53 -33.57
C LEU HD 19 -20.24 -54.31 -33.68
N LYS HD 20 -20.17 -55.63 -33.60
CA LYS HD 20 -21.37 -56.45 -33.71
C LYS HD 20 -22.29 -56.20 -32.51
N ALA HD 21 -21.72 -56.10 -31.32
CA ALA HD 21 -22.54 -55.80 -30.14
C ALA HD 21 -23.18 -54.44 -30.26
N HIS HD 22 -22.42 -53.45 -30.72
CA HIS HD 22 -22.96 -52.11 -30.90
C HIS HD 22 -24.08 -52.12 -31.92
N ALA HD 23 -23.91 -52.90 -32.98
CA ALA HD 23 -24.94 -53.01 -34.01
C ALA HD 23 -26.21 -53.63 -33.44
N GLU HD 24 -26.06 -54.72 -32.69
CA GLU HD 24 -27.22 -55.38 -32.12
C GLU HD 24 -27.96 -54.46 -31.15
N ILE HD 25 -27.21 -53.74 -30.31
CA ILE HD 25 -27.88 -52.89 -29.33
C ILE HD 25 -28.53 -51.69 -30.02
N LEU HD 26 -27.92 -51.18 -31.09
CA LEU HD 26 -28.54 -50.11 -31.85
C LEU HD 26 -29.78 -50.59 -32.58
N LYS HD 27 -29.80 -51.86 -32.99
CA LYS HD 27 -31.03 -52.44 -33.51
C LYS HD 27 -32.08 -52.56 -32.42
N ALA HD 28 -31.67 -52.91 -31.20
CA ALA HD 28 -32.59 -52.93 -30.08
C ALA HD 28 -33.11 -51.53 -29.79
N GLN HD 29 -32.29 -50.52 -30.03
CA GLN HD 29 -32.70 -49.13 -29.88
C GLN HD 29 -33.78 -48.78 -30.89
N GLN ID 1 36.00 1.33 -63.85
CA GLN ID 1 36.91 1.06 -62.75
C GLN ID 1 36.18 0.47 -61.56
N ALA ID 2 34.88 0.73 -61.48
CA ALA ID 2 34.10 0.25 -60.35
C ALA ID 2 34.26 -1.26 -60.17
N GLU ID 3 34.37 -1.98 -61.27
CA GLU ID 3 34.58 -3.42 -61.21
C GLU ID 3 35.85 -3.77 -60.43
N ILE ID 4 36.92 -3.01 -60.63
CA ILE ID 4 38.17 -3.30 -59.95
C ILE ID 4 38.01 -3.14 -58.45
N LEU ID 5 37.37 -2.05 -58.05
CA LEU ID 5 37.16 -1.80 -56.64
C LEU ID 5 36.26 -2.87 -56.03
N GLU ID 6 35.25 -3.30 -56.78
CA GLU ID 6 34.42 -4.40 -56.32
C GLU ID 6 35.26 -5.65 -56.08
N ALA ID 7 36.19 -5.94 -56.99
CA ALA ID 7 37.05 -7.10 -56.81
C ALA ID 7 37.90 -6.96 -55.55
N ASP ID 8 38.44 -5.77 -55.31
CA ASP ID 8 39.18 -5.55 -54.07
C ASP ID 8 38.32 -5.83 -52.85
N ALA ID 9 37.09 -5.33 -52.87
CA ALA ID 9 36.16 -5.59 -51.78
C ALA ID 9 35.98 -7.08 -51.58
N ARG ID 10 35.87 -7.83 -52.68
CA ARG ID 10 35.71 -9.28 -52.53
C ARG ID 10 36.93 -9.90 -51.89
N ILE ID 11 38.13 -9.46 -52.28
CA ILE ID 11 39.35 -9.95 -51.64
C ILE ID 11 39.26 -9.75 -50.13
N LEU ID 12 38.90 -8.54 -49.72
CA LEU ID 12 38.88 -8.23 -48.30
C LEU ID 12 37.84 -9.07 -47.57
N ARG ID 13 36.66 -9.23 -48.18
CA ARG ID 13 35.65 -10.07 -47.56
C ARG ID 13 36.15 -11.49 -47.39
N ALA ID 14 36.89 -11.99 -48.37
CA ALA ID 14 37.44 -13.34 -48.25
C ALA ID 14 38.40 -13.43 -47.08
N TYR ID 15 39.26 -12.44 -46.93
CA TYR ID 15 40.18 -12.46 -45.79
C TYR ID 15 39.41 -12.44 -44.48
N ALA ID 16 38.35 -11.64 -44.42
CA ALA ID 16 37.52 -11.61 -43.23
C ALA ID 16 36.93 -12.99 -42.96
N GLU ID 17 36.51 -13.68 -44.00
CA GLU ID 17 35.98 -15.03 -43.85
C GLU ID 17 37.03 -15.94 -43.24
N ILE ID 18 38.28 -15.80 -43.70
CA ILE ID 18 39.37 -16.58 -43.13
C ILE ID 18 39.44 -16.36 -41.64
N LEU ID 19 39.48 -15.09 -41.23
CA LEU ID 19 39.63 -14.80 -39.80
C LEU ID 19 38.45 -15.35 -39.01
N LYS ID 20 37.24 -15.22 -39.56
CA LYS ID 20 36.07 -15.70 -38.84
C LYS ID 20 36.12 -17.21 -38.65
N ALA ID 21 36.51 -17.94 -39.69
CA ALA ID 21 36.64 -19.38 -39.54
C ALA ID 21 37.73 -19.74 -38.54
N HIS ID 22 38.80 -18.95 -38.51
CA HIS ID 22 39.84 -19.21 -37.52
C HIS ID 22 39.29 -19.02 -36.11
N ALA ID 23 38.44 -18.01 -35.92
CA ALA ID 23 37.79 -17.83 -34.63
C ALA ID 23 36.93 -19.02 -34.28
N GLU ID 24 36.20 -19.53 -35.27
CA GLU ID 24 35.41 -20.74 -35.06
C GLU ID 24 36.28 -21.88 -34.54
N ILE ID 25 37.40 -22.12 -35.23
CA ILE ID 25 38.34 -23.14 -34.79
C ILE ID 25 38.71 -22.93 -33.33
N LEU ID 26 39.21 -21.73 -33.03
CA LEU ID 26 39.76 -21.48 -31.71
C LEU ID 26 38.71 -21.66 -30.62
N LYS ID 27 37.48 -21.20 -30.88
CA LYS ID 27 36.41 -21.42 -29.92
C LYS ID 27 36.15 -22.90 -29.73
N ALA ID 28 36.18 -23.67 -30.82
CA ALA ID 28 35.83 -25.08 -30.73
C ALA ID 28 36.77 -25.84 -29.81
N GLN ID 29 38.03 -25.41 -29.72
CA GLN ID 29 39.01 -26.13 -28.92
C GLN ID 29 38.58 -26.24 -27.48
N GLN JD 1 46.45 1.95 -57.93
CA GLN JD 1 45.80 0.91 -57.15
C GLN JD 1 46.79 -0.11 -56.65
N ALA JD 2 47.96 -0.14 -57.30
CA ALA JD 2 48.99 -1.11 -56.90
C ALA JD 2 49.35 -0.97 -55.43
N GLU JD 3 49.18 0.23 -54.87
CA GLU JD 3 49.40 0.41 -53.45
C GLU JD 3 48.47 -0.48 -52.64
N ILE JD 4 47.21 -0.60 -53.05
CA ILE JD 4 46.29 -1.48 -52.36
C ILE JD 4 46.78 -2.91 -52.43
N LEU JD 5 47.34 -3.30 -53.58
CA LEU JD 5 47.82 -4.66 -53.74
C LEU JD 5 49.01 -4.92 -52.84
N GLU JD 6 49.94 -3.98 -52.76
CA GLU JD 6 51.05 -4.12 -51.83
C GLU JD 6 50.55 -4.21 -50.40
N ALA JD 7 49.51 -3.43 -50.08
CA ALA JD 7 48.97 -3.44 -48.72
C ALA JD 7 48.42 -4.82 -48.37
N ASP JD 8 47.57 -5.37 -49.23
CA ASP JD 8 47.01 -6.68 -48.91
C ASP JD 8 48.08 -7.76 -48.95
N ALA JD 9 49.11 -7.59 -49.78
CA ALA JD 9 50.24 -8.51 -49.73
C ALA JD 9 50.88 -8.50 -48.36
N ARG JD 10 51.09 -7.30 -47.81
CA ARG JD 10 51.61 -7.19 -46.45
C ARG JD 10 50.70 -7.88 -45.46
N ILE JD 11 49.38 -7.67 -45.61
CA ILE JD 11 48.42 -8.29 -44.70
C ILE JD 11 48.59 -9.80 -44.70
N LEU JD 12 48.66 -10.39 -45.89
CA LEU JD 12 48.77 -11.83 -45.98
C LEU JD 12 50.10 -12.32 -45.43
N ARG JD 13 51.18 -11.58 -45.67
CA ARG JD 13 52.46 -11.95 -45.09
C ARG JD 13 52.37 -11.98 -43.57
N ALA JD 14 51.75 -10.95 -42.99
CA ALA JD 14 51.63 -10.90 -41.54
C ALA JD 14 50.78 -12.05 -41.02
N TYR JD 15 49.70 -12.37 -41.71
CA TYR JD 15 48.87 -13.48 -41.27
C TYR JD 15 49.65 -14.78 -41.33
N ALA JD 16 50.42 -14.97 -42.40
CA ALA JD 16 51.26 -16.16 -42.49
C ALA JD 16 52.26 -16.21 -41.35
N GLU JD 17 52.79 -15.06 -40.95
CA GLU JD 17 53.72 -15.04 -39.85
C GLU JD 17 53.05 -15.44 -38.55
N ILE JD 18 51.86 -14.93 -38.31
CA ILE JD 18 51.09 -15.34 -37.12
C ILE JD 18 50.90 -16.85 -37.13
N LEU JD 19 50.50 -17.39 -38.27
CA LEU JD 19 50.26 -18.82 -38.36
C LEU JD 19 51.53 -19.62 -38.11
N LYS JD 20 52.65 -19.15 -38.65
CA LYS JD 20 53.92 -19.86 -38.45
C LYS JD 20 54.31 -19.84 -36.98
N ALA JD 21 54.09 -18.71 -36.30
CA ALA JD 21 54.41 -18.63 -34.89
C ALA JD 21 53.55 -19.59 -34.08
N HIS JD 22 52.25 -19.58 -34.35
CA HIS JD 22 51.35 -20.50 -33.66
C HIS JD 22 51.73 -21.95 -33.94
N ALA JD 23 52.21 -22.21 -35.16
CA ALA JD 23 52.64 -23.56 -35.52
C ALA JD 23 53.86 -23.99 -34.72
N GLU JD 24 54.87 -23.13 -34.67
CA GLU JD 24 56.06 -23.44 -33.89
C GLU JD 24 55.70 -23.63 -32.42
N ILE JD 25 54.76 -22.83 -31.91
CA ILE JD 25 54.34 -22.98 -30.52
C ILE JD 25 53.71 -24.35 -30.30
N LEU JD 26 52.72 -24.68 -31.14
CA LEU JD 26 52.05 -25.98 -31.01
C LEU JD 26 53.02 -27.13 -31.19
N LYS JD 27 54.11 -26.90 -31.95
CA LYS JD 27 55.17 -27.89 -32.04
C LYS JD 27 55.92 -28.00 -30.72
N ALA JD 28 56.21 -26.85 -30.09
CA ALA JD 28 56.85 -26.87 -28.78
C ALA JD 28 55.94 -27.51 -27.74
N GLN JD 29 54.63 -27.32 -27.90
CA GLN JD 29 53.67 -27.94 -27.01
C GLN JD 29 53.69 -29.46 -27.15
N GLN KD 1 20.82 42.95 33.57
CA GLN KD 1 21.77 42.80 34.66
C GLN KD 1 21.13 42.15 35.88
N ALA KD 2 19.81 42.35 36.00
CA ALA KD 2 19.10 41.83 37.16
C ALA KD 2 19.36 40.34 37.35
N GLU KD 3 19.47 39.61 36.25
CA GLU KD 3 19.79 38.19 36.31
C GLU KD 3 21.09 37.94 37.06
N ILE KD 4 22.11 38.78 36.81
CA ILE KD 4 23.40 38.58 37.45
C ILE KD 4 23.27 38.75 38.95
N LEU KD 5 22.56 39.80 39.36
CA LEU KD 5 22.37 40.05 40.78
C LEU KD 5 21.58 38.93 41.44
N GLU KD 6 20.58 38.41 40.73
CA GLU KD 6 19.85 37.26 41.24
C GLU KD 6 20.79 36.07 41.44
N ALA KD 7 21.70 35.85 40.50
CA ALA KD 7 22.66 34.78 40.64
C ALA KD 7 23.53 34.98 41.88
N ASP KD 8 23.98 36.20 42.11
CA ASP KD 8 24.75 36.48 43.31
C ASP KD 8 23.95 36.14 44.56
N ALA KD 9 22.68 36.55 44.57
CA ALA KD 9 21.81 36.22 45.70
C ALA KD 9 21.76 34.72 45.91
N ARG KD 10 21.68 33.96 44.83
CA ARG KD 10 21.63 32.51 44.96
C ARG KD 10 22.93 31.99 45.57
N ILE KD 11 24.06 32.53 45.16
CA ILE KD 11 25.34 32.14 45.75
C ILE KD 11 25.29 32.34 47.25
N LEU KD 12 24.83 33.51 47.68
CA LEU KD 12 24.85 33.82 49.10
C LEU KD 12 23.89 32.91 49.87
N ARG KD 13 22.72 32.65 49.31
CA ARG KD 13 21.79 31.74 49.95
C ARG KD 13 22.41 30.36 50.10
N ALA KD 14 23.15 29.92 49.09
CA ALA KD 14 23.81 28.61 49.19
C ALA KD 14 24.82 28.60 50.32
N TYR KD 15 25.61 29.67 50.43
CA TYR KD 15 26.54 29.75 51.56
C TYR KD 15 25.80 29.67 52.88
N ALA KD 16 24.66 30.35 52.97
CA ALA KD 16 23.86 30.29 54.18
C ALA KD 16 23.43 28.86 54.46
N GLU KD 17 23.06 28.12 53.40
CA GLU KD 17 22.67 26.73 53.59
C GLU KD 17 23.81 25.92 54.18
N ILE KD 18 25.02 26.11 53.64
CA ILE KD 18 26.19 25.45 54.19
C ILE KD 18 26.29 25.73 55.69
N LEU KD 19 26.22 27.01 56.03
CA LEU KD 19 26.50 27.41 57.39
C LEU KD 19 25.44 26.84 58.34
N LYS KD 20 24.19 26.87 57.91
CA LYS KD 20 23.11 26.34 58.73
C LYS KD 20 23.24 24.84 58.93
N ALA KD 21 23.62 24.12 57.88
CA ALA KD 21 23.83 22.69 58.05
C ALA KD 21 24.96 22.43 59.03
N HIS KD 22 26.02 23.23 58.98
CA HIS KD 22 27.10 23.07 59.96
C HIS KD 22 26.57 23.29 61.36
N ALA KD 23 25.69 24.28 61.52
CA ALA KD 23 25.05 24.50 62.81
C ALA KD 23 24.31 23.25 63.27
N GLU KD 24 23.56 22.65 62.36
CA GLU KD 24 22.78 21.49 62.74
C GLU KD 24 23.68 20.34 63.16
N ILE KD 25 24.79 20.17 62.44
CA ILE KD 25 25.82 19.22 62.87
C ILE KD 25 26.20 19.49 64.31
N LEU KD 26 26.70 20.69 64.57
CA LEU KD 26 27.24 21.00 65.88
C LEU KD 26 26.22 20.78 66.98
N LYS KD 27 24.95 21.09 66.70
CA LYS KD 27 23.91 20.81 67.67
C LYS KD 27 23.78 19.31 67.90
N ALA KD 28 23.85 18.52 66.82
CA ALA KD 28 23.59 17.09 66.96
C ALA KD 28 24.63 16.40 67.82
N GLN KD 29 25.87 16.90 67.83
CA GLN KD 29 26.94 16.24 68.57
C GLN KD 29 26.61 16.15 70.05
N GLN LD 1 31.37 44.52 39.21
CA GLN LD 1 30.81 43.40 39.97
C GLN LD 1 31.90 42.44 40.40
N ALA LD 2 33.05 42.53 39.74
CA ALA LD 2 34.17 41.65 40.08
C ALA LD 2 34.56 41.79 41.54
N GLU LD 3 34.34 42.96 42.13
CA GLU LD 3 34.59 43.14 43.54
C GLU LD 3 33.72 42.21 44.38
N ILE LD 4 32.47 42.02 43.96
CA ILE LD 4 31.59 41.09 44.68
C ILE LD 4 32.16 39.68 44.61
N LEU LD 5 32.66 39.29 43.45
CA LEU LD 5 33.21 37.95 43.30
C LEU LD 5 34.46 37.78 44.15
N GLU LD 6 35.30 38.81 44.21
CA GLU LD 6 36.46 38.75 45.08
C GLU LD 6 36.05 38.63 46.54
N ALA LD 7 34.98 39.34 46.93
CA ALA LD 7 34.49 39.22 48.29
C ALA LD 7 34.03 37.80 48.57
N ASP LD 8 33.32 37.19 47.62
CA ASP LD 8 32.91 35.80 47.79
C ASP LD 8 34.11 34.89 47.94
N ALA LD 9 35.14 35.12 47.13
CA ALA LD 9 36.36 34.34 47.26
C ALA LD 9 36.93 34.46 48.66
N ARG LD 10 36.96 35.69 49.18
CA ARG LD 10 37.47 35.91 50.53
C ARG LD 10 36.66 35.14 51.56
N ILE LD 11 35.33 35.22 51.43
CA ILE LD 11 34.46 34.53 52.39
C ILE LD 11 34.74 33.05 52.38
N LEU LD 12 34.85 32.47 51.20
CA LEU LD 12 35.07 31.04 51.12
C LEU LD 12 36.45 30.66 51.64
N ARG LD 13 37.47 31.47 51.37
CA ARG LD 13 38.77 31.21 51.94
C ARG LD 13 38.72 31.20 53.46
N ALA LD 14 38.02 32.18 54.02
CA ALA LD 14 37.92 32.25 55.48
C ALA LD 14 37.20 31.04 56.04
N TYR LD 15 36.11 30.63 55.38
CA TYR LD 15 35.40 29.44 55.85
C TYR LD 15 36.28 28.21 55.77
N ALA LD 16 37.04 28.09 54.69
CA ALA LD 16 37.97 26.97 54.57
C ALA LD 16 39.00 27.00 55.69
N GLU LD 17 39.45 28.20 56.07
CA GLU LD 17 40.41 28.29 57.15
C GLU LD 17 39.81 27.86 58.47
N ILE LD 18 38.56 28.28 58.74
CA ILE LD 18 37.88 27.81 59.93
C ILE LD 18 37.82 26.30 59.95
N LEU LD 19 37.42 25.71 58.82
CA LEU LD 19 37.29 24.26 58.75
C LEU LD 19 38.63 23.58 58.96
N LYS LD 20 39.69 24.16 58.40
CA LYS LD 20 41.01 23.56 58.56
C LYS LD 20 41.46 23.60 60.01
N ALA LD 21 41.23 24.72 60.69
CA ALA LD 21 41.59 24.80 62.09
C ALA LD 21 40.78 23.82 62.92
N HIS LD 22 39.49 23.69 62.62
CA HIS LD 22 38.66 22.73 63.33
C HIS LD 22 39.15 21.30 63.10
N ALA LD 23 39.57 21.01 61.88
CA ALA LD 23 40.11 19.69 61.57
C ALA LD 23 41.39 19.44 62.34
N GLU LD 24 42.27 20.43 62.38
CA GLU LD 24 43.53 20.30 63.10
C GLU LD 24 43.28 20.04 64.57
N ILE LD 25 42.37 20.80 65.19
CA ILE LD 25 42.15 20.63 66.62
C ILE LD 25 41.43 19.31 66.90
N LEU LD 26 40.54 18.89 66.01
CA LEU LD 26 39.91 17.59 66.18
C LEU LD 26 40.91 16.45 66.02
N LYS LD 27 41.94 16.65 65.21
CA LYS LD 27 43.06 15.71 65.18
C LYS LD 27 43.83 15.75 66.48
N ALA LD 28 44.02 16.94 67.05
CA ALA LD 28 44.64 17.05 68.36
C ALA LD 28 43.79 16.38 69.43
N GLN LD 29 42.48 16.39 69.25
CA GLN LD 29 41.57 15.69 70.15
C GLN LD 29 41.77 14.19 70.03
N GLN MD 1 -42.06 23.16 33.19
CA GLN MD 1 -42.17 24.58 33.45
C GLN MD 1 -41.09 25.07 34.39
N ALA MD 2 -40.63 24.18 35.26
CA ALA MD 2 -39.70 24.57 36.31
C ALA MD 2 -38.53 25.35 35.77
N GLU MD 3 -38.04 24.98 34.59
CA GLU MD 3 -36.93 25.68 33.96
C GLU MD 3 -37.25 27.16 33.75
N ILE MD 4 -38.51 27.46 33.41
CA ILE MD 4 -38.87 28.85 33.15
C ILE MD 4 -38.73 29.68 34.43
N LEU MD 5 -39.26 29.16 35.52
CA LEU MD 5 -39.15 29.88 36.79
C LEU MD 5 -37.71 29.97 37.22
N GLU MD 6 -36.92 28.94 36.93
CA GLU MD 6 -35.49 29.02 37.21
C GLU MD 6 -34.85 30.17 36.46
N ALA MD 7 -35.21 30.32 35.19
CA ALA MD 7 -34.69 31.44 34.40
C ALA MD 7 -35.10 32.77 35.01
N ASP MD 8 -36.34 32.88 35.45
CA ASP MD 8 -36.79 34.10 36.12
C ASP MD 8 -35.92 34.39 37.33
N ALA MD 9 -35.68 33.36 38.15
CA ALA MD 9 -34.81 33.54 39.31
C ALA MD 9 -33.44 34.05 38.89
N ARG MD 10 -32.92 33.54 37.78
CA ARG MD 10 -31.62 34.02 37.31
C ARG MD 10 -31.69 35.49 36.95
N ILE MD 11 -32.76 35.90 36.29
CA ILE MD 11 -32.93 37.32 35.97
C ILE MD 11 -32.86 38.15 37.23
N LEU MD 12 -33.59 37.73 38.25
CA LEU MD 12 -33.65 38.53 39.47
C LEU MD 12 -32.29 38.57 40.17
N ARG MD 13 -31.58 37.45 40.20
CA ARG MD 13 -30.25 37.45 40.78
C ARG MD 13 -29.33 38.39 40.03
N ALA MD 14 -29.47 38.45 38.70
CA ALA MD 14 -28.66 39.38 37.94
C ALA MD 14 -28.95 40.82 38.33
N TYR MD 15 -30.23 41.15 38.48
CA TYR MD 15 -30.56 42.50 38.92
C TYR MD 15 -29.97 42.79 40.29
N ALA MD 16 -29.98 41.79 41.16
CA ALA MD 16 -29.35 41.95 42.47
C ALA MD 16 -27.87 42.25 42.32
N GLU MD 17 -27.21 41.56 41.39
CA GLU MD 17 -25.79 41.84 41.15
C GLU MD 17 -25.60 43.28 40.73
N ILE MD 18 -26.47 43.77 39.86
CA ILE MD 18 -26.40 45.18 39.45
C ILE MD 18 -26.43 46.08 40.67
N LEU MD 19 -27.45 45.90 41.51
CA LEU MD 19 -27.61 46.78 42.66
C LEU MD 19 -26.43 46.70 43.60
N LYS MD 20 -25.93 45.48 43.83
CA LYS MD 20 -24.82 45.33 44.75
C LYS MD 20 -23.57 46.01 44.23
N ALA MD 21 -23.29 45.87 42.94
CA ALA MD 21 -22.14 46.55 42.37
C ALA MD 21 -22.30 48.06 42.49
N HIS MD 22 -23.52 48.56 42.25
CA HIS MD 22 -23.75 49.99 42.38
C HIS MD 22 -23.46 50.46 43.80
N ALA MD 23 -23.86 49.66 44.78
CA ALA MD 23 -23.58 49.98 46.17
C ALA MD 23 -22.08 50.04 46.40
N GLU MD 24 -21.35 49.07 45.86
CA GLU MD 24 -19.91 49.06 46.03
C GLU MD 24 -19.29 50.32 45.42
N ILE MD 25 -19.79 50.72 44.26
CA ILE MD 25 -19.38 52.00 43.67
C ILE MD 25 -19.55 53.11 44.68
N LEU MD 26 -20.78 53.30 45.14
CA LEU MD 26 -21.10 54.43 46.00
C LEU MD 26 -20.24 54.42 47.26
N LYS MD 27 -19.95 53.24 47.80
CA LYS MD 27 -19.07 53.16 48.94
C LYS MD 27 -17.66 53.62 48.59
N ALA MD 28 -17.19 53.23 47.41
CA ALA MD 28 -15.81 53.55 47.05
C ALA MD 28 -15.58 55.05 46.92
N GLN MD 29 -16.60 55.80 46.52
CA GLN MD 29 -16.44 57.24 46.32
C GLN MD 29 -15.98 57.94 47.57
N GLN ND 1 -47.55 34.00 32.96
CA GLN ND 1 -46.22 34.41 33.39
C GLN ND 1 -45.84 35.75 32.81
N ALA ND 2 -46.57 36.16 31.76
CA ALA ND 2 -46.29 37.44 31.13
C ALA ND 2 -46.37 38.59 32.13
N GLU ND 3 -47.20 38.44 33.16
CA GLU ND 3 -47.24 39.44 34.22
C GLU ND 3 -45.89 39.59 34.90
N ILE ND 4 -45.19 38.48 35.11
CA ILE ND 4 -43.86 38.55 35.71
C ILE ND 4 -42.93 39.34 34.81
N LEU ND 5 -43.01 39.12 33.51
CA LEU ND 5 -42.13 39.82 32.59
C LEU ND 5 -42.46 41.31 32.56
N GLU ND 6 -43.74 41.64 32.63
CA GLU ND 6 -44.13 43.04 32.72
C GLU ND 6 -43.58 43.68 33.99
N ALA ND 7 -43.64 42.94 35.10
CA ALA ND 7 -43.07 43.45 36.34
C ALA ND 7 -41.59 43.71 36.20
N ASP ND 8 -40.88 42.79 35.53
CA ASP ND 8 -39.45 42.99 35.29
C ASP ND 8 -39.22 44.24 34.46
N ALA ND 9 -40.03 44.44 33.42
CA ALA ND 9 -39.90 45.63 32.61
C ALA ND 9 -40.09 46.88 33.47
N ARG ND 10 -41.08 46.86 34.36
CA ARG ND 10 -41.30 47.99 35.24
C ARG ND 10 -40.10 48.25 36.12
N ILE ND 11 -39.55 47.19 36.72
CA ILE ND 11 -38.40 47.34 37.60
C ILE ND 11 -37.24 47.99 36.84
N LEU ND 12 -36.97 47.50 35.64
CA LEU ND 12 -35.85 48.03 34.89
C LEU ND 12 -36.10 49.47 34.46
N ARG ND 13 -37.33 49.81 34.10
CA ARG ND 13 -37.63 51.20 33.78
C ARG ND 13 -37.37 52.10 34.99
N ALA ND 14 -37.80 51.64 36.17
CA ALA ND 14 -37.59 52.44 37.36
C ALA ND 14 -36.11 52.62 37.65
N TYR ND 15 -35.33 51.55 37.51
CA TYR ND 15 -33.90 51.66 37.74
C TYR ND 15 -33.27 52.62 36.74
N ALA ND 16 -33.69 52.55 35.48
CA ALA ND 16 -33.18 53.47 34.49
C ALA ND 16 -33.52 54.91 34.85
N GLU ND 17 -34.71 55.12 35.42
CA GLU ND 17 -35.10 56.46 35.81
C GLU ND 17 -34.22 56.96 36.95
N ILE ND 18 -33.96 56.11 37.94
CA ILE ND 18 -33.04 56.48 39.01
C ILE ND 18 -31.70 56.88 38.43
N LEU ND 19 -31.18 56.07 37.51
CA LEU ND 19 -29.88 56.35 36.94
C LEU ND 19 -29.89 57.66 36.16
N LYS ND 20 -30.97 57.92 35.44
CA LYS ND 20 -31.06 59.15 34.67
C LYS ND 20 -31.08 60.37 35.58
N ALA ND 21 -31.83 60.28 36.67
CA ALA ND 21 -31.87 61.38 37.63
C ALA ND 21 -30.50 61.61 38.24
N HIS ND 22 -29.81 60.53 38.61
CA HIS ND 22 -28.48 60.65 39.18
C HIS ND 22 -27.52 61.26 38.17
N ALA ND 23 -27.67 60.88 36.90
CA ALA ND 23 -26.82 61.45 35.85
C ALA ND 23 -27.07 62.94 35.70
N GLU ND 24 -28.34 63.35 35.66
CA GLU ND 24 -28.65 64.76 35.51
C GLU ND 24 -28.13 65.57 36.69
N ILE ND 25 -28.29 65.06 37.91
CA ILE ND 25 -27.86 65.82 39.07
C ILE ND 25 -26.34 65.87 39.13
N LEU ND 26 -25.66 64.79 38.72
CA LEU ND 26 -24.20 64.82 38.65
C LEU ND 26 -23.71 65.78 37.57
N LYS ND 27 -24.48 65.93 36.49
CA LYS ND 27 -24.17 66.97 35.52
C LYS ND 27 -24.36 68.36 36.12
N ALA ND 28 -25.41 68.52 36.92
CA ALA ND 28 -25.61 69.78 37.64
C ALA ND 28 -24.47 70.03 38.61
N GLN ND 29 -23.91 68.96 39.17
CA GLN ND 29 -22.75 69.07 40.05
C GLN ND 29 -21.54 69.58 39.28
N GLN OD 1 5.00 -16.98 55.64
CA GLN OD 1 3.88 -17.32 56.51
C GLN OD 1 3.13 -16.09 56.96
N ALA OD 2 3.81 -14.95 56.95
CA ALA OD 2 3.20 -13.71 57.41
C ALA OD 2 1.89 -13.43 56.68
N GLU OD 3 1.84 -13.79 55.40
CA GLU OD 3 0.62 -13.62 54.62
C GLU OD 3 -0.55 -14.38 55.25
N ILE OD 4 -0.31 -15.59 55.74
CA ILE OD 4 -1.38 -16.40 56.31
C ILE OD 4 -1.93 -15.73 57.55
N LEU OD 5 -1.03 -15.24 58.40
CA LEU OD 5 -1.45 -14.59 59.62
C LEU OD 5 -2.21 -13.30 59.31
N GLU OD 6 -1.76 -12.58 58.28
CA GLU OD 6 -2.50 -11.42 57.84
C GLU OD 6 -3.91 -11.78 57.42
N ALA OD 7 -4.05 -12.90 56.71
CA ALA OD 7 -5.38 -13.35 56.30
C ALA OD 7 -6.25 -13.65 57.51
N ASP OD 8 -5.68 -14.31 58.52
CA ASP OD 8 -6.42 -14.58 59.74
C ASP OD 8 -6.89 -13.27 60.38
N ALA OD 9 -5.99 -12.30 60.44
CA ALA OD 9 -6.37 -10.99 60.98
C ALA OD 9 -7.54 -10.41 60.22
N ARG OD 10 -7.53 -10.55 58.90
CA ARG OD 10 -8.64 -10.03 58.11
C ARG OD 10 -9.94 -10.74 58.46
N ILE OD 11 -9.89 -12.05 58.63
CA ILE OD 11 -11.08 -12.79 59.04
C ILE OD 11 -11.64 -12.20 60.33
N LEU OD 12 -10.76 -11.99 61.31
CA LEU OD 12 -11.23 -11.52 62.60
C LEU OD 12 -11.80 -10.11 62.49
N ARG OD 13 -11.15 -9.24 61.71
CA ARG OD 13 -11.70 -7.90 61.51
C ARG OD 13 -13.07 -7.97 60.89
N ALA OD 14 -13.26 -8.89 59.95
CA ALA OD 14 -14.58 -9.02 59.33
C ALA OD 14 -15.63 -9.42 60.37
N TYR OD 15 -15.30 -10.37 61.23
CA TYR OD 15 -16.24 -10.76 62.27
C TYR OD 15 -16.57 -9.58 63.17
N ALA OD 16 -15.55 -8.78 63.51
CA ALA OD 16 -15.79 -7.60 64.31
C ALA OD 16 -16.74 -6.65 63.60
N GLU OD 17 -16.57 -6.51 62.29
CA GLU OD 17 -17.47 -5.67 61.52
C GLU OD 17 -18.90 -6.17 61.62
N ILE OD 18 -19.06 -7.50 61.57
CA ILE OD 18 -20.39 -8.08 61.75
C ILE OD 18 -21.00 -7.63 63.06
N LEU OD 19 -20.24 -7.81 64.14
CA LEU OD 19 -20.78 -7.47 65.46
C LEU OD 19 -21.12 -5.98 65.54
N LYS OD 20 -20.26 -5.14 64.98
CA LYS OD 20 -20.50 -3.71 65.04
C LYS OD 20 -21.78 -3.33 64.30
N ALA OD 21 -21.99 -3.92 63.13
CA ALA OD 21 -23.22 -3.64 62.40
C ALA OD 21 -24.43 -4.14 63.17
N HIS OD 22 -24.29 -5.28 63.85
CA HIS OD 22 -25.39 -5.78 64.65
C HIS OD 22 -25.73 -4.80 65.76
N ALA OD 23 -24.71 -4.21 66.36
CA ALA OD 23 -24.93 -3.18 67.37
C ALA OD 23 -25.67 -2.00 66.77
N GLU OD 24 -25.27 -1.59 65.58
CA GLU OD 24 -25.99 -0.53 64.88
C GLU OD 24 -27.47 -0.85 64.75
N ILE OD 25 -27.77 -2.06 64.27
CA ILE OD 25 -29.16 -2.51 64.16
C ILE OD 25 -29.86 -2.34 65.50
N LEU OD 26 -29.30 -2.94 66.54
CA LEU OD 26 -29.99 -2.99 67.82
C LEU OD 26 -30.22 -1.61 68.38
N LYS OD 27 -29.26 -0.71 68.23
CA LYS OD 27 -29.46 0.66 68.67
C LYS OD 27 -30.59 1.32 67.88
N ALA OD 28 -30.65 1.06 66.58
CA ALA OD 28 -31.64 1.72 65.75
C ALA OD 28 -33.06 1.40 66.18
N GLN OD 29 -33.29 0.21 66.72
CA GLN OD 29 -34.63 -0.21 67.09
C GLN OD 29 -35.26 0.75 68.08
N GLN PD 1 -1.70 -24.28 62.48
CA GLN PD 1 -2.61 -23.15 62.36
C GLN PD 1 -4.05 -23.62 62.31
N ALA PD 2 -4.23 -24.91 61.99
CA ALA PD 2 -5.58 -25.46 61.90
C ALA PD 2 -6.35 -25.27 63.19
N GLU PD 3 -5.64 -25.18 64.32
CA GLU PD 3 -6.30 -24.87 65.59
C GLU PD 3 -7.01 -23.54 65.52
N ILE PD 4 -6.38 -22.54 64.91
CA ILE PD 4 -7.03 -21.24 64.75
C ILE PD 4 -8.29 -21.38 63.93
N LEU PD 5 -8.24 -22.23 62.91
CA LEU PD 5 -9.40 -22.40 62.05
C LEU PD 5 -10.53 -23.07 62.81
N GLU PD 6 -10.23 -24.09 63.59
CA GLU PD 6 -11.25 -24.71 64.43
C GLU PD 6 -11.82 -23.69 65.41
N ALA PD 7 -10.97 -22.83 65.95
CA ALA PD 7 -11.43 -21.82 66.90
C ALA PD 7 -12.43 -20.89 66.26
N ASP PD 8 -12.09 -20.32 65.11
CA ASP PD 8 -13.02 -19.40 64.48
C ASP PD 8 -14.27 -20.12 63.98
N ALA PD 9 -14.14 -21.39 63.62
CA ALA PD 9 -15.33 -22.17 63.30
C ALA PD 9 -16.27 -22.23 64.50
N ARG PD 10 -15.70 -22.49 65.68
CA ARG PD 10 -16.50 -22.47 66.91
C ARG PD 10 -17.15 -21.12 67.11
N ILE PD 11 -16.38 -20.05 66.88
CA ILE PD 11 -16.92 -18.71 67.06
C ILE PD 11 -18.15 -18.51 66.19
N LEU PD 12 -18.03 -18.87 64.91
CA LEU PD 12 -19.14 -18.68 64.00
C LEU PD 12 -20.33 -19.56 64.38
N ARG PD 13 -20.08 -20.79 64.81
CA ARG PD 13 -21.18 -21.63 65.27
C ARG PD 13 -21.91 -20.97 66.42
N ALA PD 14 -21.16 -20.44 67.38
CA ALA PD 14 -21.79 -19.79 68.52
C ALA PD 14 -22.59 -18.57 68.10
N TYR PD 15 -22.05 -17.79 67.18
CA TYR PD 15 -22.79 -16.62 66.71
C TYR PD 15 -24.08 -17.04 66.03
N ALA PD 16 -24.01 -18.09 65.21
CA ALA PD 16 -25.21 -18.61 64.57
C ALA PD 16 -26.22 -19.06 65.61
N GLU PD 17 -25.74 -19.65 66.69
CA GLU PD 17 -26.65 -20.08 67.75
C GLU PD 17 -27.35 -18.88 68.40
N ILE PD 18 -26.58 -17.84 68.69
CA ILE PD 18 -27.18 -16.62 69.24
C ILE PD 18 -28.26 -16.10 68.30
N LEU PD 19 -27.94 -16.06 67.01
CA LEU PD 19 -28.89 -15.54 66.03
C LEU PD 19 -30.14 -16.40 65.98
N LYS PD 20 -29.97 -17.72 66.04
CA LYS PD 20 -31.13 -18.61 65.99
C LYS PD 20 -32.01 -18.43 67.23
N ALA PD 21 -31.38 -18.24 68.38
CA ALA PD 21 -32.16 -18.00 69.60
C ALA PD 21 -32.94 -16.71 69.51
N HIS PD 22 -32.28 -15.64 69.07
CA HIS PD 22 -32.96 -14.36 68.91
C HIS PD 22 -34.09 -14.48 67.89
N ALA PD 23 -33.89 -15.30 66.86
CA ALA PD 23 -34.91 -15.51 65.84
C ALA PD 23 -36.13 -16.20 66.43
N GLU PD 24 -35.91 -17.29 67.15
CA GLU PD 24 -37.01 -17.99 67.80
C GLU PD 24 -37.74 -17.08 68.77
N ILE PD 25 -37.00 -16.22 69.48
CA ILE PD 25 -37.63 -15.29 70.41
C ILE PD 25 -38.53 -14.33 69.64
N LEU PD 26 -37.98 -13.67 68.61
CA LEU PD 26 -38.77 -12.72 67.83
C LEU PD 26 -39.95 -13.41 67.17
N LYS PD 27 -39.84 -14.71 66.91
CA LYS PD 27 -40.99 -15.47 66.42
C LYS PD 27 -42.03 -15.63 67.52
N ALA PD 28 -41.59 -15.91 68.75
CA ALA PD 28 -42.50 -15.99 69.87
C ALA PD 28 -43.13 -14.63 70.15
N GLN PD 29 -42.39 -13.56 69.91
CA GLN PD 29 -42.92 -12.21 70.07
C GLN PD 29 -44.02 -11.94 69.05
N GLN QD 1 -23.80 -8.36 -74.04
CA GLN QD 1 -23.59 -6.98 -73.67
C GLN QD 1 -22.58 -6.84 -72.55
N ALA QD 2 -22.48 -7.88 -71.74
CA ALA QD 2 -21.58 -7.85 -70.59
C ALA QD 2 -20.16 -7.45 -70.99
N GLU QD 3 -19.74 -7.91 -72.17
CA GLU QD 3 -18.43 -7.54 -72.70
C GLU QD 3 -18.29 -6.03 -72.82
N ILE QD 4 -19.34 -5.34 -73.28
CA ILE QD 4 -19.27 -3.90 -73.46
C ILE QD 4 -19.07 -3.22 -72.12
N LEU QD 5 -19.83 -3.66 -71.12
CA LEU QD 5 -19.72 -3.05 -69.80
C LEU QD 5 -18.35 -3.32 -69.20
N GLU QD 6 -17.81 -4.51 -69.43
CA GLU QD 6 -16.45 -4.80 -68.99
C GLU QD 6 -15.46 -3.85 -69.65
N ALA QD 7 -15.65 -3.57 -70.94
CA ALA QD 7 -14.77 -2.63 -71.62
C ALA QD 7 -14.85 -1.25 -70.98
N ASP QD 8 -16.07 -0.81 -70.66
CA ASP QD 8 -16.22 0.48 -69.98
C ASP QD 8 -15.46 0.48 -68.66
N ALA QD 9 -15.59 -0.60 -67.90
CA ALA QD 9 -14.85 -0.71 -66.65
C ALA QD 9 -13.35 -0.57 -66.89
N ARG QD 10 -12.86 -1.18 -67.96
CA ARG QD 10 -11.43 -1.06 -68.25
C ARG QD 10 -11.06 0.38 -68.55
N ILE QD 11 -11.90 1.08 -69.30
CA ILE QD 11 -11.64 2.49 -69.57
C ILE QD 11 -11.49 3.24 -68.26
N LEU QD 12 -12.42 3.03 -67.34
CA LEU QD 12 -12.39 3.79 -66.10
C LEU QD 12 -11.17 3.44 -65.27
N ARG QD 13 -10.82 2.15 -65.21
CA ARG QD 13 -9.61 1.77 -64.50
C ARG QD 13 -8.38 2.44 -65.09
N ALA QD 14 -8.33 2.55 -66.41
CA ALA QD 14 -7.20 3.21 -67.04
C ALA QD 14 -7.14 4.68 -66.63
N TYR QD 15 -8.29 5.35 -66.62
CA TYR QD 15 -8.29 6.72 -66.14
C TYR QD 15 -7.78 6.81 -64.72
N ALA QD 16 -8.18 5.86 -63.88
CA ALA QD 16 -7.68 5.84 -62.51
C ALA QD 16 -6.17 5.70 -62.49
N GLU QD 17 -5.64 4.86 -63.38
CA GLU QD 17 -4.19 4.70 -63.45
C GLU QD 17 -3.51 6.01 -63.78
N ILE QD 18 -4.05 6.73 -64.77
CA ILE QD 18 -3.53 8.06 -65.09
C ILE QD 18 -3.48 8.92 -63.85
N LEU QD 19 -4.61 8.99 -63.16
CA LEU QD 19 -4.74 9.93 -62.05
C LEU QD 19 -3.78 9.57 -60.93
N LYS QD 20 -3.65 8.28 -60.65
CA LYS QD 20 -2.74 7.83 -59.60
C LYS QD 20 -1.31 8.13 -59.95
N ALA QD 21 -0.92 7.93 -61.21
CA ALA QD 21 0.44 8.27 -61.60
C ALA QD 21 0.69 9.75 -61.44
N HIS QD 22 -0.30 10.58 -61.76
CA HIS QD 22 -0.14 12.02 -61.56
C HIS QD 22 0.06 12.32 -60.08
N ALA QD 23 -0.66 11.61 -59.22
CA ALA QD 23 -0.46 11.75 -57.79
C ALA QD 23 0.97 11.44 -57.41
N GLU QD 24 1.50 10.35 -57.95
CA GLU QD 24 2.85 9.94 -57.60
C GLU QD 24 3.86 10.98 -58.06
N ILE QD 25 3.64 11.55 -59.24
CA ILE QD 25 4.44 12.68 -59.69
C ILE QD 25 4.43 13.77 -58.62
N LEU QD 26 3.24 14.26 -58.31
CA LEU QD 26 3.14 15.41 -57.42
C LEU QD 26 3.79 15.14 -56.08
N LYS QD 27 3.69 13.92 -55.59
CA LYS QD 27 4.38 13.57 -54.36
C LYS QD 27 5.90 13.65 -54.55
N ALA QD 28 6.39 13.17 -55.68
CA ALA QD 28 7.83 13.10 -55.87
C ALA QD 28 8.47 14.48 -55.89
N GLN QD 29 7.76 15.50 -56.35
CA GLN QD 29 8.34 16.83 -56.47
C GLN QD 29 8.83 17.34 -55.14
N GLN RD 1 -26.11 3.47 -74.26
CA GLN RD 1 -24.77 3.47 -73.68
C GLN RD 1 -23.97 4.66 -74.15
N ALA RD 2 -24.43 5.27 -75.25
CA ALA RD 2 -23.74 6.43 -75.79
C ALA RD 2 -23.62 7.54 -74.75
N GLU RD 3 -24.56 7.61 -73.82
CA GLU RD 3 -24.46 8.57 -72.73
C GLU RD 3 -23.22 8.33 -71.90
N ILE RD 4 -22.88 7.06 -71.67
CA ILE RD 4 -21.66 6.76 -70.92
C ILE RD 4 -20.44 7.26 -71.67
N LEU RD 5 -20.43 7.09 -72.98
CA LEU RD 5 -19.30 7.53 -73.77
C LEU RD 5 -19.19 9.04 -73.76
N GLU RD 6 -20.33 9.74 -73.82
CA GLU RD 6 -20.31 11.19 -73.71
C GLU RD 6 -19.77 11.62 -72.35
N ALA RD 7 -20.16 10.90 -71.30
CA ALA RD 7 -19.64 11.21 -69.98
C ALA RD 7 -18.13 11.05 -69.93
N ASP RD 8 -17.63 9.98 -70.54
CA ASP RD 8 -16.18 9.79 -70.60
C ASP RD 8 -15.51 10.93 -71.35
N ALA RD 9 -16.12 11.35 -72.46
CA ALA RD 9 -15.58 12.49 -73.20
C ALA RD 9 -15.50 13.72 -72.30
N ARG RD 10 -16.55 13.95 -71.53
CA ARG RD 10 -16.57 15.09 -70.62
C ARG RD 10 -15.45 15.00 -69.61
N ILE RD 11 -15.28 13.81 -69.01
CA ILE RD 11 -14.25 13.62 -68.00
C ILE RD 11 -12.88 13.93 -68.59
N LEU RD 12 -12.61 13.41 -69.79
CA LEU RD 12 -11.31 13.62 -70.38
C LEU RD 12 -11.11 15.08 -70.75
N ARG RD 13 -12.15 15.76 -71.24
CA ARG RD 13 -12.03 17.18 -71.51
C ARG RD 13 -11.67 17.94 -70.24
N ALA RD 14 -12.33 17.61 -69.14
CA ALA RD 14 -12.06 18.30 -67.88
C ALA RD 14 -10.63 18.05 -67.43
N TYR RD 15 -10.17 16.81 -67.54
CA TYR RD 15 -8.79 16.51 -67.15
C TYR RD 15 -7.81 17.28 -68.02
N ALA RD 16 -8.09 17.35 -69.33
CA ALA RD 16 -7.24 18.12 -70.22
C ALA RD 16 -7.22 19.58 -69.81
N GLU RD 17 -8.35 20.10 -69.37
CA GLU RD 17 -8.40 21.50 -68.94
C GLU RD 17 -7.56 21.71 -67.69
N ILE RD 18 -7.66 20.79 -66.73
CA ILE RD 18 -6.81 20.87 -65.55
C ILE RD 18 -5.35 20.90 -65.95
N LEU RD 19 -4.97 20.00 -66.85
CA LEU RD 19 -3.58 19.92 -67.27
C LEU RD 19 -3.15 21.19 -67.97
N LYS RD 20 -4.03 21.76 -68.79
CA LYS RD 20 -3.68 22.99 -69.49
C LYS RD 20 -3.49 24.14 -68.53
N ALA RD 21 -4.36 24.24 -67.53
CA ALA RD 21 -4.19 25.30 -66.53
C ALA RD 21 -2.90 25.11 -65.75
N HIS RD 22 -2.59 23.87 -65.39
CA HIS RD 22 -1.34 23.60 -64.67
C HIS RD 22 -0.14 23.96 -65.53
N ALA RD 23 -0.22 23.67 -66.83
CA ALA RD 23 0.86 24.02 -67.73
C ALA RD 23 1.02 25.53 -67.82
N GLU RD 24 -0.09 26.24 -67.94
CA GLU RD 24 -0.04 27.70 -68.02
C GLU RD 24 0.58 28.28 -66.76
N ILE RD 25 0.17 27.81 -65.59
CA ILE RD 25 0.69 28.39 -64.36
C ILE RD 25 2.16 28.02 -64.16
N LEU RD 26 2.54 26.80 -64.57
CA LEU RD 26 3.94 26.42 -64.51
C LEU RD 26 4.79 27.23 -65.47
N LYS RD 27 4.22 27.66 -66.59
CA LYS RD 27 4.88 28.64 -67.45
C LYS RD 27 5.00 29.98 -66.75
N ALA RD 28 3.94 30.38 -66.04
CA ALA RD 28 4.01 31.61 -65.24
C ALA RD 28 5.05 31.49 -64.16
N GLN RD 29 5.26 30.29 -63.64
CA GLN RD 29 6.31 30.04 -62.66
C GLN RD 29 7.69 30.22 -63.31
N GLN SD 1 7.47 -60.64 -48.83
CA GLN SD 1 6.19 -60.67 -48.14
C GLN SD 1 5.72 -59.27 -47.76
N ALA SD 2 6.68 -58.38 -47.54
CA ALA SD 2 6.36 -57.04 -47.04
C ALA SD 2 5.26 -56.39 -47.84
N GLU SD 3 5.25 -56.59 -49.15
CA GLU SD 3 4.22 -56.02 -50.01
C GLU SD 3 2.83 -56.48 -49.59
N ILE SD 4 2.71 -57.73 -49.14
CA ILE SD 4 1.40 -58.25 -48.76
C ILE SD 4 0.87 -57.49 -47.55
N LEU SD 5 1.72 -57.33 -46.54
CA LEU SD 5 1.30 -56.60 -45.35
C LEU SD 5 1.02 -55.15 -45.69
N GLU SD 6 1.77 -54.58 -46.63
CA GLU SD 6 1.48 -53.24 -47.10
C GLU SD 6 0.09 -53.16 -47.68
N ALA SD 7 -0.28 -54.15 -48.49
CA ALA SD 7 -1.62 -54.17 -49.06
C ALA SD 7 -2.68 -54.26 -47.97
N ASP SD 8 -2.42 -55.09 -46.96
CA ASP SD 8 -3.35 -55.16 -45.83
C ASP SD 8 -3.53 -53.80 -45.19
N ALA SD 9 -2.42 -53.10 -44.95
CA ALA SD 9 -2.49 -51.76 -44.38
C ALA SD 9 -3.35 -50.86 -45.26
N ARG SD 10 -3.21 -50.98 -46.57
CA ARG SD 10 -4.03 -50.17 -47.47
C ARG SD 10 -5.51 -50.48 -47.30
N ILE SD 11 -5.84 -51.77 -47.17
CA ILE SD 11 -7.23 -52.15 -46.93
C ILE SD 11 -7.76 -51.45 -45.68
N LEU SD 12 -6.98 -51.51 -44.61
CA LEU SD 12 -7.45 -50.94 -43.35
C LEU SD 12 -7.60 -49.43 -43.46
N ARG SD 13 -6.66 -48.76 -44.11
CA ARG SD 13 -6.80 -47.32 -44.31
C ARG SD 13 -8.05 -47.00 -45.10
N ALA SD 14 -8.38 -47.83 -46.09
CA ALA SD 14 -9.60 -47.58 -46.84
C ALA SD 14 -10.82 -47.70 -45.95
N TYR SD 15 -10.85 -48.72 -45.10
CA TYR SD 15 -11.97 -48.83 -44.17
C TYR SD 15 -12.06 -47.61 -43.27
N ALA SD 16 -10.90 -47.10 -42.84
CA ALA SD 16 -10.88 -45.89 -42.05
C ALA SD 16 -11.50 -44.73 -42.81
N GLU SD 17 -11.19 -44.63 -44.10
CA GLU SD 17 -11.79 -43.58 -44.92
C GLU SD 17 -13.30 -43.71 -44.94
N ILE SD 18 -13.79 -44.95 -45.07
CA ILE SD 18 -15.23 -45.17 -45.02
C ILE SD 18 -15.81 -44.59 -43.75
N LEU SD 19 -15.25 -44.98 -42.61
CA LEU SD 19 -15.81 -44.56 -41.34
C LEU SD 19 -15.74 -43.04 -41.19
N LYS SD 20 -14.63 -42.44 -41.60
CA LYS SD 20 -14.49 -41.01 -41.45
C LYS SD 20 -15.51 -40.26 -42.30
N ALA SD 21 -15.71 -40.71 -43.53
CA ALA SD 21 -16.73 -40.08 -44.37
C ALA SD 21 -18.11 -40.23 -43.74
N HIS SD 22 -18.40 -41.41 -43.18
CA HIS SD 22 -19.70 -41.59 -42.54
C HIS SD 22 -19.88 -40.62 -41.39
N ALA SD 23 -18.81 -40.41 -40.63
CA ALA SD 23 -18.86 -39.43 -39.54
C ALA SD 23 -19.16 -38.05 -40.08
N GLU SD 24 -18.51 -37.68 -41.17
CA GLU SD 24 -18.75 -36.36 -41.76
C GLU SD 24 -20.20 -36.23 -42.19
N ILE SD 25 -20.75 -37.30 -42.77
CA ILE SD 25 -22.19 -37.32 -43.08
C ILE SD 25 -22.99 -36.98 -41.83
N LEU SD 26 -22.82 -37.79 -40.79
CA LEU SD 26 -23.64 -37.64 -39.60
C LEU SD 26 -23.52 -36.26 -39.01
N LYS SD 27 -22.33 -35.67 -39.07
CA LYS SD 27 -22.17 -34.30 -38.59
C LYS SD 27 -22.97 -33.33 -39.44
N ALA SD 28 -22.95 -33.53 -40.76
CA ALA SD 28 -23.62 -32.59 -41.65
C ALA SD 28 -25.12 -32.54 -41.42
N GLN SD 29 -25.73 -33.64 -41.01
CA GLN SD 29 -27.17 -33.68 -40.84
C GLN SD 29 -27.65 -32.67 -39.83
N GLN TD 1 -1.83 -65.92 -43.07
CA GLN TD 1 -2.39 -64.59 -43.26
C GLN TD 1 -3.88 -64.65 -43.53
N ALA TD 2 -4.36 -65.84 -43.88
CA ALA TD 2 -5.78 -66.02 -44.16
C ALA TD 2 -6.63 -65.61 -42.98
N GLU TD 3 -6.09 -65.73 -41.76
CA GLU TD 3 -6.80 -65.27 -40.58
C GLU TD 3 -7.06 -63.76 -40.66
N ILE TD 4 -6.10 -63.00 -41.17
CA ILE TD 4 -6.29 -61.57 -41.32
C ILE TD 4 -7.44 -61.30 -42.27
N LEU TD 5 -7.49 -62.05 -43.37
CA LEU TD 5 -8.55 -61.84 -44.35
C LEU TD 5 -9.91 -62.20 -43.77
N GLU TD 6 -9.96 -63.27 -42.98
CA GLU TD 6 -11.20 -63.63 -42.29
C GLU TD 6 -11.62 -62.51 -41.34
N ALA TD 7 -10.66 -61.92 -40.64
CA ALA TD 7 -10.98 -60.81 -39.75
C ALA TD 7 -11.56 -59.64 -40.53
N ASP TD 8 -10.97 -59.36 -41.70
CA ASP TD 8 -11.50 -58.30 -42.54
C ASP TD 8 -12.92 -58.60 -42.97
N ALA TD 9 -13.18 -59.85 -43.36
CA ALA TD 9 -14.53 -60.24 -43.73
C ALA TD 9 -15.49 -60.00 -42.58
N ARG TD 10 -15.06 -60.35 -41.35
CA ARG TD 10 -15.91 -60.13 -40.19
C ARG TD 10 -16.20 -58.66 -39.99
N ILE TD 11 -15.17 -57.82 -40.10
CA ILE TD 11 -15.34 -56.39 -39.91
C ILE TD 11 -16.35 -55.84 -40.91
N LEU TD 12 -16.20 -56.23 -42.16
CA LEU TD 12 -17.11 -55.70 -43.18
C LEU TD 12 -18.52 -56.22 -42.98
N ARG TD 13 -18.69 -57.48 -42.57
CA ARG TD 13 -20.02 -57.96 -42.26
C ARG TD 13 -20.66 -57.16 -41.14
N ALA TD 14 -19.88 -56.86 -40.10
CA ALA TD 14 -20.42 -56.08 -38.99
C ALA TD 14 -20.82 -54.69 -39.45
N TYR TD 15 -19.97 -54.06 -40.27
CA TYR TD 15 -20.32 -52.73 -40.76
C TYR TD 15 -21.59 -52.77 -41.60
N ALA TD 16 -21.72 -53.80 -42.44
CA ALA TD 16 -22.92 -53.96 -43.23
C ALA TD 16 -24.13 -54.11 -42.34
N GLU TD 17 -23.98 -54.83 -41.23
CA GLU TD 17 -25.10 -55.00 -40.31
C GLU TD 17 -25.49 -53.69 -39.67
N ILE TD 18 -24.50 -52.90 -39.24
CA ILE TD 18 -24.79 -51.56 -38.72
C ILE TD 18 -25.58 -50.76 -39.75
N LEU TD 19 -25.11 -50.77 -40.99
CA LEU TD 19 -25.77 -49.99 -42.04
C LEU TD 19 -27.18 -50.48 -42.27
N LYS TD 20 -27.39 -51.80 -42.24
CA LYS TD 20 -28.72 -52.35 -42.47
C LYS TD 20 -29.67 -51.94 -41.34
N ALA TD 21 -29.19 -51.98 -40.10
CA ALA TD 21 -30.03 -51.55 -39.00
C ALA TD 21 -30.38 -50.08 -39.10
N HIS TD 22 -29.39 -49.25 -39.47
CA HIS TD 22 -29.63 -47.83 -39.64
C HIS TD 22 -30.64 -47.59 -40.75
N ALA TD 23 -30.54 -48.37 -41.82
CA ALA TD 23 -31.48 -48.26 -42.93
C ALA TD 23 -32.89 -48.60 -42.50
N GLU TD 24 -33.04 -49.72 -41.77
CA GLU TD 24 -34.36 -50.14 -41.32
C GLU TD 24 -34.96 -49.11 -40.38
N ILE TD 25 -34.17 -48.57 -39.45
CA ILE TD 25 -34.72 -47.62 -38.51
C ILE TD 25 -35.06 -46.30 -39.20
N LEU TD 26 -34.26 -45.91 -40.19
CA LEU TD 26 -34.59 -44.71 -40.97
C LEU TD 26 -35.84 -44.92 -41.81
N LYS TD 27 -36.08 -46.15 -42.26
CA LYS TD 27 -37.36 -46.47 -42.90
C LYS TD 27 -38.50 -46.38 -41.90
N ALA TD 28 -38.26 -46.83 -40.67
CA ALA TD 28 -39.27 -46.69 -39.62
C ALA TD 28 -39.51 -45.21 -39.32
N GLN TD 29 -38.49 -44.39 -39.47
CA GLN TD 29 -38.62 -42.95 -39.29
C GLN TD 29 -39.52 -42.35 -40.37
N GLN UD 1 41.48 -6.95 -65.89
CA GLN UD 1 42.22 -7.41 -64.72
C GLN UD 1 41.29 -7.88 -63.62
N ALA UD 2 40.07 -7.35 -63.63
CA ALA UD 2 39.11 -7.68 -62.58
C ALA UD 2 38.95 -9.19 -62.44
N GLU UD 3 39.01 -9.91 -63.56
CA GLU UD 3 38.91 -11.36 -63.54
C GLU UD 3 40.01 -11.97 -62.67
N ILE UD 4 41.23 -11.44 -62.75
CA ILE UD 4 42.34 -12.00 -61.99
C ILE UD 4 42.09 -11.83 -60.51
N LEU UD 5 41.63 -10.65 -60.12
CA LEU UD 5 41.37 -10.39 -58.72
C LEU UD 5 40.23 -11.25 -58.22
N GLU UD 6 39.21 -11.46 -59.06
CA GLU UD 6 38.14 -12.38 -58.71
C GLU UD 6 38.70 -13.77 -58.46
N ALA UD 7 39.62 -14.23 -59.29
CA ALA UD 7 40.21 -15.54 -59.09
C ALA UD 7 40.96 -15.61 -57.77
N ASP UD 8 41.70 -14.56 -57.43
CA ASP UD 8 42.37 -14.51 -56.13
C ASP UD 8 41.36 -14.63 -55.00
N ALA UD 9 40.27 -13.89 -55.11
CA ALA UD 9 39.22 -13.98 -54.09
C ALA UD 9 38.73 -15.41 -53.96
N ARG UD 10 38.57 -16.11 -55.08
CA ARG UD 10 38.10 -17.49 -55.01
C ARG UD 10 39.11 -18.36 -54.30
N ILE UD 11 40.40 -18.15 -54.57
CA ILE UD 11 41.44 -18.90 -53.85
C ILE UD 11 41.27 -18.72 -52.35
N LEU UD 12 41.12 -17.46 -51.94
CA LEU UD 12 41.05 -17.19 -50.50
C LEU UD 12 39.79 -17.80 -49.89
N ARG UD 13 38.66 -17.71 -50.59
CA ARG UD 13 37.45 -18.34 -50.09
C ARG UD 13 37.64 -19.84 -49.93
N ALA UD 14 38.35 -20.46 -50.87
CA ALA UD 14 38.60 -21.89 -50.75
C ALA UD 14 39.41 -22.20 -49.51
N TYR UD 15 40.46 -21.40 -49.26
CA TYR UD 15 41.24 -21.63 -48.05
C TYR UD 15 40.38 -21.48 -46.80
N ALA UD 16 39.50 -20.49 -46.81
CA ALA UD 16 38.60 -20.32 -45.68
C ALA UD 16 37.72 -21.55 -45.50
N GLU UD 17 37.26 -22.11 -46.61
CA GLU UD 17 36.46 -23.33 -46.54
C GLU UD 17 37.25 -24.45 -45.89
N ILE UD 18 38.53 -24.55 -46.24
CA ILE UD 18 39.39 -25.55 -45.61
C ILE UD 18 39.38 -25.38 -44.11
N LEU UD 19 39.65 -24.16 -43.65
CA LEU UD 19 39.72 -23.92 -42.21
C LEU UD 19 38.40 -24.23 -41.54
N LYS UD 20 37.29 -23.85 -42.17
CA LYS UD 20 35.98 -24.10 -41.58
C LYS UD 20 35.72 -25.59 -41.43
N ALA UD 21 36.04 -26.37 -42.46
CA ALA UD 21 35.87 -27.80 -42.36
C ALA UD 21 36.76 -28.38 -41.28
N HIS UD 22 37.97 -27.85 -41.14
CA HIS UD 22 38.84 -28.32 -40.07
C HIS UD 22 38.23 -28.06 -38.71
N ALA UD 23 37.59 -26.90 -38.55
CA ALA UD 23 36.88 -26.61 -37.32
C ALA UD 23 35.77 -27.61 -37.08
N GLU UD 24 35.04 -27.93 -38.14
CA GLU UD 24 34.00 -28.96 -38.04
C GLU UD 24 34.58 -30.26 -37.50
N ILE UD 25 35.69 -30.72 -38.09
CA ILE UD 25 36.36 -31.92 -37.61
C ILE UD 25 36.63 -31.81 -36.13
N LEU UD 26 37.34 -30.75 -35.74
CA LEU UD 26 37.81 -30.65 -34.37
C LEU UD 26 36.66 -30.62 -33.39
N LYS UD 27 35.58 -29.92 -33.72
CA LYS UD 27 34.41 -29.93 -32.87
C LYS UD 27 33.83 -31.33 -32.75
N ALA UD 28 33.80 -32.06 -33.86
CA ALA UD 28 33.17 -33.38 -33.85
C ALA UD 28 33.85 -34.33 -32.88
N GLN UD 29 35.16 -34.17 -32.67
CA GLN UD 29 35.91 -35.09 -31.83
C GLN UD 29 35.34 -35.13 -30.42
N GLN VD 1 51.30 -8.59 -59.13
CA GLN VD 1 50.39 -9.48 -58.44
C GLN VD 1 51.11 -10.70 -57.91
N ALA VD 2 52.30 -10.96 -58.45
CA ALA VD 2 53.07 -12.11 -58.03
C ALA VD 2 53.33 -12.09 -56.52
N GLU VD 3 53.36 -10.89 -55.94
CA GLU VD 3 53.49 -10.77 -54.49
C GLU VD 3 52.33 -11.48 -53.78
N ILE VD 4 51.12 -11.33 -54.31
CA ILE VD 4 49.97 -12.01 -53.73
C ILE VD 4 50.17 -13.52 -53.80
N LEU VD 5 50.74 -13.99 -54.92
CA LEU VD 5 50.95 -15.41 -55.09
C LEU VD 5 51.98 -15.94 -54.10
N GLU VD 6 53.07 -15.20 -53.91
CA GLU VD 6 54.04 -15.59 -52.90
C GLU VD 6 53.41 -15.59 -51.52
N ALA VD 7 52.53 -14.62 -51.25
CA ALA VD 7 51.88 -14.55 -49.96
C ALA VD 7 51.05 -15.79 -49.70
N ASP VD 8 50.18 -16.14 -50.64
CA ASP VD 8 49.34 -17.31 -50.41
C ASP VD 8 50.17 -18.59 -50.40
N ALA VD 9 51.28 -18.62 -51.15
CA ALA VD 9 52.19 -19.75 -51.04
C ALA VD 9 52.69 -19.89 -49.61
N ARG VD 10 53.10 -18.78 -49.01
CA ARG VD 10 53.51 -18.79 -47.61
C ARG VD 10 52.40 -19.30 -46.72
N ILE VD 11 51.17 -18.83 -46.97
CA ILE VD 11 50.03 -19.25 -46.16
C ILE VD 11 49.89 -20.76 -46.20
N LEU VD 12 49.94 -21.34 -47.41
CA LEU VD 12 49.76 -22.77 -47.54
C LEU VD 12 50.92 -23.52 -46.90
N ARG VD 13 52.14 -23.02 -47.03
CA ARG VD 13 53.27 -23.65 -46.36
C ARG VD 13 53.05 -23.69 -44.85
N ALA VD 14 52.60 -22.58 -44.28
CA ALA VD 14 52.37 -22.52 -42.85
C ALA VD 14 51.27 -23.48 -42.44
N TYR VD 15 50.20 -23.56 -43.23
CA TYR VD 15 49.13 -24.50 -42.90
C TYR VD 15 49.64 -25.92 -42.94
N ALA VD 16 50.45 -26.25 -43.95
CA ALA VD 16 51.03 -27.58 -44.02
C ALA VD 16 51.89 -27.86 -42.80
N GLU VD 17 52.61 -26.84 -42.33
CA GLU VD 17 53.44 -27.03 -41.14
C GLU VD 17 52.58 -27.33 -39.92
N ILE VD 18 51.50 -26.57 -39.75
CA ILE VD 18 50.58 -26.84 -38.65
C ILE VD 18 50.09 -28.28 -38.73
N LEU VD 19 49.68 -28.71 -39.92
CA LEU VD 19 49.17 -30.06 -40.08
C LEU VD 19 50.22 -31.10 -39.76
N LYS VD 20 51.46 -30.87 -40.19
CA LYS VD 20 52.52 -31.81 -39.90
C LYS VD 20 52.80 -31.90 -38.41
N ALA VD 21 52.76 -30.77 -37.72
CA ALA VD 21 52.96 -30.79 -36.27
C ALA VD 21 51.85 -31.56 -35.58
N HIS VD 22 50.61 -31.28 -35.95
CA HIS VD 22 49.49 -32.01 -35.37
C HIS VD 22 49.59 -33.50 -35.67
N ALA VD 23 50.11 -33.84 -36.84
CA ALA VD 23 50.28 -35.24 -37.22
C ALA VD 23 51.32 -35.92 -36.35
N GLU VD 24 52.47 -35.29 -36.19
CA GLU VD 24 53.51 -35.85 -35.32
C GLU VD 24 53.00 -35.98 -33.89
N ILE VD 25 52.19 -35.02 -33.43
CA ILE VD 25 51.64 -35.11 -32.09
C ILE VD 25 50.72 -36.32 -31.97
N LEU VD 26 49.76 -36.44 -32.89
CA LEU VD 26 48.84 -37.56 -32.86
C LEU VD 26 49.58 -38.89 -33.00
N LYS VD 27 50.74 -38.87 -33.67
CA LYS VD 27 51.58 -40.05 -33.71
C LYS VD 27 52.19 -40.34 -32.34
N ALA VD 28 52.64 -39.29 -31.65
CA ALA VD 28 53.15 -39.46 -30.30
C ALA VD 28 52.05 -39.92 -29.35
N GLN VD 29 50.82 -39.47 -29.61
CA GLN VD 29 49.68 -39.89 -28.82
C GLN VD 29 49.41 -41.38 -29.01
N GLN WD 1 13.45 49.55 36.08
CA GLN WD 1 14.49 49.63 37.10
C GLN WD 1 14.09 48.91 38.37
N ALA WD 2 12.78 48.84 38.62
CA ALA WD 2 12.27 48.22 39.84
C ALA WD 2 12.85 46.83 40.03
N GLU WD 3 13.03 46.10 38.94
CA GLU WD 3 13.63 44.78 38.99
C GLU WD 3 15.02 44.83 39.62
N ILE WD 4 15.80 45.85 39.29
CA ILE WD 4 17.16 45.94 39.81
C ILE WD 4 17.12 46.13 41.32
N LEU WD 5 16.23 47.02 41.77
CA LEU WD 5 16.13 47.28 43.19
C LEU WD 5 15.64 46.06 43.94
N GLU WD 6 14.71 45.31 43.33
CA GLU WD 6 14.28 44.05 43.92
C GLU WD 6 15.45 43.09 44.07
N ALA WD 7 16.31 43.03 43.04
CA ALA WD 7 17.48 42.17 43.13
C ALA WD 7 18.38 42.59 44.29
N ASP WD 8 18.59 43.90 44.45
CA ASP WD 8 19.38 44.37 45.58
C ASP WD 8 18.76 43.92 46.90
N ALA WD 9 17.44 44.06 47.01
CA ALA WD 9 16.76 43.60 48.21
C ALA WD 9 17.03 42.13 48.46
N ARG WD 10 17.02 41.33 47.39
CA ARG WD 10 17.29 39.90 47.57
C ARG WD 10 18.71 39.68 48.09
N ILE WD 11 19.67 40.43 47.55
CA ILE WD 11 21.04 40.33 48.04
C ILE WD 11 21.07 40.57 49.54
N LEU WD 12 20.42 41.64 49.98
CA LEU WD 12 20.48 41.99 51.39
C LEU WD 12 19.80 40.94 52.25
N ARG WD 13 18.66 40.42 51.80
CA ARG WD 13 18.00 39.36 52.54
C ARG WD 13 18.89 38.14 52.66
N ALA WD 14 19.64 37.82 51.60
CA ALA WD 14 20.54 36.69 51.67
C ALA WD 14 21.63 36.93 52.71
N TYR WD 15 22.19 38.14 52.73
CA TYR WD 15 23.17 38.44 53.77
C TYR WD 15 22.56 38.27 55.15
N ALA WD 16 21.32 38.70 55.32
CA ALA WD 16 20.65 38.52 56.60
C ALA WD 16 20.54 37.04 56.94
N GLU WD 17 20.25 36.21 55.94
CA GLU WD 17 20.18 34.77 56.18
C GLU WD 17 21.50 34.23 56.69
N ILE WD 18 22.59 34.64 56.04
CA ILE WD 18 23.92 34.26 56.51
C ILE WD 18 24.08 34.61 57.98
N LEU WD 19 23.77 35.86 58.30
CA LEU WD 19 24.07 36.36 59.64
C LEU WD 19 23.23 35.62 60.68
N LYS WD 20 21.97 35.37 60.35
CA LYS WD 20 21.09 34.67 61.28
C LYS WD 20 21.55 33.24 61.48
N ALA WD 21 21.99 32.56 60.42
CA ALA WD 21 22.50 31.21 60.60
C ALA WD 21 23.73 31.22 61.49
N HIS WD 22 24.59 32.23 61.34
CA HIS WD 22 25.75 32.32 62.21
C HIS WD 22 25.31 32.49 63.66
N ALA WD 23 24.25 33.28 63.88
CA ALA WD 23 23.69 33.41 65.22
C ALA WD 23 23.26 32.07 65.76
N GLU WD 24 22.58 31.28 64.93
CA GLU WD 24 22.08 30.00 65.39
C GLU WD 24 23.23 29.08 65.75
N ILE WD 25 24.30 29.11 64.94
CA ILE WD 25 25.53 28.40 65.30
C ILE WD 25 25.95 28.79 66.69
N LEU WD 26 26.21 30.08 66.89
CA LEU WD 26 26.80 30.54 68.14
C LEU WD 26 25.93 30.15 69.32
N LYS WD 27 24.61 30.18 69.15
CA LYS WD 27 23.73 29.74 70.21
C LYS WD 27 23.92 28.25 70.48
N ALA WD 28 24.06 27.46 69.42
CA ALA WD 28 24.12 26.02 69.60
C ALA WD 28 25.34 25.58 70.39
N GLN WD 29 26.45 26.31 70.29
CA GLN WD 29 27.69 25.91 70.95
C GLN WD 29 27.50 25.82 72.45
N GLN XD 1 23.85 53.43 40.78
CA GLN XD 1 23.60 52.26 41.61
C GLN XD 1 24.89 51.56 41.96
N ALA XD 2 25.94 51.85 41.20
CA ALA XD 2 27.24 51.23 41.46
C ALA XD 2 27.71 51.49 42.89
N GLU XD 3 27.30 52.62 43.46
CA GLU XD 3 27.62 52.89 44.85
C GLU XD 3 27.03 51.84 45.77
N ILE XD 4 25.81 51.38 45.47
CA ILE XD 4 25.21 50.32 46.27
C ILE XD 4 26.04 49.06 46.19
N LEU XD 5 26.53 48.74 45.00
CA LEU XD 5 27.32 47.53 44.83
C LEU XD 5 28.64 47.65 45.57
N GLU XD 6 29.26 48.83 45.53
CA GLU XD 6 30.47 49.05 46.31
C GLU XD 6 30.20 48.89 47.79
N ALA XD 7 29.06 49.38 48.26
CA ALA XD 7 28.71 49.21 49.66
C ALA XD 7 28.57 47.74 50.01
N ASP XD 8 27.94 46.97 49.14
CA ASP XD 8 27.83 45.53 49.37
C ASP XD 8 29.20 44.89 49.43
N ALA XD 9 30.09 45.29 48.53
CA ALA XD 9 31.46 44.77 48.56
C ALA XD 9 32.11 45.07 49.91
N ARG XD 10 31.92 46.29 50.40
CA ARG XD 10 32.47 46.67 51.69
C ARG XD 10 31.92 45.78 52.80
N ILE XD 11 30.61 45.58 52.81
CA ILE XD 11 29.97 44.78 53.84
C ILE XD 11 30.56 43.37 53.83
N LEU XD 12 30.68 42.78 52.65
CA LEU XD 12 31.19 41.42 52.58
C LEU XD 12 32.64 41.36 53.00
N ARG XD 13 33.45 42.35 52.63
CA ARG XD 13 34.83 42.37 53.08
C ARG XD 13 34.88 42.42 54.60
N ALA XD 14 34.05 43.25 55.21
CA ALA XD 14 34.05 43.36 56.67
C ALA XD 14 33.65 42.04 57.31
N TYR XD 15 32.62 41.39 56.76
CA TYR XD 15 32.21 40.11 57.31
C TYR XD 15 33.32 39.07 57.17
N ALA XD 16 34.00 39.07 56.03
CA ALA XD 16 35.12 38.18 55.85
C ALA XD 16 36.20 38.45 56.88
N GLU XD 17 36.43 39.72 57.20
CA GLU XD 17 37.43 40.05 58.19
C GLU XD 17 37.04 39.54 59.57
N ILE XD 18 35.77 39.72 59.94
CA ILE XD 18 35.29 39.17 61.19
C ILE XD 18 35.54 37.67 61.24
N LEU XD 19 35.19 36.97 60.16
CA LEU XD 19 35.36 35.53 60.13
C LEU XD 19 36.81 35.14 60.23
N LYS XD 20 37.69 35.90 59.59
CA LYS XD 20 39.12 35.59 59.63
C LYS XD 20 39.67 35.78 61.04
N ALA XD 21 39.25 36.85 61.71
CA ALA XD 21 39.69 37.06 63.09
C ALA XD 21 39.18 35.94 63.99
N HIS XD 22 37.93 35.55 63.81
CA HIS XD 22 37.37 34.46 64.61
C HIS XD 22 38.11 33.17 64.36
N ALA XD 23 38.50 32.92 63.11
CA ALA XD 23 39.27 31.73 62.78
C ALA XD 23 40.64 31.77 63.45
N GLU XD 24 41.29 32.93 63.39
CA GLU XD 24 42.60 33.07 64.01
C GLU XD 24 42.52 32.82 65.51
N ILE XD 25 41.52 33.40 66.17
CA ILE XD 25 41.46 33.25 67.62
C ILE XD 25 41.06 31.83 68.00
N LEU XD 26 40.21 31.19 67.18
CA LEU XD 26 39.87 29.79 67.43
C LEU XD 26 41.06 28.88 67.21
N LYS XD 27 41.97 29.26 66.30
CA LYS XD 27 43.25 28.57 66.20
C LYS XD 27 44.09 28.80 67.44
N ALA XD 28 44.08 30.04 67.95
CA ALA XD 28 44.76 30.32 69.21
C ALA XD 28 44.16 29.52 70.36
N GLN XD 29 42.86 29.26 70.29
CA GLN XD 29 42.19 28.42 71.28
C GLN XD 29 42.69 26.99 71.17
N GLN YD 1 -43.83 17.35 41.42
CA GLN YD 1 -44.22 18.73 41.66
C GLN YD 1 -43.19 19.47 42.49
N ALA YD 2 -42.49 18.71 43.35
CA ALA YD 2 -41.57 19.32 44.31
C ALA YD 2 -40.64 20.31 43.65
N GLU YD 3 -40.18 20.00 42.44
CA GLU YD 3 -39.29 20.89 41.71
C GLU YD 3 -39.93 22.26 41.49
N ILE YD 4 -41.24 22.30 41.27
CA ILE YD 4 -41.90 23.57 41.00
C ILE YD 4 -41.84 24.45 42.24
N LEU YD 5 -42.17 23.87 43.40
CA LEU YD 5 -42.11 24.64 44.63
C LEU YD 5 -40.68 25.04 44.95
N GLU YD 6 -39.72 24.19 44.61
CA GLU YD 6 -38.32 24.56 44.76
C GLU YD 6 -38.00 25.80 43.94
N ALA YD 7 -38.48 25.83 42.69
CA ALA YD 7 -38.25 27.00 41.85
C ALA YD 7 -38.88 28.24 42.46
N ASP YD 8 -40.09 28.10 43.00
CA ASP YD 8 -40.72 29.23 43.68
C ASP YD 8 -39.84 29.74 44.82
N ALA YD 9 -39.32 28.81 45.63
CA ALA YD 9 -38.42 29.20 46.70
C ALA YD 9 -37.22 29.96 46.16
N ARG YD 10 -36.70 29.54 45.03
CA ARG YD 10 -35.57 30.25 44.45
C ARG YD 10 -35.96 31.67 44.06
N ILE YD 11 -37.15 31.83 43.48
CA ILE YD 11 -37.63 33.17 43.15
C ILE YD 11 -37.63 34.05 44.39
N LEU YD 12 -38.17 33.52 45.48
CA LEU YD 12 -38.30 34.33 46.67
C LEU YD 12 -36.94 34.67 47.25
N ARG YD 13 -36.01 33.71 47.25
CA ARG YD 13 -34.66 34.00 47.71
C ARG YD 13 -34.02 35.10 46.87
N ALA YD 14 -34.28 35.08 45.56
CA ALA YD 14 -33.73 36.12 44.71
C ALA YD 14 -34.29 37.49 45.10
N TYR YD 15 -35.60 37.55 45.34
CA TYR YD 15 -36.15 38.83 45.79
C TYR YD 15 -35.52 39.27 47.10
N ALA YD 16 -35.26 38.32 47.99
CA ALA YD 16 -34.58 38.66 49.23
C ALA YD 16 -33.21 39.25 48.95
N GLU YD 17 -32.49 38.68 47.99
CA GLU YD 17 -31.20 39.23 47.62
C GLU YD 17 -31.33 40.67 47.16
N ILE YD 18 -32.36 40.94 46.36
CA ILE YD 18 -32.61 42.30 45.91
C ILE YD 18 -32.73 43.23 47.12
N LEU YD 19 -33.61 42.87 48.05
CA LEU YD 19 -33.87 43.75 49.18
C LEU YD 19 -32.62 43.94 50.02
N LYS YD 20 -31.86 42.87 50.23
CA LYS YD 20 -30.67 42.96 51.06
C LYS YD 20 -29.64 43.86 50.43
N ALA YD 21 -29.44 43.74 49.11
CA ALA YD 21 -28.51 44.62 48.43
C ALA YD 21 -28.97 46.06 48.53
N HIS YD 22 -30.27 46.30 48.40
CA HIS YD 22 -30.77 47.67 48.52
C HIS YD 22 -30.49 48.23 49.90
N ALA YD 23 -30.64 47.40 50.92
CA ALA YD 23 -30.32 47.82 52.28
C ALA YD 23 -28.84 48.19 52.39
N GLU YD 24 -27.98 47.37 51.80
CA GLU YD 24 -26.56 47.66 51.85
C GLU YD 24 -26.26 49.00 51.17
N ILE YD 25 -26.92 49.26 50.04
CA ILE YD 25 -26.84 50.56 49.39
C ILE YD 25 -27.15 51.66 50.40
N LEU YD 26 -28.35 51.60 50.96
CA LEU YD 26 -28.82 52.67 51.82
C LEU YD 26 -27.89 52.89 52.99
N LYS YD 27 -27.31 51.81 53.52
CA LYS YD 27 -26.36 51.96 54.60
C LYS YD 27 -25.11 52.68 54.12
N ALA YD 28 -24.65 52.36 52.90
CA ALA YD 28 -23.41 52.93 52.42
C ALA YD 28 -23.50 54.44 52.25
N GLN YD 29 -24.68 54.96 51.94
CA GLN YD 29 -24.84 56.38 51.68
C GLN YD 29 -24.44 57.21 52.88
N GLN ZD 1 -51.44 26.82 41.46
CA GLN ZD 1 -50.19 27.52 41.77
C GLN ZD 1 -50.16 28.88 41.12
N ALA ZD 2 -51.03 29.10 40.14
CA ALA ZD 2 -51.07 30.39 39.47
C ALA ZD 2 -51.31 31.52 40.44
N GLU ZD 3 -52.00 31.25 41.55
CA GLU ZD 3 -52.17 32.26 42.59
C GLU ZD 3 -50.83 32.70 43.15
N ILE ZD 4 -49.89 31.78 43.31
CA ILE ZD 4 -48.57 32.13 43.80
C ILE ZD 4 -47.89 33.07 42.82
N LEU ZD 5 -48.02 32.78 41.53
CA LEU ZD 5 -47.38 33.62 40.52
C LEU ZD 5 -48.01 35.00 40.49
N GLU ZD 6 -49.34 35.07 40.66
CA GLU ZD 6 -49.99 36.36 40.76
C GLU ZD 6 -49.49 37.14 41.96
N ALA ZD 7 -49.30 36.44 43.08
CA ALA ZD 7 -48.76 37.10 44.27
C ALA ZD 7 -47.37 37.65 43.99
N ASP ZD 8 -46.55 36.87 43.29
CA ASP ZD 8 -45.22 37.36 42.92
C ASP ZD 8 -45.32 38.60 42.05
N ALA ZD 9 -46.21 38.59 41.08
CA ALA ZD 9 -46.42 39.75 40.23
C ALA ZD 9 -46.78 40.97 41.08
N ARG ZD 10 -47.67 40.77 42.06
CA ARG ZD 10 -48.06 41.87 42.93
C ARG ZD 10 -46.86 42.40 43.70
N ILE ZD 11 -46.07 41.50 44.27
CA ILE ZD 11 -44.90 41.92 45.05
C ILE ZD 11 -43.97 42.75 44.19
N LEU ZD 12 -43.70 42.28 42.98
CA LEU ZD 12 -42.76 43.01 42.12
C LEU ZD 12 -43.34 44.36 41.70
N ARG ZD 13 -44.65 44.41 41.43
CA ARG ZD 13 -45.25 45.70 41.11
C ARG ZD 13 -45.09 46.67 42.27
N ALA ZD 14 -45.32 46.19 43.49
CA ALA ZD 14 -45.19 47.05 44.65
C ALA ZD 14 -43.75 47.54 44.80
N TYR ZD 15 -42.80 46.65 44.62
CA TYR ZD 15 -41.40 47.06 44.72
C TYR ZD 15 -41.06 48.10 43.67
N ALA ZD 16 -41.55 47.89 42.45
CA ALA ZD 16 -41.33 48.86 41.39
C ALA ZD 16 -41.93 50.21 41.76
N GLU ZD 17 -43.08 50.19 42.42
CA GLU ZD 17 -43.70 51.44 42.82
C GLU ZD 17 -42.86 52.15 43.87
N ILE ZD 18 -42.36 51.40 44.85
CA ILE ZD 18 -41.45 51.99 45.83
C ILE ZD 18 -40.28 52.65 45.13
N LEU ZD 19 -39.67 51.92 44.19
CA LEU ZD 19 -38.50 52.44 43.49
C LEU ZD 19 -38.84 53.69 42.70
N LYS ZD 20 -40.02 53.70 42.07
CA LYS ZD 20 -40.41 54.86 41.28
C LYS ZD 20 -40.61 56.07 42.17
N ALA ZD 21 -41.25 55.88 43.33
CA ALA ZD 21 -41.42 56.99 44.25
C ALA ZD 21 -40.09 57.51 44.75
N HIS ZD 22 -39.17 56.60 45.08
CA HIS ZD 22 -37.84 57.01 45.53
C HIS ZD 22 -37.12 57.78 44.43
N ALA ZD 23 -37.28 57.34 43.19
CA ALA ZD 23 -36.66 58.02 42.06
C ALA ZD 23 -37.22 59.42 41.91
N GLU ZD 24 -38.54 59.55 41.97
CA GLU ZD 24 -39.15 60.87 41.81
C GLU ZD 24 -38.72 61.80 42.92
N ILE ZD 25 -38.68 61.32 44.17
CA ILE ZD 25 -38.31 62.19 45.27
C ILE ZD 25 -36.84 62.55 45.20
N LEU ZD 26 -35.99 61.62 44.75
CA LEU ZD 26 -34.58 61.94 44.56
C LEU ZD 26 -34.38 62.93 43.42
N LYS ZD 27 -35.25 62.90 42.41
CA LYS ZD 27 -35.24 63.94 41.39
C LYS ZD 27 -35.66 65.28 41.98
N ALA ZD 28 -36.66 65.26 42.87
CA ALA ZD 28 -37.06 66.47 43.58
C ALA ZD 28 -35.92 66.98 44.45
N GLN ZD 29 -35.10 66.08 44.97
CA GLN ZD 29 -33.93 66.46 45.75
C GLN ZD 29 -32.91 67.17 44.87
N GLN AE 1 12.12 -11.52 60.56
CA GLN AE 1 11.17 -12.05 61.51
C GLN AE 1 10.21 -10.98 62.00
N ALA AE 2 10.65 -9.73 61.91
CA ALA AE 2 9.83 -8.62 62.40
C ALA AE 2 8.44 -8.64 61.79
N GLU AE 3 8.35 -9.05 60.52
CA GLU AE 3 7.06 -9.16 59.85
C GLU AE 3 6.13 -10.12 60.59
N ILE AE 4 6.67 -11.24 61.07
CA ILE AE 4 5.83 -12.23 61.75
C ILE AE 4 5.25 -11.64 63.02
N LEU AE 5 6.10 -10.95 63.78
CA LEU AE 5 5.64 -10.35 65.03
C LEU AE 5 4.62 -9.26 64.75
N GLU AE 6 4.82 -8.50 63.67
CA GLU AE 6 3.83 -7.52 63.27
C GLU AE 6 2.49 -8.19 62.99
N ALA AE 7 2.53 -9.34 62.31
CA ALA AE 7 1.29 -10.06 62.03
C ALA AE 7 0.61 -10.49 63.31
N ASP AE 8 1.38 -10.99 64.27
CA ASP AE 8 0.81 -11.35 65.56
C ASP AE 8 0.13 -10.15 66.21
N ALA AE 9 0.81 -9.00 66.18
CA ALA AE 9 0.22 -7.79 66.72
C ALA AE 9 -1.11 -7.48 66.05
N ARG AE 10 -1.17 -7.68 64.74
CA ARG AE 10 -2.43 -7.41 64.04
C ARG AE 10 -3.52 -8.35 64.51
N ILE AE 11 -3.18 -9.63 64.70
CA ILE AE 11 -4.16 -10.58 65.23
C ILE AE 11 -4.72 -10.06 66.55
N LEU AE 12 -3.83 -9.65 67.44
CA LEU AE 12 -4.28 -9.24 68.76
C LEU AE 12 -5.14 -7.98 68.67
N ARG AE 13 -4.75 -7.03 67.83
CA ARG AE 13 -5.57 -5.84 67.65
C ARG AE 13 -6.95 -6.20 67.15
N ALA AE 14 -7.03 -7.18 66.24
CA ALA AE 14 -8.33 -7.60 65.75
C ALA AE 14 -9.18 -8.16 66.87
N TYR AE 15 -8.60 -8.99 67.72
CA TYR AE 15 -9.36 -9.52 68.84
C TYR AE 15 -9.85 -8.40 69.75
N ALA AE 16 -8.99 -7.41 69.97
CA ALA AE 16 -9.41 -6.27 70.77
C ALA AE 16 -10.58 -5.56 70.13
N GLU AE 17 -10.56 -5.44 68.81
CA GLU AE 17 -11.67 -4.81 68.10
C GLU AE 17 -12.95 -5.60 68.34
N ILE AE 18 -12.84 -6.93 68.32
CA ILE AE 18 -14.00 -7.77 68.62
C ILE AE 18 -14.59 -7.40 69.98
N LEU AE 19 -13.72 -7.38 70.99
CA LEU AE 19 -14.22 -7.11 72.34
C LEU AE 19 -14.83 -5.73 72.43
N LYS AE 20 -14.23 -4.75 71.78
CA LYS AE 20 -14.76 -3.39 71.84
C LYS AE 20 -16.13 -3.31 71.20
N ALA AE 21 -16.31 -3.97 70.05
CA ALA AE 21 -17.62 -3.98 69.42
C ALA AE 21 -18.63 -4.69 70.30
N HIS AE 22 -18.21 -5.75 70.99
CA HIS AE 22 -19.12 -6.44 71.90
C HIS AE 22 -19.56 -5.51 73.02
N ALA AE 23 -18.64 -4.69 73.52
CA ALA AE 23 -18.99 -3.69 74.52
C ALA AE 23 -20.00 -2.71 73.97
N GLU AE 24 -19.80 -2.28 72.73
CA GLU AE 24 -20.76 -1.41 72.08
C GLU AE 24 -22.15 -2.04 72.08
N ILE AE 25 -22.24 -3.29 71.65
CA ILE AE 25 -23.51 -4.02 71.68
C ILE AE 25 -24.13 -3.95 73.06
N LEU AE 26 -23.37 -4.38 74.06
CA LEU AE 26 -23.92 -4.53 75.39
C LEU AE 26 -24.40 -3.21 75.95
N LYS AE 27 -23.65 -2.14 75.70
CA LYS AE 27 -24.10 -0.81 76.13
C LYS AE 27 -25.40 -0.43 75.42
N ALA AE 28 -25.50 -0.75 74.14
CA ALA AE 28 -26.67 -0.33 73.38
C ALA AE 28 -27.96 -0.91 73.93
N GLN AE 29 -27.89 -2.11 74.52
CA GLN AE 29 -29.09 -2.78 75.01
C GLN AE 29 -29.82 -1.93 76.03
N GLN BE 1 7.63 -19.78 68.07
CA GLN BE 1 6.50 -18.86 68.00
C GLN BE 1 5.19 -19.63 68.08
N ALA BE 2 5.24 -20.92 67.81
CA ALA BE 2 4.04 -21.75 67.84
C ALA BE 2 3.35 -21.68 69.19
N GLU BE 3 4.11 -21.40 70.25
CA GLU BE 3 3.52 -21.19 71.56
C GLU BE 3 2.53 -20.03 71.54
N ILE BE 4 2.89 -18.95 70.86
CA ILE BE 4 1.99 -17.81 70.73
C ILE BE 4 0.71 -18.24 70.02
N LEU BE 5 0.85 -19.08 69.01
CA LEU BE 5 -0.31 -19.52 68.26
C LEU BE 5 -1.22 -20.38 69.12
N GLU BE 6 -0.64 -21.30 69.89
CA GLU BE 6 -1.45 -22.07 70.83
C GLU BE 6 -2.13 -21.16 71.83
N ALA BE 7 -1.43 -20.12 72.28
CA ALA BE 7 -2.02 -19.20 73.25
C ALA BE 7 -3.25 -18.52 72.68
N ASP BE 8 -3.11 -17.93 71.50
CA ASP BE 8 -4.26 -17.25 70.93
C ASP BE 8 -5.37 -18.22 70.56
N ALA BE 9 -5.01 -19.46 70.21
CA ALA BE 9 -6.04 -20.47 70.01
C ALA BE 9 -6.84 -20.67 71.28
N ARG BE 10 -6.14 -20.77 72.42
CA ARG BE 10 -6.83 -20.87 73.70
C ARG BE 10 -7.72 -19.67 73.94
N ILE BE 11 -7.22 -18.48 73.62
CA ILE BE 11 -8.00 -17.26 73.82
C ILE BE 11 -9.30 -17.35 73.05
N LEU BE 12 -9.22 -17.74 71.78
CA LEU BE 12 -10.42 -17.80 70.96
C LEU BE 12 -11.37 -18.89 71.45
N ARG BE 13 -10.83 -20.03 71.89
CA ARG BE 13 -11.69 -21.06 72.46
C ARG BE 13 -12.46 -20.52 73.65
N ALA BE 14 -11.76 -19.81 74.53
CA ALA BE 14 -12.41 -19.27 75.72
C ALA BE 14 -13.49 -18.25 75.34
N TYR BE 15 -13.19 -17.41 74.36
CA TYR BE 15 -14.18 -16.43 73.92
C TYR BE 15 -15.41 -17.14 73.36
N ALA BE 16 -15.19 -18.18 72.57
CA ALA BE 16 -16.30 -18.95 72.05
C ALA BE 16 -17.11 -19.56 73.18
N GLU BE 17 -16.44 -20.01 74.23
CA GLU BE 17 -17.16 -20.57 75.36
C GLU BE 17 -18.02 -19.53 76.04
N ILE BE 18 -17.48 -18.34 76.25
CA ILE BE 18 -18.27 -17.24 76.82
C ILE BE 18 -19.49 -16.99 75.97
N LEU BE 19 -19.30 -16.93 74.65
CA LEU BE 19 -20.42 -16.65 73.76
C LEU BE 19 -21.46 -17.75 73.83
N LYS BE 20 -21.02 -19.00 73.89
CA LYS BE 20 -21.97 -20.10 73.97
C LYS BE 20 -22.76 -20.06 75.26
N ALA BE 21 -22.11 -19.70 76.36
CA ALA BE 21 -22.81 -19.60 77.63
C ALA BE 21 -23.85 -18.49 77.59
N HIS BE 22 -23.45 -17.32 77.07
CA HIS BE 22 -24.40 -16.22 76.94
C HIS BE 22 -25.55 -16.59 76.02
N ALA BE 23 -25.27 -17.40 75.00
CA ALA BE 23 -26.30 -17.85 74.08
C ALA BE 23 -27.31 -18.75 74.78
N GLU BE 24 -26.80 -19.75 75.51
CA GLU BE 24 -27.69 -20.63 76.25
C GLU BE 24 -28.51 -19.86 77.26
N ILE BE 25 -27.91 -18.85 77.89
CA ILE BE 25 -28.64 -18.02 78.85
C ILE BE 25 -29.78 -17.29 78.15
N LEU BE 26 -29.46 -16.57 77.07
CA LEU BE 26 -30.48 -15.84 76.34
C LEU BE 26 -31.55 -16.78 75.79
N LYS BE 27 -31.20 -18.03 75.54
CA LYS BE 27 -32.20 -19.03 75.17
C LYS BE 27 -33.10 -19.36 76.35
N ALA BE 28 -32.50 -19.50 77.54
CA ALA BE 28 -33.29 -19.72 78.74
C ALA BE 28 -34.17 -18.51 79.05
N GLN BE 29 -33.67 -17.32 78.73
CA GLN BE 29 -34.45 -16.10 78.90
C GLN BE 29 -35.67 -16.10 77.98
N GLN CE 1 -17.82 -3.87 -81.15
CA GLN CE 1 -17.36 -2.56 -80.70
C GLN CE 1 -16.44 -2.66 -79.51
N ALA CE 2 -16.63 -3.72 -78.72
CA ALA CE 2 -15.84 -3.90 -77.51
C ALA CE 2 -14.36 -3.81 -77.78
N GLU CE 3 -13.93 -4.32 -78.95
CA GLU CE 3 -12.54 -4.21 -79.34
C GLU CE 3 -12.07 -2.77 -79.40
N ILE CE 4 -12.92 -1.88 -79.91
CA ILE CE 4 -12.53 -0.47 -80.04
C ILE CE 4 -12.31 0.13 -78.66
N LEU CE 5 -13.22 -0.16 -77.74
CA LEU CE 5 -13.11 0.39 -76.40
C LEU CE 5 -11.88 -0.17 -75.70
N GLU CE 6 -11.58 -1.45 -75.93
CA GLU CE 6 -10.35 -2.02 -75.40
C GLU CE 6 -9.14 -1.29 -75.93
N ALA CE 7 -9.15 -0.96 -77.22
CA ALA CE 7 -8.04 -0.21 -77.80
C ALA CE 7 -7.89 1.15 -77.12
N ASP CE 8 -9.01 1.83 -76.88
CA ASP CE 8 -8.95 3.10 -76.16
C ASP CE 8 -8.32 2.92 -74.79
N ALA CE 9 -8.74 1.87 -74.08
CA ALA CE 9 -8.15 1.59 -72.78
C ALA CE 9 -6.65 1.42 -72.89
N ARG CE 10 -6.19 0.74 -73.94
CA ARG CE 10 -4.76 0.55 -74.12
C ARG CE 10 -4.06 1.88 -74.33
N ILE CE 11 -4.68 2.77 -75.13
CA ILE CE 11 -4.11 4.11 -75.32
C ILE CE 11 -3.91 4.79 -73.97
N LEU CE 12 -4.95 4.75 -73.14
CA LEU CE 12 -4.87 5.46 -71.87
C LEU CE 12 -3.82 4.85 -70.95
N ARG CE 13 -3.74 3.52 -70.93
CA ARG CE 13 -2.71 2.87 -70.12
C ARG CE 13 -1.33 3.28 -70.59
N ALA CE 14 -1.15 3.41 -71.91
CA ALA CE 14 0.16 3.83 -72.42
C ALA CE 14 0.48 5.24 -71.95
N TYR CE 15 -0.50 6.13 -72.00
CA TYR CE 15 -0.26 7.47 -71.48
C TYR CE 15 0.14 7.43 -70.02
N ALA CE 16 -0.52 6.57 -69.24
CA ALA CE 16 -0.16 6.41 -67.85
C ALA CE 16 1.28 5.94 -67.71
N GLU CE 17 1.71 5.04 -68.58
CA GLU CE 17 3.09 4.58 -68.54
C GLU CE 17 4.04 5.73 -68.77
N ILE CE 18 3.76 6.56 -69.77
CA ILE CE 18 4.57 7.75 -70.00
C ILE CE 18 4.68 8.57 -68.73
N LEU CE 19 3.54 8.85 -68.12
CA LEU CE 19 3.52 9.78 -67.00
C LEU CE 19 4.27 9.21 -65.81
N LYS CE 20 4.10 7.92 -65.57
CA LYS CE 20 4.81 7.28 -64.47
C LYS CE 20 6.31 7.26 -64.69
N ALA CE 21 6.74 7.01 -65.93
CA ALA CE 21 8.17 7.06 -66.19
C ALA CE 21 8.71 8.46 -65.96
N HIS CE 22 7.94 9.48 -66.33
CA HIS CE 22 8.39 10.85 -66.06
C HIS CE 22 8.51 11.08 -64.56
N ALA CE 23 7.59 10.51 -63.79
CA ALA CE 23 7.69 10.59 -62.34
C ALA CE 23 8.99 9.97 -61.86
N GLU CE 24 9.33 8.80 -62.40
CA GLU CE 24 10.52 8.11 -61.95
C GLU CE 24 11.77 8.93 -62.29
N ILE CE 25 11.77 9.55 -63.47
CA ILE CE 25 12.82 10.51 -63.80
C ILE CE 25 12.95 11.54 -62.70
N LEU CE 26 11.87 12.27 -62.47
CA LEU CE 26 11.92 13.40 -61.55
C LEU CE 26 12.40 12.98 -60.17
N LYS CE 27 11.99 11.79 -59.74
CA LYS CE 27 12.49 11.28 -58.47
C LYS CE 27 13.99 11.05 -58.53
N ALA CE 28 14.48 10.50 -59.65
CA ALA CE 28 15.88 10.14 -59.72
C ALA CE 28 16.80 11.34 -59.62
N GLN CE 29 16.35 12.49 -60.10
CA GLN CE 29 17.21 13.68 -60.13
C GLN CE 29 17.67 14.06 -58.74
N GLN DE 1 -17.60 8.18 -81.11
CA GLN DE 1 -16.35 7.88 -80.43
C GLN DE 1 -15.28 8.89 -80.79
N ALA DE 2 -15.51 9.61 -81.89
CA ALA DE 2 -14.54 10.61 -82.33
C ALA DE 2 -14.28 11.65 -81.25
N GLU DE 3 -15.28 11.90 -80.39
CA GLU DE 3 -15.08 12.80 -79.27
C GLU DE 3 -13.97 12.28 -78.35
N ILE DE 4 -13.92 10.97 -78.14
CA ILE DE 4 -12.87 10.40 -77.31
C ILE DE 4 -11.52 10.66 -77.94
N LEU DE 5 -11.43 10.51 -79.26
CA LEU DE 5 -10.16 10.72 -79.93
C LEU DE 5 -9.74 12.17 -79.85
N GLU DE 6 -10.70 13.09 -79.99
CA GLU DE 6 -10.39 14.50 -79.82
C GLU DE 6 -9.90 14.79 -78.40
N ALA DE 7 -10.52 14.15 -77.41
CA ALA DE 7 -10.06 14.32 -76.04
C ALA DE 7 -8.63 13.84 -75.88
N ASP DE 8 -8.30 12.69 -76.49
CA ASP DE 8 -6.92 12.21 -76.44
C ASP DE 8 -5.98 13.20 -77.09
N ALA DE 9 -6.38 13.75 -78.22
CA ALA DE 9 -5.56 14.77 -78.87
C ALA DE 9 -5.31 15.93 -77.94
N ARG DE 10 -6.35 16.38 -77.24
CA ARG DE 10 -6.20 17.47 -76.30
C ARG DE 10 -5.22 17.12 -75.19
N ILE DE 11 -5.36 15.92 -74.64
CA ILE DE 11 -4.47 15.50 -73.56
C ILE DE 11 -3.03 15.53 -74.02
N LEU DE 12 -2.77 14.98 -75.21
CA LEU DE 12 -1.41 14.93 -75.69
C LEU DE 12 -0.87 16.33 -75.99
N ARG DE 13 -1.71 17.21 -76.53
CA ARG DE 13 -1.26 18.58 -76.74
C ARG DE 13 -0.87 19.23 -75.42
N ALA DE 14 -1.69 19.02 -74.39
CA ALA DE 14 -1.38 19.62 -73.09
C ALA DE 14 -0.08 19.06 -72.53
N TYR DE 15 0.12 17.75 -72.65
CA TYR DE 15 1.36 17.17 -72.16
C TYR DE 15 2.56 17.73 -72.93
N ALA DE 16 2.42 17.87 -74.24
CA ALA DE 16 3.49 18.47 -75.03
C ALA DE 16 3.77 19.88 -74.56
N GLU DE 17 2.73 20.62 -74.21
CA GLU DE 17 2.94 21.98 -73.73
C GLU DE 17 3.69 21.99 -72.42
N ILE DE 18 3.32 21.10 -71.50
CA ILE DE 18 4.06 20.97 -70.24
C ILE DE 18 5.53 20.70 -70.54
N LEU DE 19 5.79 19.76 -71.42
CA LEU DE 19 7.16 19.40 -71.74
C LEU DE 19 7.91 20.58 -72.35
N LYS DE 20 7.24 21.34 -73.21
CA LYS DE 20 7.89 22.48 -73.85
C LYS DE 20 8.23 23.54 -72.83
N ALA DE 21 7.32 23.80 -71.89
CA ALA DE 21 7.62 24.77 -70.84
C ALA DE 21 8.77 24.31 -69.97
N HIS DE 22 8.79 23.02 -69.63
CA HIS DE 22 9.88 22.48 -68.84
C HIS DE 22 11.20 22.59 -69.58
N ALA DE 23 11.18 22.36 -70.89
CA ALA DE 23 12.39 22.50 -71.70
C ALA DE 23 12.86 23.94 -71.71
N GLU DE 24 11.93 24.87 -71.89
CA GLU DE 24 12.29 26.28 -71.91
C GLU DE 24 12.91 26.70 -70.59
N ILE DE 25 12.31 26.30 -69.47
CA ILE DE 25 12.83 26.73 -68.18
C ILE DE 25 14.16 26.05 -67.88
N LEU DE 26 14.32 24.80 -68.30
CA LEU DE 26 15.60 24.13 -68.14
C LEU DE 26 16.69 24.77 -69.00
N LYS DE 27 16.31 25.33 -70.15
CA LYS DE 27 17.23 26.16 -70.91
C LYS DE 27 17.56 27.43 -70.16
N ALA DE 28 16.56 28.04 -69.52
CA ALA DE 28 16.81 29.20 -68.68
C ALA DE 28 17.71 28.85 -67.51
N GLN DE 29 17.62 27.61 -67.02
CA GLN DE 29 18.50 27.14 -65.98
C GLN DE 29 19.94 27.04 -66.49
N GLN EE 1 -0.36 -62.01 -55.44
CA GLN EE 1 -1.68 -61.79 -54.86
C GLN EE 1 -1.88 -60.34 -54.46
N ALA EE 2 -0.78 -59.66 -54.14
CA ALA EE 2 -0.86 -58.30 -53.61
C ALA EE 2 -1.72 -57.41 -54.48
N GLU EE 3 -1.65 -57.58 -55.79
CA GLU EE 3 -2.47 -56.79 -56.70
C GLU EE 3 -3.96 -56.97 -56.41
N ILE EE 4 -4.37 -58.17 -56.02
CA ILE EE 4 -5.79 -58.41 -55.76
C ILE EE 4 -6.25 -57.59 -54.58
N LEU EE 5 -5.48 -57.61 -53.50
CA LEU EE 5 -5.85 -56.85 -52.33
C LEU EE 5 -5.79 -55.35 -52.63
N GLU EE 6 -4.84 -54.94 -53.48
CA GLU EE 6 -4.81 -53.56 -53.92
C GLU EE 6 -6.11 -53.18 -54.61
N ALA EE 7 -6.60 -54.06 -55.49
CA ALA EE 7 -7.86 -53.79 -56.17
C ALA EE 7 -9.00 -53.67 -55.17
N ASP EE 8 -9.01 -54.54 -54.16
CA ASP EE 8 -10.03 -54.45 -53.12
C ASP EE 8 -9.98 -53.09 -52.44
N ALA EE 9 -8.77 -52.66 -52.09
CA ALA EE 9 -8.62 -51.34 -51.49
C ALA EE 9 -9.18 -50.25 -52.40
N ARG EE 10 -8.97 -50.38 -53.69
CA ARG EE 10 -9.52 -49.39 -54.62
C ARG EE 10 -11.04 -49.39 -54.57
N ILE EE 11 -11.64 -50.58 -54.53
CA ILE EE 11 -13.09 -50.67 -54.42
C ILE EE 11 -13.56 -49.90 -53.19
N LEU EE 12 -12.91 -50.14 -52.07
CA LEU EE 12 -13.36 -49.51 -50.83
C LEU EE 12 -13.19 -47.99 -50.88
N ARG EE 13 -12.08 -47.53 -51.44
CA ARG EE 13 -11.89 -46.10 -51.59
C ARG EE 13 -12.98 -45.50 -52.47
N ALA EE 14 -13.39 -46.22 -53.51
CA ALA EE 14 -14.46 -45.72 -54.36
C ALA EE 14 -15.76 -45.59 -53.57
N TYR EE 15 -16.07 -46.59 -52.75
CA TYR EE 15 -17.27 -46.48 -51.93
C TYR EE 15 -17.17 -45.28 -50.99
N ALA EE 16 -15.97 -45.05 -50.46
CA ALA EE 16 -15.79 -43.87 -49.62
C ALA EE 16 -16.07 -42.60 -50.39
N GLU EE 17 -15.64 -42.54 -51.65
CA GLU EE 17 -15.93 -41.38 -52.47
C GLU EE 17 -17.43 -41.18 -52.62
N ILE EE 18 -18.15 -42.28 -52.83
CA ILE EE 18 -19.61 -42.20 -52.90
C ILE EE 18 -20.17 -41.54 -51.66
N LEU EE 19 -19.78 -42.07 -50.49
CA LEU EE 19 -20.36 -41.55 -49.25
C LEU EE 19 -20.00 -40.10 -49.04
N LYS EE 20 -18.76 -39.73 -49.35
CA LYS EE 20 -18.33 -38.36 -49.14
C LYS EE 20 -19.10 -37.40 -50.03
N ALA EE 21 -19.29 -37.77 -51.30
CA ALA EE 21 -20.07 -36.93 -52.18
C ALA EE 21 -21.50 -36.80 -51.68
N HIS EE 22 -22.07 -37.89 -51.18
CA HIS EE 22 -23.43 -37.82 -50.66
C HIS EE 22 -23.51 -36.86 -49.49
N ALA EE 23 -22.48 -36.88 -48.64
CA ALA EE 23 -22.43 -35.94 -47.52
C ALA EE 23 -22.39 -34.51 -48.04
N GLU EE 24 -21.58 -34.27 -49.06
CA GLU EE 24 -21.49 -32.92 -49.61
C GLU EE 24 -22.84 -32.48 -50.15
N ILE EE 25 -23.55 -33.39 -50.81
CA ILE EE 25 -24.93 -33.11 -51.24
C ILE EE 25 -25.74 -32.63 -50.05
N LEU EE 26 -25.83 -33.48 -49.03
CA LEU EE 26 -26.71 -33.19 -47.90
C LEU EE 26 -26.36 -31.87 -47.25
N LYS EE 27 -25.06 -31.54 -47.20
CA LYS EE 27 -24.67 -30.24 -46.66
C LYS EE 27 -25.17 -29.12 -47.54
N ALA EE 28 -25.09 -29.29 -48.86
CA ALA EE 28 -25.46 -28.22 -49.76
C ALA EE 28 -26.93 -27.85 -49.65
N GLN EE 29 -27.79 -28.81 -49.32
CA GLN EE 29 -29.23 -28.56 -49.27
C GLN EE 29 -29.56 -27.48 -48.28
N GLN FE 1 -11.03 -65.34 -50.64
CA GLN FE 1 -11.28 -63.92 -50.82
C GLN FE 1 -12.71 -63.66 -51.21
N ALA FE 2 -13.40 -64.73 -51.66
CA ALA FE 2 -14.79 -64.59 -52.05
C ALA FE 2 -15.64 -64.02 -50.92
N GLU FE 3 -15.24 -64.29 -49.68
CA GLU FE 3 -15.94 -63.70 -48.54
C GLU FE 3 -15.88 -62.18 -48.58
N ILE FE 4 -14.74 -61.63 -48.98
CA ILE FE 4 -14.61 -60.19 -49.09
C ILE FE 4 -15.59 -59.66 -50.13
N LEU FE 5 -15.71 -60.36 -51.26
CA LEU FE 5 -16.61 -59.92 -52.31
C LEU FE 5 -18.06 -60.00 -51.85
N GLU FE 6 -18.39 -61.05 -51.11
CA GLU FE 6 -19.73 -61.14 -50.54
C GLU FE 6 -20.00 -59.99 -49.58
N ALA FE 7 -19.00 -59.63 -48.78
CA ALA FE 7 -19.16 -58.49 -47.88
C ALA FE 7 -19.41 -57.21 -48.67
N ASP FE 8 -18.68 -57.03 -49.77
CA ASP FE 8 -18.91 -55.87 -50.62
C ASP FE 8 -20.32 -55.86 -51.17
N ALA FE 9 -20.79 -57.02 -51.62
CA ALA FE 9 -22.16 -57.11 -52.10
C ALA FE 9 -23.14 -56.69 -51.03
N ARG FE 10 -22.91 -57.15 -49.80
CA ARG FE 10 -23.79 -56.78 -48.70
C ARG FE 10 -23.78 -55.28 -48.47
N ILE FE 11 -22.59 -54.68 -48.46
CA ILE FE 11 -22.48 -53.24 -48.23
C ILE FE 11 -23.27 -52.49 -49.28
N LEU FE 12 -23.10 -52.87 -50.55
CA LEU FE 12 -23.78 -52.16 -51.61
C LEU FE 12 -25.29 -52.35 -51.54
N ARG FE 13 -25.74 -53.56 -51.18
CA ARG FE 13 -27.17 -53.77 -51.01
C ARG FE 13 -27.71 -52.86 -49.92
N ALA FE 14 -26.99 -52.75 -48.81
CA ALA FE 14 -27.44 -51.91 -47.71
C ALA FE 14 -27.50 -50.44 -48.14
N TYR FE 15 -26.48 -49.99 -48.88
CA TYR FE 15 -26.50 -48.61 -49.35
C TYR FE 15 -27.67 -48.37 -50.28
N ALA FE 16 -27.93 -49.33 -51.17
CA ALA FE 16 -29.08 -49.22 -52.06
C ALA FE 16 -30.37 -49.14 -51.28
N GLU FE 17 -30.45 -49.89 -50.18
CA GLU FE 17 -31.66 -49.84 -49.36
C GLU FE 17 -31.83 -48.48 -48.72
N ILE FE 18 -30.74 -47.92 -48.19
CA ILE FE 18 -30.79 -46.57 -47.64
C ILE FE 18 -31.31 -45.60 -48.69
N LEU FE 19 -30.74 -45.69 -49.89
CA LEU FE 19 -31.14 -44.77 -50.95
C LEU FE 19 -32.60 -44.95 -51.33
N LYS FE 20 -33.07 -46.19 -51.36
CA LYS FE 20 -34.46 -46.43 -51.70
C LYS FE 20 -35.39 -45.87 -50.65
N ALA FE 21 -35.05 -46.04 -49.38
CA ALA FE 21 -35.87 -45.45 -48.32
C ALA FE 21 -35.90 -43.94 -48.41
N HIS FE 22 -34.73 -43.33 -48.66
CA HIS FE 22 -34.66 -41.89 -48.80
C HIS FE 22 -35.50 -41.42 -49.98
N ALA FE 23 -35.47 -42.18 -51.07
CA ALA FE 23 -36.26 -41.85 -52.24
C ALA FE 23 -37.75 -41.91 -51.93
N GLU FE 24 -38.18 -42.98 -51.26
CA GLU FE 24 -39.59 -43.13 -50.94
C GLU FE 24 -40.05 -42.01 -50.01
N ILE FE 25 -39.25 -41.67 -49.01
CA ILE FE 25 -39.67 -40.63 -48.07
C ILE FE 25 -39.67 -39.27 -48.74
N LEU FE 26 -38.72 -39.03 -49.66
CA LEU FE 26 -38.73 -37.78 -50.41
C LEU FE 26 -39.91 -37.70 -51.35
N LYS FE 27 -40.37 -38.85 -51.87
CA LYS FE 27 -41.62 -38.87 -52.62
C LYS FE 27 -42.80 -38.57 -51.72
N ALA FE 28 -42.78 -39.09 -50.48
CA ALA FE 28 -43.80 -38.75 -49.52
C ALA FE 28 -43.77 -37.27 -49.19
N GLN FE 29 -42.59 -36.67 -49.22
CA GLN FE 29 -42.43 -35.24 -49.00
C GLN FE 29 -43.09 -34.46 -50.13
N GLN GE 1 45.38 -16.33 -67.72
CA GLN GE 1 45.91 -16.97 -66.51
C GLN GE 1 44.81 -17.25 -65.50
N ALA GE 2 43.72 -16.48 -65.60
CA ALA GE 2 42.63 -16.62 -64.64
C ALA GE 2 42.15 -18.06 -64.57
N GLU GE 3 42.15 -18.75 -65.70
CA GLU GE 3 41.77 -20.16 -65.74
C GLU GE 3 42.63 -21.00 -64.81
N ILE GE 4 43.94 -20.73 -64.78
CA ILE GE 4 44.83 -21.54 -63.96
C ILE GE 4 44.49 -21.34 -62.49
N LEU GE 5 44.27 -20.09 -62.10
CA LEU GE 5 43.94 -19.81 -60.71
C LEU GE 5 42.60 -20.42 -60.34
N GLU GE 6 41.65 -20.40 -61.27
CA GLU GE 6 40.39 -21.09 -61.04
C GLU GE 6 40.61 -22.57 -60.79
N ALA GE 7 41.49 -23.19 -61.56
CA ALA GE 7 41.78 -24.60 -61.37
C ALA GE 7 42.38 -24.85 -59.99
N ASP GE 8 43.29 -23.98 -59.55
CA ASP GE 8 43.84 -24.10 -58.21
C ASP GE 8 42.74 -24.03 -57.17
N ALA GE 9 41.83 -23.08 -57.33
CA ALA GE 9 40.71 -22.97 -56.41
C ALA GE 9 39.91 -24.25 -56.37
N ARG GE 10 39.71 -24.88 -57.53
CA ARG GE 10 38.97 -26.13 -57.54
C ARG GE 10 39.71 -27.22 -56.78
N ILE GE 11 41.03 -27.28 -56.94
CA ILE GE 11 41.82 -28.24 -56.17
C ILE GE 11 41.57 -28.05 -54.69
N LEU GE 12 41.65 -26.81 -54.23
CA LEU GE 12 41.50 -26.55 -52.81
C LEU GE 12 40.11 -26.90 -52.32
N ARG GE 13 39.09 -26.56 -53.11
CA ARG GE 13 37.73 -26.92 -52.73
C ARG GE 13 37.59 -28.44 -52.60
N ALA GE 14 38.23 -29.17 -53.51
CA ALA GE 14 38.17 -30.63 -53.42
C ALA GE 14 38.80 -31.13 -52.13
N TYR GE 15 39.95 -30.58 -51.77
CA TYR GE 15 40.56 -30.99 -50.51
C TYR GE 15 39.65 -30.68 -49.33
N ALA GE 16 39.00 -29.51 -49.37
CA ALA GE 16 38.06 -29.18 -48.31
C ALA GE 16 36.93 -30.21 -48.25
N GLU GE 17 36.46 -30.64 -49.41
CA GLU GE 17 35.42 -31.67 -49.45
C GLU GE 17 35.91 -32.94 -48.79
N ILE GE 18 37.16 -33.30 -49.03
CA ILE GE 18 37.73 -34.47 -48.38
C ILE GE 18 37.63 -34.33 -46.87
N LEU GE 19 38.11 -33.20 -46.35
CA LEU GE 19 38.11 -33.02 -44.90
C LEU GE 19 36.69 -33.05 -44.34
N LYS GE 20 35.75 -32.44 -45.06
CA LYS GE 20 34.38 -32.41 -44.57
C LYS GE 20 33.78 -33.81 -44.51
N ALA GE 21 34.04 -34.62 -45.54
CA ALA GE 21 33.55 -36.00 -45.50
C ALA GE 21 34.21 -36.77 -44.37
N HIS GE 22 35.48 -36.50 -44.11
CA HIS GE 22 36.15 -37.18 -43.00
C HIS GE 22 35.48 -36.81 -41.68
N ALA GE 23 35.09 -35.55 -41.54
CA ALA GE 23 34.36 -35.14 -40.35
C ALA GE 23 33.04 -35.89 -40.24
N GLU GE 24 32.35 -36.03 -41.37
CA GLU GE 24 31.13 -36.82 -41.39
C GLU GE 24 31.37 -38.22 -40.85
N ILE GE 25 32.40 -38.89 -41.37
CA ILE GE 25 32.77 -40.21 -40.89
C ILE GE 25 32.94 -40.20 -39.38
N LEU GE 26 33.80 -39.31 -38.90
CA LEU GE 26 34.17 -39.33 -37.50
C LEU GE 26 32.98 -39.08 -36.60
N LYS GE 27 32.09 -38.17 -36.99
CA LYS GE 27 30.87 -37.95 -36.23
C LYS GE 27 30.02 -39.20 -36.22
N ALA GE 28 29.93 -39.89 -37.35
CA ALA GE 28 29.03 -41.04 -37.43
C ALA GE 28 29.43 -42.13 -36.47
N GLN GE 29 30.71 -42.25 -36.14
CA GLN GE 29 31.17 -43.33 -35.27
C GLN GE 29 30.49 -43.28 -33.92
N GLN HE 1 54.04 -20.13 -60.26
CA GLN HE 1 52.90 -20.82 -59.68
C GLN HE 1 53.30 -22.17 -59.13
N ALA HE 2 54.45 -22.66 -59.59
CA ALA HE 2 54.93 -23.96 -59.14
C ALA HE 2 55.06 -24.02 -57.63
N GLU HE 3 55.28 -22.87 -56.99
CA GLU HE 3 55.31 -22.82 -55.54
C GLU HE 3 53.98 -23.27 -54.95
N ILE HE 4 52.86 -22.86 -55.56
CA ILE HE 4 51.55 -23.30 -55.10
C ILE HE 4 51.45 -24.81 -55.22
N LEU HE 5 52.00 -25.36 -56.30
CA LEU HE 5 51.92 -26.80 -56.51
C LEU HE 5 52.73 -27.54 -55.47
N GLU HE 6 53.93 -27.06 -55.16
CA GLU HE 6 54.71 -27.66 -54.09
C GLU HE 6 53.97 -27.56 -52.76
N ALA HE 7 53.30 -26.43 -52.53
CA ALA HE 7 52.57 -26.26 -51.29
C ALA HE 7 51.48 -27.30 -51.15
N ASP HE 8 50.64 -27.44 -52.17
CA ASP HE 8 49.56 -28.41 -52.05
C ASP HE 8 50.10 -29.83 -52.02
N ALA HE 9 51.24 -30.08 -52.67
CA ALA HE 9 51.88 -31.38 -52.53
C ALA HE 9 52.22 -31.65 -51.08
N ARG HE 10 52.80 -30.66 -50.40
CA ARG HE 10 53.07 -30.79 -48.99
C ARG HE 10 51.80 -31.06 -48.20
N ILE HE 11 50.73 -30.35 -48.53
CA ILE HE 11 49.46 -30.53 -47.84
C ILE HE 11 49.02 -31.98 -47.95
N LEU HE 12 49.05 -32.53 -49.16
CA LEU HE 12 48.59 -33.89 -49.35
C LEU HE 12 49.50 -34.88 -48.65
N ARG HE 13 50.82 -34.64 -48.67
CA ARG HE 13 51.72 -35.51 -47.94
C ARG HE 13 51.36 -35.54 -46.45
N ALA HE 14 51.11 -34.36 -45.89
CA ALA HE 14 50.78 -34.29 -44.47
C ALA HE 14 49.47 -35.00 -44.18
N TYR HE 15 48.48 -34.83 -45.06
CA TYR HE 15 47.22 -35.53 -44.85
C TYR HE 15 47.41 -37.04 -44.90
N ALA HE 16 48.22 -37.50 -45.85
CA ALA HE 16 48.52 -38.92 -45.92
C ALA HE 16 49.19 -39.40 -44.65
N GLU HE 17 50.07 -38.58 -44.09
CA GLU HE 17 50.73 -38.94 -42.85
C GLU HE 17 49.74 -39.08 -41.70
N ILE HE 18 48.82 -38.13 -41.60
CA ILE HE 18 47.76 -38.21 -40.59
C ILE HE 18 47.00 -39.52 -40.76
N LEU HE 19 46.62 -39.82 -42.00
CA LEU HE 19 45.84 -41.04 -42.25
C LEU HE 19 46.63 -42.28 -41.87
N LYS HE 20 47.92 -42.30 -42.19
CA LYS HE 20 48.75 -43.46 -41.86
C LYS HE 20 48.86 -43.63 -40.36
N ALA HE 21 48.99 -42.53 -39.63
CA ALA HE 21 49.07 -42.61 -38.18
C ALA HE 21 47.77 -43.14 -37.60
N HIS HE 22 46.64 -42.62 -38.05
CA HIS HE 22 45.35 -43.10 -37.59
C HIS HE 22 45.17 -44.56 -37.94
N ALA HE 23 45.71 -44.99 -39.09
CA ALA HE 23 45.61 -46.38 -39.49
C ALA HE 23 46.41 -47.28 -38.56
N GLU HE 24 47.65 -46.91 -38.29
CA GLU HE 24 48.47 -47.69 -37.36
C GLU HE 24 47.82 -47.75 -35.99
N ILE HE 25 47.20 -46.65 -35.56
CA ILE HE 25 46.52 -46.64 -34.26
C ILE HE 25 45.37 -47.63 -34.27
N LEU HE 26 44.48 -47.53 -35.26
CA LEU HE 26 43.35 -48.45 -35.35
C LEU HE 26 43.81 -49.88 -35.49
N LYS HE 27 45.00 -50.10 -36.05
CA LYS HE 27 45.59 -51.44 -36.07
C LYS HE 27 46.00 -51.87 -34.67
N ALA HE 28 46.59 -50.95 -33.91
CA ALA HE 28 46.94 -51.25 -32.53
C ALA HE 28 45.69 -51.48 -31.69
N GLN HE 29 44.61 -50.78 -32.03
CA GLN HE 29 43.33 -50.97 -31.34
C GLN HE 29 42.79 -52.36 -31.62
N GLN IE 1 5.04 54.63 39.00
CA GLN IE 1 6.13 54.95 39.91
C GLN IE 1 5.99 54.21 41.23
N ALA IE 2 4.74 53.88 41.58
CA ALA IE 2 4.48 53.22 42.85
C ALA IE 2 5.34 51.98 43.02
N GLU IE 3 5.58 51.27 41.93
CA GLU IE 3 6.45 50.10 41.96
C GLU IE 3 7.84 50.46 42.47
N ILE IE 4 8.37 51.60 42.05
CA ILE IE 4 9.72 51.99 42.45
C ILE IE 4 9.76 52.22 43.96
N LEU IE 5 8.75 52.92 44.46
CA LEU IE 5 8.70 53.21 45.89
C LEU IE 5 8.54 51.94 46.69
N GLU IE 6 7.74 51.00 46.18
CA GLU IE 6 7.63 49.70 46.83
C GLU IE 6 8.98 49.00 46.88
N ALA IE 7 9.74 49.08 45.79
CA ALA IE 7 11.07 48.49 45.80
C ALA IE 7 11.96 49.12 46.86
N ASP IE 8 11.91 50.44 46.98
CA ASP IE 8 12.66 51.12 48.03
C ASP IE 8 12.26 50.59 49.40
N ALA IE 9 10.96 50.46 49.63
CA ALA IE 9 10.48 49.92 50.90
C ALA IE 9 11.07 48.54 51.14
N ARG IE 10 11.14 47.72 50.10
CA ARG IE 10 11.72 46.39 50.28
C ARG IE 10 13.18 46.48 50.66
N ILE IE 11 13.93 47.39 50.04
CA ILE IE 11 15.32 47.59 50.42
C ILE IE 11 15.42 47.88 51.91
N LEU IE 12 14.60 48.81 52.38
CA LEU IE 12 14.70 49.22 53.77
C LEU IE 12 14.33 48.08 54.70
N ARG IE 13 13.28 47.32 54.36
CA ARG IE 13 12.92 46.17 55.18
C ARG IE 13 14.06 45.17 55.24
N ALA IE 14 14.75 44.97 54.13
CA ALA IE 14 15.89 44.06 54.14
C ALA IE 14 16.98 44.55 55.07
N TYR IE 15 17.27 45.85 55.03
CA TYR IE 15 18.24 46.38 55.97
C TYR IE 15 17.81 46.13 57.40
N ALA IE 16 16.52 46.31 57.67
CA ALA IE 16 16.00 46.03 59.01
C ALA IE 16 16.23 44.58 59.38
N GLU IE 17 16.05 43.68 58.43
CA GLU IE 17 16.28 42.27 58.70
C GLU IE 17 17.73 42.03 59.10
N ILE IE 18 18.65 42.63 58.35
CA ILE IE 18 20.07 42.54 58.72
C ILE IE 18 20.27 42.97 60.16
N LEU IE 19 19.74 44.14 60.48
CA LEU IE 19 20.03 44.73 61.78
C LEU IE 19 19.45 43.88 62.90
N LYS IE 20 18.24 43.37 62.69
CA LYS IE 20 17.60 42.53 63.69
C LYS IE 20 18.36 41.22 63.89
N ALA IE 21 18.85 40.63 62.81
CA ALA IE 21 19.64 39.42 62.97
C ALA IE 21 20.90 39.71 63.75
N HIS IE 22 21.53 40.87 63.50
CA HIS IE 22 22.70 41.22 64.28
C HIS IE 22 22.36 41.35 65.75
N ALA IE 23 21.18 41.91 66.04
CA ALA IE 23 20.71 41.97 67.41
C ALA IE 23 20.62 40.58 68.03
N GLU IE 24 20.06 39.64 67.26
CA GLU IE 24 19.87 38.31 67.80
C GLU IE 24 21.21 37.66 68.07
N ILE IE 25 22.18 37.88 67.17
CA ILE IE 25 23.55 37.45 67.44
C ILE IE 25 24.01 37.97 68.79
N LEU IE 26 24.00 39.29 68.93
CA LEU IE 26 24.57 39.90 70.13
C LEU IE 26 23.90 39.39 71.38
N LYS IE 27 22.59 39.14 71.32
CA LYS IE 27 21.91 38.56 72.47
C LYS IE 27 22.43 37.16 72.74
N ALA IE 28 22.65 36.38 71.68
CA ALA IE 28 23.02 34.98 71.89
C ALA IE 28 24.37 34.83 72.58
N GLN IE 29 25.28 35.77 72.36
CA GLN IE 29 26.62 35.66 72.93
C GLN IE 29 26.58 35.58 74.44
N GLN JE 1 14.77 60.71 42.70
CA GLN JE 1 14.83 59.55 43.57
C GLN JE 1 16.26 59.14 43.83
N ALA JE 2 17.17 59.61 42.97
CA ALA JE 2 18.58 59.28 43.13
C ALA JE 2 19.09 59.69 44.50
N GLU JE 3 18.52 60.73 45.09
CA GLU JE 3 18.87 61.12 46.45
C GLU JE 3 18.59 59.99 47.43
N ILE JE 4 17.48 59.28 47.24
CA ILE JE 4 17.18 58.15 48.12
C ILE JE 4 18.24 57.08 47.98
N LEU JE 5 18.69 56.84 46.76
CA LEU JE 5 19.69 55.81 46.55
C LEU JE 5 21.02 56.21 47.17
N GLU JE 6 21.37 57.50 47.06
CA GLU JE 6 22.57 57.98 47.71
C GLU JE 6 22.47 57.83 49.23
N ALA JE 7 21.28 58.09 49.78
CA ALA JE 7 21.08 57.91 51.21
C ALA JE 7 21.28 56.45 51.60
N ASP JE 8 20.76 55.54 50.79
CA ASP JE 8 20.97 54.11 51.06
C ASP JE 8 22.44 53.77 51.01
N ALA JE 9 23.17 54.31 50.03
CA ALA JE 9 24.60 54.09 49.97
C ALA JE 9 25.27 54.56 51.24
N ARG JE 10 24.88 55.73 51.73
CA ARG JE 10 25.45 56.25 52.96
C ARG JE 10 25.18 55.32 54.13
N ILE JE 11 23.94 54.86 54.25
CA ILE JE 11 23.57 53.97 55.35
C ILE JE 11 24.43 52.72 55.32
N LEU JE 12 24.58 52.13 54.14
CA LEU JE 12 25.35 50.90 54.05
C LEU JE 12 26.82 51.14 54.33
N ARG JE 13 27.36 52.28 53.88
CA ARG JE 13 28.74 52.60 54.22
C ARG JE 13 28.92 52.70 55.72
N ALA JE 14 27.98 53.37 56.39
CA ALA JE 14 28.07 53.52 57.83
C ALA JE 14 28.00 52.18 58.53
N TYR JE 15 27.10 51.31 58.08
CA TYR JE 15 27.00 49.99 58.69
C TYR JE 15 28.28 49.20 58.48
N ALA JE 16 28.86 49.30 57.29
CA ALA JE 16 30.13 48.64 57.03
C ALA JE 16 31.20 49.16 57.95
N GLU JE 17 31.19 50.47 58.23
CA GLU JE 17 32.17 51.04 59.13
C GLU JE 17 32.01 50.50 60.54
N ILE JE 18 30.76 50.43 61.01
CA ILE JE 18 30.50 49.83 62.31
C ILE JE 18 31.07 48.43 62.37
N LEU JE 19 30.78 47.64 61.33
CA LEU JE 19 31.24 46.26 61.32
C LEU JE 19 32.76 46.19 61.30
N LYS JE 20 33.40 47.08 60.56
CA LYS JE 20 34.85 47.07 60.49
C LYS JE 20 35.46 47.41 61.85
N ALA JE 21 34.90 48.40 62.54
CA ALA JE 21 35.39 48.74 63.85
C ALA JE 21 35.19 47.58 64.83
N HIS JE 22 34.04 46.93 64.76
CA HIS JE 22 33.79 45.78 65.63
C HIS JE 22 34.76 44.66 65.34
N ALA JE 23 35.08 44.45 64.07
CA ALA JE 23 36.05 43.43 63.69
C ALA JE 23 37.43 43.78 64.23
N GLU JE 24 37.83 45.04 64.10
CA GLU JE 24 39.12 45.47 64.60
C GLU JE 24 39.22 45.26 66.10
N ILE JE 25 38.19 45.65 66.85
CA ILE JE 25 38.27 45.54 68.30
C ILE JE 25 38.20 44.08 68.72
N LEU JE 26 37.44 43.26 68.01
CA LEU JE 26 37.42 41.83 68.30
C LEU JE 26 38.76 41.18 67.99
N LYS JE 27 39.49 41.70 67.01
CA LYS JE 27 40.87 41.28 66.80
C LYS JE 27 41.74 41.73 67.97
N ALA JE 28 41.51 42.95 68.46
CA ALA JE 28 42.23 43.41 69.64
C ALA JE 28 41.89 42.55 70.86
N GLN JE 29 40.67 42.03 70.91
CA GLN JE 29 40.27 41.10 71.96
C GLN JE 29 41.04 39.79 71.83
N GLN KE 1 -43.70 11.58 49.80
CA GLN KE 1 -44.34 12.86 50.05
C GLN KE 1 -43.43 13.82 50.79
N ALA KE 2 -42.52 13.25 51.59
CA ALA KE 2 -41.68 14.07 52.45
C ALA KE 2 -41.01 15.21 51.70
N GLU KE 3 -40.61 14.95 50.46
CA GLU KE 3 -39.98 15.98 49.64
C GLU KE 3 -40.91 17.18 49.45
N ILE KE 4 -42.21 16.94 49.33
CA ILE KE 4 -43.14 18.04 49.11
C ILE KE 4 -43.16 18.96 50.33
N LEU KE 5 -43.27 18.37 51.52
CA LEU KE 5 -43.27 19.18 52.72
C LEU KE 5 -41.93 19.88 52.91
N GLU KE 6 -40.85 19.23 52.50
CA GLU KE 6 -39.55 19.88 52.53
C GLU KE 6 -39.56 21.13 51.66
N ALA KE 7 -40.13 21.02 50.45
CA ALA KE 7 -40.22 22.17 49.58
C ALA KE 7 -41.04 23.28 50.21
N ASP KE 8 -42.14 22.92 50.88
CA ASP KE 8 -42.94 23.92 51.59
C ASP KE 8 -42.10 24.64 52.63
N ALA KE 9 -41.35 23.87 53.40
CA ALA KE 9 -40.46 24.46 54.39
C ALA KE 9 -39.49 25.44 53.73
N ARG KE 10 -38.98 25.09 52.56
CA ARG KE 10 -38.07 26.00 51.87
C ARG KE 10 -38.78 27.29 51.50
N ILE KE 11 -40.02 27.18 51.02
CA ILE KE 11 -40.80 28.39 50.71
C ILE KE 11 -40.87 29.28 51.93
N LEU KE 12 -41.22 28.70 53.07
CA LEU KE 12 -41.41 29.50 54.27
C LEU KE 12 -40.10 30.15 54.71
N ARG KE 13 -39.00 29.40 54.64
CA ARG KE 13 -37.71 29.98 54.99
C ARG KE 13 -37.37 31.13 54.07
N ALA KE 14 -37.72 31.03 52.80
CA ALA KE 14 -37.48 32.14 51.88
C ALA KE 14 -38.27 33.36 52.28
N TYR KE 15 -39.53 33.17 52.65
CA TYR KE 15 -40.32 34.31 53.11
C TYR KE 15 -39.69 34.92 54.35
N ALA KE 16 -39.16 34.09 55.24
CA ALA KE 16 -38.47 34.60 56.41
C ALA KE 16 -37.27 35.44 56.01
N GLU KE 17 -36.54 35.00 54.99
CA GLU KE 17 -35.41 35.79 54.51
C GLU KE 17 -35.88 37.14 54.03
N ILE KE 18 -37.00 37.18 53.31
CA ILE KE 18 -37.56 38.46 52.87
C ILE KE 18 -37.78 39.36 54.06
N LEU KE 19 -38.49 38.86 55.07
CA LEU KE 19 -38.83 39.72 56.20
C LEU KE 19 -37.59 40.19 56.93
N LYS KE 20 -36.61 39.30 57.09
CA LYS KE 20 -35.40 39.67 57.81
C LYS KE 20 -34.63 40.74 57.07
N ALA KE 21 -34.52 40.61 55.76
CA ALA KE 21 -33.84 41.65 54.99
C ALA KE 21 -34.59 42.96 55.10
N HIS KE 22 -35.92 42.93 55.06
CA HIS KE 22 -36.68 44.17 55.20
C HIS KE 22 -36.40 44.82 56.55
N ALA KE 23 -36.30 44.01 57.60
CA ALA KE 23 -35.96 44.55 58.91
C ALA KE 23 -34.60 45.20 58.89
N GLU KE 24 -33.64 44.56 58.24
CA GLU KE 24 -32.30 45.15 58.16
C GLU KE 24 -32.34 46.48 57.43
N ILE KE 25 -33.14 46.56 56.36
CA ILE KE 25 -33.36 47.84 55.69
C ILE KE 25 -33.82 48.88 56.69
N LEU KE 26 -34.94 48.60 57.35
CA LEU KE 26 -35.55 49.58 58.24
C LEU KE 26 -34.60 50.02 59.32
N LYS KE 27 -33.77 49.10 59.82
CA LYS KE 27 -32.77 49.48 60.80
C LYS KE 27 -31.74 50.43 60.20
N ALA KE 28 -31.33 50.16 58.96
CA ALA KE 28 -30.27 50.96 58.37
C ALA KE 28 -30.69 52.41 58.19
N GLN KE 29 -31.98 52.66 57.96
CA GLN KE 29 -32.45 54.02 57.69
C GLN KE 29 -32.13 54.95 58.84
N GLN LE 1 -53.08 19.29 50.32
CA GLN LE 1 -51.98 20.23 50.51
C GLN LE 1 -52.27 21.56 49.84
N ALA LE 2 -53.26 21.55 48.94
CA ALA LE 2 -53.62 22.77 48.24
C ALA LE 2 -54.01 23.87 49.21
N GLU LE 3 -54.53 23.50 50.38
CA GLU LE 3 -54.83 24.50 51.41
C GLU LE 3 -53.56 25.23 51.85
N ILE LE 4 -52.44 24.51 51.95
CA ILE LE 4 -51.19 25.16 52.31
C ILE LE 4 -50.80 26.17 51.26
N LEU LE 5 -50.97 25.82 49.99
CA LEU LE 5 -50.61 26.74 48.91
C LEU LE 5 -51.51 27.95 48.92
N GLU LE 6 -52.80 27.75 49.19
CA GLU LE 6 -53.71 28.88 49.33
C GLU LE 6 -53.27 29.78 50.47
N ALA LE 7 -52.85 29.20 51.59
CA ALA LE 7 -52.37 29.99 52.70
C ALA LE 7 -51.15 30.81 52.30
N ASP LE 8 -50.24 30.19 51.55
CA ASP LE 8 -49.08 30.91 51.05
C ASP LE 8 -49.50 32.09 50.18
N ALA LE 9 -50.46 31.85 49.28
CA ALA LE 9 -50.95 32.92 48.44
C ALA LE 9 -51.49 34.07 49.30
N ARG LE 10 -52.24 33.73 50.34
CA ARG LE 10 -52.77 34.75 51.22
C ARG LE 10 -51.66 35.54 51.89
N ILE LE 11 -50.66 34.85 52.40
CA ILE LE 11 -49.54 35.52 53.07
C ILE LE 11 -48.88 36.50 52.11
N LEU LE 12 -48.61 36.05 50.89
CA LEU LE 12 -47.93 36.92 49.95
C LEU LE 12 -48.79 38.10 49.55
N ARG LE 13 -50.10 37.89 49.39
CA ARG LE 13 -50.99 39.01 49.10
C ARG LE 13 -50.94 40.03 50.23
N ALA LE 14 -50.97 39.56 51.47
CA ALA LE 14 -50.92 40.47 52.60
C ALA LE 14 -49.61 41.25 52.62
N TYR LE 15 -48.50 40.57 52.37
CA TYR LE 15 -47.22 41.26 52.35
C TYR LE 15 -47.18 42.30 51.25
N ALA LE 16 -47.72 41.95 50.08
CA ALA LE 16 -47.78 42.92 48.99
C ALA LE 16 -48.62 44.12 49.38
N GLU LE 17 -49.70 43.89 50.13
CA GLU LE 17 -50.53 45.00 50.56
C GLU LE 17 -49.77 45.91 51.53
N ILE LE 18 -49.05 45.31 52.47
CA ILE LE 18 -48.20 46.11 53.37
C ILE LE 18 -47.24 46.96 52.56
N LEU LE 19 -46.59 46.35 51.58
CA LEU LE 19 -45.60 47.07 50.79
C LEU LE 19 -46.26 48.18 49.99
N LYS LE 20 -47.45 47.94 49.46
CA LYS LE 20 -48.14 48.97 48.70
C LYS LE 20 -48.52 50.14 49.58
N ALA LE 21 -49.01 49.86 50.79
CA ALA LE 21 -49.34 50.95 51.71
C ALA LE 21 -48.10 51.74 52.07
N HIS LE 22 -46.99 51.06 52.33
CA HIS LE 22 -45.75 51.74 52.67
C HIS LE 22 -45.29 52.59 51.49
N ALA LE 23 -45.46 52.09 50.27
CA ALA LE 23 -45.09 52.85 49.08
C ALA LE 23 -45.92 54.10 48.96
N GLU LE 24 -47.24 53.96 49.13
CA GLU LE 24 -48.12 55.12 49.01
C GLU LE 24 -47.81 56.16 50.06
N ILE LE 25 -47.57 55.73 51.30
CA ILE LE 25 -47.30 56.71 52.35
C ILE LE 25 -45.95 57.36 52.15
N LEU LE 26 -44.95 56.61 51.65
CA LEU LE 26 -43.67 57.21 51.33
C LEU LE 26 -43.77 58.18 50.17
N LYS LE 27 -44.68 57.93 49.23
CA LYS LE 27 -44.98 58.92 48.20
C LYS LE 27 -45.62 60.15 48.80
N ALA LE 28 -46.51 59.96 49.77
CA ALA LE 28 -47.10 61.09 50.48
C ALA LE 28 -46.02 61.86 51.24
N GLN LE 29 -45.00 61.15 51.71
CA GLN LE 29 -43.87 61.79 52.38
C GLN LE 29 -43.09 62.67 51.40
N GLN ME 1 18.38 -4.52 64.59
CA GLN ME 1 17.63 -5.20 65.64
C GLN ME 1 16.51 -4.33 66.19
N ALA ME 2 16.67 -3.02 66.04
CA ALA ME 2 15.68 -2.08 66.57
C ALA ME 2 14.28 -2.42 66.08
N GLU ME 3 14.18 -2.87 64.83
CA GLU ME 3 12.90 -3.27 64.28
C GLU ME 3 12.25 -4.37 65.10
N ILE ME 4 13.04 -5.34 65.57
CA ILE ME 4 12.47 -6.45 66.33
C ILE ME 4 11.90 -5.95 67.64
N LEU ME 5 12.65 -5.07 68.31
CA LEU ME 5 12.17 -4.54 69.57
C LEU ME 5 10.93 -3.69 69.37
N GLU ME 6 10.88 -2.94 68.27
CA GLU ME 6 9.67 -2.20 67.93
C GLU ME 6 8.49 -3.14 67.77
N ALA ME 7 8.70 -4.28 67.12
CA ALA ME 7 7.63 -5.25 66.95
C ALA ME 7 7.15 -5.77 68.30
N ASP ME 8 8.08 -6.05 69.20
CA ASP ME 8 7.71 -6.49 70.55
C ASP ME 8 6.85 -5.43 71.22
N ALA ME 9 7.27 -4.17 71.12
CA ALA ME 9 6.49 -3.08 71.68
C ALA ME 9 5.08 -3.07 71.13
N ARG ME 10 4.95 -3.33 69.83
CA ARG ME 10 3.62 -3.34 69.23
C ARG ME 10 2.78 -4.48 69.81
N ILE ME 11 3.39 -5.65 70.00
CA ILE ME 11 2.68 -6.75 70.63
C ILE ME 11 2.13 -6.33 71.98
N LEU ME 12 2.99 -5.71 72.79
CA LEU ME 12 2.56 -5.35 74.13
C LEU ME 12 1.45 -4.30 74.09
N ARG ME 13 1.58 -3.31 73.20
CA ARG ME 13 0.52 -2.32 73.07
C ARG ME 13 -0.80 -2.98 72.69
N ALA ME 14 -0.74 -3.99 71.82
CA ALA ME 14 -1.96 -4.68 71.44
C ALA ME 14 -2.59 -5.37 72.64
N TYR ME 15 -1.77 -6.02 73.46
CA TYR ME 15 -2.32 -6.67 74.64
C TYR ME 15 -2.95 -5.64 75.57
N ALA ME 16 -2.31 -4.49 75.71
CA ALA ME 16 -2.89 -3.42 76.52
C ALA ME 16 -4.23 -3.00 75.97
N GLU ME 17 -4.34 -2.91 74.64
CA GLU ME 17 -5.60 -2.57 74.03
C GLU ME 17 -6.68 -3.59 74.39
N ILE ME 18 -6.30 -4.86 74.39
CA ILE ME 18 -7.23 -5.91 74.79
C ILE ME 18 -7.76 -5.63 76.18
N LEU ME 19 -6.85 -5.40 77.12
CA LEU ME 19 -7.27 -5.19 78.51
C LEU ME 19 -8.16 -3.95 78.63
N LYS ME 20 -7.82 -2.89 77.90
CA LYS ME 20 -8.61 -1.68 77.99
C LYS ME 20 -10.02 -1.90 77.47
N ALA ME 21 -10.15 -2.61 76.35
CA ALA ME 21 -11.48 -2.92 75.84
C ALA ME 21 -12.25 -3.79 76.82
N HIS ME 22 -11.56 -4.72 77.49
CA HIS ME 22 -12.23 -5.54 78.48
C HIS ME 22 -12.77 -4.68 79.60
N ALA ME 23 -12.00 -3.68 80.02
CA ALA ME 23 -12.46 -2.74 81.02
C ALA ME 23 -13.69 -2.01 80.54
N GLU ME 24 -13.68 -1.59 79.29
CA GLU ME 24 -14.86 -0.95 78.70
C GLU ME 24 -16.08 -1.85 78.84
N ILE ME 25 -15.94 -3.12 78.44
CA ILE ME 25 -17.03 -4.08 78.59
C ILE ME 25 -17.53 -4.09 80.01
N LEU ME 26 -16.63 -4.33 80.95
CA LEU ME 26 -17.03 -4.54 82.34
C LEU ME 26 -17.72 -3.32 82.91
N LYS ME 27 -17.24 -2.12 82.57
CA LYS ME 27 -17.91 -0.92 83.01
C LYS ME 27 -19.31 -0.83 82.42
N ALA ME 28 -19.45 -1.21 81.15
CA ALA ME 28 -20.74 -1.06 80.49
C ALA ME 28 -21.83 -1.88 81.16
N GLN ME 29 -21.47 -3.01 81.76
CA GLN ME 29 -22.46 -3.89 82.37
C GLN ME 29 -23.26 -3.18 83.43
N GLN NE 1 16.31 -13.24 72.60
CA GLN NE 1 15.01 -12.59 72.62
C GLN NE 1 13.89 -13.59 72.83
N ALA NE 2 14.20 -14.86 72.57
CA ALA NE 2 13.20 -15.92 72.72
C ALA NE 2 12.62 -15.93 74.13
N GLU NE 3 13.39 -15.48 75.11
CA GLU NE 3 12.88 -15.35 76.47
C GLU NE 3 11.67 -14.41 76.51
N ILE NE 4 11.74 -13.29 75.77
CA ILE NE 4 10.61 -12.38 75.71
C ILE NE 4 9.40 -13.08 75.12
N LEU NE 5 9.63 -13.92 74.12
CA LEU NE 5 8.53 -14.62 73.47
C LEU NE 5 7.89 -15.61 74.43
N GLU NE 6 8.70 -16.37 75.16
CA GLU NE 6 8.16 -17.25 76.17
C GLU NE 6 7.38 -16.46 77.22
N ALA NE 7 7.88 -15.28 77.58
CA ALA NE 7 7.20 -14.47 78.59
C ALA NE 7 5.82 -14.07 78.12
N ASP NE 8 5.73 -13.52 76.91
CA ASP NE 8 4.41 -13.10 76.43
C ASP NE 8 3.51 -14.30 76.18
N ALA NE 9 4.08 -15.44 75.82
CA ALA NE 9 3.28 -16.65 75.72
C ALA NE 9 2.65 -16.97 77.07
N ARG NE 10 3.44 -16.89 78.14
CA ARG NE 10 2.89 -17.07 79.48
C ARG NE 10 1.78 -16.08 79.77
N ILE NE 11 2.01 -14.82 79.39
CA ILE NE 11 1.01 -13.78 79.63
C ILE NE 11 -0.31 -14.16 78.98
N LEU NE 12 -0.25 -14.57 77.72
CA LEU NE 12 -1.47 -14.92 77.00
C LEU NE 12 -2.13 -16.15 77.59
N ARG NE 13 -1.33 -17.14 78.00
CA ARG NE 13 -1.91 -18.30 78.65
C ARG NE 13 -2.67 -17.89 79.91
N ALA NE 14 -2.07 -17.02 80.71
CA ALA NE 14 -2.73 -16.58 81.93
C ALA NE 14 -4.01 -15.82 81.63
N TYR NE 15 -3.98 -14.97 80.62
CA TYR NE 15 -5.19 -14.24 80.26
C TYR NE 15 -6.28 -15.19 79.81
N ALA NE 16 -5.91 -16.20 79.02
CA ALA NE 16 -6.87 -17.20 78.61
C ALA NE 16 -7.46 -17.92 79.81
N GLU NE 17 -6.62 -18.18 80.81
CA GLU NE 17 -7.11 -18.84 82.01
C GLU NE 17 -8.12 -17.97 82.75
N ILE NE 18 -7.82 -16.68 82.89
CA ILE NE 18 -8.76 -15.76 83.50
C ILE NE 18 -10.08 -15.80 82.75
N LEU NE 19 -10.01 -15.74 81.42
CA LEU NE 19 -11.23 -15.73 80.63
C LEU NE 19 -12.02 -17.00 80.81
N LYS NE 20 -11.32 -18.15 80.85
CA LYS NE 20 -12.01 -19.42 81.03
C LYS NE 20 -12.69 -19.49 82.38
N ALA NE 21 -12.04 -18.97 83.42
CA ALA NE 21 -12.64 -18.96 84.74
C ALA NE 21 -13.88 -18.10 84.77
N HIS NE 22 -13.79 -16.89 84.20
CA HIS NE 22 -14.95 -16.02 84.13
C HIS NE 22 -16.07 -16.66 83.32
N ALA NE 23 -15.70 -17.42 82.29
CA ALA NE 23 -16.70 -18.09 81.47
C ALA NE 23 -17.43 -19.16 82.27
N GLU NE 24 -16.68 -20.01 82.97
CA GLU NE 24 -17.30 -21.03 83.80
C GLU NE 24 -18.18 -20.40 84.87
N ILE NE 25 -17.74 -19.27 85.42
CA ILE NE 25 -18.55 -18.58 86.43
C ILE NE 25 -19.87 -18.13 85.82
N LEU NE 26 -19.80 -17.39 84.70
CA LEU NE 26 -21.01 -16.91 84.04
C LEU NE 26 -21.90 -18.07 83.61
N LYS NE 27 -21.31 -19.23 83.35
CA LYS NE 27 -22.11 -20.43 83.09
C LYS NE 27 -22.81 -20.88 84.35
N ALA NE 28 -22.12 -20.86 85.48
CA ALA NE 28 -22.75 -21.20 86.75
C ALA NE 28 -23.82 -20.19 87.12
N GLN NE 29 -23.62 -18.93 86.72
CA GLN NE 29 -24.61 -17.89 86.94
C GLN NE 29 -25.87 -18.17 86.13
N GLN OE 1 -10.49 -0.63 -87.57
CA GLN OE 1 -9.81 0.54 -87.06
C GLN OE 1 -9.04 0.22 -85.79
N ALA OE 2 -9.51 -0.79 -85.06
CA ALA OE 2 -8.88 -1.14 -83.79
C ALA OE 2 -7.38 -1.35 -83.95
N GLU OE 3 -6.98 -1.92 -85.08
CA GLU OE 3 -5.57 -2.10 -85.37
C GLU OE 3 -4.81 -0.78 -85.34
N ILE OE 4 -5.40 0.28 -85.88
CA ILE OE 4 -4.72 1.57 -85.92
C ILE OE 4 -4.51 2.08 -84.51
N LEU OE 5 -5.54 1.97 -83.68
CA LEU OE 5 -5.43 2.45 -82.31
C LEU OE 5 -4.40 1.64 -81.54
N GLU OE 6 -4.36 0.34 -81.79
CA GLU OE 6 -3.32 -0.49 -81.18
C GLU OE 6 -1.94 -0.02 -81.59
N ALA OE 7 -1.78 0.34 -82.87
CA ALA OE 7 -0.49 0.85 -83.33
C ALA OE 7 -0.12 2.13 -82.59
N ASP OE 8 -1.09 3.02 -82.41
CA ASP OE 8 -0.84 4.24 -81.64
C ASP OE 8 -0.38 3.91 -80.24
N ALA OE 9 -1.07 2.96 -79.60
CA ALA OE 9 -0.67 2.53 -78.27
C ALA OE 9 0.78 2.05 -78.27
N ARG OE 10 1.17 1.32 -79.30
CA ARG OE 10 2.55 0.84 -79.36
C ARG OE 10 3.52 2.00 -79.47
N ILE OE 11 3.17 3.01 -80.28
CA ILE OE 11 4.01 4.20 -80.37
C ILE OE 11 4.23 4.80 -78.99
N LEU OE 12 3.14 4.96 -78.25
CA LEU OE 12 3.25 5.62 -76.95
C LEU OE 12 4.07 4.78 -75.99
N ARG OE 13 3.87 3.47 -75.99
CA ARG OE 13 4.68 2.61 -75.14
C ARG OE 13 6.15 2.72 -75.48
N ALA OE 14 6.47 2.83 -76.76
CA ALA OE 14 7.87 2.99 -77.15
C ALA OE 14 8.43 4.29 -76.61
N TYR OE 15 7.66 5.38 -76.70
CA TYR OE 15 8.13 6.63 -76.12
C TYR OE 15 8.38 6.46 -74.63
N ALA OE 16 7.49 5.74 -73.95
CA ALA OE 16 7.70 5.50 -72.53
C ALA OE 16 8.98 4.74 -72.30
N GLU OE 17 9.29 3.78 -73.16
CA GLU OE 17 10.54 3.04 -73.03
C GLU OE 17 11.73 3.97 -73.13
N ILE OE 18 11.71 4.86 -74.12
CA ILE OE 18 12.77 5.87 -74.25
C ILE OE 18 12.94 6.62 -72.94
N LEU OE 19 11.82 7.12 -72.42
CA LEU OE 19 11.89 8.01 -71.27
C LEU OE 19 12.42 7.27 -70.05
N LYS OE 20 11.96 6.03 -69.87
CA LYS OE 20 12.42 5.23 -68.74
C LYS OE 20 13.90 4.92 -68.84
N ALA OE 21 14.38 4.60 -70.04
CA ALA OE 21 15.80 4.37 -70.19
C ALA OE 21 16.60 5.61 -69.86
N HIS OE 22 16.09 6.79 -70.25
CA HIS OE 22 16.78 8.02 -69.90
C HIS OE 22 16.82 8.19 -68.39
N ALA OE 23 15.75 7.81 -67.72
CA ALA OE 23 15.73 7.84 -66.26
C ALA OE 23 16.83 6.95 -65.70
N GLU OE 24 16.96 5.75 -66.26
CA GLU OE 24 17.94 4.82 -65.73
C GLU OE 24 19.35 5.37 -65.94
N ILE OE 25 19.59 6.00 -67.10
CA ILE OE 25 20.84 6.72 -67.31
C ILE OE 25 21.08 7.68 -66.16
N LEU OE 26 20.16 8.62 -65.99
CA LEU OE 26 20.37 9.70 -65.03
C LEU OE 26 20.63 9.16 -63.64
N LYS OE 27 19.95 8.07 -63.28
CA LYS OE 27 20.21 7.45 -61.99
C LYS OE 27 21.63 6.90 -61.94
N ALA OE 28 22.09 6.29 -63.04
CA ALA OE 28 23.39 5.64 -63.00
C ALA OE 28 24.53 6.62 -62.80
N GLN OE 29 24.38 7.86 -63.28
CA GLN OE 29 25.46 8.84 -63.18
C GLN OE 29 25.86 9.09 -61.75
N GLN PE 1 -7.80 11.10 -87.08
CA GLN PE 1 -6.70 10.55 -86.31
C GLN PE 1 -5.42 11.32 -86.55
N ALA PE 2 -5.39 12.08 -87.64
CA ALA PE 2 -4.21 12.87 -87.96
C ALA PE 2 -3.84 13.81 -86.83
N GLU PE 3 -4.83 14.25 -86.05
CA GLU PE 3 -4.54 15.06 -84.88
C GLU PE 3 -3.66 14.31 -83.89
N ILE PE 4 -3.90 13.01 -83.72
CA ILE PE 4 -3.06 12.22 -82.83
C ILE PE 4 -1.63 12.19 -83.34
N LEU PE 5 -1.46 12.06 -84.65
CA LEU PE 5 -0.13 12.02 -85.21
C LEU PE 5 0.58 13.35 -85.05
N GLU PE 6 -0.16 14.45 -85.23
CA GLU PE 6 0.42 15.77 -84.99
C GLU PE 6 0.83 15.92 -83.53
N ALA PE 7 0.02 15.39 -82.61
CA ALA PE 7 0.37 15.44 -81.20
C ALA PE 7 1.66 14.67 -80.95
N ASP PE 8 1.80 13.50 -81.55
CA ASP PE 8 3.03 12.74 -81.42
C ASP PE 8 4.22 13.51 -81.96
N ALA PE 9 4.04 14.17 -83.10
CA ALA PE 9 5.11 15.00 -83.64
C ALA PE 9 5.50 16.08 -82.64
N ARG PE 10 4.52 16.71 -82.02
CA ARG PE 10 4.81 17.74 -81.02
C ARG PE 10 5.60 17.16 -79.86
N ILE PE 11 5.17 16.01 -79.36
CA ILE PE 11 5.85 15.39 -78.24
C ILE PE 11 7.30 15.12 -78.58
N LEU PE 12 7.54 14.56 -79.77
CA LEU PE 12 8.91 14.24 -80.13
C LEU PE 12 9.74 15.49 -80.34
N ARG PE 13 9.15 16.54 -80.91
CA ARG PE 13 9.89 17.80 -81.03
C ARG PE 13 10.29 18.32 -79.66
N ALA PE 14 9.36 18.27 -78.70
CA ALA PE 14 9.67 18.76 -77.37
C ALA PE 14 10.77 17.93 -76.73
N TYR PE 15 10.71 16.62 -76.88
CA TYR PE 15 11.77 15.78 -76.32
C TYR PE 15 13.10 16.09 -76.96
N ALA PE 16 13.11 16.30 -78.27
CA ALA PE 16 14.35 16.67 -78.95
C ALA PE 16 14.88 17.98 -78.42
N GLU PE 17 13.98 18.92 -78.11
CA GLU PE 17 14.42 20.20 -77.57
C GLU PE 17 15.04 20.02 -76.20
N ILE PE 18 14.42 19.21 -75.35
CA ILE PE 18 15.01 18.91 -74.05
C ILE PE 18 16.41 18.35 -74.23
N LEU PE 19 16.54 17.37 -75.13
CA LEU PE 19 17.84 16.75 -75.34
C LEU PE 19 18.86 17.75 -75.85
N LYS PE 20 18.44 18.65 -76.74
CA LYS PE 20 19.36 19.64 -77.28
C LYS PE 20 19.83 20.60 -76.19
N ALA PE 21 18.91 21.02 -75.32
CA ALA PE 21 19.31 21.89 -74.23
C ALA PE 21 20.27 21.18 -73.28
N HIS PE 22 19.98 19.91 -72.98
CA HIS PE 22 20.87 19.14 -72.12
C HIS PE 22 22.25 18.99 -72.74
N ALA PE 23 22.29 18.79 -74.07
CA ALA PE 23 23.56 18.69 -74.76
C ALA PE 23 24.33 20.01 -74.69
N GLU PE 24 23.62 21.11 -74.90
CA GLU PE 24 24.26 22.42 -74.84
C GLU PE 24 24.85 22.67 -73.47
N ILE PE 25 24.08 22.38 -72.41
CA ILE PE 25 24.57 22.68 -71.08
C ILE PE 25 25.69 21.73 -70.70
N LEU PE 26 25.63 20.47 -71.14
CA LEU PE 26 26.73 19.55 -70.91
C LEU PE 26 27.99 19.96 -71.66
N LYS PE 27 27.83 20.61 -72.81
CA LYS PE 27 28.97 21.24 -73.46
C LYS PE 27 29.49 22.41 -72.64
N ALA PE 28 28.58 23.21 -72.06
CA ALA PE 28 28.99 24.27 -71.16
C ALA PE 28 29.69 23.71 -69.94
N GLN PE 29 29.31 22.52 -69.50
CA GLN PE 29 29.99 21.84 -68.40
C GLN PE 29 31.41 21.46 -68.82
N GLN QE 1 -7.65 -61.62 -62.70
CA GLN QE 1 -8.93 -61.13 -62.22
C GLN QE 1 -8.86 -59.68 -61.80
N ALA QE 2 -7.67 -59.26 -61.35
CA ALA QE 2 -7.51 -57.92 -60.78
C ALA QE 2 -8.11 -56.85 -61.68
N GLU QE 3 -7.96 -57.02 -63.00
CA GLU QE 3 -8.52 -56.05 -63.94
C GLU QE 3 -10.03 -55.91 -63.78
N ILE QE 4 -10.71 -57.02 -63.47
CA ILE QE 4 -12.16 -56.96 -63.34
C ILE QE 4 -12.55 -56.08 -62.16
N LEU QE 5 -11.90 -56.30 -61.02
CA LEU QE 5 -12.19 -55.48 -59.86
C LEU QE 5 -11.81 -54.03 -60.09
N GLU QE 6 -10.74 -53.81 -60.86
CA GLU QE 6 -10.38 -52.45 -61.24
C GLU QE 6 -11.49 -51.80 -62.02
N ALA QE 7 -12.08 -52.53 -62.96
CA ALA QE 7 -13.20 -52.00 -63.74
C ALA QE 7 -14.38 -51.67 -62.83
N ASP QE 8 -14.65 -52.54 -61.86
CA ASP QE 8 -15.72 -52.26 -60.89
C ASP QE 8 -15.44 -50.95 -60.16
N ALA QE 9 -14.20 -50.78 -59.70
CA ALA QE 9 -13.84 -49.54 -59.05
C ALA QE 9 -14.09 -48.34 -59.95
N ARG QE 10 -13.79 -48.49 -61.23
CA ARG QE 10 -14.04 -47.39 -62.15
C ARG QE 10 -15.53 -47.07 -62.24
N ILE QE 11 -16.37 -48.11 -62.29
CA ILE QE 11 -17.81 -47.90 -62.29
C ILE QE 11 -18.22 -47.07 -61.09
N LEU QE 12 -17.73 -47.46 -59.92
CA LEU QE 12 -18.15 -46.78 -58.70
C LEU QE 12 -17.66 -45.33 -58.68
N ARG QE 13 -16.43 -45.10 -59.13
CA ARG QE 13 -15.95 -43.72 -59.21
C ARG QE 13 -16.80 -42.89 -60.16
N ALA QE 14 -17.26 -43.50 -61.25
CA ALA QE 14 -18.13 -42.77 -62.16
C ALA QE 14 -19.43 -42.39 -61.48
N TYR QE 15 -20.02 -43.32 -60.73
CA TYR QE 15 -21.23 -42.98 -59.99
C TYR QE 15 -20.98 -41.86 -59.01
N ALA QE 16 -19.81 -41.88 -58.37
CA ALA QE 16 -19.44 -40.78 -57.48
C ALA QE 16 -19.40 -39.46 -58.22
N GLU QE 17 -18.85 -39.47 -59.44
CA GLU QE 17 -18.83 -38.27 -60.24
C GLU QE 17 -20.24 -37.76 -60.50
N ILE QE 18 -21.16 -38.67 -60.81
CA ILE QE 18 -22.55 -38.29 -61.00
C ILE QE 18 -23.07 -37.55 -59.78
N LEU QE 19 -22.90 -38.17 -58.61
CA LEU QE 19 -23.47 -37.58 -57.40
C LEU QE 19 -22.83 -36.22 -57.10
N LYS QE 20 -21.52 -36.12 -57.30
CA LYS QE 20 -20.84 -34.86 -57.01
C LYS QE 20 -21.32 -33.76 -57.93
N ALA QE 21 -21.47 -34.06 -59.20
CA ALA QE 21 -21.98 -33.05 -60.12
C ALA QE 21 -23.39 -32.64 -59.74
N HIS QE 22 -24.22 -33.60 -59.33
CA HIS QE 22 -25.56 -33.25 -58.91
C HIS QE 22 -25.55 -32.32 -57.71
N ALA QE 23 -24.63 -32.57 -56.78
CA ALA QE 23 -24.47 -31.68 -55.64
C ALA QE 23 -24.10 -30.28 -56.09
N GLU QE 24 -23.17 -30.20 -57.03
CA GLU QE 24 -22.76 -28.89 -57.53
C GLU QE 24 -23.94 -28.17 -58.16
N ILE QE 25 -24.77 -28.89 -58.91
CA ILE QE 25 -26.01 -28.33 -59.43
C ILE QE 25 -26.81 -27.71 -58.30
N LEU QE 26 -27.16 -28.53 -57.32
CA LEU QE 26 -28.05 -28.10 -56.25
C LEU QE 26 -27.49 -26.89 -55.53
N LYS QE 27 -26.18 -26.84 -55.36
CA LYS QE 27 -25.57 -25.67 -54.74
C LYS QE 27 -25.75 -24.44 -55.62
N ALA QE 28 -25.59 -24.60 -56.93
CA ALA QE 28 -25.65 -23.45 -57.82
C ALA QE 28 -27.01 -22.79 -57.81
N GLN QE 29 -28.08 -23.56 -57.60
CA GLN QE 29 -29.43 -23.03 -57.66
C GLN QE 29 -29.63 -21.91 -56.64
N GLN RE 1 -19.13 -62.75 -58.90
CA GLN RE 1 -19.07 -61.30 -59.05
C GLN RE 1 -20.39 -60.74 -59.55
N ALA RE 2 -21.23 -61.63 -60.08
CA ALA RE 2 -22.53 -61.20 -60.59
C ALA RE 2 -23.35 -60.50 -59.51
N GLU RE 3 -23.12 -60.86 -58.25
CA GLU RE 3 -23.77 -60.16 -57.15
C GLU RE 3 -23.40 -58.69 -57.13
N ILE RE 4 -22.13 -58.39 -57.42
CA ILE RE 4 -21.71 -56.99 -57.47
C ILE RE 4 -22.46 -56.25 -58.56
N LEU RE 5 -22.63 -56.89 -59.72
CA LEU RE 5 -23.32 -56.25 -60.82
C LEU RE 5 -24.79 -56.04 -60.48
N GLU RE 6 -25.40 -57.01 -59.81
CA GLU RE 6 -26.77 -56.83 -59.34
C GLU RE 6 -26.87 -55.67 -58.38
N ALA RE 7 -25.90 -55.54 -57.48
CA ALA RE 7 -25.90 -54.41 -56.57
C ALA RE 7 -25.81 -53.09 -57.32
N ASP RE 8 -24.97 -53.06 -58.36
CA ASP RE 8 -24.87 -51.85 -59.16
C ASP RE 8 -26.20 -51.53 -59.83
N ALA RE 9 -26.86 -52.56 -60.36
CA ALA RE 9 -28.18 -52.35 -60.97
C ALA RE 9 -29.14 -51.76 -59.95
N ARG RE 10 -29.11 -52.29 -58.73
CA ARG RE 10 -29.98 -51.76 -57.67
C ARG RE 10 -29.69 -50.30 -57.40
N ILE RE 11 -28.41 -49.96 -57.27
CA ILE RE 11 -28.03 -48.58 -56.98
C ILE RE 11 -28.54 -47.66 -58.07
N LEU RE 12 -28.36 -48.05 -59.32
CA LEU RE 12 -28.78 -47.18 -60.41
C LEU RE 12 -30.30 -47.06 -60.46
N ARG RE 13 -31.01 -48.16 -60.19
CA ARG RE 13 -32.46 -48.07 -60.14
C ARG RE 13 -32.90 -47.08 -59.07
N ALA RE 14 -32.27 -47.16 -57.90
CA ALA RE 14 -32.63 -46.25 -56.81
C ALA RE 14 -32.35 -44.81 -57.20
N TYR RE 15 -31.20 -44.56 -57.83
CA TYR RE 15 -30.90 -43.19 -58.25
C TYR RE 15 -31.90 -42.70 -59.26
N ALA RE 16 -32.28 -43.57 -60.20
CA ALA RE 16 -33.30 -43.20 -61.18
C ALA RE 16 -34.61 -42.87 -60.50
N GLU RE 17 -34.94 -43.60 -59.44
CA GLU RE 17 -36.17 -43.33 -58.73
C GLU RE 17 -36.12 -41.97 -58.04
N ILE RE 18 -34.99 -41.67 -57.40
CA ILE RE 18 -34.80 -40.34 -56.81
C ILE RE 18 -35.02 -39.27 -57.86
N LEU RE 19 -34.38 -39.44 -59.02
CA LEU RE 19 -34.48 -38.44 -60.07
C LEU RE 19 -35.91 -38.30 -60.56
N LYS RE 20 -36.62 -39.43 -60.69
CA LYS RE 20 -38.00 -39.37 -61.15
C LYS RE 20 -38.89 -38.64 -60.16
N ALA RE 21 -38.70 -38.90 -58.87
CA ALA RE 21 -39.47 -38.18 -57.86
C ALA RE 21 -39.17 -36.69 -57.90
N HIS RE 22 -37.89 -36.34 -58.03
CA HIS RE 22 -37.52 -34.93 -58.11
C HIS RE 22 -38.13 -34.28 -59.34
N ALA RE 23 -38.16 -35.02 -60.45
CA ALA RE 23 -38.78 -34.50 -61.67
C ALA RE 23 -40.26 -34.26 -61.48
N GLU RE 24 -40.95 -35.22 -60.89
CA GLU RE 24 -42.39 -35.08 -60.68
C GLU RE 24 -42.69 -33.91 -59.76
N ILE RE 25 -41.92 -33.76 -58.68
CA ILE RE 25 -42.20 -32.68 -57.74
C ILE RE 25 -41.86 -31.33 -58.36
N LEU RE 26 -40.81 -31.28 -59.18
CA LEU RE 26 -40.50 -30.04 -59.89
C LEU RE 26 -41.55 -29.70 -60.92
N LYS RE 27 -42.19 -30.71 -61.51
CA LYS RE 27 -43.35 -30.46 -62.36
C LYS RE 27 -44.52 -29.93 -61.55
N ALA RE 28 -44.70 -30.48 -60.34
CA ALA RE 28 -45.72 -29.95 -59.44
C ALA RE 28 -45.41 -28.51 -59.05
N GLN RE 29 -44.13 -28.17 -58.97
CA GLN RE 29 -43.70 -26.81 -58.69
C GLN RE 29 -44.09 -25.89 -59.84
N GLN SE 1 47.40 -26.23 -69.58
CA GLN SE 1 47.68 -26.98 -68.36
C GLN SE 1 46.46 -27.04 -67.45
N ALA SE 2 45.57 -26.07 -67.61
CA ALA SE 2 44.40 -25.99 -66.75
C ALA SE 2 43.63 -27.30 -66.77
N GLU SE 3 43.59 -27.96 -67.92
CA GLU SE 3 42.92 -29.25 -68.04
C GLU SE 3 43.50 -30.27 -67.08
N ILE SE 4 44.83 -30.28 -66.93
CA ILE SE 4 45.47 -31.27 -66.06
C ILE SE 4 45.05 -31.03 -64.62
N LEU SE 5 45.06 -29.78 -64.20
CA LEU SE 5 44.68 -29.46 -62.84
C LEU SE 5 43.22 -29.79 -62.60
N GLU SE 6 42.37 -29.55 -63.60
CA GLU SE 6 40.98 -29.96 -63.50
C GLU SE 6 40.87 -31.46 -63.29
N ALA SE 7 41.67 -32.24 -64.01
CA ALA SE 7 41.64 -33.68 -63.85
C ALA SE 7 42.05 -34.07 -62.43
N ASP SE 8 43.09 -33.42 -61.89
CA ASP SE 8 43.48 -33.68 -60.52
C ASP SE 8 42.33 -33.41 -59.56
N ALA SE 9 41.66 -32.27 -59.76
CA ALA SE 9 40.51 -31.96 -58.94
C ALA SE 9 39.47 -33.05 -59.00
N ARG SE 10 39.24 -33.60 -60.19
CA ARG SE 10 38.26 -34.67 -60.31
C ARG SE 10 38.69 -35.90 -59.53
N ILE SE 11 39.97 -36.23 -59.60
CA ILE SE 11 40.48 -37.34 -58.80
C ILE SE 11 40.15 -37.13 -57.33
N LEU SE 12 40.44 -35.95 -56.83
CA LEU SE 12 40.24 -35.69 -55.41
C LEU SE 12 38.76 -35.76 -55.05
N ARG SE 13 37.90 -35.19 -55.90
CA ARG SE 13 36.47 -35.28 -55.64
C ARG SE 13 36.02 -36.72 -55.59
N ALA SE 14 36.56 -37.57 -56.47
CA ALA SE 14 36.19 -38.98 -56.44
C ALA SE 14 36.59 -39.62 -55.13
N TYR SE 15 37.80 -39.32 -54.66
CA TYR SE 15 38.20 -39.89 -53.37
C TYR SE 15 37.28 -39.42 -52.24
N ALA SE 16 36.88 -38.15 -52.30
CA ALA SE 16 35.95 -37.64 -51.31
C ALA SE 16 34.63 -38.41 -51.37
N GLU SE 17 34.18 -38.72 -52.59
CA GLU SE 17 32.96 -39.49 -52.74
C GLU SE 17 33.12 -40.86 -52.09
N ILE SE 18 34.28 -41.47 -52.25
CA ILE SE 18 34.55 -42.75 -51.59
C ILE SE 18 34.35 -42.62 -50.10
N LEU SE 19 34.99 -41.61 -49.50
CA LEU SE 19 34.90 -41.46 -48.05
C LEU SE 19 33.47 -41.21 -47.61
N LYS SE 20 32.74 -40.40 -48.38
CA LYS SE 20 31.36 -40.10 -48.00
C LYS SE 20 30.50 -41.35 -48.03
N ALA SE 21 30.67 -42.17 -49.07
CA ALA SE 21 29.91 -43.42 -49.12
C ALA SE 21 30.30 -44.34 -47.97
N HIS SE 22 31.57 -44.34 -47.60
CA HIS SE 22 31.98 -45.16 -46.47
C HIS SE 22 31.30 -44.69 -45.19
N ALA SE 23 31.16 -43.38 -45.03
CA ALA SE 23 30.43 -42.84 -43.90
C ALA SE 23 28.99 -43.31 -43.91
N GLU SE 24 28.38 -43.29 -45.10
CA GLU SE 24 27.02 -43.80 -45.25
C GLU SE 24 26.93 -45.23 -44.75
N ILE SE 25 27.83 -46.09 -45.21
CA ILE SE 25 27.89 -47.47 -44.74
C ILE SE 25 27.91 -47.52 -43.23
N LEU SE 26 28.90 -46.84 -42.64
CA LEU SE 26 29.14 -46.96 -41.22
C LEU SE 26 27.95 -46.49 -40.42
N LYS SE 27 27.30 -45.41 -40.85
CA LYS SE 27 26.10 -44.95 -40.18
C LYS SE 27 25.00 -46.00 -40.28
N ALA SE 28 24.87 -46.63 -41.44
CA ALA SE 28 23.78 -47.57 -41.64
C ALA SE 28 23.84 -48.74 -40.67
N GLN SE 29 25.04 -49.14 -40.26
CA GLN SE 29 25.20 -50.29 -39.39
C GLN SE 29 24.42 -50.13 -38.10
N GLN TE 1 54.41 -31.88 -61.59
CA GLN TE 1 53.11 -32.33 -61.13
C GLN TE 1 53.17 -33.74 -60.60
N ALA TE 2 54.24 -34.46 -60.99
CA ALA TE 2 54.40 -35.84 -60.55
C ALA TE 2 54.38 -35.95 -59.03
N GLU TE 3 54.78 -34.88 -58.34
CA GLU TE 3 54.69 -34.85 -56.89
C GLU TE 3 53.25 -35.04 -56.43
N ILE TE 4 52.30 -34.39 -57.11
CA ILE TE 4 50.90 -34.57 -56.77
C ILE TE 4 50.49 -36.01 -56.96
N LEU TE 5 51.01 -36.65 -58.00
CA LEU TE 5 50.65 -38.03 -58.27
C LEU TE 5 51.20 -38.95 -57.19
N GLU TE 6 52.45 -38.73 -56.79
CA GLU TE 6 52.99 -39.51 -55.67
C GLU TE 6 52.18 -39.28 -54.41
N ALA TE 7 51.73 -38.04 -54.19
CA ALA TE 7 50.96 -37.74 -53.00
C ALA TE 7 49.66 -38.53 -52.98
N ASP TE 8 48.90 -38.47 -54.07
CA ASP TE 8 47.63 -39.21 -54.07
C ASP TE 8 47.87 -40.71 -54.05
N ALA TE 9 48.98 -41.18 -54.62
CA ALA TE 9 49.33 -42.58 -54.49
C ALA TE 9 49.48 -42.95 -53.02
N ARG TE 10 50.18 -42.11 -52.26
CA ARG TE 10 50.31 -42.33 -50.82
C ARG TE 10 48.94 -42.34 -50.16
N ILE TE 11 48.08 -41.42 -50.55
CA ILE TE 11 46.75 -41.34 -49.96
C ILE TE 11 46.02 -42.67 -50.16
N LEU TE 12 46.04 -43.18 -51.38
CA LEU TE 12 45.34 -44.41 -51.66
C LEU TE 12 45.95 -45.59 -50.93
N ARG TE 13 47.28 -45.62 -50.84
CA ARG TE 13 47.93 -46.68 -50.06
C ARG TE 13 47.45 -46.66 -48.62
N ALA TE 14 47.39 -45.46 -48.03
CA ALA TE 14 46.96 -45.35 -46.65
C ALA TE 14 45.51 -45.79 -46.49
N TYR TE 15 44.66 -45.40 -47.43
CA TYR TE 15 43.26 -45.82 -47.35
C TYR TE 15 43.15 -47.33 -47.44
N ALA TE 16 43.93 -47.94 -48.34
CA ALA TE 16 43.94 -49.39 -48.44
C ALA TE 16 44.39 -50.01 -47.14
N GLU TE 17 45.36 -49.40 -46.48
CA GLU TE 17 45.81 -49.93 -45.21
C GLU TE 17 44.72 -49.87 -44.16
N ILE TE 18 44.02 -48.75 -44.09
CA ILE TE 18 42.88 -48.65 -43.17
C ILE TE 18 41.88 -49.75 -43.44
N LEU TE 19 41.56 -49.95 -44.72
CA LEU TE 19 40.58 -50.96 -45.08
C LEU TE 19 41.05 -52.35 -44.68
N LYS TE 20 42.33 -52.63 -44.90
CA LYS TE 20 42.87 -53.94 -44.55
C LYS TE 20 42.82 -54.17 -43.04
N ALA TE 21 43.11 -53.13 -42.27
CA ALA TE 21 43.05 -53.26 -40.82
C ALA TE 21 41.62 -53.52 -40.36
N HIS TE 22 40.67 -52.76 -40.89
CA HIS TE 22 39.27 -52.98 -40.55
C HIS TE 22 38.83 -54.37 -40.97
N ALA TE 23 39.36 -54.87 -42.08
CA ALA TE 23 39.01 -56.20 -42.55
C ALA TE 23 39.52 -57.27 -41.59
N GLU TE 24 40.79 -57.16 -41.20
CA GLU TE 24 41.34 -58.11 -40.25
C GLU TE 24 40.59 -58.06 -38.92
N ILE TE 25 40.17 -56.86 -38.52
CA ILE TE 25 39.39 -56.74 -37.28
C ILE TE 25 38.07 -57.47 -37.41
N LEU TE 26 37.31 -57.17 -38.47
CA LEU TE 26 36.02 -57.82 -38.68
C LEU TE 26 36.19 -59.33 -38.83
N LYS TE 27 37.36 -59.78 -39.30
CA LYS TE 27 37.64 -61.20 -39.32
C LYS TE 27 37.84 -61.73 -37.92
N ALA TE 28 38.54 -60.98 -37.07
CA ALA TE 28 38.71 -61.37 -35.68
C ALA TE 28 37.37 -61.35 -34.95
N GLN TE 29 36.48 -60.44 -35.35
CA GLN TE 29 35.14 -60.37 -34.78
C GLN TE 29 34.34 -61.61 -35.15
#